data_9J6G
#
_entry.id   9J6G
#
_cell.length_a   1.00
_cell.length_b   1.00
_cell.length_c   1.00
_cell.angle_alpha   90.00
_cell.angle_beta   90.00
_cell.angle_gamma   90.00
#
_symmetry.space_group_name_H-M   'P 1'
#
loop_
_entity.id
_entity.type
_entity.pdbx_description
1 polymer 'Spike glycoprotein'
2 branched beta-D-mannopyranose-(1-4)-beta-D-mannopyranose-(1-4)-2-acetamido-2-deoxy-beta-D-glucopyranose-(1-4)-2-acetamido-2-deoxy-beta-D-glucopyranose
3 branched 2-acetamido-2-deoxy-beta-D-glucopyranose-(1-4)-2-acetamido-2-deoxy-beta-D-glucopyranose
4 branched alpha-D-mannopyranose-(1-3)-beta-D-mannopyranose-(1-4)-2-acetamido-2-deoxy-beta-D-glucopyranose-(1-4)-2-acetamido-2-deoxy-beta-D-glucopyranose
5 non-polymer 2-acetamido-2-deoxy-beta-D-glucopyranose
#
_entity_poly.entity_id   1
_entity_poly.type   'polypeptide(L)'
_entity_poly.pdbx_seq_one_letter_code
;MKFFIFLSFLPLITAQEGCGVLSNKSTPNLDQFLSSRRGFYYFDDTFRSSVRVLTSGYFLPFQSNLTRYLTLESITGRRI
YFDNPNIPFKDGLYFAATEKSNVIRGWIFGSTLDNTTQSAVLFNNGTHIVVNVCNFNFCQDPMLAISAGSPYKSWVYTTA
TNCTYNRLHAFNISTSINPGSFVHLREHVFRNVDGFLYVYHNYESINVTNTFPGGFSVLKPILKLPFGLNITHFKVIMTL
FSNTTQSFEADASAYFVGHLKPLTMLADFDENGTIVDAVDCSQNPLSELKCTTKSFSVEKGIYQTSNFRVSPSTEVVRFP
NITNLCPFGQVFNASTFPSVYAWGRMRISDCVADYSVLYNSTSSFSTFKCYGVSPTKLNDLCFSSVYADYFVVKGDDVRQ
IAPAQTGVIADYNYKLPDDFTGCVLAWNTKSIDKGQGFYYRLFRHGKIKPYERDTSNVPYNAQGGTCTDTSQLNCYQPLK
SYDFTDTVGVGYQPYRVVVLSFELLNAPATVCGPKQSTELVKNKCVNFNFNGLTGTGVLTESTKRFQSFQQFGRDISDFT
DSVRDPKTLEILDISPCSYGGVSVITPGTNASNVVAVLYQDVNCTDVPTMLHTEQVAHDWRVYAVNTDGNMFQTQAGCLV
GATYENTSYECDIPIGAGVCAKFGSTKTRQQSILAYTMSIGEDQSVAYSNNSIAIPTNFSISVTTEVLPVSMTKTSVDCN
MYICGDSTECSNLLLQYGSFCTQLNRALSGIAVEQDRNTRDVFAQTKTIYKTPNIKDFGGFNFSQILPDPGKPSQRSPIE
DLLYNKVTLADPGFMKQYGDCLGGINARDLICAQKFNGLTVLPPLLTDDMIAAYTAALISGTATAGYTFGAGPALQIPFP
MQMAYRFNGIGVTQNVLYENQKQIANQFNKAISQIQDSLTTTPTALGKLQDVINQNAAALNTLVKQLSSNFGAISSVLND
ILSRLDPPEAEVQIDRLITGRLQSLQTYVTQQLIRAAEIRASANLAATKMSECVLGQSKRVDFCGKGYHLMSFPQAAPHG
VVFLHVTYVPSEQKNFTTAPAICHNGKAYFPKEGVFVMNGTHWFITQRNFYSPQVITTDNTFESGTCDVVIGIVNNTVYG
GGSGGGSGYIPEAPRDGQAYVRKDGEWVLLSTFLGGGSAWSHPQFEK
;
_entity_poly.pdbx_strand_id   B,A,C
#
# COMPACT_ATOMS: atom_id res chain seq x y z
N ASN A 24 -18.20 5.54 -72.28
CA ASN A 24 -19.14 6.67 -72.48
C ASN A 24 -19.15 7.57 -71.25
N LYS A 25 -18.42 7.20 -70.19
CA LYS A 25 -18.49 8.08 -69.05
C LYS A 25 -17.35 9.09 -69.10
N SER A 26 -17.33 9.99 -68.13
CA SER A 26 -16.28 10.99 -68.01
C SER A 26 -15.45 10.72 -66.77
N THR A 27 -14.14 10.98 -66.88
CA THR A 27 -13.21 10.74 -65.79
C THR A 27 -13.66 11.46 -64.53
N PRO A 28 -13.79 10.77 -63.41
CA PRO A 28 -14.37 11.38 -62.21
C PRO A 28 -13.52 12.52 -61.68
N ASN A 29 -14.19 13.51 -61.10
CA ASN A 29 -13.52 14.60 -60.41
C ASN A 29 -13.35 14.21 -58.95
N LEU A 30 -12.12 13.86 -58.58
CA LEU A 30 -11.84 13.41 -57.22
C LEU A 30 -11.57 14.59 -56.31
N ASP A 31 -12.46 15.57 -56.31
CA ASP A 31 -12.31 16.73 -55.44
C ASP A 31 -12.59 16.35 -53.98
N GLN A 32 -11.97 17.11 -53.09
CA GLN A 32 -11.99 16.85 -51.65
C GLN A 32 -12.45 18.08 -50.90
N PHE A 33 -13.39 17.90 -49.98
CA PHE A 33 -13.84 18.96 -49.10
C PHE A 33 -13.41 18.65 -47.67
N LEU A 34 -13.80 19.52 -46.75
CA LEU A 34 -13.48 19.34 -45.34
C LEU A 34 -14.64 18.66 -44.63
N SER A 35 -14.31 17.71 -43.76
CA SER A 35 -15.31 16.84 -43.13
C SER A 35 -15.99 17.49 -41.94
N SER A 36 -15.52 18.65 -41.49
CA SER A 36 -16.14 19.42 -40.40
C SER A 36 -16.11 18.55 -39.14
N ARG A 37 -17.23 18.37 -38.44
CA ARG A 37 -17.28 17.64 -37.18
C ARG A 37 -18.31 16.52 -37.24
N ARG A 38 -18.31 15.77 -38.32
CA ARG A 38 -19.26 14.70 -38.55
C ARG A 38 -18.57 13.34 -38.39
N GLY A 39 -19.38 12.29 -38.33
CA GLY A 39 -18.88 10.94 -38.29
C GLY A 39 -18.79 10.29 -36.93
N PHE A 40 -19.51 10.79 -35.93
CA PHE A 40 -19.51 10.20 -34.60
C PHE A 40 -20.73 9.28 -34.44
N TYR A 41 -20.51 8.13 -33.82
CA TYR A 41 -21.58 7.13 -33.65
C TYR A 41 -21.54 6.59 -32.22
N TYR A 42 -22.46 5.68 -31.93
CA TYR A 42 -22.54 5.05 -30.62
C TYR A 42 -21.62 3.82 -30.60
N PHE A 43 -20.68 3.81 -29.67
CA PHE A 43 -19.65 2.78 -29.60
C PHE A 43 -19.94 1.69 -28.57
N ASP A 44 -20.95 1.87 -27.72
CA ASP A 44 -21.28 0.86 -26.73
C ASP A 44 -22.77 0.96 -26.39
N ASP A 45 -23.28 -0.09 -25.76
CA ASP A 45 -24.69 -0.21 -25.44
C ASP A 45 -24.99 -0.05 -23.96
N THR A 46 -24.05 0.46 -23.16
CA THR A 46 -24.33 0.76 -21.77
C THR A 46 -25.15 2.03 -21.65
N PHE A 47 -25.84 2.16 -20.52
CA PHE A 47 -26.68 3.33 -20.25
C PHE A 47 -26.01 4.21 -19.22
N ARG A 48 -25.92 5.50 -19.53
CA ARG A 48 -25.23 6.48 -18.69
C ARG A 48 -26.09 7.73 -18.54
N SER A 49 -25.71 8.55 -17.57
CA SER A 49 -26.45 9.79 -17.30
C SER A 49 -25.46 10.82 -16.77
N SER A 50 -25.21 11.88 -17.54
CA SER A 50 -24.34 12.98 -17.15
C SER A 50 -22.93 12.47 -16.83
N VAL A 51 -22.33 11.78 -17.79
CA VAL A 51 -21.02 11.16 -17.64
C VAL A 51 -20.16 11.52 -18.84
N ARG A 52 -18.89 11.84 -18.58
CA ARG A 52 -17.90 12.03 -19.63
C ARG A 52 -17.00 10.79 -19.68
N VAL A 53 -16.97 10.12 -20.83
CA VAL A 53 -16.26 8.87 -21.01
C VAL A 53 -15.22 9.05 -22.11
N LEU A 54 -13.99 8.64 -21.84
CA LEU A 54 -12.90 8.71 -22.80
C LEU A 54 -12.64 7.32 -23.35
N THR A 55 -12.61 7.21 -24.67
CA THR A 55 -12.47 5.92 -25.33
C THR A 55 -11.45 6.02 -26.46
N SER A 56 -11.02 4.86 -26.93
CA SER A 56 -10.15 4.74 -28.09
C SER A 56 -10.79 3.77 -29.07
N GLY A 57 -10.74 4.10 -30.35
CA GLY A 57 -11.40 3.27 -31.32
C GLY A 57 -11.05 3.64 -32.74
N TYR A 58 -11.93 3.25 -33.66
CA TYR A 58 -11.78 3.55 -35.08
C TYR A 58 -12.83 4.58 -35.44
N PHE A 59 -12.39 5.82 -35.66
CA PHE A 59 -13.30 6.93 -35.91
C PHE A 59 -12.81 7.73 -37.12
N LEU A 60 -13.70 8.57 -37.64
CA LEU A 60 -13.34 9.48 -38.73
C LEU A 60 -12.73 10.74 -38.14
N PRO A 61 -11.49 11.09 -38.49
CA PRO A 61 -10.85 12.25 -37.87
C PRO A 61 -11.56 13.55 -38.23
N PHE A 62 -11.53 14.50 -37.28
CA PHE A 62 -12.12 15.81 -37.53
C PHE A 62 -11.29 16.58 -38.55
N GLN A 63 -11.99 17.29 -39.44
CA GLN A 63 -11.35 18.16 -40.43
C GLN A 63 -10.36 17.38 -41.31
N SER A 64 -10.86 16.33 -41.95
CA SER A 64 -10.08 15.55 -42.88
C SER A 64 -10.69 15.62 -44.27
N ASN A 65 -9.90 15.30 -45.26
CA ASN A 65 -10.38 15.41 -46.65
C ASN A 65 -11.46 14.35 -46.85
N LEU A 66 -12.61 14.77 -47.34
CA LEU A 66 -13.73 13.91 -47.70
C LEU A 66 -13.85 13.94 -49.22
N THR A 67 -13.79 12.77 -49.86
CA THR A 67 -13.77 12.72 -51.31
C THR A 67 -15.19 12.66 -51.84
N ARG A 68 -15.53 13.56 -52.76
CA ARG A 68 -16.91 13.66 -53.23
C ARG A 68 -17.03 13.16 -54.68
N TYR A 69 -18.10 12.41 -54.94
CA TYR A 69 -18.47 11.95 -56.26
C TYR A 69 -19.85 12.50 -56.57
N LEU A 70 -20.10 12.82 -57.83
CA LEU A 70 -21.30 13.53 -58.21
C LEU A 70 -22.02 12.83 -59.35
N THR A 71 -23.34 13.01 -59.38
CA THR A 71 -24.18 12.61 -60.50
C THR A 71 -24.85 13.88 -61.03
N LEU A 72 -24.58 14.20 -62.30
CA LEU A 72 -24.98 15.49 -62.85
C LEU A 72 -25.57 15.30 -64.24
N GLU A 73 -26.43 16.24 -64.62
CA GLU A 73 -27.08 16.24 -65.92
C GLU A 73 -26.07 16.43 -67.06
N SER A 74 -26.31 15.73 -68.16
CA SER A 74 -25.53 15.91 -69.37
C SER A 74 -25.91 17.24 -70.04
N ILE A 75 -24.91 17.87 -70.66
CA ILE A 75 -25.13 19.18 -71.27
C ILE A 75 -24.88 19.13 -72.77
N THR A 76 -23.71 18.64 -73.18
CA THR A 76 -23.35 18.63 -74.60
C THR A 76 -23.74 17.32 -75.28
N GLY A 77 -23.16 16.21 -74.83
CA GLY A 77 -23.43 14.91 -75.42
C GLY A 77 -23.52 13.82 -74.39
N ARG A 78 -22.79 12.72 -74.60
CA ARG A 78 -22.70 11.64 -73.62
C ARG A 78 -21.65 12.01 -72.57
N ARG A 79 -21.98 13.05 -71.80
CA ARG A 79 -21.11 13.60 -70.77
C ARG A 79 -21.56 13.19 -69.37
N ILE A 80 -22.32 12.10 -69.25
CA ILE A 80 -22.88 11.69 -67.97
C ILE A 80 -21.78 11.42 -66.96
N TYR A 81 -21.95 11.95 -65.75
CA TYR A 81 -21.05 11.67 -64.64
C TYR A 81 -21.68 10.61 -63.76
N PHE A 82 -21.53 9.35 -64.18
CA PHE A 82 -22.13 8.21 -63.48
C PHE A 82 -21.03 7.56 -62.64
N ASP A 83 -20.78 8.15 -61.48
CA ASP A 83 -19.65 7.75 -60.64
C ASP A 83 -20.02 6.51 -59.82
N ASN A 84 -19.23 5.44 -59.98
CA ASN A 84 -19.35 4.28 -59.11
C ASN A 84 -18.08 3.43 -59.18
N PRO A 85 -16.98 3.84 -58.56
CA PRO A 85 -15.77 3.01 -58.56
C PRO A 85 -15.75 2.01 -57.42
N ASN A 86 -14.67 1.25 -57.31
CA ASN A 86 -14.44 0.37 -56.16
C ASN A 86 -13.58 1.12 -55.16
N ILE A 87 -14.13 1.39 -53.98
CA ILE A 87 -13.46 2.15 -52.93
C ILE A 87 -13.03 1.17 -51.85
N PRO A 88 -11.75 1.09 -51.51
CA PRO A 88 -11.30 0.10 -50.53
C PRO A 88 -11.93 0.31 -49.16
N PHE A 89 -12.31 -0.79 -48.52
CA PHE A 89 -12.96 -0.71 -47.22
C PHE A 89 -11.99 -0.36 -46.10
N LYS A 90 -10.81 -0.99 -46.11
CA LYS A 90 -9.81 -0.83 -45.05
C LYS A 90 -10.39 -1.18 -43.69
N ASP A 91 -10.53 -0.19 -42.82
CA ASP A 91 -10.94 -0.40 -41.44
C ASP A 91 -12.20 0.38 -41.08
N GLY A 92 -13.20 0.35 -41.95
CA GLY A 92 -14.45 1.05 -41.72
C GLY A 92 -14.74 2.04 -42.83
N LEU A 93 -15.95 2.61 -42.78
CA LEU A 93 -16.33 3.52 -43.85
C LEU A 93 -17.40 4.49 -43.38
N TYR A 94 -17.30 5.74 -43.83
CA TYR A 94 -18.31 6.77 -43.61
C TYR A 94 -18.83 7.25 -44.96
N PHE A 95 -20.16 7.24 -45.12
CA PHE A 95 -20.80 7.45 -46.41
C PHE A 95 -21.93 8.45 -46.25
N ALA A 96 -21.83 9.59 -46.92
CA ALA A 96 -22.87 10.61 -46.88
C ALA A 96 -23.47 10.79 -48.26
N ALA A 97 -24.73 11.22 -48.31
CA ALA A 97 -25.44 11.40 -49.58
C ALA A 97 -26.32 12.63 -49.48
N THR A 98 -26.14 13.57 -50.41
CA THR A 98 -27.02 14.71 -50.56
C THR A 98 -27.66 14.63 -51.95
N GLU A 99 -28.99 14.56 -51.97
CA GLU A 99 -29.70 14.17 -53.19
C GLU A 99 -31.16 14.55 -53.06
N LYS A 100 -31.93 14.17 -54.08
CA LYS A 100 -33.38 14.37 -54.09
C LYS A 100 -34.01 13.21 -54.85
N SER A 101 -35.25 12.90 -54.49
CA SER A 101 -36.05 11.85 -55.12
C SER A 101 -35.41 10.46 -55.05
N ASN A 102 -34.52 10.26 -54.08
CA ASN A 102 -33.99 8.94 -53.74
C ASN A 102 -33.26 8.29 -54.92
N VAL A 103 -32.13 8.89 -55.28
CA VAL A 103 -31.31 8.34 -56.36
C VAL A 103 -30.32 7.27 -55.87
N ILE A 104 -29.80 7.40 -54.66
CA ILE A 104 -28.85 6.43 -54.11
C ILE A 104 -29.62 5.46 -53.22
N ARG A 105 -29.52 4.17 -53.53
CA ARG A 105 -30.44 3.27 -52.86
C ARG A 105 -29.77 2.09 -52.15
N GLY A 106 -28.68 1.55 -52.70
CA GLY A 106 -28.14 0.33 -52.14
C GLY A 106 -26.64 0.22 -52.20
N TRP A 107 -26.12 -0.76 -51.44
CA TRP A 107 -24.70 -0.98 -51.29
C TRP A 107 -24.35 -2.44 -51.54
N ILE A 108 -23.14 -2.63 -52.05
CA ILE A 108 -22.56 -3.94 -52.34
C ILE A 108 -21.27 -4.07 -51.55
N PHE A 109 -21.17 -5.11 -50.73
CA PHE A 109 -19.95 -5.43 -49.98
C PHE A 109 -19.38 -6.76 -50.46
N GLY A 110 -18.06 -6.82 -50.56
CA GLY A 110 -17.43 -8.07 -50.92
C GLY A 110 -15.93 -7.97 -50.83
N SER A 111 -15.25 -8.97 -51.40
CA SER A 111 -13.80 -8.98 -51.47
C SER A 111 -13.31 -8.84 -52.91
N THR A 112 -13.72 -9.75 -53.80
CA THR A 112 -13.43 -9.64 -55.21
C THR A 112 -14.64 -9.22 -56.03
N LEU A 113 -15.84 -9.27 -55.45
CA LEU A 113 -17.09 -8.91 -56.13
C LEU A 113 -17.28 -9.74 -57.40
N ASP A 114 -16.89 -11.00 -57.35
CA ASP A 114 -17.13 -11.97 -58.42
C ASP A 114 -17.95 -13.14 -57.88
N ASN A 115 -18.05 -14.18 -58.69
CA ASN A 115 -18.77 -15.45 -58.41
C ASN A 115 -17.75 -16.47 -57.95
N THR A 116 -16.58 -16.01 -57.53
CA THR A 116 -15.63 -16.88 -56.84
C THR A 116 -15.77 -16.76 -55.32
N THR A 117 -16.18 -15.60 -54.82
CA THR A 117 -16.27 -15.35 -53.38
C THR A 117 -17.66 -14.83 -53.04
N GLN A 118 -18.15 -15.21 -51.87
CA GLN A 118 -19.46 -14.75 -51.40
C GLN A 118 -19.46 -13.24 -51.22
N SER A 119 -20.61 -12.63 -51.54
CA SER A 119 -20.77 -11.20 -51.47
C SER A 119 -22.15 -10.88 -50.89
N ALA A 120 -22.31 -9.63 -50.43
CA ALA A 120 -23.54 -9.18 -49.82
C ALA A 120 -24.07 -7.94 -50.52
N VAL A 121 -25.39 -7.88 -50.66
CA VAL A 121 -26.08 -6.69 -51.15
C VAL A 121 -27.10 -6.26 -50.10
N LEU A 122 -27.14 -4.97 -49.79
CA LEU A 122 -27.99 -4.49 -48.72
C LEU A 122 -28.96 -3.43 -49.22
N PHE A 123 -29.67 -3.76 -50.29
CA PHE A 123 -30.58 -2.80 -50.90
C PHE A 123 -31.68 -2.46 -49.91
N ASN A 124 -32.09 -1.19 -49.86
CA ASN A 124 -33.14 -0.81 -48.93
C ASN A 124 -34.39 -0.24 -49.59
N ASN A 125 -34.25 0.40 -50.74
CA ASN A 125 -35.38 1.00 -51.43
C ASN A 125 -36.02 -0.01 -52.36
N GLY A 126 -36.96 0.45 -53.19
CA GLY A 126 -37.72 -0.44 -54.04
C GLY A 126 -39.00 -0.86 -53.36
N THR A 127 -39.34 -2.14 -53.43
CA THR A 127 -40.47 -2.66 -52.67
C THR A 127 -40.20 -2.58 -51.17
N HIS A 128 -39.13 -3.23 -50.70
CA HIS A 128 -38.75 -3.22 -49.30
C HIS A 128 -37.23 -3.30 -49.21
N ILE A 129 -36.72 -3.40 -47.99
CA ILE A 129 -35.29 -3.60 -47.76
C ILE A 129 -34.97 -5.06 -48.01
N VAL A 130 -34.16 -5.34 -49.03
CA VAL A 130 -33.70 -6.68 -49.33
C VAL A 130 -32.23 -6.80 -48.96
N VAL A 131 -31.94 -7.72 -48.05
CA VAL A 131 -30.58 -8.02 -47.61
C VAL A 131 -30.27 -9.45 -48.05
N ASN A 132 -29.27 -9.59 -48.91
CA ASN A 132 -28.94 -10.89 -49.49
C ASN A 132 -27.45 -11.15 -49.39
N VAL A 133 -27.10 -12.40 -49.11
CA VAL A 133 -25.71 -12.86 -49.14
C VAL A 133 -25.67 -14.07 -50.06
N CYS A 134 -24.97 -13.94 -51.18
CA CYS A 134 -25.00 -15.00 -52.19
C CYS A 134 -23.68 -14.99 -52.95
N ASN A 135 -23.60 -15.81 -54.00
CA ASN A 135 -22.50 -15.75 -54.95
C ASN A 135 -22.96 -15.02 -56.21
N PHE A 136 -23.07 -13.70 -56.08
CA PHE A 136 -23.58 -12.88 -57.17
C PHE A 136 -22.54 -12.70 -58.27
N ASN A 137 -23.02 -12.63 -59.50
CA ASN A 137 -22.21 -12.26 -60.65
C ASN A 137 -22.74 -10.91 -61.14
N PHE A 138 -22.12 -9.83 -60.68
CA PHE A 138 -22.62 -8.50 -60.97
C PHE A 138 -22.32 -8.09 -62.40
N CYS A 139 -23.03 -7.07 -62.87
CA CYS A 139 -22.81 -6.48 -64.17
C CYS A 139 -21.78 -5.37 -64.07
N GLN A 140 -21.62 -4.58 -65.13
CA GLN A 140 -20.63 -3.52 -65.13
C GLN A 140 -21.10 -2.28 -64.36
N ASP A 141 -22.37 -1.93 -64.51
CA ASP A 141 -22.93 -0.74 -63.86
C ASP A 141 -24.09 -1.16 -62.96
N PRO A 142 -23.89 -1.27 -61.66
CA PRO A 142 -25.00 -1.62 -60.76
C PRO A 142 -26.04 -0.51 -60.70
N MET A 143 -26.80 -0.37 -61.78
CA MET A 143 -27.77 0.70 -61.95
C MET A 143 -29.18 0.13 -61.92
N LEU A 144 -30.03 0.72 -61.09
CA LEU A 144 -31.42 0.32 -60.96
C LEU A 144 -32.24 1.17 -61.92
N ALA A 145 -32.80 0.55 -62.97
CA ALA A 145 -33.49 1.27 -64.03
C ALA A 145 -34.94 1.54 -63.61
N ILE A 146 -35.09 2.50 -62.71
CA ILE A 146 -36.41 2.91 -62.22
C ILE A 146 -36.52 4.43 -62.19
N SER A 147 -37.64 4.93 -61.67
CA SER A 147 -37.86 6.36 -61.51
C SER A 147 -38.21 6.67 -60.06
N ALA A 148 -38.69 7.89 -59.80
CA ALA A 148 -39.01 8.30 -58.44
C ALA A 148 -40.21 7.55 -57.86
N GLY A 149 -40.96 6.83 -58.68
CA GLY A 149 -42.13 6.12 -58.21
C GLY A 149 -42.69 5.18 -59.25
N SER A 150 -43.35 4.10 -58.81
CA SER A 150 -43.81 3.03 -59.68
C SER A 150 -42.64 2.51 -60.51
N PRO A 151 -41.73 1.75 -59.91
CA PRO A 151 -40.52 1.34 -60.62
C PRO A 151 -40.83 0.36 -61.75
N TYR A 152 -39.91 0.30 -62.71
CA TYR A 152 -40.12 -0.49 -63.92
C TYR A 152 -39.34 -1.80 -63.90
N LYS A 153 -38.02 -1.75 -63.79
CA LYS A 153 -37.19 -2.96 -63.85
C LYS A 153 -36.20 -3.02 -62.70
N SER A 154 -35.31 -4.01 -62.75
CA SER A 154 -34.24 -4.15 -61.75
C SER A 154 -33.02 -4.75 -62.42
N TRP A 155 -31.91 -4.01 -62.43
CA TRP A 155 -30.66 -4.45 -63.09
C TRP A 155 -29.54 -4.38 -62.07
N VAL A 156 -29.42 -5.44 -61.25
CA VAL A 156 -28.33 -5.55 -60.29
C VAL A 156 -27.61 -6.89 -60.39
N TYR A 157 -28.23 -7.94 -60.91
CA TYR A 157 -27.68 -9.28 -60.84
C TYR A 157 -27.56 -9.85 -62.23
N THR A 158 -26.75 -10.90 -62.37
CA THR A 158 -26.77 -11.76 -63.54
C THR A 158 -27.04 -13.22 -63.18
N THR A 159 -26.39 -13.72 -62.12
CA THR A 159 -26.60 -15.09 -61.65
C THR A 159 -26.23 -15.14 -60.17
N ALA A 160 -26.93 -16.02 -59.44
CA ALA A 160 -26.65 -16.27 -58.03
C ALA A 160 -26.90 -17.75 -57.75
N THR A 161 -25.82 -18.51 -57.53
CA THR A 161 -25.95 -19.96 -57.37
C THR A 161 -26.30 -20.35 -55.94
N ASN A 162 -25.50 -19.93 -54.96
CA ASN A 162 -25.59 -20.52 -53.59
C ASN A 162 -25.81 -19.48 -52.48
N CYS A 163 -27.06 -19.35 -52.07
CA CYS A 163 -27.56 -18.26 -51.25
C CYS A 163 -27.73 -18.74 -49.82
N THR A 164 -27.17 -17.98 -48.88
CA THR A 164 -27.18 -18.36 -47.46
C THR A 164 -28.10 -17.49 -46.62
N TYR A 165 -28.29 -16.23 -46.98
CA TYR A 165 -29.06 -15.30 -46.18
C TYR A 165 -29.93 -14.46 -47.09
N ASN A 166 -31.24 -14.49 -46.87
CA ASN A 166 -32.20 -13.68 -47.61
C ASN A 166 -33.20 -13.12 -46.61
N ARG A 167 -33.20 -11.81 -46.42
CA ARG A 167 -34.09 -11.17 -45.46
C ARG A 167 -34.77 -9.97 -46.10
N LEU A 168 -36.05 -9.79 -45.78
CA LEU A 168 -36.84 -8.66 -46.24
C LEU A 168 -37.49 -8.00 -45.05
N HIS A 169 -37.42 -6.67 -44.99
CA HIS A 169 -37.94 -5.88 -43.88
C HIS A 169 -39.10 -5.03 -44.39
N ALA A 170 -40.23 -5.12 -43.70
CA ALA A 170 -41.44 -4.44 -44.16
C ALA A 170 -41.26 -2.93 -44.04
N PHE A 171 -41.23 -2.25 -45.19
CA PHE A 171 -41.10 -0.81 -45.29
C PHE A 171 -41.24 -0.45 -46.75
N ASN A 172 -41.78 0.74 -47.01
CA ASN A 172 -42.09 1.16 -48.37
C ASN A 172 -40.83 1.53 -49.14
N VAL A 183 -33.64 18.68 -51.37
CA VAL A 183 -32.30 18.17 -51.09
C VAL A 183 -32.19 17.78 -49.61
N HIS A 184 -31.67 16.59 -49.35
CA HIS A 184 -31.58 16.06 -47.99
C HIS A 184 -30.12 15.67 -47.67
N LEU A 185 -29.92 15.18 -46.45
CA LEU A 185 -28.63 14.66 -46.00
C LEU A 185 -28.85 13.31 -45.33
N ARG A 186 -28.24 12.27 -45.89
CA ARG A 186 -28.32 10.93 -45.32
C ARG A 186 -26.93 10.44 -44.97
N GLU A 187 -26.76 9.89 -43.77
CA GLU A 187 -25.46 9.49 -43.25
C GLU A 187 -25.48 8.02 -42.85
N HIS A 188 -24.47 7.27 -43.26
CA HIS A 188 -24.29 5.88 -42.86
C HIS A 188 -22.84 5.62 -42.47
N VAL A 189 -22.68 4.69 -41.53
CA VAL A 189 -21.37 4.20 -41.11
C VAL A 189 -21.38 2.68 -41.16
N PHE A 190 -20.35 2.11 -41.80
CA PHE A 190 -20.19 0.67 -41.97
C PHE A 190 -18.97 0.19 -41.21
N ARG A 191 -19.15 -0.85 -40.40
CA ARG A 191 -18.06 -1.50 -39.67
C ARG A 191 -18.21 -3.00 -39.75
N ASN A 192 -17.11 -3.71 -39.53
CA ASN A 192 -17.06 -5.18 -39.60
C ASN A 192 -16.19 -5.69 -38.46
N VAL A 193 -16.83 -6.24 -37.42
CA VAL A 193 -16.11 -6.72 -36.25
C VAL A 193 -16.65 -8.09 -35.84
N ASP A 194 -15.75 -9.06 -35.69
CA ASP A 194 -16.09 -10.39 -35.17
C ASP A 194 -17.20 -11.05 -35.98
N GLY A 195 -17.13 -10.92 -37.31
CA GLY A 195 -18.12 -11.52 -38.17
C GLY A 195 -19.44 -10.81 -38.20
N PHE A 196 -19.57 -9.67 -37.53
CA PHE A 196 -20.80 -8.89 -37.50
C PHE A 196 -20.60 -7.63 -38.31
N LEU A 197 -21.53 -7.37 -39.21
CA LEU A 197 -21.57 -6.12 -39.97
C LEU A 197 -22.47 -5.13 -39.22
N TYR A 198 -21.90 -3.97 -38.88
CA TYR A 198 -22.60 -2.92 -38.16
C TYR A 198 -22.93 -1.79 -39.12
N VAL A 199 -24.19 -1.35 -39.11
CA VAL A 199 -24.67 -0.25 -39.92
C VAL A 199 -25.35 0.78 -39.02
N TYR A 200 -24.88 2.02 -39.09
CA TYR A 200 -25.45 3.14 -38.34
C TYR A 200 -25.95 4.19 -39.31
N HIS A 201 -27.07 4.85 -38.96
CA HIS A 201 -27.82 5.69 -39.88
C HIS A 201 -28.28 6.98 -39.21
N ASN A 202 -28.36 8.05 -40.01
CA ASN A 202 -28.93 9.32 -39.56
C ASN A 202 -29.44 10.11 -40.76
N TYR A 203 -30.39 11.02 -40.50
CA TYR A 203 -31.03 11.82 -41.55
C TYR A 203 -31.18 13.26 -41.08
N GLU A 204 -31.08 14.17 -42.04
CA GLU A 204 -31.24 15.60 -41.77
C GLU A 204 -31.73 16.29 -43.05
N SER A 205 -32.34 17.47 -42.87
CA SER A 205 -32.84 18.27 -43.98
C SER A 205 -31.98 19.51 -44.12
N ILE A 206 -31.39 19.70 -45.31
CA ILE A 206 -30.45 20.78 -45.55
C ILE A 206 -30.81 21.47 -46.86
N ASN A 207 -30.09 22.56 -47.14
CA ASN A 207 -30.24 23.38 -48.36
C ASN A 207 -28.86 23.92 -48.75
N VAL A 208 -28.30 23.38 -49.82
CA VAL A 208 -26.99 23.82 -50.28
C VAL A 208 -26.89 23.51 -51.76
N THR A 209 -25.90 24.10 -52.42
CA THR A 209 -25.77 23.99 -53.87
C THR A 209 -24.54 23.21 -54.30
N ASN A 210 -23.35 23.60 -53.84
CA ASN A 210 -22.14 22.91 -54.27
C ASN A 210 -21.24 22.50 -53.12
N THR A 211 -21.17 23.30 -52.06
CA THR A 211 -20.25 23.01 -50.97
C THR A 211 -20.80 21.90 -50.08
N PHE A 212 -20.00 21.50 -49.10
CA PHE A 212 -20.36 20.52 -48.08
C PHE A 212 -20.83 21.24 -46.82
N PRO A 213 -21.85 20.72 -46.13
CA PRO A 213 -22.38 21.44 -44.96
C PRO A 213 -21.43 21.45 -43.77
N GLY A 214 -21.88 22.00 -42.66
CA GLY A 214 -21.09 22.03 -41.45
C GLY A 214 -21.96 21.93 -40.20
N GLY A 215 -21.62 21.01 -39.31
CA GLY A 215 -22.40 20.82 -38.11
C GLY A 215 -22.03 19.53 -37.43
N PHE A 216 -22.71 19.28 -36.32
CA PHE A 216 -22.45 18.13 -35.46
C PHE A 216 -23.61 17.15 -35.55
N SER A 217 -23.28 15.88 -35.79
CA SER A 217 -24.29 14.83 -35.92
C SER A 217 -23.83 13.61 -35.14
N VAL A 218 -24.82 12.89 -34.60
CA VAL A 218 -24.58 11.64 -33.89
C VAL A 218 -25.36 10.54 -34.60
N LEU A 219 -24.74 9.38 -34.74
CA LEU A 219 -25.27 8.29 -35.55
C LEU A 219 -25.76 7.18 -34.63
N LYS A 220 -27.04 6.77 -34.81
CA LYS A 220 -27.66 5.78 -33.95
C LYS A 220 -27.56 4.38 -34.56
N PRO A 221 -27.43 3.35 -33.71
CA PRO A 221 -27.30 1.98 -34.23
C PRO A 221 -28.63 1.44 -34.72
N ILE A 222 -28.67 0.96 -35.95
CA ILE A 222 -29.88 0.39 -36.53
C ILE A 222 -29.70 -1.06 -36.94
N LEU A 223 -28.54 -1.43 -37.51
CA LEU A 223 -28.45 -2.75 -38.13
C LEU A 223 -27.19 -3.48 -37.66
N LYS A 224 -27.35 -4.77 -37.36
CA LYS A 224 -26.24 -5.61 -36.90
C LYS A 224 -26.48 -7.01 -37.42
N LEU A 225 -25.67 -7.44 -38.40
CA LEU A 225 -25.93 -8.65 -39.14
C LEU A 225 -24.82 -9.67 -38.96
N PRO A 226 -25.12 -10.92 -38.61
CA PRO A 226 -24.10 -11.98 -38.48
C PRO A 226 -23.78 -12.68 -39.80
N PHE A 227 -22.94 -12.03 -40.60
CA PHE A 227 -22.60 -12.52 -41.92
C PHE A 227 -21.31 -13.31 -41.94
N GLY A 228 -20.27 -12.81 -41.27
CA GLY A 228 -19.02 -13.51 -41.15
C GLY A 228 -18.24 -13.71 -42.44
N LEU A 229 -18.09 -12.65 -43.23
CA LEU A 229 -17.35 -12.72 -44.47
C LEU A 229 -16.27 -11.64 -44.48
N ASN A 230 -15.34 -11.75 -45.45
CA ASN A 230 -14.14 -10.87 -45.56
C ASN A 230 -14.44 -9.74 -46.54
N ILE A 231 -14.68 -8.52 -46.03
CA ILE A 231 -15.12 -7.36 -46.81
C ILE A 231 -13.91 -6.47 -47.05
N THR A 232 -13.54 -6.30 -48.32
CA THR A 232 -12.47 -5.39 -48.68
C THR A 232 -12.86 -4.36 -49.72
N HIS A 233 -14.04 -4.46 -50.34
CA HIS A 233 -14.48 -3.50 -51.34
C HIS A 233 -15.98 -3.32 -51.25
N PHE A 234 -16.44 -2.12 -51.63
CA PHE A 234 -17.85 -1.81 -51.66
C PHE A 234 -18.15 -0.93 -52.87
N LYS A 235 -19.40 -0.98 -53.32
CA LYS A 235 -19.85 -0.20 -54.46
C LYS A 235 -21.29 0.23 -54.23
N VAL A 236 -21.69 1.31 -54.91
CA VAL A 236 -23.00 1.91 -54.72
C VAL A 236 -23.92 1.51 -55.85
N ILE A 237 -25.23 1.69 -55.63
CA ILE A 237 -26.26 1.44 -56.63
C ILE A 237 -26.98 2.76 -56.93
N MET A 238 -27.20 3.03 -58.22
CA MET A 238 -27.79 4.28 -58.66
C MET A 238 -29.06 4.02 -59.46
N THR A 239 -29.81 5.11 -59.70
CA THR A 239 -31.04 5.07 -60.47
C THR A 239 -31.04 6.19 -61.50
N LEU A 240 -31.69 5.93 -62.63
CA LEU A 240 -31.73 6.86 -63.77
C LEU A 240 -33.17 7.28 -64.02
N PHE A 241 -33.51 8.50 -63.59
CA PHE A 241 -34.84 9.03 -63.81
C PHE A 241 -35.03 9.49 -65.25
N SER A 242 -36.21 9.23 -65.80
CA SER A 242 -36.59 9.63 -67.15
C SER A 242 -37.97 10.29 -67.14
N ASN A 243 -38.53 10.33 -68.35
CA ASN A 243 -39.81 11.01 -68.64
C ASN A 243 -40.61 10.06 -69.51
N THR A 244 -41.22 9.07 -68.86
CA THR A 244 -42.10 8.11 -69.55
C THR A 244 -41.52 7.63 -70.88
N THR A 245 -40.24 7.28 -70.91
CA THR A 245 -39.60 6.79 -72.12
C THR A 245 -38.75 5.58 -71.79
N GLN A 246 -38.44 4.80 -72.84
CA GLN A 246 -37.59 3.64 -72.73
C GLN A 246 -36.11 3.98 -72.60
N SER A 247 -35.75 5.26 -72.73
CA SER A 247 -34.39 5.72 -72.52
C SER A 247 -34.30 6.41 -71.17
N PHE A 248 -33.19 6.18 -70.47
CA PHE A 248 -32.98 6.69 -69.13
C PHE A 248 -31.67 7.47 -69.11
N GLU A 249 -31.65 8.57 -68.35
CA GLU A 249 -30.43 9.38 -68.29
C GLU A 249 -30.42 10.39 -67.15
N ALA A 250 -29.34 10.37 -66.36
CA ALA A 250 -28.91 11.46 -65.48
C ALA A 250 -29.80 11.75 -64.28
N ASP A 251 -29.25 12.51 -63.33
CA ASP A 251 -29.93 13.02 -62.15
C ASP A 251 -28.96 14.01 -61.50
N ALA A 252 -29.42 14.75 -60.49
CA ALA A 252 -28.59 15.68 -59.75
C ALA A 252 -28.44 15.22 -58.31
N SER A 253 -27.21 14.90 -57.90
CA SER A 253 -26.96 14.38 -56.56
C SER A 253 -25.46 14.28 -56.34
N ALA A 254 -25.08 13.94 -55.10
CA ALA A 254 -23.68 13.78 -54.75
C ALA A 254 -23.58 12.86 -53.54
N TYR A 255 -22.50 12.07 -53.49
CA TYR A 255 -22.19 11.24 -52.33
C TYR A 255 -20.72 11.38 -51.96
N PHE A 256 -20.46 11.36 -50.65
CA PHE A 256 -19.16 11.64 -50.08
C PHE A 256 -18.65 10.41 -49.33
N VAL A 257 -17.36 10.14 -49.47
CA VAL A 257 -16.72 8.97 -48.88
C VAL A 257 -15.57 9.41 -47.98
N GLY A 258 -15.48 8.78 -46.82
CA GLY A 258 -14.34 8.97 -45.93
C GLY A 258 -13.95 7.68 -45.25
N HIS A 259 -12.66 7.57 -44.95
CA HIS A 259 -12.07 6.40 -44.32
C HIS A 259 -11.82 6.65 -42.84
N LEU A 260 -11.88 5.57 -42.06
CA LEU A 260 -11.73 5.62 -40.62
C LEU A 260 -10.27 5.37 -40.23
N LYS A 261 -9.90 5.85 -39.05
CA LYS A 261 -8.54 5.75 -38.54
C LYS A 261 -8.58 5.47 -37.06
N PRO A 262 -7.52 4.87 -36.50
CA PRO A 262 -7.46 4.63 -35.05
C PRO A 262 -7.14 5.92 -34.30
N LEU A 263 -8.07 6.35 -33.45
CA LEU A 263 -7.91 7.58 -32.68
C LEU A 263 -8.39 7.35 -31.25
N THR A 264 -8.29 8.41 -30.44
CA THR A 264 -8.88 8.46 -29.12
C THR A 264 -9.76 9.70 -29.03
N MET A 265 -10.92 9.57 -28.39
CA MET A 265 -11.88 10.65 -28.30
C MET A 265 -12.55 10.68 -26.93
N LEU A 266 -13.25 11.77 -26.67
CA LEU A 266 -13.99 11.99 -25.45
C LEU A 266 -15.43 12.35 -25.80
N ALA A 267 -16.39 11.80 -25.04
CA ALA A 267 -17.81 11.98 -25.30
C ALA A 267 -18.51 12.49 -24.05
N ASP A 268 -19.66 13.13 -24.24
CA ASP A 268 -20.44 13.70 -23.16
C ASP A 268 -21.90 13.24 -23.28
N PHE A 269 -22.51 12.95 -22.13
CA PHE A 269 -23.86 12.43 -22.05
C PHE A 269 -24.72 13.36 -21.19
N ASP A 270 -25.99 13.51 -21.57
CA ASP A 270 -26.92 14.34 -20.82
C ASP A 270 -27.69 13.46 -19.82
N GLU A 271 -28.76 14.02 -19.24
CA GLU A 271 -29.57 13.27 -18.27
C GLU A 271 -30.12 12.00 -18.91
N ASN A 272 -31.00 12.21 -19.89
CA ASN A 272 -31.47 11.11 -20.77
C ASN A 272 -30.40 10.85 -21.81
N GLY A 273 -29.90 9.62 -21.93
CA GLY A 273 -28.75 9.34 -22.77
C GLY A 273 -28.81 9.87 -24.19
N THR A 274 -27.92 10.81 -24.50
CA THR A 274 -27.84 11.43 -25.82
C THR A 274 -26.51 12.18 -25.90
N ILE A 275 -25.75 11.92 -26.96
CA ILE A 275 -24.45 12.58 -27.12
C ILE A 275 -24.68 14.01 -27.59
N VAL A 276 -24.13 14.97 -26.84
CA VAL A 276 -24.31 16.38 -27.14
C VAL A 276 -23.09 16.97 -27.83
N ASP A 277 -21.88 16.50 -27.50
CA ASP A 277 -20.68 16.99 -28.15
C ASP A 277 -19.55 15.99 -27.92
N ALA A 278 -18.48 16.17 -28.69
CA ALA A 278 -17.28 15.34 -28.59
C ALA A 278 -16.08 16.12 -29.08
N VAL A 279 -14.90 15.65 -28.71
CA VAL A 279 -13.64 16.29 -29.10
C VAL A 279 -12.67 15.24 -29.63
N ASP A 280 -11.78 15.68 -30.51
CA ASP A 280 -10.76 14.84 -31.12
C ASP A 280 -9.44 15.13 -30.44
N CYS A 281 -8.91 14.16 -29.70
CA CYS A 281 -7.75 14.37 -28.83
C CYS A 281 -6.42 14.33 -29.58
N SER A 282 -6.42 14.49 -30.91
CA SER A 282 -5.18 14.53 -31.67
C SER A 282 -5.20 15.60 -32.75
N GLN A 283 -5.98 16.66 -32.56
CA GLN A 283 -6.16 17.67 -33.59
C GLN A 283 -5.31 18.92 -33.34
N ASN A 284 -5.50 19.57 -32.20
CA ASN A 284 -4.81 20.81 -31.89
C ASN A 284 -4.54 20.84 -30.40
N PRO A 285 -3.55 21.63 -29.94
CA PRO A 285 -3.15 21.58 -28.52
C PRO A 285 -4.30 21.75 -27.54
N LEU A 286 -5.27 22.61 -27.87
CA LEU A 286 -6.44 22.74 -27.01
C LEU A 286 -7.17 21.41 -26.86
N SER A 287 -7.11 20.55 -27.87
CA SER A 287 -7.78 19.25 -27.79
C SER A 287 -7.09 18.32 -26.80
N GLU A 288 -5.75 18.21 -26.84
CA GLU A 288 -5.08 17.40 -25.84
C GLU A 288 -5.22 17.99 -24.44
N LEU A 289 -5.27 19.31 -24.34
CA LEU A 289 -5.54 19.93 -23.03
C LEU A 289 -6.92 19.53 -22.52
N LYS A 290 -7.93 19.61 -23.37
CA LYS A 290 -9.29 19.25 -23.01
C LYS A 290 -9.44 17.75 -22.77
N CYS A 291 -8.53 16.95 -23.30
CA CYS A 291 -8.60 15.50 -23.18
C CYS A 291 -7.86 14.98 -21.95
N THR A 292 -6.78 15.64 -21.54
CA THR A 292 -6.06 15.20 -20.35
C THR A 292 -6.93 15.37 -19.11
N THR A 293 -7.53 16.54 -18.94
CA THR A 293 -8.54 16.74 -17.91
C THR A 293 -9.91 16.48 -18.53
N LYS A 294 -10.60 15.46 -18.02
CA LYS A 294 -11.81 14.94 -18.66
C LYS A 294 -12.94 15.93 -18.45
N SER A 295 -12.93 17.00 -19.24
CA SER A 295 -13.91 18.06 -19.11
C SER A 295 -13.96 18.84 -20.42
N PHE A 296 -14.94 19.75 -20.50
CA PHE A 296 -15.12 20.61 -21.67
C PHE A 296 -14.86 22.08 -21.38
N SER A 297 -14.70 22.46 -20.11
CA SER A 297 -14.40 23.83 -19.75
C SER A 297 -13.12 23.83 -18.91
N VAL A 298 -12.19 24.71 -19.26
CA VAL A 298 -10.88 24.78 -18.61
C VAL A 298 -10.64 26.21 -18.16
N GLU A 299 -10.21 26.38 -16.91
CA GLU A 299 -9.87 27.68 -16.38
C GLU A 299 -8.51 28.14 -16.90
N LYS A 300 -8.23 29.42 -16.70
CA LYS A 300 -6.98 30.00 -17.19
C LYS A 300 -5.78 29.46 -16.43
N GLY A 301 -4.68 29.26 -17.13
CA GLY A 301 -3.45 28.81 -16.51
C GLY A 301 -2.62 27.97 -17.45
N ILE A 302 -1.63 27.32 -16.87
CA ILE A 302 -0.70 26.44 -17.57
C ILE A 302 -0.91 25.01 -17.08
N TYR A 303 -1.05 24.08 -18.02
CA TYR A 303 -1.27 22.68 -17.71
C TYR A 303 -0.27 21.81 -18.45
N GLN A 304 0.02 20.65 -17.88
CA GLN A 304 0.94 19.69 -18.45
C GLN A 304 0.15 18.53 -19.03
N THR A 305 0.44 18.18 -20.28
CA THR A 305 -0.38 17.25 -21.04
C THR A 305 0.39 16.00 -21.41
N SER A 306 -0.37 14.94 -21.72
CA SER A 306 0.19 13.70 -22.22
C SER A 306 0.49 13.87 -23.72
N ASN A 307 0.89 12.79 -24.39
CA ASN A 307 1.32 12.95 -25.79
C ASN A 307 0.12 13.10 -26.73
N PHE A 308 -0.66 12.03 -26.91
CA PHE A 308 -1.87 12.03 -27.73
C PHE A 308 -1.66 12.65 -29.11
N ARG A 309 -0.42 12.75 -29.57
CA ARG A 309 -0.09 13.57 -30.72
C ARG A 309 0.57 12.80 -31.86
N VAL A 310 1.57 11.97 -31.55
CA VAL A 310 2.32 11.24 -32.57
C VAL A 310 2.13 9.74 -32.35
N SER A 311 1.98 9.01 -33.45
CA SER A 311 1.81 7.57 -33.42
C SER A 311 2.67 6.95 -34.51
N PRO A 312 3.14 5.73 -34.30
CA PRO A 312 3.95 5.07 -35.33
C PRO A 312 3.13 4.67 -36.54
N SER A 313 3.80 4.60 -37.68
CA SER A 313 3.20 4.17 -38.93
C SER A 313 3.88 2.96 -39.56
N THR A 314 5.21 2.98 -39.65
CA THR A 314 5.97 2.00 -40.40
C THR A 314 6.43 0.86 -39.49
N GLU A 315 6.74 -0.28 -40.11
CA GLU A 315 7.26 -1.46 -39.42
C GLU A 315 8.58 -1.86 -40.04
N VAL A 316 9.56 -2.18 -39.18
CA VAL A 316 10.85 -2.72 -39.62
C VAL A 316 11.12 -4.04 -38.89
N VAL A 317 11.43 -5.08 -39.65
CA VAL A 317 11.36 -6.45 -39.16
C VAL A 317 12.70 -7.17 -39.44
N ARG A 318 13.80 -6.44 -39.32
CA ARG A 318 15.10 -7.01 -39.66
C ARG A 318 15.40 -8.29 -38.88
N PHE A 319 15.79 -9.33 -39.61
CA PHE A 319 15.99 -10.69 -39.14
C PHE A 319 17.24 -11.23 -39.82
N PRO A 320 17.86 -12.27 -39.26
CA PRO A 320 19.09 -12.80 -39.85
C PRO A 320 18.83 -13.42 -41.21
N ASN A 321 19.94 -13.67 -41.93
CA ASN A 321 19.80 -14.25 -43.29
C ASN A 321 20.32 -15.69 -43.27
N ILE A 322 19.39 -16.63 -43.10
CA ILE A 322 19.63 -18.07 -43.13
C ILE A 322 18.47 -18.73 -43.85
N THR A 323 18.75 -19.83 -44.54
CA THR A 323 17.75 -20.48 -45.38
C THR A 323 17.65 -21.98 -45.21
N ASN A 324 18.51 -22.61 -44.41
CA ASN A 324 18.42 -24.05 -44.23
C ASN A 324 17.23 -24.43 -43.37
N LEU A 325 16.45 -25.40 -43.83
CA LEU A 325 15.30 -25.87 -43.06
C LEU A 325 15.75 -26.84 -41.98
N CYS A 326 15.10 -26.74 -40.82
CA CYS A 326 15.50 -27.56 -39.68
C CYS A 326 15.17 -29.03 -39.95
N PRO A 327 16.02 -29.96 -39.50
CA PRO A 327 15.77 -31.37 -39.77
C PRO A 327 14.63 -31.94 -38.94
N PHE A 328 13.40 -31.61 -39.31
CA PHE A 328 12.24 -32.21 -38.64
C PHE A 328 12.12 -33.69 -38.97
N GLY A 329 12.67 -34.11 -40.11
CA GLY A 329 12.85 -35.52 -40.35
C GLY A 329 13.94 -36.09 -39.46
N GLN A 330 14.03 -37.42 -39.45
CA GLN A 330 14.89 -38.22 -38.57
C GLN A 330 14.63 -37.92 -37.09
N VAL A 331 13.62 -37.09 -36.80
CA VAL A 331 13.14 -36.85 -35.45
C VAL A 331 11.67 -37.21 -35.33
N PHE A 332 10.85 -36.74 -36.26
CA PHE A 332 9.45 -37.14 -36.36
C PHE A 332 9.28 -38.30 -37.31
N ASN A 333 9.87 -38.21 -38.50
CA ASN A 333 9.75 -39.33 -39.49
C ASN A 333 11.01 -40.20 -39.42
N ALA A 334 11.31 -40.68 -38.21
CA ALA A 334 12.45 -41.53 -37.96
C ALA A 334 12.04 -42.99 -38.01
N SER A 335 13.01 -43.88 -37.84
CA SER A 335 12.77 -45.31 -37.94
C SER A 335 12.91 -46.06 -36.62
N THR A 336 13.66 -45.53 -35.67
CA THR A 336 13.87 -46.19 -34.38
C THR A 336 13.92 -45.15 -33.28
N PHE A 337 13.22 -45.42 -32.19
CA PHE A 337 13.33 -44.62 -30.98
C PHE A 337 13.85 -45.47 -29.82
N PRO A 338 14.65 -44.90 -28.94
CA PRO A 338 15.23 -45.67 -27.84
C PRO A 338 14.21 -45.91 -26.73
N SER A 339 14.63 -46.69 -25.74
CA SER A 339 13.83 -46.94 -24.57
C SER A 339 13.82 -45.72 -23.66
N VAL A 340 12.88 -45.70 -22.72
CA VAL A 340 12.76 -44.56 -21.82
C VAL A 340 13.92 -44.51 -20.83
N TYR A 341 14.47 -45.67 -20.45
CA TYR A 341 15.56 -45.68 -19.48
C TYR A 341 16.87 -45.22 -20.12
N ALA A 342 17.04 -45.44 -21.41
CA ALA A 342 18.20 -44.96 -22.16
C ALA A 342 17.68 -44.09 -23.29
N TRP A 343 17.44 -42.81 -22.99
CA TRP A 343 16.84 -41.90 -23.94
C TRP A 343 17.90 -41.06 -24.63
N GLY A 344 17.61 -40.64 -25.86
CA GLY A 344 18.54 -39.86 -26.63
C GLY A 344 18.37 -38.36 -26.44
N ARG A 345 19.33 -37.62 -26.99
CA ARG A 345 19.29 -36.17 -27.00
C ARG A 345 20.02 -35.68 -28.23
N MET A 346 19.55 -34.57 -28.80
CA MET A 346 20.21 -34.00 -29.95
C MET A 346 20.06 -32.49 -29.94
N ARG A 347 20.97 -31.82 -30.65
CA ARG A 347 21.03 -30.37 -30.70
C ARG A 347 20.81 -29.90 -32.13
N ILE A 348 19.95 -28.89 -32.29
CA ILE A 348 19.56 -28.35 -33.58
C ILE A 348 20.10 -26.92 -33.66
N SER A 349 20.78 -26.61 -34.77
CA SER A 349 21.37 -25.28 -34.91
C SER A 349 21.49 -24.90 -36.38
N ASP A 350 21.58 -23.59 -36.61
CA ASP A 350 21.80 -23.00 -37.94
C ASP A 350 20.71 -23.44 -38.93
N CYS A 351 19.46 -23.15 -38.56
CA CYS A 351 18.33 -23.61 -39.36
C CYS A 351 17.12 -22.72 -39.08
N VAL A 352 16.19 -22.72 -40.03
CA VAL A 352 14.93 -21.98 -39.93
C VAL A 352 13.80 -22.98 -39.73
N ALA A 353 12.88 -22.67 -38.83
CA ALA A 353 11.87 -23.62 -38.40
C ALA A 353 10.49 -23.00 -38.47
N ASP A 354 9.69 -23.46 -39.42
CA ASP A 354 8.26 -23.16 -39.46
C ASP A 354 7.47 -24.44 -39.22
N TYR A 355 6.47 -24.35 -38.35
CA TYR A 355 5.69 -25.52 -37.98
C TYR A 355 4.62 -25.87 -39.00
N SER A 356 4.30 -24.96 -39.92
CA SER A 356 3.29 -25.25 -40.93
C SER A 356 3.69 -26.44 -41.81
N VAL A 357 5.00 -26.71 -41.93
CA VAL A 357 5.45 -27.84 -42.72
C VAL A 357 4.96 -29.15 -42.11
N LEU A 358 4.76 -29.18 -40.80
CA LEU A 358 4.22 -30.37 -40.16
C LEU A 358 2.77 -30.64 -40.55
N TYR A 359 2.08 -29.67 -41.16
CA TYR A 359 0.68 -29.87 -41.51
C TYR A 359 0.53 -30.85 -42.68
N ASN A 360 1.40 -30.75 -43.66
CA ASN A 360 1.28 -31.56 -44.90
C ASN A 360 1.87 -32.98 -44.72
N SER A 361 1.01 -34.01 -44.73
CA SER A 361 1.30 -35.45 -44.77
C SER A 361 1.79 -36.02 -43.45
N THR A 362 2.02 -35.21 -42.42
CA THR A 362 2.44 -35.72 -41.13
C THR A 362 1.22 -36.05 -40.27
N SER A 363 1.36 -37.08 -39.46
CA SER A 363 0.26 -37.50 -38.59
C SER A 363 -0.05 -36.43 -37.56
N SER A 364 -1.30 -36.39 -37.13
CA SER A 364 -1.73 -35.42 -36.12
C SER A 364 -1.07 -35.72 -34.79
N PHE A 365 -1.32 -34.85 -33.82
CA PHE A 365 -0.65 -34.91 -32.52
C PHE A 365 -1.71 -34.97 -31.42
N SER A 366 -1.69 -36.06 -30.66
CA SER A 366 -2.67 -36.22 -29.59
C SER A 366 -2.39 -35.28 -28.42
N THR A 367 -1.11 -35.07 -28.10
CA THR A 367 -0.73 -34.17 -27.01
C THR A 367 0.24 -33.12 -27.52
N PHE A 368 -0.06 -31.86 -27.26
CA PHE A 368 0.77 -30.73 -27.72
C PHE A 368 0.64 -29.63 -26.66
N LYS A 369 1.59 -29.60 -25.72
CA LYS A 369 1.45 -28.77 -24.53
C LYS A 369 2.73 -27.96 -24.31
N CYS A 370 2.59 -26.64 -24.18
CA CYS A 370 3.72 -25.75 -23.96
C CYS A 370 3.57 -25.04 -22.63
N TYR A 371 4.70 -24.80 -21.97
CA TYR A 371 4.71 -24.31 -20.60
C TYR A 371 5.27 -22.90 -20.46
N GLY A 372 6.48 -22.65 -20.94
CA GLY A 372 7.06 -21.33 -20.81
C GLY A 372 6.69 -20.35 -21.91
N VAL A 373 6.06 -20.82 -22.98
CA VAL A 373 5.71 -20.01 -24.13
C VAL A 373 4.33 -20.42 -24.63
N SER A 374 3.74 -19.56 -25.45
CA SER A 374 2.45 -19.84 -26.06
C SER A 374 2.63 -20.33 -27.49
N PRO A 375 1.80 -21.28 -27.93
CA PRO A 375 1.97 -21.84 -29.28
C PRO A 375 1.72 -20.83 -30.39
N THR A 376 0.99 -19.76 -30.13
CA THR A 376 0.68 -18.78 -31.16
C THR A 376 1.84 -17.83 -31.44
N LYS A 377 2.92 -17.90 -30.67
CA LYS A 377 4.04 -16.98 -30.81
C LYS A 377 5.36 -17.70 -31.08
N LEU A 378 5.30 -18.92 -31.61
CA LEU A 378 6.51 -19.67 -31.96
C LEU A 378 7.02 -19.36 -33.36
N ASN A 379 6.25 -18.62 -34.15
CA ASN A 379 6.68 -18.24 -35.50
C ASN A 379 7.32 -16.85 -35.54
N ASP A 380 7.41 -16.16 -34.41
CA ASP A 380 7.95 -14.81 -34.35
C ASP A 380 9.14 -14.68 -33.42
N LEU A 381 9.75 -15.79 -32.99
CA LEU A 381 10.81 -15.76 -32.00
C LEU A 381 12.08 -16.40 -32.55
N CYS A 382 13.20 -16.06 -31.90
CA CYS A 382 14.49 -16.69 -32.14
C CYS A 382 15.04 -17.16 -30.80
N PHE A 383 15.63 -18.35 -30.79
CA PHE A 383 16.08 -19.00 -29.56
C PHE A 383 17.58 -19.17 -29.57
N SER A 384 18.23 -18.86 -28.45
CA SER A 384 19.67 -19.02 -28.35
C SER A 384 20.07 -20.48 -28.44
N SER A 385 19.36 -21.37 -27.75
CA SER A 385 19.67 -22.79 -27.86
C SER A 385 18.41 -23.63 -27.77
N VAL A 386 18.42 -24.77 -28.46
CA VAL A 386 17.30 -25.70 -28.49
C VAL A 386 17.83 -27.12 -28.42
N TYR A 387 17.18 -27.96 -27.62
CA TYR A 387 17.55 -29.35 -27.47
C TYR A 387 16.30 -30.24 -27.63
N ALA A 388 16.50 -31.42 -28.20
CA ALA A 388 15.41 -32.33 -28.48
C ALA A 388 15.67 -33.68 -27.80
N ASP A 389 14.71 -34.11 -26.98
CA ASP A 389 14.70 -35.43 -26.37
C ASP A 389 13.55 -36.24 -26.95
N TYR A 390 13.76 -37.55 -27.06
CA TYR A 390 12.78 -38.39 -27.72
C TYR A 390 12.80 -39.79 -27.14
N PHE A 391 11.62 -40.34 -26.87
CA PHE A 391 11.54 -41.71 -26.35
C PHE A 391 10.14 -42.26 -26.60
N VAL A 392 9.93 -43.49 -26.14
CA VAL A 392 8.69 -44.23 -26.36
C VAL A 392 8.15 -44.72 -25.02
N VAL A 393 6.85 -44.55 -24.80
CA VAL A 393 6.18 -45.00 -23.59
C VAL A 393 4.90 -45.71 -23.96
N LYS A 394 4.10 -46.10 -22.97
CA LYS A 394 2.75 -46.57 -23.20
C LYS A 394 1.77 -45.45 -22.86
N GLY A 395 0.53 -45.60 -23.37
CA GLY A 395 -0.38 -44.47 -23.43
C GLY A 395 -0.66 -43.86 -22.06
N ASP A 396 -0.99 -44.70 -21.08
CA ASP A 396 -1.32 -44.18 -19.75
C ASP A 396 -0.16 -43.45 -19.10
N ASP A 397 1.06 -43.65 -19.60
CA ASP A 397 2.23 -42.98 -19.06
C ASP A 397 2.49 -41.61 -19.69
N VAL A 398 1.78 -41.26 -20.77
CA VAL A 398 2.01 -39.98 -21.43
C VAL A 398 1.73 -38.83 -20.46
N ARG A 399 0.74 -39.01 -19.58
CA ARG A 399 0.42 -37.97 -18.60
C ARG A 399 1.57 -37.70 -17.64
N GLN A 400 2.55 -38.58 -17.55
CA GLN A 400 3.62 -38.43 -16.58
C GLN A 400 4.77 -37.54 -17.06
N ILE A 401 4.80 -37.19 -18.34
CA ILE A 401 5.89 -36.33 -18.86
C ILE A 401 5.42 -34.89 -18.70
N ALA A 402 5.62 -34.36 -17.50
CA ALA A 402 5.19 -33.03 -17.12
C ALA A 402 5.82 -32.70 -15.77
N PRO A 403 5.96 -31.41 -15.45
CA PRO A 403 6.55 -31.05 -14.16
C PRO A 403 5.70 -31.53 -12.99
N ALA A 404 6.38 -31.88 -11.89
CA ALA A 404 5.75 -32.24 -10.62
C ALA A 404 4.81 -33.43 -10.77
N GLN A 405 5.40 -34.58 -11.12
CA GLN A 405 4.67 -35.82 -11.28
C GLN A 405 5.32 -36.91 -10.46
N THR A 406 4.54 -37.97 -10.20
CA THR A 406 5.02 -39.14 -9.48
C THR A 406 4.65 -40.40 -10.26
N GLY A 407 5.45 -41.45 -10.06
CA GLY A 407 5.24 -42.71 -10.74
C GLY A 407 6.54 -43.31 -11.22
N VAL A 408 6.47 -44.48 -11.85
CA VAL A 408 7.68 -45.18 -12.29
C VAL A 408 8.36 -44.44 -13.44
N ILE A 409 7.61 -43.68 -14.23
CA ILE A 409 8.15 -43.01 -15.39
C ILE A 409 8.61 -41.58 -15.03
N ALA A 410 8.56 -41.23 -13.75
CA ALA A 410 8.94 -39.90 -13.30
C ALA A 410 9.97 -39.89 -12.18
N ASP A 411 10.14 -40.98 -11.43
CA ASP A 411 11.14 -41.03 -10.37
C ASP A 411 12.30 -41.95 -10.68
N TYR A 412 12.09 -42.99 -11.48
CA TYR A 412 13.15 -43.92 -11.83
C TYR A 412 13.54 -43.89 -13.29
N ASN A 413 12.82 -43.17 -14.14
CA ASN A 413 13.13 -43.21 -15.57
C ASN A 413 13.44 -41.86 -16.20
N TYR A 414 12.68 -40.83 -15.85
CA TYR A 414 12.82 -39.55 -16.55
C TYR A 414 12.09 -38.47 -15.75
N LYS A 415 12.83 -37.45 -15.32
CA LYS A 415 12.26 -36.35 -14.55
C LYS A 415 12.60 -35.02 -15.19
N LEU A 416 11.61 -34.12 -15.20
CA LEU A 416 11.76 -32.77 -15.72
C LEU A 416 11.86 -31.76 -14.59
N PRO A 417 12.64 -30.71 -14.77
CA PRO A 417 12.75 -29.67 -13.75
C PRO A 417 11.43 -28.95 -13.52
N ASP A 418 11.34 -28.30 -12.37
CA ASP A 418 10.12 -27.55 -12.06
C ASP A 418 9.97 -26.34 -12.95
N ASP A 419 11.06 -25.65 -13.26
CA ASP A 419 11.04 -24.46 -14.12
C ASP A 419 11.39 -24.83 -15.56
N PHE A 420 10.48 -25.56 -16.20
CA PHE A 420 10.70 -26.09 -17.53
C PHE A 420 10.16 -25.13 -18.58
N THR A 421 11.03 -24.66 -19.46
CA THR A 421 10.64 -23.87 -20.63
C THR A 421 10.79 -24.74 -21.87
N GLY A 422 9.74 -24.80 -22.68
CA GLY A 422 9.70 -25.69 -23.81
C GLY A 422 8.36 -26.36 -23.95
N CYS A 423 8.29 -27.28 -24.92
CA CYS A 423 7.03 -27.93 -25.26
C CYS A 423 7.17 -29.45 -25.25
N VAL A 424 6.04 -30.11 -25.06
CA VAL A 424 5.94 -31.56 -25.06
C VAL A 424 4.97 -31.99 -26.16
N LEU A 425 5.36 -32.98 -26.95
CA LEU A 425 4.57 -33.49 -28.04
C LEU A 425 4.47 -35.00 -27.89
N ALA A 426 3.29 -35.55 -28.12
CA ALA A 426 3.09 -36.99 -27.96
C ALA A 426 2.06 -37.47 -28.97
N TRP A 427 2.35 -38.59 -29.63
CA TRP A 427 1.43 -39.12 -30.61
C TRP A 427 1.51 -40.65 -30.65
N ASN A 428 0.41 -41.26 -31.09
CA ASN A 428 0.26 -42.71 -31.08
C ASN A 428 0.98 -43.34 -32.27
N THR A 429 1.69 -44.43 -32.01
CA THR A 429 2.44 -45.16 -33.04
C THR A 429 2.22 -46.66 -32.89
N LYS A 430 0.96 -47.07 -32.76
CA LYS A 430 0.67 -48.50 -32.58
C LYS A 430 1.07 -49.33 -33.79
N SER A 431 0.83 -48.80 -34.99
CA SER A 431 1.03 -49.60 -36.19
C SER A 431 2.49 -50.00 -36.40
N ILE A 432 3.42 -49.13 -36.07
CA ILE A 432 4.82 -49.37 -36.37
C ILE A 432 5.58 -50.03 -35.22
N ASP A 433 5.14 -49.81 -33.97
CA ASP A 433 5.83 -50.35 -32.80
C ASP A 433 5.21 -51.68 -32.40
N LYS A 434 6.02 -52.73 -32.34
CA LYS A 434 5.56 -54.07 -32.01
C LYS A 434 6.67 -54.77 -31.22
N GLY A 435 6.46 -56.04 -30.93
CA GLY A 435 7.46 -56.83 -30.26
C GLY A 435 7.53 -56.59 -28.76
N GLN A 436 8.61 -57.07 -28.17
CA GLN A 436 8.83 -57.01 -26.73
C GLN A 436 10.22 -56.43 -26.42
N GLY A 437 10.57 -55.34 -27.08
CA GLY A 437 11.90 -54.78 -26.92
C GLY A 437 11.96 -53.35 -26.45
N PHE A 438 11.06 -52.97 -25.55
CA PHE A 438 11.05 -51.63 -24.97
C PHE A 438 10.97 -51.75 -23.46
N TYR A 439 11.92 -51.14 -22.76
CA TYR A 439 12.14 -51.39 -21.35
C TYR A 439 11.99 -50.12 -20.53
N TYR A 440 11.65 -50.31 -19.26
CA TYR A 440 11.56 -49.23 -18.29
C TYR A 440 11.94 -49.77 -16.92
N ARG A 441 12.69 -48.99 -16.17
CA ARG A 441 13.17 -49.44 -14.87
C ARG A 441 12.03 -49.47 -13.86
N LEU A 442 11.91 -50.57 -13.14
CA LEU A 442 10.87 -50.76 -12.15
C LEU A 442 11.34 -50.67 -10.72
N PHE A 443 12.57 -51.07 -10.43
CA PHE A 443 13.11 -51.08 -9.07
C PHE A 443 14.34 -50.19 -8.99
N ARG A 444 14.36 -49.31 -7.99
CA ARG A 444 15.51 -48.48 -7.70
C ARG A 444 15.39 -47.99 -6.26
N HIS A 445 16.53 -47.82 -5.60
CA HIS A 445 16.52 -47.40 -4.20
C HIS A 445 16.07 -45.95 -4.06
N GLY A 446 16.84 -45.02 -4.64
CA GLY A 446 16.50 -43.62 -4.61
C GLY A 446 15.77 -43.16 -5.86
N LYS A 447 15.59 -41.85 -5.97
CA LYS A 447 14.95 -41.22 -7.10
C LYS A 447 15.96 -40.39 -7.88
N ILE A 448 15.77 -40.33 -9.20
CA ILE A 448 16.71 -39.65 -10.09
C ILE A 448 16.56 -38.14 -9.98
N LYS A 449 17.51 -37.41 -10.53
CA LYS A 449 17.55 -35.97 -10.59
C LYS A 449 17.19 -35.48 -11.99
N PRO A 450 16.78 -34.22 -12.14
CA PRO A 450 16.35 -33.73 -13.46
C PRO A 450 17.44 -33.87 -14.52
N TYR A 451 17.01 -34.31 -15.70
CA TYR A 451 17.88 -34.43 -16.87
C TYR A 451 19.08 -35.33 -16.60
N GLU A 452 18.85 -36.41 -15.86
CA GLU A 452 19.89 -37.39 -15.56
C GLU A 452 19.45 -38.76 -16.08
N ARG A 453 20.44 -39.56 -16.48
CA ARG A 453 20.21 -40.83 -17.13
C ARG A 453 20.92 -41.94 -16.38
N ASP A 454 20.24 -43.06 -16.20
CA ASP A 454 20.80 -44.28 -15.62
C ASP A 454 20.70 -45.39 -16.65
N THR A 455 21.81 -46.11 -16.86
CA THR A 455 21.86 -47.16 -17.87
C THR A 455 22.42 -48.47 -17.32
N SER A 456 22.46 -48.62 -15.99
CA SER A 456 23.04 -49.80 -15.38
C SER A 456 22.03 -50.94 -15.33
N ASN A 457 22.55 -52.16 -15.45
CA ASN A 457 21.75 -53.39 -15.37
C ASN A 457 22.44 -54.31 -14.37
N VAL A 458 22.10 -54.13 -13.09
CA VAL A 458 22.70 -54.89 -12.00
C VAL A 458 21.56 -55.46 -11.16
N PRO A 459 21.71 -56.66 -10.59
CA PRO A 459 20.62 -57.22 -9.77
C PRO A 459 20.27 -56.33 -8.59
N TYR A 460 18.99 -56.36 -8.22
CA TYR A 460 18.42 -55.51 -7.19
C TYR A 460 18.04 -56.36 -5.98
N ASN A 461 18.62 -56.05 -4.82
CA ASN A 461 18.24 -56.69 -3.58
C ASN A 461 17.08 -55.93 -2.95
N ALA A 462 16.45 -56.57 -1.96
CA ALA A 462 15.28 -56.00 -1.32
C ALA A 462 15.51 -55.54 0.11
N GLN A 463 16.64 -55.90 0.72
CA GLN A 463 16.95 -55.49 2.08
C GLN A 463 18.23 -54.68 2.18
N GLY A 464 18.91 -54.45 1.06
CA GLY A 464 20.18 -53.75 1.11
C GLY A 464 20.83 -53.75 -0.25
N GLY A 465 22.15 -53.60 -0.24
CA GLY A 465 22.93 -53.56 -1.47
C GLY A 465 23.54 -54.90 -1.82
N THR A 466 23.81 -55.07 -3.11
CA THR A 466 24.58 -56.17 -3.68
C THR A 466 23.80 -57.48 -3.71
N CYS A 467 23.75 -58.10 -4.88
CA CYS A 467 23.21 -59.46 -5.06
C CYS A 467 23.83 -60.06 -6.31
N THR A 468 24.71 -61.04 -6.14
CA THR A 468 25.49 -61.53 -7.28
C THR A 468 24.65 -62.42 -8.19
N ASP A 469 24.23 -63.58 -7.69
CA ASP A 469 23.45 -64.53 -8.47
C ASP A 469 21.97 -64.25 -8.29
N THR A 470 21.20 -64.53 -9.34
CA THR A 470 19.76 -64.30 -9.33
C THR A 470 19.03 -65.64 -9.33
N SER A 471 18.08 -65.77 -8.40
CA SER A 471 17.36 -67.00 -8.08
C SER A 471 16.75 -66.85 -6.69
N GLN A 472 17.54 -66.37 -5.74
CA GLN A 472 17.08 -66.11 -4.38
C GLN A 472 15.88 -65.19 -4.40
N LEU A 473 14.82 -65.60 -3.71
CA LEU A 473 13.54 -64.89 -3.68
C LEU A 473 13.70 -63.39 -3.44
N ASN A 474 14.68 -62.99 -2.61
CA ASN A 474 14.88 -61.59 -2.29
C ASN A 474 15.79 -60.87 -3.30
N CYS A 475 15.93 -61.41 -4.51
CA CYS A 475 16.67 -60.74 -5.58
C CYS A 475 15.80 -60.69 -6.82
N TYR A 476 15.67 -59.49 -7.41
CA TYR A 476 14.85 -59.27 -8.59
C TYR A 476 15.69 -58.64 -9.68
N GLN A 477 15.25 -58.82 -10.92
CA GLN A 477 15.84 -58.11 -12.03
C GLN A 477 15.18 -56.74 -12.18
N PRO A 478 15.97 -55.68 -12.35
CA PRO A 478 15.41 -54.32 -12.25
C PRO A 478 14.79 -53.76 -13.53
N LEU A 479 14.64 -54.54 -14.59
CA LEU A 479 14.06 -54.07 -15.84
C LEU A 479 12.84 -54.91 -16.19
N LYS A 480 11.93 -54.31 -16.96
CA LYS A 480 10.69 -54.97 -17.33
C LYS A 480 10.25 -54.48 -18.70
N SER A 481 9.66 -55.38 -19.50
CA SER A 481 9.40 -55.13 -20.91
C SER A 481 7.94 -54.77 -21.14
N TYR A 482 7.71 -53.75 -21.96
CA TYR A 482 6.37 -53.29 -22.33
C TYR A 482 5.81 -54.27 -23.35
N ASP A 483 4.90 -55.15 -22.93
CA ASP A 483 4.24 -56.03 -23.88
C ASP A 483 3.32 -55.22 -24.79
N PHE A 484 3.57 -55.28 -26.09
CA PHE A 484 2.81 -54.52 -27.07
C PHE A 484 2.14 -55.49 -28.03
N THR A 485 0.96 -55.97 -27.65
CA THR A 485 0.23 -56.94 -28.45
C THR A 485 -0.70 -56.22 -29.42
N ASP A 486 -0.96 -56.86 -30.57
CA ASP A 486 -1.83 -56.24 -31.58
C ASP A 486 -3.22 -56.00 -31.04
N THR A 487 -3.79 -56.98 -30.33
CA THR A 487 -5.13 -56.86 -29.74
C THR A 487 -4.99 -56.56 -28.25
N VAL A 488 -4.72 -55.29 -27.94
CA VAL A 488 -4.57 -54.86 -26.55
C VAL A 488 -5.41 -53.61 -26.35
N GLY A 489 -5.84 -53.39 -25.11
CA GLY A 489 -6.69 -52.26 -24.81
C GLY A 489 -5.98 -50.94 -24.94
N VAL A 490 -6.74 -49.90 -25.27
CA VAL A 490 -6.18 -48.56 -25.38
C VAL A 490 -5.68 -48.12 -24.02
N GLY A 491 -4.56 -47.40 -24.02
CA GLY A 491 -3.83 -47.12 -22.82
C GLY A 491 -2.68 -48.07 -22.56
N TYR A 492 -2.69 -49.22 -23.24
CA TYR A 492 -1.57 -50.15 -23.23
C TYR A 492 -0.89 -50.21 -24.61
N GLN A 493 -1.01 -49.13 -25.37
CA GLN A 493 -0.47 -49.00 -26.71
C GLN A 493 0.70 -48.02 -26.73
N PRO A 494 1.65 -48.19 -27.64
CA PRO A 494 2.84 -47.34 -27.64
C PRO A 494 2.54 -45.92 -28.08
N TYR A 495 3.27 -44.98 -27.48
CA TYR A 495 3.26 -43.58 -27.85
C TYR A 495 4.68 -43.07 -27.96
N ARG A 496 4.90 -42.15 -28.90
CA ARG A 496 6.18 -41.48 -29.07
C ARG A 496 6.08 -40.08 -28.47
N VAL A 497 7.07 -39.72 -27.66
CA VAL A 497 7.11 -38.46 -26.95
C VAL A 497 8.38 -37.73 -27.32
N VAL A 498 8.24 -36.46 -27.71
CA VAL A 498 9.35 -35.57 -28.03
C VAL A 498 9.24 -34.34 -27.16
N VAL A 499 10.35 -33.99 -26.50
CA VAL A 499 10.42 -32.84 -25.62
C VAL A 499 11.40 -31.84 -26.22
N LEU A 500 10.92 -30.62 -26.43
CA LEU A 500 11.74 -29.52 -26.92
C LEU A 500 12.05 -28.58 -25.78
N SER A 501 13.35 -28.37 -25.52
CA SER A 501 13.83 -27.50 -24.47
C SER A 501 14.45 -26.26 -25.11
N PHE A 502 13.92 -25.09 -24.75
CA PHE A 502 14.37 -23.81 -25.28
C PHE A 502 15.25 -23.09 -24.27
N GLU A 503 16.05 -22.15 -24.77
CA GLU A 503 16.86 -21.32 -23.90
C GLU A 503 17.11 -20.00 -24.62
N LEU A 504 16.59 -18.91 -24.04
CA LEU A 504 16.65 -17.57 -24.62
C LEU A 504 17.58 -16.71 -23.76
N LEU A 505 18.72 -16.30 -24.33
CA LEU A 505 19.70 -15.50 -23.60
C LEU A 505 20.29 -14.45 -24.54
N ASN A 506 21.13 -13.59 -23.98
CA ASN A 506 21.84 -12.56 -24.74
C ASN A 506 23.00 -13.21 -25.48
N ALA A 507 22.68 -13.84 -26.60
CA ALA A 507 23.63 -14.60 -27.39
C ALA A 507 23.11 -14.68 -28.81
N PRO A 508 23.98 -14.95 -29.78
CA PRO A 508 23.50 -15.09 -31.17
C PRO A 508 22.44 -16.19 -31.28
N ALA A 509 21.41 -15.91 -32.06
CA ALA A 509 20.37 -16.90 -32.28
C ALA A 509 20.84 -17.92 -33.32
N THR A 510 20.19 -19.08 -33.30
CA THR A 510 20.53 -20.15 -34.23
C THR A 510 19.33 -20.84 -34.88
N VAL A 511 18.12 -20.72 -34.33
CA VAL A 511 17.00 -21.54 -34.76
C VAL A 511 15.79 -20.67 -35.13
N CYS A 512 16.05 -19.49 -35.67
CA CYS A 512 15.02 -18.50 -35.97
C CYS A 512 13.87 -19.01 -36.84
N GLY A 513 12.76 -18.27 -36.84
CA GLY A 513 11.59 -18.62 -37.60
C GLY A 513 11.43 -17.78 -38.87
N PRO A 514 10.29 -17.93 -39.55
CA PRO A 514 10.12 -17.28 -40.86
C PRO A 514 9.59 -15.86 -40.77
N LYS A 515 10.40 -14.89 -41.20
CA LYS A 515 9.97 -13.50 -41.34
C LYS A 515 10.67 -12.92 -42.57
N GLN A 516 10.34 -11.67 -42.88
CA GLN A 516 10.95 -10.97 -44.01
C GLN A 516 11.44 -9.61 -43.57
N SER A 517 12.56 -9.19 -44.16
CA SER A 517 13.18 -7.93 -43.81
C SER A 517 12.43 -6.76 -44.44
N THR A 518 12.68 -5.56 -43.92
CA THR A 518 11.98 -4.38 -44.38
C THR A 518 12.89 -3.15 -44.53
N GLU A 519 14.19 -3.27 -44.27
CA GLU A 519 15.15 -2.17 -44.36
C GLU A 519 14.89 -1.10 -43.31
N LEU A 520 15.92 -0.32 -42.98
CA LEU A 520 15.89 0.61 -41.86
C LEU A 520 15.25 1.93 -42.27
N VAL A 521 14.50 2.51 -41.32
CA VAL A 521 13.85 3.80 -41.49
C VAL A 521 14.24 4.63 -40.27
N LYS A 522 15.22 5.52 -40.43
CA LYS A 522 15.74 6.29 -39.33
C LYS A 522 14.99 7.61 -39.17
N ASN A 523 15.14 8.21 -38.00
CA ASN A 523 14.62 9.54 -37.67
C ASN A 523 13.12 9.64 -37.98
N LYS A 524 12.38 8.61 -37.57
CA LYS A 524 10.92 8.56 -37.67
C LYS A 524 10.39 7.58 -36.65
N CYS A 525 9.53 8.05 -35.75
CA CYS A 525 8.83 7.18 -34.80
C CYS A 525 8.22 5.99 -35.54
N VAL A 526 8.66 4.78 -35.19
CA VAL A 526 8.43 3.60 -36.02
C VAL A 526 8.12 2.43 -35.09
N ASN A 527 7.86 1.27 -35.70
CA ASN A 527 7.70 0.00 -35.00
C ASN A 527 8.86 -0.90 -35.40
N PHE A 528 9.65 -1.34 -34.43
CA PHE A 528 10.79 -2.19 -34.72
C PHE A 528 10.64 -3.56 -34.08
N ASN A 529 11.04 -4.58 -34.82
CA ASN A 529 10.90 -5.99 -34.46
C ASN A 529 12.20 -6.74 -34.73
N PHE A 530 13.31 -6.24 -34.20
CA PHE A 530 14.58 -6.96 -34.29
C PHE A 530 14.45 -8.31 -33.61
N ASN A 531 15.48 -9.14 -33.71
CA ASN A 531 15.37 -10.55 -33.35
C ASN A 531 14.80 -10.73 -31.95
N GLY A 532 13.58 -11.25 -31.87
CA GLY A 532 12.89 -11.41 -30.60
C GLY A 532 12.35 -10.12 -30.02
N LEU A 533 13.21 -9.14 -29.81
CA LEU A 533 12.81 -7.90 -29.15
C LEU A 533 11.80 -7.12 -29.98
N THR A 534 10.88 -6.46 -29.28
CA THR A 534 9.86 -5.63 -29.91
C THR A 534 9.76 -4.31 -29.15
N GLY A 535 9.22 -3.31 -29.81
CA GLY A 535 9.02 -2.01 -29.17
C GLY A 535 8.80 -0.92 -30.19
N THR A 536 8.85 0.31 -29.71
CA THR A 536 8.72 1.50 -30.54
C THR A 536 9.79 2.51 -30.17
N GLY A 537 10.22 3.28 -31.15
CA GLY A 537 11.18 4.34 -30.88
C GLY A 537 11.84 4.83 -32.15
N VAL A 538 12.71 5.83 -31.95
CA VAL A 538 13.49 6.43 -33.03
C VAL A 538 14.87 5.78 -33.04
N LEU A 539 15.32 5.36 -34.22
CA LEU A 539 16.59 4.68 -34.41
C LEU A 539 17.60 5.65 -35.02
N THR A 540 18.81 5.65 -34.48
CA THR A 540 19.84 6.60 -34.90
C THR A 540 21.19 5.89 -34.90
N GLU A 541 22.12 6.38 -35.73
CA GLU A 541 23.49 5.89 -35.69
C GLU A 541 24.11 6.14 -34.32
N SER A 542 24.90 5.18 -33.86
CA SER A 542 25.56 5.25 -32.56
C SER A 542 26.96 4.70 -32.68
N THR A 543 27.80 5.01 -31.67
CA THR A 543 29.21 4.69 -31.70
C THR A 543 29.66 3.96 -30.45
N LYS A 544 28.76 3.22 -29.80
CA LYS A 544 29.12 2.49 -28.59
C LYS A 544 29.87 1.21 -28.95
N ARG A 545 30.27 0.47 -27.93
CA ARG A 545 31.03 -0.77 -28.11
C ARG A 545 30.32 -1.92 -27.43
N PHE A 546 30.31 -3.08 -28.11
CA PHE A 546 29.74 -4.30 -27.58
C PHE A 546 30.84 -5.35 -27.41
N GLN A 547 30.69 -6.19 -26.40
CA GLN A 547 31.70 -7.19 -26.06
C GLN A 547 31.58 -8.34 -27.04
N SER A 548 32.07 -8.11 -28.26
CA SER A 548 32.02 -9.10 -29.34
C SER A 548 30.62 -9.64 -29.52
N PHE A 549 30.42 -10.92 -29.22
CA PHE A 549 29.10 -11.52 -29.33
C PHE A 549 28.20 -10.97 -28.22
N GLN A 550 27.23 -10.14 -28.63
CA GLN A 550 26.32 -9.45 -27.73
C GLN A 550 25.19 -8.87 -28.58
N GLN A 551 23.96 -8.98 -28.09
CA GLN A 551 22.80 -8.63 -28.90
C GLN A 551 22.23 -7.25 -28.59
N PHE A 552 22.17 -6.84 -27.32
CA PHE A 552 21.55 -5.57 -26.98
C PHE A 552 22.16 -5.03 -25.70
N GLY A 553 21.93 -3.75 -25.46
CA GLY A 553 22.41 -3.11 -24.25
C GLY A 553 21.30 -2.41 -23.50
N ARG A 554 21.35 -2.49 -22.18
CA ARG A 554 20.33 -1.90 -21.32
C ARG A 554 20.94 -0.93 -20.33
N ASP A 555 20.11 -0.36 -19.46
CA ASP A 555 20.58 0.58 -18.46
C ASP A 555 20.15 0.13 -17.06
N ILE A 556 20.32 1.01 -16.07
CA ILE A 556 19.98 0.65 -14.70
C ILE A 556 18.50 0.33 -14.56
N SER A 557 17.66 0.89 -15.43
CA SER A 557 16.22 0.67 -15.40
C SER A 557 15.74 -0.37 -16.40
N ASP A 558 16.68 -1.07 -17.05
CA ASP A 558 16.36 -2.10 -18.05
C ASP A 558 15.54 -1.52 -19.20
N PHE A 559 16.15 -0.56 -19.90
CA PHE A 559 15.57 0.07 -21.08
C PHE A 559 16.54 -0.14 -22.24
N THR A 560 16.10 -0.88 -23.26
CA THR A 560 16.97 -1.19 -24.38
C THR A 560 17.22 0.07 -25.21
N ASP A 561 18.50 0.34 -25.48
CA ASP A 561 18.87 1.53 -26.25
C ASP A 561 20.01 1.24 -27.22
N SER A 562 20.14 -0.01 -27.66
CA SER A 562 21.17 -0.38 -28.63
C SER A 562 20.84 -1.76 -29.17
N VAL A 563 20.98 -1.91 -30.50
CA VAL A 563 20.66 -3.16 -31.19
C VAL A 563 21.74 -3.46 -32.20
N ARG A 564 22.17 -4.72 -32.25
CA ARG A 564 23.23 -5.18 -33.15
C ARG A 564 22.77 -5.31 -34.61
N ASP A 565 21.45 -5.27 -34.88
CA ASP A 565 20.80 -5.25 -36.19
C ASP A 565 21.54 -6.08 -37.25
N PRO A 566 21.44 -7.41 -37.18
CA PRO A 566 22.26 -8.27 -38.04
C PRO A 566 22.08 -7.97 -39.51
N LYS A 567 22.99 -8.55 -40.30
CA LYS A 567 23.25 -8.34 -41.72
C LYS A 567 24.02 -7.06 -41.97
N THR A 568 24.23 -6.21 -40.96
CA THR A 568 25.14 -5.07 -41.08
C THR A 568 26.05 -5.00 -39.85
N LEU A 569 25.55 -5.51 -38.72
CA LEU A 569 26.29 -5.59 -37.46
C LEU A 569 26.74 -4.22 -36.97
N GLU A 570 26.01 -3.17 -37.31
CA GLU A 570 26.38 -1.81 -36.93
C GLU A 570 25.44 -1.34 -35.83
N ILE A 571 26.01 -0.93 -34.70
CA ILE A 571 25.23 -0.67 -33.50
C ILE A 571 24.45 0.63 -33.68
N LEU A 572 23.15 0.59 -33.38
CA LEU A 572 22.27 1.74 -33.44
C LEU A 572 21.91 2.20 -32.03
N ASP A 573 21.03 3.20 -31.96
CA ASP A 573 20.59 3.77 -30.70
C ASP A 573 19.09 3.99 -30.77
N ILE A 574 18.41 3.68 -29.67
CA ILE A 574 16.96 3.76 -29.57
C ILE A 574 16.60 4.90 -28.63
N SER A 575 15.65 5.73 -29.06
CA SER A 575 15.14 6.80 -28.21
C SER A 575 13.63 6.74 -28.17
N PRO A 576 13.01 7.20 -27.08
CA PRO A 576 11.54 7.19 -27.02
C PRO A 576 10.94 8.08 -28.10
N CYS A 577 9.72 7.69 -28.51
CA CYS A 577 9.04 8.42 -29.59
C CYS A 577 8.81 9.87 -29.23
N SER A 578 8.60 10.17 -27.95
CA SER A 578 8.55 11.53 -27.44
C SER A 578 9.04 11.54 -26.00
N TYR A 579 9.85 12.54 -25.66
CA TYR A 579 10.34 12.66 -24.29
C TYR A 579 10.59 14.13 -24.00
N GLY A 580 10.68 14.45 -22.71
CA GLY A 580 10.88 15.83 -22.29
C GLY A 580 9.70 16.39 -21.53
N GLY A 581 9.01 17.35 -22.14
CA GLY A 581 7.85 17.94 -21.52
C GLY A 581 7.22 19.05 -22.33
N VAL A 582 5.89 19.02 -22.45
CA VAL A 582 5.13 20.01 -23.20
C VAL A 582 4.04 20.56 -22.28
N SER A 583 3.85 21.87 -22.29
CA SER A 583 2.81 22.50 -21.48
C SER A 583 2.00 23.46 -22.34
N VAL A 584 0.74 23.66 -21.94
CA VAL A 584 -0.22 24.47 -22.67
C VAL A 584 -0.68 25.61 -21.78
N ILE A 585 -0.60 26.83 -22.29
CA ILE A 585 -1.04 28.04 -21.59
C ILE A 585 -2.32 28.54 -22.26
N THR A 586 -3.37 28.69 -21.46
CA THR A 586 -4.67 29.12 -21.96
C THR A 586 -5.25 30.19 -21.06
N PRO A 587 -6.04 31.11 -21.62
CA PRO A 587 -6.71 32.14 -20.81
C PRO A 587 -8.12 31.80 -20.37
N GLY A 588 -8.60 30.59 -20.61
CA GLY A 588 -9.96 30.21 -20.26
C GLY A 588 -10.77 29.95 -21.52
N THR A 589 -11.60 28.90 -21.47
CA THR A 589 -12.38 28.53 -22.65
C THR A 589 -13.47 29.55 -22.94
N ASN A 590 -14.11 30.09 -21.91
CA ASN A 590 -15.16 31.08 -22.11
C ASN A 590 -14.62 32.43 -22.55
N ALA A 591 -13.32 32.66 -22.45
CA ALA A 591 -12.73 33.93 -22.84
C ALA A 591 -12.22 33.92 -24.28
N SER A 592 -11.47 32.88 -24.65
CA SER A 592 -10.91 32.77 -25.99
C SER A 592 -10.60 31.31 -26.26
N ASN A 593 -10.06 31.04 -27.45
CA ASN A 593 -9.66 29.69 -27.83
C ASN A 593 -8.22 29.61 -28.32
N VAL A 594 -7.44 30.67 -28.17
CA VAL A 594 -6.05 30.70 -28.61
C VAL A 594 -5.16 30.27 -27.44
N VAL A 595 -4.24 29.33 -27.71
CA VAL A 595 -3.38 28.78 -26.68
C VAL A 595 -1.93 28.92 -27.12
N ALA A 596 -1.03 28.88 -26.13
CA ALA A 596 0.40 28.89 -26.37
C ALA A 596 1.02 27.59 -25.89
N VAL A 597 2.10 27.16 -26.53
CA VAL A 597 2.73 25.88 -26.24
C VAL A 597 4.17 26.12 -25.82
N LEU A 598 4.54 25.56 -24.67
CA LEU A 598 5.90 25.68 -24.13
C LEU A 598 6.57 24.31 -24.16
N TYR A 599 7.72 24.24 -24.82
CA TYR A 599 8.57 23.07 -24.81
C TYR A 599 9.72 23.31 -23.83
N GLN A 600 9.81 22.47 -22.81
CA GLN A 600 10.80 22.66 -21.76
C GLN A 600 12.09 21.92 -22.09
N ASP A 601 13.22 22.56 -21.78
CA ASP A 601 14.55 21.99 -22.00
C ASP A 601 14.77 21.67 -23.47
N VAL A 602 14.25 22.51 -24.37
CA VAL A 602 14.45 22.36 -25.80
C VAL A 602 14.78 23.73 -26.39
N ASN A 603 15.87 23.81 -27.16
CA ASN A 603 16.29 25.11 -27.77
C ASN A 603 15.69 25.22 -29.16
N CYS A 604 15.26 26.42 -29.50
CA CYS A 604 14.41 26.68 -30.65
C CYS A 604 15.20 26.52 -31.96
N THR A 605 15.87 25.38 -32.11
CA THR A 605 16.61 25.09 -33.33
C THR A 605 16.28 23.68 -33.83
N ASP A 606 16.03 22.76 -32.91
CA ASP A 606 15.71 21.38 -33.24
C ASP A 606 14.28 21.01 -32.87
N VAL A 607 13.39 22.00 -32.77
CA VAL A 607 11.98 21.69 -32.53
C VAL A 607 11.39 20.82 -33.62
N PRO A 608 11.64 21.05 -34.91
CA PRO A 608 11.17 20.08 -35.92
C PRO A 608 11.76 18.69 -35.74
N THR A 609 12.91 18.56 -35.08
CA THR A 609 13.44 17.26 -34.75
C THR A 609 12.85 16.70 -33.47
N MET A 610 12.64 17.56 -32.46
CA MET A 610 12.01 17.10 -31.22
C MET A 610 10.53 16.77 -31.45
N LEU A 611 9.81 17.68 -32.10
CA LEU A 611 8.42 17.45 -32.48
C LEU A 611 8.38 17.06 -33.94
N HIS A 612 7.91 15.85 -34.22
CA HIS A 612 7.91 15.34 -35.58
C HIS A 612 6.84 16.05 -36.40
N THR A 613 7.24 17.13 -37.08
CA THR A 613 6.28 17.90 -37.87
C THR A 613 5.76 17.08 -39.04
N GLU A 614 6.63 16.29 -39.67
CA GLU A 614 6.22 15.48 -40.82
C GLU A 614 5.25 14.37 -40.46
N GLN A 615 4.85 14.25 -39.18
CA GLN A 615 3.92 13.20 -38.77
C GLN A 615 2.75 13.73 -37.94
N VAL A 616 2.59 15.04 -37.83
CA VAL A 616 1.47 15.62 -37.11
C VAL A 616 0.50 16.21 -38.12
N ALA A 617 -0.71 16.53 -37.64
CA ALA A 617 -1.74 17.09 -38.51
C ALA A 617 -1.39 18.53 -38.90
N HIS A 618 -2.17 19.06 -39.84
CA HIS A 618 -1.92 20.42 -40.35
C HIS A 618 -2.14 21.48 -39.28
N ASP A 619 -2.97 21.22 -38.28
CA ASP A 619 -3.27 22.20 -37.25
C ASP A 619 -2.11 22.36 -36.27
N TRP A 620 -1.19 21.40 -36.23
CA TRP A 620 0.01 21.51 -35.40
C TRP A 620 1.20 22.12 -36.13
N ARG A 621 1.18 22.16 -37.47
CA ARG A 621 2.30 22.73 -38.19
C ARG A 621 2.31 24.26 -38.16
N VAL A 622 1.21 24.90 -37.75
CA VAL A 622 1.26 26.33 -37.49
C VAL A 622 2.17 26.62 -36.31
N TYR A 623 2.36 25.64 -35.43
CA TYR A 623 3.38 25.67 -34.40
C TYR A 623 4.63 25.01 -34.97
N ALA A 624 5.56 24.62 -34.08
CA ALA A 624 6.76 23.90 -34.47
C ALA A 624 7.58 24.65 -35.51
N VAL A 625 7.83 24.03 -36.66
CA VAL A 625 8.76 24.58 -37.63
C VAL A 625 8.08 25.62 -38.52
N ASN A 626 8.08 26.86 -38.04
CA ASN A 626 7.68 28.07 -38.75
C ASN A 626 7.87 29.23 -37.78
N THR A 627 7.93 30.44 -38.32
CA THR A 627 8.12 31.62 -37.46
C THR A 627 7.37 32.79 -38.11
N ASP A 628 6.13 32.99 -37.69
CA ASP A 628 5.39 34.23 -37.96
C ASP A 628 5.50 35.18 -36.77
N GLY A 629 6.73 35.42 -36.33
CA GLY A 629 6.94 36.24 -35.14
C GLY A 629 6.38 35.64 -33.87
N ASN A 630 6.45 34.32 -33.74
CA ASN A 630 5.90 33.62 -32.58
C ASN A 630 6.93 32.81 -31.80
N MET A 631 7.96 32.29 -32.46
CA MET A 631 9.01 31.56 -31.76
C MET A 631 9.71 32.48 -30.78
N PHE A 632 9.93 31.99 -29.56
CA PHE A 632 10.66 32.77 -28.58
C PHE A 632 11.45 31.83 -27.67
N GLN A 633 12.62 32.26 -27.24
CA GLN A 633 13.52 31.44 -26.44
C GLN A 633 13.67 32.04 -25.05
N THR A 634 13.19 31.33 -24.03
CA THR A 634 13.36 31.69 -22.64
C THR A 634 14.32 30.72 -21.97
N GLN A 635 14.62 30.98 -20.70
CA GLN A 635 15.46 30.06 -19.95
C GLN A 635 14.70 28.79 -19.60
N ALA A 636 13.39 28.88 -19.39
CA ALA A 636 12.59 27.68 -19.13
C ALA A 636 12.49 26.81 -20.38
N GLY A 637 12.37 27.43 -21.55
CA GLY A 637 12.31 26.67 -22.79
C GLY A 637 11.85 27.54 -23.93
N CYS A 638 11.32 26.88 -24.97
CA CYS A 638 10.85 27.54 -26.18
C CYS A 638 9.35 27.76 -26.11
N LEU A 639 8.92 28.99 -26.35
CA LEU A 639 7.52 29.37 -26.33
C LEU A 639 7.06 29.64 -27.74
N VAL A 640 5.94 29.01 -28.13
CA VAL A 640 5.39 29.13 -29.47
C VAL A 640 3.93 29.56 -29.34
N GLY A 641 3.57 30.63 -30.05
CA GLY A 641 2.23 31.15 -30.03
C GLY A 641 2.02 32.46 -29.29
N ALA A 642 3.09 33.12 -28.86
CA ALA A 642 2.97 34.38 -28.15
C ALA A 642 4.06 35.33 -28.61
N THR A 643 3.81 36.63 -28.44
CA THR A 643 4.74 37.68 -28.83
C THR A 643 5.28 38.40 -27.61
N TYR A 644 6.57 38.73 -27.68
CA TYR A 644 7.28 39.30 -26.54
C TYR A 644 6.88 40.75 -26.30
N GLU A 645 7.00 41.17 -25.04
CA GLU A 645 6.72 42.54 -24.64
C GLU A 645 7.88 43.04 -23.77
N ASN A 646 8.13 44.35 -23.84
CA ASN A 646 9.24 44.96 -23.12
C ASN A 646 8.83 45.51 -21.76
N THR A 647 7.64 46.08 -21.64
CA THR A 647 7.18 46.60 -20.37
C THR A 647 6.95 45.47 -19.37
N SER A 648 7.19 45.76 -18.10
CA SER A 648 7.07 44.78 -17.03
C SER A 648 5.78 45.00 -16.25
N TYR A 649 5.18 43.89 -15.83
CA TYR A 649 3.96 43.90 -15.03
C TYR A 649 4.10 42.85 -13.94
N GLU A 650 3.00 42.62 -13.20
CA GLU A 650 2.96 41.52 -12.26
C GLU A 650 2.68 40.22 -13.00
N CYS A 651 2.63 39.12 -12.27
CA CYS A 651 2.53 37.79 -12.86
C CYS A 651 1.10 37.29 -12.79
N ASP A 652 0.56 36.90 -13.95
CA ASP A 652 -0.77 36.31 -14.05
C ASP A 652 -0.70 34.78 -14.18
N ILE A 653 0.00 34.30 -15.20
CA ILE A 653 0.21 32.88 -15.43
C ILE A 653 1.71 32.62 -15.43
N PRO A 654 2.26 32.06 -14.36
CA PRO A 654 3.72 31.89 -14.27
C PRO A 654 4.23 30.85 -15.26
N ILE A 655 5.11 31.27 -16.14
CA ILE A 655 5.78 30.34 -17.06
C ILE A 655 7.05 29.78 -16.44
N GLY A 656 7.91 30.64 -15.94
CA GLY A 656 9.11 30.20 -15.25
C GLY A 656 10.33 31.02 -15.60
N ALA A 657 11.36 30.91 -14.75
CA ALA A 657 12.63 31.62 -14.93
C ALA A 657 12.41 33.13 -15.04
N GLY A 658 11.46 33.64 -14.27
CA GLY A 658 11.14 35.05 -14.32
C GLY A 658 10.28 35.48 -15.49
N VAL A 659 9.68 34.55 -16.22
CA VAL A 659 8.85 34.85 -17.38
C VAL A 659 7.41 34.51 -17.04
N CYS A 660 6.51 35.47 -17.28
CA CYS A 660 5.08 35.33 -17.05
C CYS A 660 4.32 35.63 -18.34
N ALA A 661 3.04 35.28 -18.36
CA ALA A 661 2.21 35.48 -19.54
C ALA A 661 0.83 35.97 -19.13
N LYS A 662 0.16 36.68 -20.05
CA LYS A 662 -1.18 37.20 -19.82
C LYS A 662 -1.89 37.29 -21.16
N PHE A 663 -3.17 37.67 -21.10
CA PHE A 663 -4.04 37.72 -22.27
C PHE A 663 -4.42 39.17 -22.53
N GLY A 664 -4.16 39.64 -23.75
CA GLY A 664 -4.49 41.01 -24.06
C GLY A 664 -4.40 41.27 -25.55
N SER A 665 -4.80 42.47 -25.93
CA SER A 665 -4.78 42.87 -27.33
C SER A 665 -3.50 43.64 -27.64
N THR A 666 -3.35 44.06 -28.88
CA THR A 666 -2.16 44.74 -29.34
C THR A 666 -2.57 45.89 -30.26
N LYS A 667 -1.58 46.47 -30.95
CA LYS A 667 -1.85 47.63 -31.79
C LYS A 667 -2.72 47.28 -32.99
N THR A 668 -2.79 46.02 -33.38
CA THR A 668 -3.60 45.57 -34.51
C THR A 668 -5.03 45.23 -34.13
N ARG A 669 -5.41 45.43 -32.86
CA ARG A 669 -6.78 45.19 -32.39
C ARG A 669 -7.18 43.73 -32.54
N GLN A 670 -6.31 42.84 -32.06
CA GLN A 670 -6.62 41.42 -32.02
C GLN A 670 -6.20 40.84 -30.68
N GLN A 671 -7.02 39.94 -30.15
CA GLN A 671 -6.70 39.27 -28.90
C GLN A 671 -5.53 38.31 -29.10
N SER A 672 -4.64 38.24 -28.11
CA SER A 672 -3.44 37.43 -28.22
C SER A 672 -2.85 37.20 -26.84
N ILE A 673 -1.79 36.40 -26.81
CA ILE A 673 -1.06 36.07 -25.59
C ILE A 673 0.22 36.91 -25.56
N LEU A 674 0.46 37.59 -24.45
CA LEU A 674 1.63 38.44 -24.28
C LEU A 674 2.49 37.87 -23.16
N ALA A 675 3.77 37.64 -23.47
CA ALA A 675 4.74 37.14 -22.51
C ALA A 675 5.72 38.26 -22.14
N TYR A 676 6.19 38.24 -20.90
CA TYR A 676 7.03 39.32 -20.40
C TYR A 676 7.85 38.80 -19.22
N THR A 677 8.72 39.68 -18.71
CA THR A 677 9.55 39.38 -17.55
C THR A 677 8.89 39.96 -16.31
N MET A 678 8.82 39.15 -15.26
CA MET A 678 8.14 39.55 -14.03
C MET A 678 8.83 40.75 -13.39
N SER A 679 8.04 41.63 -12.79
CA SER A 679 8.54 42.81 -12.11
C SER A 679 8.53 42.56 -10.60
N ILE A 680 9.69 42.75 -9.97
CA ILE A 680 9.80 42.56 -8.53
C ILE A 680 9.46 43.82 -7.75
N GLY A 681 9.19 44.94 -8.42
CA GLY A 681 8.77 46.14 -7.74
C GLY A 681 9.35 47.41 -8.31
N GLU A 682 9.01 48.55 -7.71
CA GLU A 682 9.49 49.85 -8.15
C GLU A 682 10.75 50.23 -7.41
N ASP A 683 11.55 51.10 -8.03
CA ASP A 683 12.82 51.54 -7.49
C ASP A 683 12.67 52.88 -6.78
N GLN A 684 13.31 53.01 -5.62
CA GLN A 684 13.25 54.20 -4.79
C GLN A 684 14.65 54.60 -4.32
N SER A 685 15.56 54.73 -5.28
CA SER A 685 16.97 54.99 -5.00
C SER A 685 17.15 56.17 -4.05
N VAL A 686 17.91 55.95 -2.98
CA VAL A 686 18.30 56.98 -2.04
C VAL A 686 19.73 56.69 -1.61
N ALA A 687 20.59 57.71 -1.64
CA ALA A 687 22.02 57.45 -1.49
C ALA A 687 22.45 57.32 -0.02
N TYR A 688 22.36 58.42 0.73
CA TYR A 688 22.84 58.46 2.11
C TYR A 688 22.60 59.86 2.66
N SER A 689 22.77 59.99 3.98
CA SER A 689 22.77 61.27 4.68
C SER A 689 23.30 61.08 6.09
N ASN A 690 24.20 61.95 6.52
CA ASN A 690 24.91 61.74 7.79
C ASN A 690 24.66 62.89 8.75
N ASN A 691 23.80 63.85 8.40
CA ASN A 691 23.41 64.91 9.30
C ASN A 691 21.95 65.32 9.07
N SER A 692 21.10 64.34 8.81
CA SER A 692 19.69 64.63 8.58
C SER A 692 18.85 63.48 9.13
N ILE A 693 17.72 63.84 9.72
CA ILE A 693 16.78 62.88 10.30
C ILE A 693 15.42 63.10 9.67
N ALA A 694 14.62 62.03 9.59
CA ALA A 694 13.26 62.11 9.08
C ALA A 694 12.29 61.70 10.17
N ILE A 695 11.31 62.56 10.44
CA ILE A 695 10.32 62.24 11.48
C ILE A 695 8.93 62.46 10.90
N PRO A 696 8.00 61.53 11.11
CA PRO A 696 6.63 61.71 10.60
C PRO A 696 5.89 62.77 11.41
N THR A 697 4.88 63.36 10.75
CA THR A 697 4.08 64.42 11.35
C THR A 697 2.65 64.01 11.65
N ASN A 698 2.03 63.17 10.81
CA ASN A 698 0.63 62.73 11.02
C ASN A 698 0.54 61.23 10.76
N PHE A 699 -0.51 60.59 11.22
CA PHE A 699 -0.61 59.14 11.20
C PHE A 699 -1.98 58.70 10.73
N SER A 700 -2.13 57.38 10.55
CA SER A 700 -3.39 56.78 10.17
C SER A 700 -3.63 55.53 11.01
N ILE A 701 -4.91 55.28 11.31
CA ILE A 701 -5.35 54.07 11.97
C ILE A 701 -5.90 53.13 10.91
N SER A 702 -5.27 51.97 10.75
CA SER A 702 -5.61 51.06 9.67
C SER A 702 -6.21 49.77 10.24
N VAL A 703 -7.11 49.16 9.48
CA VAL A 703 -7.68 47.87 9.84
C VAL A 703 -7.42 46.90 8.70
N THR A 704 -6.87 45.74 9.04
CA THR A 704 -6.55 44.69 8.09
C THR A 704 -7.25 43.39 8.50
N THR A 705 -7.32 42.46 7.55
CA THR A 705 -8.06 41.22 7.73
C THR A 705 -7.13 40.02 7.54
N GLU A 706 -7.27 39.03 8.42
CA GLU A 706 -6.50 37.79 8.35
C GLU A 706 -7.45 36.61 8.50
N VAL A 707 -7.17 35.52 7.78
CA VAL A 707 -8.05 34.37 7.73
C VAL A 707 -7.27 33.12 8.10
N LEU A 708 -7.83 32.28 9.00
CA LEU A 708 -7.15 31.08 9.44
C LEU A 708 -8.09 29.88 9.59
N PRO A 709 -7.82 28.77 8.91
CA PRO A 709 -8.61 27.56 9.15
C PRO A 709 -8.35 26.98 10.53
N VAL A 710 -9.36 26.29 11.07
CA VAL A 710 -9.33 25.75 12.42
C VAL A 710 -9.60 24.26 12.46
N SER A 711 -10.61 23.79 11.72
CA SER A 711 -11.01 22.38 11.80
C SER A 711 -11.54 21.92 10.45
N MET A 712 -11.63 20.60 10.30
CA MET A 712 -12.14 19.97 9.09
C MET A 712 -13.46 19.26 9.38
N THR A 713 -13.96 18.55 8.36
CA THR A 713 -15.18 17.78 8.45
C THR A 713 -14.88 16.40 9.03
N LYS A 714 -15.78 15.93 9.91
CA LYS A 714 -15.59 14.65 10.58
C LYS A 714 -16.27 13.54 9.79
N THR A 715 -15.50 12.53 9.40
CA THR A 715 -15.97 11.47 8.52
C THR A 715 -15.80 10.11 9.19
N SER A 716 -16.78 9.23 8.98
CA SER A 716 -16.74 7.86 9.46
C SER A 716 -17.05 6.92 8.31
N VAL A 717 -16.43 5.74 8.34
CA VAL A 717 -16.55 4.75 7.28
C VAL A 717 -16.88 3.40 7.90
N ASP A 718 -17.90 2.74 7.37
CA ASP A 718 -18.22 1.37 7.74
C ASP A 718 -17.46 0.45 6.78
N CYS A 719 -16.44 -0.22 7.29
CA CYS A 719 -15.53 -0.98 6.44
C CYS A 719 -16.25 -2.08 5.68
N ASN A 720 -17.07 -2.87 6.39
CA ASN A 720 -17.77 -3.99 5.76
C ASN A 720 -18.73 -3.51 4.70
N MET A 721 -19.51 -2.48 4.99
CA MET A 721 -20.55 -2.03 4.08
C MET A 721 -19.97 -1.31 2.87
N TYR A 722 -18.75 -0.77 2.98
CA TYR A 722 -18.09 -0.20 1.82
C TYR A 722 -17.43 -1.26 0.96
N ILE A 723 -16.65 -2.16 1.57
CA ILE A 723 -15.92 -3.14 0.79
C ILE A 723 -16.86 -4.15 0.14
N CYS A 724 -17.84 -4.64 0.89
CA CYS A 724 -18.66 -5.76 0.46
C CYS A 724 -20.12 -5.40 0.21
N GLY A 725 -20.75 -4.68 1.11
CA GLY A 725 -22.15 -4.31 0.93
C GLY A 725 -23.07 -5.30 1.62
N ASP A 726 -23.88 -6.01 0.81
CA ASP A 726 -24.85 -6.96 1.33
C ASP A 726 -24.43 -8.41 1.12
N SER A 727 -23.26 -8.66 0.55
CA SER A 727 -22.81 -10.02 0.29
C SER A 727 -22.20 -10.62 1.55
N THR A 728 -22.80 -11.70 2.05
CA THR A 728 -22.28 -12.37 3.23
C THR A 728 -20.98 -13.11 2.92
N GLU A 729 -20.87 -13.67 1.71
CA GLU A 729 -19.62 -14.35 1.33
C GLU A 729 -18.45 -13.39 1.35
N CYS A 730 -18.65 -12.17 0.87
CA CYS A 730 -17.59 -11.18 0.90
C CYS A 730 -17.21 -10.83 2.34
N SER A 731 -18.20 -10.78 3.24
CA SER A 731 -17.90 -10.51 4.65
C SER A 731 -17.06 -11.62 5.25
N ASN A 732 -17.41 -12.87 4.96
CA ASN A 732 -16.62 -14.00 5.45
C ASN A 732 -15.20 -13.95 4.90
N LEU A 733 -15.05 -13.57 3.64
CA LEU A 733 -13.71 -13.44 3.07
C LEU A 733 -12.93 -12.30 3.73
N LEU A 734 -13.59 -11.17 3.99
CA LEU A 734 -12.92 -10.03 4.60
C LEU A 734 -12.52 -10.33 6.03
N LEU A 735 -13.23 -11.23 6.70
CA LEU A 735 -12.87 -11.62 8.06
C LEU A 735 -11.45 -12.18 8.15
N GLN A 736 -10.91 -12.74 7.06
CA GLN A 736 -9.59 -13.32 7.04
C GLN A 736 -8.49 -12.31 6.70
N TYR A 737 -8.75 -11.01 6.88
CA TYR A 737 -7.78 -9.98 6.60
C TYR A 737 -7.31 -9.25 7.85
N GLY A 738 -7.56 -9.80 9.02
CA GLY A 738 -7.01 -9.24 10.25
C GLY A 738 -7.78 -8.08 10.83
N SER A 739 -7.06 -7.06 11.28
CA SER A 739 -7.65 -5.90 11.95
C SER A 739 -7.36 -4.62 11.18
N PHE A 740 -7.48 -4.66 9.85
CA PHE A 740 -7.30 -3.46 9.05
C PHE A 740 -8.43 -2.46 9.32
N CYS A 741 -9.68 -2.94 9.33
CA CYS A 741 -10.82 -2.06 9.49
C CYS A 741 -10.83 -1.39 10.86
N THR A 742 -10.44 -2.14 11.90
CA THR A 742 -10.37 -1.56 13.23
C THR A 742 -9.33 -0.43 13.28
N GLN A 743 -8.18 -0.64 12.63
CA GLN A 743 -7.16 0.40 12.60
C GLN A 743 -7.64 1.64 11.87
N LEU A 744 -8.30 1.46 10.73
CA LEU A 744 -8.82 2.61 9.99
C LEU A 744 -9.86 3.37 10.80
N ASN A 745 -10.76 2.64 11.45
CA ASN A 745 -11.79 3.29 12.28
C ASN A 745 -11.16 4.03 13.44
N ARG A 746 -10.13 3.45 14.08
CA ARG A 746 -9.47 4.13 15.18
C ARG A 746 -8.80 5.42 14.71
N ALA A 747 -8.15 5.38 13.54
CA ALA A 747 -7.52 6.58 13.00
C ALA A 747 -8.56 7.68 12.75
N LEU A 748 -9.67 7.31 12.12
CA LEU A 748 -10.70 8.31 11.84
C LEU A 748 -11.31 8.86 13.12
N SER A 749 -11.51 8.02 14.14
CA SER A 749 -12.05 8.49 15.41
C SER A 749 -11.07 9.45 16.09
N GLY A 750 -9.77 9.15 16.01
CA GLY A 750 -8.79 10.07 16.56
C GLY A 750 -8.83 11.43 15.90
N ILE A 751 -8.94 11.44 14.57
CA ILE A 751 -9.07 12.73 13.85
C ILE A 751 -10.33 13.46 14.30
N ALA A 752 -11.44 12.73 14.45
CA ALA A 752 -12.70 13.35 14.82
C ALA A 752 -12.62 14.00 16.19
N VAL A 753 -12.00 13.33 17.16
CA VAL A 753 -11.85 13.92 18.49
C VAL A 753 -10.88 15.10 18.45
N GLU A 754 -9.83 14.99 17.63
CA GLU A 754 -8.86 16.07 17.53
C GLU A 754 -9.49 17.35 16.99
N GLN A 755 -10.47 17.22 16.10
CA GLN A 755 -11.12 18.42 15.55
C GLN A 755 -11.82 19.22 16.65
N ASP A 756 -12.56 18.53 17.52
CA ASP A 756 -13.21 19.19 18.64
C ASP A 756 -12.17 19.77 19.60
N ARG A 757 -11.05 19.07 19.77
CA ARG A 757 -9.96 19.63 20.56
C ARG A 757 -9.46 20.95 19.98
N ASN A 758 -9.29 21.01 18.67
CA ASN A 758 -8.86 22.25 18.02
C ASN A 758 -9.84 23.38 18.27
N THR A 759 -11.14 23.10 18.07
CA THR A 759 -12.14 24.16 18.22
C THR A 759 -12.17 24.67 19.66
N ARG A 760 -12.15 23.76 20.64
CA ARG A 760 -12.20 24.18 22.03
C ARG A 760 -10.94 24.94 22.42
N ASP A 761 -9.77 24.54 21.91
CA ASP A 761 -8.54 25.24 22.23
C ASP A 761 -8.54 26.65 21.66
N VAL A 762 -9.01 26.81 20.42
CA VAL A 762 -8.98 28.13 19.80
C VAL A 762 -10.00 29.06 20.45
N PHE A 763 -11.23 28.58 20.67
CA PHE A 763 -12.32 29.50 20.94
C PHE A 763 -12.67 29.68 22.41
N ALA A 764 -12.40 28.71 23.26
CA ALA A 764 -12.86 28.76 24.65
C ALA A 764 -11.75 29.25 25.58
N GLN A 765 -11.30 30.49 25.35
CA GLN A 765 -10.20 31.05 26.12
C GLN A 765 -10.63 31.57 27.48
N THR A 766 -11.93 31.77 27.71
CA THR A 766 -12.43 32.34 28.95
C THR A 766 -13.31 31.34 29.68
N LYS A 767 -13.37 31.48 31.00
CA LYS A 767 -14.21 30.63 31.82
C LYS A 767 -15.61 31.20 32.02
N THR A 768 -15.75 32.52 32.01
CA THR A 768 -17.02 33.18 32.22
C THR A 768 -17.44 33.90 30.94
N ILE A 769 -18.75 33.97 30.73
CA ILE A 769 -19.34 34.55 29.52
C ILE A 769 -20.06 35.83 29.90
N TYR A 770 -19.64 36.94 29.30
CA TYR A 770 -20.24 38.23 29.57
C TYR A 770 -21.36 38.52 28.58
N LYS A 771 -22.37 39.23 29.06
CA LYS A 771 -23.53 39.56 28.24
C LYS A 771 -23.30 40.88 27.52
N THR A 772 -23.78 40.96 26.28
CA THR A 772 -23.52 42.11 25.43
C THR A 772 -24.15 43.36 26.05
N PRO A 773 -23.41 44.45 26.17
CA PRO A 773 -24.01 45.69 26.69
C PRO A 773 -25.12 46.19 25.78
N ASN A 774 -26.14 46.80 26.40
CA ASN A 774 -27.29 47.27 25.65
C ASN A 774 -26.91 48.35 24.65
N ILE A 775 -26.07 49.28 25.07
CA ILE A 775 -25.65 50.41 24.24
C ILE A 775 -24.30 50.08 23.62
N LYS A 776 -24.04 50.65 22.44
CA LYS A 776 -22.85 50.36 21.65
C LYS A 776 -22.02 51.61 21.38
N ASP A 777 -22.11 52.60 22.25
CA ASP A 777 -21.40 53.87 22.08
C ASP A 777 -20.38 53.99 23.21
N PHE A 778 -19.17 53.51 22.96
CA PHE A 778 -18.09 53.56 23.95
C PHE A 778 -17.24 54.80 23.70
N GLY A 779 -17.82 55.95 24.02
CA GLY A 779 -17.11 57.21 23.89
C GLY A 779 -16.73 57.56 22.46
N GLY A 780 -17.63 57.32 21.51
CA GLY A 780 -17.40 57.62 20.12
C GLY A 780 -16.95 56.43 19.28
N PHE A 781 -16.45 55.37 19.91
CA PHE A 781 -16.06 54.18 19.19
C PHE A 781 -17.29 53.30 18.98
N ASN A 782 -17.63 53.08 17.71
CA ASN A 782 -18.89 52.39 17.36
C ASN A 782 -18.63 50.90 17.19
N PHE A 783 -19.22 50.09 18.08
CA PHE A 783 -19.10 48.64 18.01
C PHE A 783 -20.40 47.97 17.58
N SER A 784 -21.29 48.71 16.91
CA SER A 784 -22.51 48.09 16.41
C SER A 784 -22.23 47.05 15.35
N GLN A 785 -21.09 47.16 14.67
CA GLN A 785 -20.77 46.26 13.57
C GLN A 785 -20.02 45.01 14.01
N ILE A 786 -19.59 44.94 15.27
CA ILE A 786 -18.88 43.76 15.76
C ILE A 786 -19.64 43.01 16.85
N LEU A 787 -20.54 43.66 17.58
CA LEU A 787 -21.35 43.01 18.60
C LEU A 787 -22.77 42.77 18.09
N PRO A 788 -23.46 41.74 18.58
CA PRO A 788 -24.77 41.40 18.01
C PRO A 788 -25.85 42.39 18.40
N ASP A 789 -26.90 42.41 17.59
CA ASP A 789 -28.04 43.29 17.84
C ASP A 789 -28.97 42.66 18.86
N PRO A 790 -29.22 43.32 20.00
CA PRO A 790 -30.24 42.81 20.92
C PRO A 790 -31.63 42.76 20.33
N GLY A 791 -31.96 43.70 19.43
CA GLY A 791 -33.28 43.70 18.84
C GLY A 791 -33.49 42.60 17.82
N LYS A 792 -32.41 42.10 17.22
CA LYS A 792 -32.53 41.06 16.20
C LYS A 792 -32.28 39.69 16.82
N PRO A 793 -33.12 38.69 16.51
CA PRO A 793 -32.91 37.35 17.08
C PRO A 793 -31.72 36.60 16.50
N SER A 794 -30.99 37.20 15.55
CA SER A 794 -29.90 36.51 14.87
C SER A 794 -28.78 36.13 15.83
N GLN A 795 -28.55 36.94 16.86
CA GLN A 795 -27.47 36.73 17.84
C GLN A 795 -26.09 36.79 17.19
N ARG A 796 -25.99 37.32 15.99
CA ARG A 796 -24.74 37.44 15.26
C ARG A 796 -24.55 38.87 14.79
N SER A 797 -23.33 39.37 14.91
CA SER A 797 -22.99 40.66 14.32
C SER A 797 -23.04 40.58 12.80
N PRO A 798 -23.30 41.71 12.12
CA PRO A 798 -23.48 41.66 10.66
C PRO A 798 -22.30 41.07 9.89
N ILE A 799 -21.08 41.23 10.38
CA ILE A 799 -19.93 40.70 9.67
C ILE A 799 -19.99 39.18 9.60
N GLU A 800 -20.40 38.52 10.70
CA GLU A 800 -20.57 37.07 10.66
C GLU A 800 -21.66 36.68 9.66
N ASP A 801 -22.73 37.46 9.58
CA ASP A 801 -23.79 37.16 8.62
C ASP A 801 -23.25 37.22 7.20
N LEU A 802 -22.48 38.26 6.89
CA LEU A 802 -21.87 38.37 5.57
C LEU A 802 -20.92 37.21 5.31
N LEU A 803 -20.13 36.82 6.32
CA LEU A 803 -19.16 35.75 6.14
C LEU A 803 -19.85 34.42 5.87
N TYR A 804 -20.92 34.11 6.59
CA TYR A 804 -21.68 32.89 6.31
C TYR A 804 -22.35 32.95 4.94
N ASN A 805 -22.85 34.12 4.54
CA ASN A 805 -23.44 34.22 3.20
C ASN A 805 -22.40 33.98 2.11
N LYS A 806 -21.19 34.50 2.29
CA LYS A 806 -20.17 34.40 1.25
C LYS A 806 -19.62 32.98 1.14
N VAL A 807 -19.41 32.30 2.26
CA VAL A 807 -18.78 30.99 2.28
C VAL A 807 -19.86 29.92 2.10
N THR A 808 -19.84 29.26 0.95
CA THR A 808 -20.83 28.23 0.65
C THR A 808 -20.18 26.85 0.56
N ASP A 829 -29.27 12.78 -4.56
CA ASP A 829 -28.15 13.39 -5.27
C ASP A 829 -26.83 12.72 -4.89
N LEU A 830 -25.75 13.49 -4.86
CA LEU A 830 -24.44 12.94 -4.55
C LEU A 830 -24.32 12.51 -3.09
N ILE A 831 -25.09 13.12 -2.19
CA ILE A 831 -25.05 12.72 -0.79
C ILE A 831 -25.61 11.31 -0.62
N CYS A 832 -26.69 10.99 -1.33
CA CYS A 832 -27.30 9.67 -1.22
C CYS A 832 -26.39 8.57 -1.75
N ALA A 833 -25.57 8.88 -2.76
CA ALA A 833 -24.62 7.90 -3.28
C ALA A 833 -23.52 7.59 -2.27
N GLN A 834 -23.27 8.49 -1.33
CA GLN A 834 -22.27 8.25 -0.29
C GLN A 834 -22.84 7.49 0.89
N LYS A 835 -24.10 7.75 1.23
CA LYS A 835 -24.70 7.13 2.40
C LYS A 835 -25.05 5.66 2.15
N PHE A 836 -25.32 5.29 0.89
CA PHE A 836 -25.52 3.88 0.57
C PHE A 836 -24.22 3.09 0.66
N ASN A 837 -23.10 3.70 0.29
CA ASN A 837 -21.82 2.99 0.31
C ASN A 837 -21.19 2.93 1.69
N GLY A 838 -21.65 3.72 2.63
CA GLY A 838 -21.18 3.63 4.00
C GLY A 838 -20.34 4.78 4.53
N LEU A 839 -20.37 5.94 3.88
CA LEU A 839 -19.61 7.10 4.30
C LEU A 839 -20.54 8.08 5.00
N THR A 840 -20.21 8.45 6.23
CA THR A 840 -21.08 9.27 7.06
C THR A 840 -20.33 10.51 7.53
N VAL A 841 -21.02 11.63 7.59
CA VAL A 841 -20.47 12.89 8.09
C VAL A 841 -21.08 13.18 9.46
N LEU A 842 -20.22 13.42 10.44
CA LEU A 842 -20.66 13.64 11.81
C LEU A 842 -20.70 15.13 12.14
N PRO A 843 -21.72 15.58 12.86
CA PRO A 843 -21.81 17.00 13.18
C PRO A 843 -20.79 17.40 14.22
N PRO A 844 -20.37 18.66 14.25
CA PRO A 844 -19.43 19.11 15.28
C PRO A 844 -20.11 19.19 16.65
N LEU A 845 -19.27 19.18 17.68
CA LEU A 845 -19.79 19.21 19.05
C LEU A 845 -20.33 20.58 19.42
N LEU A 846 -19.62 21.64 19.07
CA LEU A 846 -20.03 23.00 19.41
C LEU A 846 -20.91 23.57 18.31
N THR A 847 -22.11 24.01 18.68
CA THR A 847 -23.02 24.62 17.74
C THR A 847 -22.54 26.03 17.40
N ASP A 848 -22.96 26.51 16.22
CA ASP A 848 -22.56 27.84 15.77
C ASP A 848 -22.98 28.92 16.76
N ASP A 849 -24.12 28.73 17.43
CA ASP A 849 -24.56 29.71 18.43
C ASP A 849 -23.58 29.80 19.57
N MET A 850 -23.01 28.67 20.00
CA MET A 850 -22.03 28.68 21.08
C MET A 850 -20.76 29.43 20.67
N ILE A 851 -20.32 29.25 19.42
CA ILE A 851 -19.15 29.97 18.94
C ILE A 851 -19.43 31.47 18.89
N ALA A 852 -20.62 31.85 18.42
CA ALA A 852 -20.98 33.26 18.41
C ALA A 852 -21.02 33.82 19.82
N ALA A 853 -21.52 33.05 20.78
CA ALA A 853 -21.55 33.51 22.16
C ALA A 853 -20.14 33.70 22.72
N TYR A 854 -19.23 32.78 22.41
CA TYR A 854 -17.85 32.94 22.84
C TYR A 854 -17.23 34.21 22.27
N THR A 855 -17.46 34.46 20.97
CA THR A 855 -16.91 35.67 20.35
C THR A 855 -17.50 36.93 20.99
N ALA A 856 -18.81 36.93 21.24
CA ALA A 856 -19.44 38.09 21.85
C ALA A 856 -18.90 38.33 23.26
N ALA A 857 -18.70 37.26 24.03
CA ALA A 857 -18.15 37.41 25.37
C ALA A 857 -16.74 37.98 25.33
N LEU A 858 -15.91 37.47 24.42
CA LEU A 858 -14.55 38.00 24.31
C LEU A 858 -14.55 39.48 23.95
N ILE A 859 -15.39 39.87 23.00
CA ILE A 859 -15.41 41.27 22.58
C ILE A 859 -15.93 42.16 23.71
N SER A 860 -16.97 41.72 24.43
CA SER A 860 -17.51 42.51 25.53
C SER A 860 -16.48 42.66 26.65
N GLY A 861 -15.78 41.57 26.97
CA GLY A 861 -14.75 41.66 28.01
C GLY A 861 -13.61 42.58 27.62
N THR A 862 -13.14 42.49 26.37
CA THR A 862 -12.06 43.37 25.93
C THR A 862 -12.54 44.79 25.66
N ALA A 863 -13.85 45.02 25.62
CA ALA A 863 -14.38 46.37 25.42
C ALA A 863 -14.68 47.09 26.71
N THR A 864 -15.12 46.38 27.75
CA THR A 864 -15.50 47.05 29.00
C THR A 864 -14.51 46.81 30.14
N ALA A 865 -13.51 45.95 29.96
CA ALA A 865 -12.58 45.64 31.04
C ALA A 865 -11.13 45.54 30.58
N GLY A 866 -10.82 45.98 29.37
CA GLY A 866 -9.45 45.89 28.91
C GLY A 866 -9.00 44.44 28.75
N TYR A 867 -7.69 44.24 28.89
CA TYR A 867 -7.09 42.92 28.81
C TYR A 867 -6.79 42.32 30.17
N THR A 868 -7.27 42.95 31.25
CA THR A 868 -6.93 42.50 32.59
C THR A 868 -7.61 41.20 32.97
N PHE A 869 -8.67 40.81 32.27
CA PHE A 869 -9.35 39.56 32.59
C PHE A 869 -8.65 38.34 32.04
N GLY A 870 -7.59 38.52 31.24
CA GLY A 870 -6.82 37.40 30.74
C GLY A 870 -5.77 36.87 31.67
N ALA A 871 -5.58 37.50 32.82
CA ALA A 871 -4.60 37.06 33.80
C ALA A 871 -5.16 36.91 35.20
N GLY A 872 -6.45 37.13 35.40
CA GLY A 872 -7.05 37.05 36.71
C GLY A 872 -8.48 37.57 36.72
N PRO A 873 -8.91 38.11 37.86
CA PRO A 873 -10.25 38.70 37.93
C PRO A 873 -10.38 39.89 36.98
N ALA A 874 -11.57 40.04 36.40
CA ALA A 874 -11.79 41.07 35.40
C ALA A 874 -11.85 42.43 36.07
N LEU A 875 -11.04 43.37 35.58
CA LEU A 875 -10.99 44.73 36.08
C LEU A 875 -11.53 45.65 34.99
N GLN A 876 -12.65 46.31 35.27
CA GLN A 876 -13.31 47.14 34.27
C GLN A 876 -12.60 48.47 34.11
N ILE A 877 -12.52 48.93 32.87
CA ILE A 877 -11.82 50.16 32.52
C ILE A 877 -12.48 50.78 31.29
N PRO A 878 -12.64 52.10 31.24
CA PRO A 878 -13.17 52.73 30.02
C PRO A 878 -12.24 52.56 28.83
N PHE A 879 -12.85 52.52 27.65
CA PHE A 879 -12.08 52.37 26.41
C PHE A 879 -11.08 53.49 26.18
N PRO A 880 -11.41 54.78 26.40
CA PRO A 880 -10.39 55.83 26.16
C PRO A 880 -9.12 55.67 26.97
N MET A 881 -9.22 55.31 28.26
CA MET A 881 -7.98 55.09 29.01
C MET A 881 -7.27 53.82 28.56
N GLN A 882 -8.01 52.83 28.08
CA GLN A 882 -7.36 51.66 27.50
C GLN A 882 -6.54 52.05 26.28
N MET A 883 -7.10 52.88 25.41
CA MET A 883 -6.35 53.36 24.25
C MET A 883 -5.17 54.23 24.67
N ALA A 884 -5.31 54.98 25.76
CA ALA A 884 -4.18 55.75 26.28
C ALA A 884 -3.06 54.83 26.70
N TYR A 885 -3.39 53.73 27.39
CA TYR A 885 -2.38 52.75 27.78
C TYR A 885 -1.73 52.12 26.54
N ARG A 886 -2.54 51.81 25.53
CA ARG A 886 -2.00 51.20 24.31
C ARG A 886 -1.03 52.14 23.60
N PHE A 887 -1.37 53.43 23.51
CA PHE A 887 -0.42 54.40 22.95
C PHE A 887 0.84 54.46 23.81
N ASN A 888 0.68 54.47 25.14
CA ASN A 888 1.85 54.50 26.02
C ASN A 888 2.73 53.27 25.80
N GLY A 889 2.15 52.18 25.31
CA GLY A 889 2.91 50.96 25.08
C GLY A 889 3.43 50.82 23.66
N ILE A 890 3.53 51.92 22.92
CA ILE A 890 4.04 51.91 21.55
C ILE A 890 5.10 52.96 21.30
N GLY A 891 5.44 53.77 22.30
CA GLY A 891 6.38 54.85 22.11
C GLY A 891 5.77 56.21 21.83
N VAL A 892 4.47 56.36 22.04
CA VAL A 892 3.76 57.61 21.80
C VAL A 892 3.07 58.01 23.09
N THR A 893 3.20 59.29 23.45
CA THR A 893 2.63 59.77 24.70
C THR A 893 1.11 59.65 24.69
N GLN A 894 0.53 59.56 25.90
CA GLN A 894 -0.90 59.34 26.03
C GLN A 894 -1.72 60.56 25.67
N ASN A 895 -1.11 61.74 25.60
CA ASN A 895 -1.87 62.95 25.29
C ASN A 895 -2.43 62.91 23.87
N VAL A 896 -1.70 62.28 22.93
CA VAL A 896 -2.09 62.29 21.52
C VAL A 896 -3.54 61.88 21.34
N LEU A 897 -4.00 60.89 22.12
CA LEU A 897 -5.41 60.55 22.12
C LEU A 897 -6.27 61.68 22.67
N TYR A 898 -5.83 62.31 23.75
CA TYR A 898 -6.66 63.29 24.45
C TYR A 898 -6.90 64.53 23.59
N GLU A 899 -5.85 65.06 22.96
CA GLU A 899 -6.05 66.21 22.09
C GLU A 899 -6.67 65.85 20.75
N ASN A 900 -6.66 64.58 20.35
CA ASN A 900 -7.16 64.18 19.04
C ASN A 900 -8.14 63.03 19.17
N GLN A 901 -9.07 63.12 20.11
CA GLN A 901 -9.99 62.01 20.35
C GLN A 901 -10.99 61.87 19.22
N LYS A 902 -11.61 62.98 18.80
CA LYS A 902 -12.69 62.91 17.82
C LYS A 902 -12.20 62.40 16.47
N GLN A 903 -11.06 62.90 16.00
CA GLN A 903 -10.55 62.47 14.71
C GLN A 903 -10.18 60.99 14.72
N ILE A 904 -9.55 60.53 15.80
CA ILE A 904 -9.17 59.12 15.89
C ILE A 904 -10.40 58.23 15.92
N ALA A 905 -11.43 58.63 16.68
CA ALA A 905 -12.66 57.85 16.71
C ALA A 905 -13.33 57.80 15.35
N ASN A 906 -13.37 58.93 14.64
CA ASN A 906 -13.97 58.95 13.31
C ASN A 906 -13.19 58.07 12.34
N GLN A 907 -11.86 58.12 12.41
CA GLN A 907 -11.05 57.27 11.55
C GLN A 907 -11.31 55.79 11.83
N PHE A 908 -11.42 55.42 13.11
CA PHE A 908 -11.67 54.03 13.44
C PHE A 908 -13.02 53.56 12.90
N ASN A 909 -14.06 54.37 13.09
CA ASN A 909 -15.39 53.98 12.60
C ASN A 909 -15.41 53.88 11.09
N LYS A 910 -14.80 54.86 10.39
CA LYS A 910 -14.77 54.81 8.94
C LYS A 910 -13.95 53.63 8.44
N ALA A 911 -12.89 53.28 9.16
CA ALA A 911 -12.10 52.10 8.78
C ALA A 911 -12.93 50.83 8.90
N ILE A 912 -13.73 50.71 9.96
CA ILE A 912 -14.60 49.55 10.11
C ILE A 912 -15.59 49.47 8.95
N SER A 913 -16.22 50.61 8.62
CA SER A 913 -17.20 50.64 7.54
C SER A 913 -16.55 50.27 6.19
N GLN A 914 -15.36 50.81 5.92
CA GLN A 914 -14.67 50.49 4.67
C GLN A 914 -14.23 49.04 4.63
N ILE A 915 -13.88 48.45 5.77
CA ILE A 915 -13.58 47.03 5.80
C ILE A 915 -14.80 46.21 5.41
N GLN A 916 -15.97 46.59 5.93
CA GLN A 916 -17.18 45.89 5.52
C GLN A 916 -17.45 46.05 4.03
N ASP A 917 -17.24 47.26 3.51
CA ASP A 917 -17.44 47.49 2.07
C ASP A 917 -16.47 46.67 1.23
N SER A 918 -15.21 46.59 1.66
CA SER A 918 -14.23 45.79 0.93
C SER A 918 -14.58 44.32 0.96
N LEU A 919 -15.09 43.84 2.10
CA LEU A 919 -15.56 42.46 2.16
C LEU A 919 -16.71 42.22 1.19
N THR A 920 -17.62 43.20 1.08
CA THR A 920 -18.70 43.08 0.10
C THR A 920 -18.16 43.01 -1.32
N THR A 921 -17.19 43.88 -1.64
CA THR A 921 -16.72 43.97 -3.02
C THR A 921 -15.89 42.76 -3.43
N THR A 922 -14.95 42.34 -2.59
CA THR A 922 -14.03 41.27 -2.96
C THR A 922 -14.71 39.91 -2.76
N PRO A 923 -14.82 39.09 -3.81
CA PRO A 923 -15.44 37.76 -3.64
C PRO A 923 -14.45 36.69 -3.22
N THR A 924 -13.15 36.92 -3.45
CA THR A 924 -12.11 35.93 -3.19
C THR A 924 -11.30 36.26 -1.94
N ALA A 925 -11.91 36.94 -0.96
CA ALA A 925 -11.20 37.24 0.28
C ALA A 925 -11.10 36.04 1.21
N LEU A 926 -12.10 35.17 1.20
CA LEU A 926 -12.19 34.06 2.14
C LEU A 926 -11.74 32.73 1.54
N GLY A 927 -11.00 32.77 0.43
CA GLY A 927 -10.69 31.56 -0.30
C GLY A 927 -9.98 30.52 0.55
N LYS A 928 -9.11 30.96 1.46
CA LYS A 928 -8.38 30.03 2.33
C LYS A 928 -9.33 29.07 3.03
N LEU A 929 -10.49 29.57 3.49
CA LEU A 929 -11.45 28.68 4.11
C LEU A 929 -12.17 27.84 3.07
N GLN A 930 -12.53 28.44 1.94
CA GLN A 930 -13.30 27.74 0.92
C GLN A 930 -12.57 26.49 0.44
N ASP A 931 -11.27 26.62 0.16
CA ASP A 931 -10.49 25.47 -0.29
C ASP A 931 -10.59 24.32 0.71
N VAL A 932 -10.58 24.64 2.01
CA VAL A 932 -10.66 23.61 3.03
C VAL A 932 -11.91 22.75 2.83
N ILE A 933 -13.02 23.39 2.48
CA ILE A 933 -14.22 22.61 2.19
C ILE A 933 -14.04 21.80 0.92
N ASN A 934 -13.56 22.45 -0.15
CA ASN A 934 -13.56 21.81 -1.46
C ASN A 934 -12.69 20.56 -1.46
N GLN A 935 -11.45 20.70 -1.02
CA GLN A 935 -10.53 19.56 -0.98
C GLN A 935 -11.10 18.42 -0.14
N ASN A 936 -11.97 18.73 0.81
CA ASN A 936 -12.65 17.66 1.54
C ASN A 936 -13.68 16.98 0.65
N ALA A 937 -14.62 17.75 0.12
CA ALA A 937 -15.70 17.17 -0.67
C ALA A 937 -15.17 16.42 -1.87
N ALA A 938 -14.28 17.05 -2.64
CA ALA A 938 -13.71 16.42 -3.82
C ALA A 938 -12.99 15.12 -3.47
N ALA A 939 -12.53 14.99 -2.22
CA ALA A 939 -11.98 13.72 -1.78
C ALA A 939 -13.06 12.65 -1.72
N LEU A 940 -14.11 12.90 -0.93
CA LEU A 940 -15.14 11.88 -0.69
C LEU A 940 -15.74 11.40 -1.99
N ASN A 941 -16.14 12.34 -2.86
CA ASN A 941 -16.73 11.97 -4.14
C ASN A 941 -15.80 11.05 -4.93
N THR A 942 -14.51 11.38 -4.96
CA THR A 942 -13.56 10.54 -5.68
C THR A 942 -13.61 9.11 -5.16
N LEU A 943 -13.65 8.96 -3.83
CA LEU A 943 -13.73 7.63 -3.23
C LEU A 943 -14.91 6.86 -3.80
N VAL A 944 -16.07 7.52 -3.88
CA VAL A 944 -17.26 6.86 -4.42
C VAL A 944 -17.02 6.43 -5.86
N LYS A 945 -16.44 7.33 -6.66
CA LYS A 945 -16.18 6.97 -8.05
C LYS A 945 -15.18 5.83 -8.17
N GLN A 946 -14.32 5.65 -7.15
CA GLN A 946 -13.37 4.55 -7.20
C GLN A 946 -14.06 3.19 -7.14
N LEU A 947 -15.34 3.15 -6.80
CA LEU A 947 -16.07 1.88 -6.84
C LEU A 947 -16.44 1.46 -8.25
N SER A 948 -16.22 2.29 -9.25
CA SER A 948 -16.54 1.95 -10.62
C SER A 948 -15.41 1.22 -11.34
N SER A 949 -14.25 1.07 -10.70
CA SER A 949 -13.12 0.39 -11.31
C SER A 949 -13.21 -1.12 -11.09
N ASN A 950 -12.55 -1.86 -11.98
CA ASN A 950 -12.56 -3.31 -11.90
C ASN A 950 -11.24 -3.94 -11.48
N PHE A 951 -10.14 -3.17 -11.50
CA PHE A 951 -8.84 -3.62 -10.98
C PHE A 951 -8.38 -4.92 -11.63
N GLY A 952 -8.67 -5.07 -12.92
CA GLY A 952 -8.24 -6.24 -13.65
C GLY A 952 -9.15 -7.45 -13.55
N ALA A 953 -10.31 -7.32 -12.91
CA ALA A 953 -11.24 -8.43 -12.78
C ALA A 953 -12.23 -8.43 -13.95
N ILE A 954 -13.12 -9.41 -13.96
CA ILE A 954 -14.10 -9.51 -15.03
C ILE A 954 -15.09 -8.35 -14.99
N SER A 955 -15.45 -7.89 -13.80
CA SER A 955 -16.43 -6.83 -13.66
C SER A 955 -16.23 -6.14 -12.33
N SER A 956 -16.95 -5.02 -12.16
CA SER A 956 -16.88 -4.21 -10.96
C SER A 956 -18.05 -4.47 -10.00
N VAL A 957 -18.83 -5.52 -10.25
CA VAL A 957 -20.00 -5.86 -9.44
C VAL A 957 -19.76 -7.22 -8.82
N LEU A 958 -19.85 -7.29 -7.48
CA LEU A 958 -19.68 -8.57 -6.80
C LEU A 958 -20.79 -9.54 -7.17
N ASN A 959 -22.01 -9.04 -7.33
CA ASN A 959 -23.14 -9.91 -7.65
C ASN A 959 -22.97 -10.55 -9.02
N ASP A 960 -22.44 -9.81 -9.99
CA ASP A 960 -22.19 -10.38 -11.31
C ASP A 960 -21.14 -11.48 -11.25
N ILE A 961 -20.08 -11.29 -10.45
CA ILE A 961 -19.07 -12.33 -10.29
C ILE A 961 -19.67 -13.54 -9.61
N LEU A 962 -20.45 -13.33 -8.56
CA LEU A 962 -21.02 -14.45 -7.81
C LEU A 962 -22.15 -15.15 -8.55
N SER A 963 -22.72 -14.53 -9.58
CA SER A 963 -23.82 -15.12 -10.31
C SER A 963 -23.40 -15.91 -11.53
N ARG A 964 -22.10 -15.97 -11.85
CA ARG A 964 -21.65 -16.66 -13.05
C ARG A 964 -20.50 -17.62 -12.83
N LEU A 965 -19.79 -17.55 -11.71
CA LEU A 965 -18.61 -18.37 -11.48
C LEU A 965 -18.73 -19.10 -10.15
N ASP A 966 -17.98 -20.17 -10.03
CA ASP A 966 -17.87 -20.99 -8.83
C ASP A 966 -16.82 -20.42 -7.89
N PRO A 967 -16.91 -20.73 -6.60
CA PRO A 967 -15.98 -20.14 -5.60
C PRO A 967 -14.52 -20.37 -5.94
N PRO A 968 -14.12 -21.52 -6.51
CA PRO A 968 -12.69 -21.70 -6.84
C PRO A 968 -12.08 -20.59 -7.68
N GLU A 969 -12.81 -20.07 -8.68
CA GLU A 969 -12.33 -18.92 -9.44
C GLU A 969 -12.95 -17.61 -8.97
N ALA A 970 -14.08 -17.66 -8.27
CA ALA A 970 -14.61 -16.46 -7.63
C ALA A 970 -13.61 -15.88 -6.66
N GLU A 971 -12.84 -16.73 -5.97
CA GLU A 971 -11.80 -16.24 -5.06
C GLU A 971 -10.76 -15.43 -5.80
N VAL A 972 -10.28 -15.95 -6.94
CA VAL A 972 -9.25 -15.26 -7.71
C VAL A 972 -9.79 -13.95 -8.25
N GLN A 973 -11.06 -13.93 -8.67
CA GLN A 973 -11.62 -12.70 -9.21
C GLN A 973 -11.99 -11.69 -8.12
N ILE A 974 -12.28 -12.15 -6.91
CA ILE A 974 -12.75 -11.26 -5.85
C ILE A 974 -11.60 -10.67 -5.03
N ASP A 975 -10.48 -11.39 -4.91
CA ASP A 975 -9.36 -10.85 -4.16
C ASP A 975 -8.83 -9.56 -4.79
N ARG A 976 -8.87 -9.46 -6.12
CA ARG A 976 -8.44 -8.24 -6.79
C ARG A 976 -9.32 -7.05 -6.38
N LEU A 977 -10.64 -7.24 -6.40
CA LEU A 977 -11.55 -6.18 -5.97
C LEU A 977 -11.29 -5.77 -4.53
N ILE A 978 -11.13 -6.77 -3.64
CA ILE A 978 -10.94 -6.47 -2.23
C ILE A 978 -9.65 -5.69 -2.02
N THR A 979 -8.57 -6.13 -2.66
CA THR A 979 -7.29 -5.45 -2.51
C THR A 979 -7.34 -4.03 -3.06
N GLY A 980 -7.95 -3.84 -4.23
CA GLY A 980 -8.05 -2.50 -4.78
C GLY A 980 -8.84 -1.55 -3.88
N ARG A 981 -9.97 -2.02 -3.36
CA ARG A 981 -10.78 -1.15 -2.51
C ARG A 981 -10.08 -0.84 -1.19
N LEU A 982 -9.38 -1.83 -0.62
CA LEU A 982 -8.60 -1.58 0.58
C LEU A 982 -7.50 -0.56 0.32
N GLN A 983 -6.83 -0.66 -0.84
CA GLN A 983 -5.78 0.29 -1.18
C GLN A 983 -6.34 1.69 -1.30
N SER A 984 -7.49 1.85 -1.96
CA SER A 984 -8.10 3.17 -2.09
C SER A 984 -8.44 3.76 -0.73
N LEU A 985 -9.04 2.95 0.15
CA LEU A 985 -9.41 3.44 1.47
C LEU A 985 -8.17 3.81 2.30
N GLN A 986 -7.11 3.01 2.19
CA GLN A 986 -5.87 3.33 2.91
C GLN A 986 -5.25 4.63 2.42
N THR A 987 -5.26 4.86 1.11
CA THR A 987 -4.76 6.12 0.58
C THR A 987 -5.56 7.30 1.12
N TYR A 988 -6.89 7.16 1.13
CA TYR A 988 -7.75 8.21 1.68
C TYR A 988 -7.39 8.51 3.13
N VAL A 989 -7.18 7.47 3.94
CA VAL A 989 -6.89 7.67 5.36
C VAL A 989 -5.55 8.36 5.53
N THR A 990 -4.54 7.98 4.73
CA THR A 990 -3.22 8.61 4.84
C THR A 990 -3.28 10.10 4.52
N GLN A 991 -3.97 10.45 3.42
CA GLN A 991 -4.09 11.87 3.08
C GLN A 991 -4.84 12.63 4.17
N GLN A 992 -5.88 12.01 4.75
CA GLN A 992 -6.61 12.66 5.83
C GLN A 992 -5.71 12.92 7.03
N LEU A 993 -4.84 11.97 7.37
CA LEU A 993 -3.94 12.16 8.50
C LEU A 993 -2.98 13.32 8.26
N ILE A 994 -2.42 13.41 7.05
CA ILE A 994 -1.50 14.50 6.75
C ILE A 994 -2.21 15.86 6.84
N ARG A 995 -3.42 15.93 6.26
CA ARG A 995 -4.18 17.18 6.33
C ARG A 995 -4.54 17.53 7.77
N ALA A 996 -4.79 16.52 8.60
CA ALA A 996 -5.08 16.77 10.01
C ALA A 996 -3.87 17.36 10.72
N ALA A 997 -2.67 16.89 10.39
CA ALA A 997 -1.47 17.49 10.96
C ALA A 997 -1.34 18.96 10.57
N GLU A 998 -1.58 19.27 9.29
CA GLU A 998 -1.50 20.66 8.85
C GLU A 998 -2.52 21.54 9.55
N ILE A 999 -3.76 21.05 9.69
CA ILE A 999 -4.80 21.82 10.38
C ILE A 999 -4.45 21.99 11.85
N ARG A 1000 -3.82 20.99 12.47
CA ARG A 1000 -3.38 21.13 13.85
C ARG A 1000 -2.36 22.27 14.00
N ALA A 1001 -1.42 22.35 13.06
CA ALA A 1001 -0.46 23.46 13.08
C ALA A 1001 -1.16 24.80 12.96
N SER A 1002 -2.11 24.89 12.02
CA SER A 1002 -2.84 26.15 11.84
C SER A 1002 -3.64 26.52 13.08
N ALA A 1003 -4.25 25.53 13.73
CA ALA A 1003 -5.04 25.80 14.92
C ALA A 1003 -4.16 26.26 16.08
N ASN A 1004 -2.96 25.68 16.21
CA ASN A 1004 -2.04 26.15 17.24
C ASN A 1004 -1.65 27.60 16.99
N LEU A 1005 -1.38 27.96 15.73
CA LEU A 1005 -1.06 29.34 15.43
C LEU A 1005 -2.23 30.26 15.75
N ALA A 1006 -3.45 29.83 15.43
CA ALA A 1006 -4.64 30.63 15.73
C ALA A 1006 -4.80 30.83 17.24
N ALA A 1007 -4.55 29.78 18.02
CA ALA A 1007 -4.64 29.89 19.47
C ALA A 1007 -3.60 30.88 20.01
N THR A 1008 -2.38 30.83 19.46
CA THR A 1008 -1.35 31.77 19.91
C THR A 1008 -1.75 33.21 19.58
N LYS A 1009 -2.25 33.45 18.37
CA LYS A 1009 -2.67 34.80 18.01
C LYS A 1009 -3.86 35.26 18.84
N MET A 1010 -4.77 34.35 19.19
CA MET A 1010 -5.87 34.71 20.08
C MET A 1010 -5.36 35.08 21.46
N SER A 1011 -4.36 34.35 21.95
CA SER A 1011 -3.84 34.63 23.28
C SER A 1011 -3.10 35.96 23.34
N GLU A 1012 -2.36 36.31 22.28
CA GLU A 1012 -1.49 37.48 22.35
C GLU A 1012 -2.06 38.72 21.69
N CYS A 1013 -2.68 38.62 20.52
CA CYS A 1013 -3.20 39.80 19.85
C CYS A 1013 -4.54 40.26 20.43
N VAL A 1014 -5.30 39.36 21.04
CA VAL A 1014 -6.65 39.65 21.50
C VAL A 1014 -6.68 39.96 22.99
N LEU A 1015 -5.87 39.28 23.80
CA LEU A 1015 -5.84 39.48 25.24
C LEU A 1015 -4.64 40.32 25.68
N GLY A 1016 -4.01 41.03 24.76
CA GLY A 1016 -2.87 41.87 25.10
C GLY A 1016 -2.35 42.55 23.86
N GLN A 1017 -1.24 43.26 24.04
CA GLN A 1017 -0.57 43.97 22.96
C GLN A 1017 0.77 43.30 22.68
N SER A 1018 1.01 42.96 21.42
CA SER A 1018 2.21 42.22 21.02
C SER A 1018 3.29 43.18 20.56
N LYS A 1019 4.51 42.92 21.01
CA LYS A 1019 5.68 43.69 20.60
C LYS A 1019 6.42 43.06 19.43
N ARG A 1020 5.94 41.93 18.93
CA ARG A 1020 6.57 41.28 17.78
C ARG A 1020 6.20 42.00 16.50
N VAL A 1021 7.15 42.10 15.59
CA VAL A 1021 6.95 42.82 14.34
C VAL A 1021 6.23 41.93 13.34
N ASP A 1022 5.19 42.49 12.70
CA ASP A 1022 4.42 41.80 11.67
C ASP A 1022 3.71 40.55 12.21
N PHE A 1023 3.29 40.59 13.48
CA PHE A 1023 2.56 39.48 14.07
C PHE A 1023 1.06 39.74 14.14
N CYS A 1024 0.65 40.91 14.63
CA CYS A 1024 -0.75 41.30 14.66
C CYS A 1024 -1.04 42.41 13.65
N GLY A 1025 -0.43 42.33 12.48
CA GLY A 1025 -0.70 43.28 11.42
C GLY A 1025 0.52 44.09 11.01
N LYS A 1026 0.49 44.66 9.81
CA LYS A 1026 1.58 45.49 9.32
C LYS A 1026 1.47 46.87 9.98
N GLY A 1027 2.36 47.14 10.92
CA GLY A 1027 2.39 48.40 11.63
C GLY A 1027 2.50 48.19 13.13
N TYR A 1028 2.54 49.31 13.84
CA TYR A 1028 2.62 49.28 15.30
C TYR A 1028 1.27 48.83 15.86
N HIS A 1029 1.22 47.61 16.39
CA HIS A 1029 -0.04 46.95 16.70
C HIS A 1029 -0.80 47.70 17.79
N LEU A 1030 -2.08 47.96 17.55
CA LEU A 1030 -2.96 48.52 18.56
C LEU A 1030 -3.86 47.46 19.19
N MET A 1031 -4.68 46.78 18.39
CA MET A 1031 -5.52 45.71 18.95
C MET A 1031 -6.05 44.81 17.84
N SER A 1032 -6.89 43.86 18.23
CA SER A 1032 -7.43 42.88 17.30
C SER A 1032 -8.78 42.38 17.79
N PHE A 1033 -9.58 41.89 16.84
CA PHE A 1033 -10.94 41.36 17.10
C PHE A 1033 -11.17 40.05 16.36
N PRO A 1034 -11.75 39.05 17.01
CA PRO A 1034 -12.05 37.79 16.34
C PRO A 1034 -13.48 37.72 15.82
N GLN A 1035 -13.63 37.02 14.69
CA GLN A 1035 -14.94 36.74 14.13
C GLN A 1035 -14.98 35.30 13.64
N ALA A 1036 -16.06 34.60 13.95
CA ALA A 1036 -16.21 33.22 13.56
C ALA A 1036 -16.48 33.10 12.06
N ALA A 1037 -16.14 31.96 11.49
CA ALA A 1037 -16.42 31.68 10.10
C ALA A 1037 -16.42 30.17 9.90
N PRO A 1038 -17.09 29.67 8.86
CA PRO A 1038 -17.14 28.22 8.65
C PRO A 1038 -15.76 27.58 8.61
N HIS A 1039 -15.47 26.75 9.61
CA HIS A 1039 -14.20 26.04 9.73
C HIS A 1039 -13.02 27.01 9.82
N GLY A 1040 -13.21 28.13 10.50
CA GLY A 1040 -12.08 29.05 10.64
C GLY A 1040 -12.45 30.32 11.39
N VAL A 1041 -11.44 31.17 11.51
CA VAL A 1041 -11.55 32.44 12.23
C VAL A 1041 -11.00 33.56 11.37
N VAL A 1042 -11.50 34.77 11.60
CA VAL A 1042 -11.07 35.97 10.90
C VAL A 1042 -10.63 36.98 11.94
N PHE A 1043 -9.42 37.50 11.79
CA PHE A 1043 -8.86 38.48 12.71
C PHE A 1043 -8.88 39.86 12.06
N LEU A 1044 -9.47 40.82 12.76
CA LEU A 1044 -9.48 42.21 12.35
C LEU A 1044 -8.43 42.94 13.17
N HIS A 1045 -7.37 43.39 12.51
CA HIS A 1045 -6.21 44.00 13.17
C HIS A 1045 -6.28 45.51 13.02
N VAL A 1046 -6.26 46.21 14.15
CA VAL A 1046 -6.20 47.67 14.18
C VAL A 1046 -4.76 48.06 14.50
N THR A 1047 -4.14 48.80 13.57
CA THR A 1047 -2.71 49.09 13.59
C THR A 1047 -2.47 50.57 13.28
N TYR A 1048 -1.21 50.96 13.39
CA TYR A 1048 -0.75 52.35 13.37
C TYR A 1048 0.22 52.55 12.22
N VAL A 1049 -0.03 53.52 11.35
CA VAL A 1049 0.87 53.71 10.18
C VAL A 1049 1.22 55.19 10.07
N PRO A 1050 2.48 55.58 10.37
CA PRO A 1050 2.90 57.00 10.34
C PRO A 1050 2.77 57.68 8.98
N SER A 1051 2.51 58.99 8.92
CA SER A 1051 2.33 59.58 7.57
C SER A 1051 2.89 61.00 7.45
N GLU A 1052 3.37 61.41 6.28
CA GLU A 1052 3.76 62.81 6.05
C GLU A 1052 4.95 63.22 6.90
N GLN A 1053 6.10 62.61 6.60
CA GLN A 1053 7.32 62.89 7.33
C GLN A 1053 7.98 64.18 6.82
N LYS A 1054 8.95 64.66 7.59
CA LYS A 1054 9.74 65.83 7.22
C LYS A 1054 11.14 65.66 7.78
N ASN A 1055 12.09 66.41 7.19
CA ASN A 1055 13.56 66.22 7.32
C ASN A 1055 14.20 67.36 8.13
N PHE A 1056 14.87 67.05 9.23
CA PHE A 1056 15.48 68.05 10.11
C PHE A 1056 16.96 67.75 10.26
N THR A 1057 17.67 68.63 10.97
CA THR A 1057 19.09 68.49 11.25
C THR A 1057 19.28 67.95 12.66
N THR A 1058 20.26 67.06 12.82
CA THR A 1058 20.48 66.38 14.09
C THR A 1058 21.96 66.29 14.41
N ALA A 1059 22.26 66.18 15.70
CA ALA A 1059 23.59 65.95 16.23
C ALA A 1059 23.48 65.01 17.41
N PRO A 1060 24.50 64.18 17.66
CA PRO A 1060 24.41 63.18 18.72
C PRO A 1060 24.81 63.64 20.12
N ALA A 1061 24.95 64.94 20.35
CA ALA A 1061 25.35 65.42 21.67
C ALA A 1061 25.11 66.92 21.77
N ILE A 1062 25.10 67.42 23.00
CA ILE A 1062 25.31 68.85 23.24
C ILE A 1062 26.43 69.03 24.26
N CYS A 1063 27.43 69.82 23.89
CA CYS A 1063 28.52 70.17 24.78
C CYS A 1063 28.13 71.42 25.56
N HIS A 1064 28.09 71.32 26.87
CA HIS A 1064 27.78 72.45 27.72
C HIS A 1064 28.82 72.52 28.84
N ASN A 1065 29.42 73.70 29.01
CA ASN A 1065 30.44 73.92 30.04
C ASN A 1065 31.55 72.89 29.95
N GLY A 1066 31.78 72.34 28.77
CA GLY A 1066 32.85 71.39 28.55
C GLY A 1066 32.50 69.93 28.70
N LYS A 1067 31.27 69.60 29.12
CA LYS A 1067 30.87 68.21 29.26
C LYS A 1067 29.75 67.89 28.28
N ALA A 1068 29.71 66.65 27.82
CA ALA A 1068 28.75 66.21 26.83
C ALA A 1068 27.47 65.74 27.51
N TYR A 1069 26.33 66.03 26.87
CA TYR A 1069 25.04 65.56 27.34
C TYR A 1069 24.32 64.85 26.19
N PHE A 1070 23.67 63.73 26.54
CA PHE A 1070 22.96 62.82 25.66
C PHE A 1070 21.51 62.69 26.14
N PRO A 1071 20.57 62.35 25.25
CA PRO A 1071 19.18 62.18 25.68
C PRO A 1071 18.98 60.88 26.43
N LYS A 1072 18.03 60.90 27.36
CA LYS A 1072 17.62 59.68 28.03
C LYS A 1072 16.92 58.74 27.05
N GLU A 1073 15.91 59.25 26.32
CA GLU A 1073 15.21 58.46 25.33
C GLU A 1073 14.92 59.19 24.03
N GLY A 1074 15.06 60.51 23.98
CA GLY A 1074 14.70 61.28 22.81
C GLY A 1074 15.83 61.40 21.81
N VAL A 1075 15.59 62.23 20.80
CA VAL A 1075 16.57 62.53 19.75
C VAL A 1075 16.60 64.04 19.56
N PHE A 1076 17.79 64.57 19.29
CA PHE A 1076 17.99 66.01 19.19
C PHE A 1076 17.77 66.46 17.75
N VAL A 1077 16.92 67.47 17.57
CA VAL A 1077 16.59 68.00 16.25
C VAL A 1077 16.69 69.52 16.28
N MET A 1078 16.78 70.10 15.09
CA MET A 1078 16.83 71.55 14.93
C MET A 1078 15.91 71.96 13.81
N ASN A 1079 15.18 73.05 14.06
CA ASN A 1079 14.14 73.57 13.13
C ASN A 1079 14.74 74.68 12.28
N GLY A 1080 16.01 74.99 12.51
CA GLY A 1080 16.66 76.03 11.75
C GLY A 1080 17.31 77.07 12.64
N THR A 1081 16.70 77.36 13.78
CA THR A 1081 17.23 78.39 14.68
C THR A 1081 17.36 77.88 16.11
N HIS A 1082 16.54 76.91 16.48
CA HIS A 1082 16.48 76.42 17.85
C HIS A 1082 16.61 74.90 17.87
N TRP A 1083 17.04 74.38 19.01
CA TRP A 1083 17.28 72.95 19.18
C TRP A 1083 16.27 72.38 20.18
N PHE A 1084 15.70 71.22 19.83
CA PHE A 1084 14.71 70.57 20.67
C PHE A 1084 15.01 69.07 20.75
N ILE A 1085 14.30 68.40 21.66
CA ILE A 1085 14.38 66.95 21.82
C ILE A 1085 13.00 66.37 21.56
N THR A 1086 12.95 65.28 20.78
CA THR A 1086 11.67 64.73 20.36
C THR A 1086 11.75 63.21 20.29
N GLN A 1087 10.59 62.58 20.41
CA GLN A 1087 10.45 61.14 20.23
C GLN A 1087 10.53 60.78 18.76
N ARG A 1088 10.85 59.51 18.50
CA ARG A 1088 11.17 59.11 17.13
C ARG A 1088 9.92 59.02 16.25
N ASN A 1089 8.83 58.47 16.78
CA ASN A 1089 7.70 58.10 15.94
C ASN A 1089 6.71 59.23 15.70
N PHE A 1090 6.88 60.39 16.33
CA PHE A 1090 5.92 61.47 16.19
C PHE A 1090 6.64 62.77 16.54
N TYR A 1091 6.35 63.83 15.78
CA TYR A 1091 7.07 65.08 15.94
C TYR A 1091 6.44 65.90 17.07
N SER A 1092 7.21 66.13 18.13
CA SER A 1092 6.75 66.93 19.26
C SER A 1092 7.97 67.55 19.93
N PRO A 1093 8.30 68.80 19.58
CA PRO A 1093 9.48 69.44 20.18
C PRO A 1093 9.31 69.69 21.67
N GLN A 1094 10.43 69.62 22.38
CA GLN A 1094 10.46 69.81 23.82
C GLN A 1094 11.70 70.63 24.19
N VAL A 1095 11.57 71.47 25.22
CA VAL A 1095 12.69 72.29 25.65
C VAL A 1095 13.75 71.42 26.30
N ILE A 1096 15.00 71.87 26.23
CA ILE A 1096 16.14 71.12 26.75
C ILE A 1096 16.34 71.47 28.21
N THR A 1097 16.42 70.45 29.07
CA THR A 1097 16.56 70.63 30.50
C THR A 1097 17.27 69.40 31.05
N THR A 1098 17.76 69.51 32.28
CA THR A 1098 18.51 68.42 32.91
C THR A 1098 17.67 67.18 33.17
N ASP A 1099 16.35 67.28 33.08
CA ASP A 1099 15.50 66.13 33.44
C ASP A 1099 15.63 65.00 32.43
N ASN A 1100 15.63 65.33 31.13
CA ASN A 1100 15.64 64.31 30.09
C ASN A 1100 17.01 64.07 29.47
N THR A 1101 18.08 64.61 30.07
CA THR A 1101 19.43 64.46 29.55
C THR A 1101 20.34 63.91 30.64
N PHE A 1102 21.35 63.15 30.22
CA PHE A 1102 22.36 62.66 31.15
C PHE A 1102 23.76 62.88 30.58
N GLU A 1103 24.73 63.00 31.47
CA GLU A 1103 26.09 63.39 31.15
C GLU A 1103 27.01 62.18 31.15
N SER A 1104 27.97 62.17 30.22
CA SER A 1104 28.95 61.08 30.15
C SER A 1104 30.19 61.63 29.44
N GLY A 1105 31.22 61.94 30.22
CA GLY A 1105 32.49 62.34 29.65
C GLY A 1105 32.52 63.79 29.19
N THR A 1106 33.60 64.12 28.49
CA THR A 1106 33.83 65.46 27.96
C THR A 1106 33.46 65.48 26.47
N CYS A 1107 33.77 66.60 25.82
CA CYS A 1107 33.34 66.86 24.45
C CYS A 1107 34.40 66.53 23.41
N ASP A 1108 35.53 65.96 23.82
CA ASP A 1108 36.65 65.73 22.91
C ASP A 1108 36.61 64.36 22.23
N VAL A 1109 35.58 63.56 22.49
CA VAL A 1109 35.49 62.20 21.96
C VAL A 1109 34.42 62.08 20.90
N VAL A 1110 33.24 62.66 21.13
CA VAL A 1110 32.10 62.44 20.23
C VAL A 1110 32.30 63.25 18.95
N ILE A 1111 32.11 62.58 17.81
CA ILE A 1111 32.15 63.23 16.51
C ILE A 1111 30.76 63.74 16.17
N GLY A 1112 30.68 65.00 15.75
CA GLY A 1112 29.40 65.60 15.42
C GLY A 1112 28.76 66.37 16.56
N ILE A 1113 29.49 66.71 17.60
CA ILE A 1113 28.92 67.37 18.76
C ILE A 1113 28.71 68.85 18.46
N VAL A 1114 27.63 69.41 19.03
CA VAL A 1114 27.27 70.81 18.86
C VAL A 1114 27.10 71.45 20.23
N ASN A 1115 27.15 72.79 20.25
CA ASN A 1115 27.08 73.56 21.49
C ASN A 1115 25.72 74.24 21.62
N ASN A 1116 25.04 73.97 22.73
CA ASN A 1116 23.75 74.57 23.04
C ASN A 1116 23.63 74.71 24.55
N THR A 1117 22.58 75.40 24.99
CA THR A 1117 22.34 75.58 26.41
C THR A 1117 21.45 74.47 26.96
N VAL A 1118 21.59 74.21 28.26
CA VAL A 1118 20.82 73.18 28.94
C VAL A 1118 20.31 73.71 30.28
N GLU B 17 47.22 -49.66 -25.84
CA GLU B 17 46.34 -49.41 -24.70
C GLU B 17 46.67 -50.34 -23.53
N GLY B 18 47.73 -51.13 -23.66
CA GLY B 18 48.14 -52.00 -22.58
C GLY B 18 48.97 -51.26 -21.56
N CYS B 19 48.48 -51.19 -20.33
CA CYS B 19 49.13 -50.39 -19.29
C CYS B 19 50.34 -51.13 -18.73
N GLY B 20 51.01 -50.52 -17.76
CA GLY B 20 52.11 -51.15 -17.07
C GLY B 20 51.80 -51.31 -15.60
N VAL B 21 52.83 -51.28 -14.76
CA VAL B 21 52.66 -51.38 -13.32
C VAL B 21 53.52 -50.32 -12.66
N LEU B 22 53.22 -50.04 -11.39
CA LEU B 22 53.98 -49.09 -10.60
C LEU B 22 54.66 -49.76 -9.41
N SER B 23 54.70 -51.09 -9.37
CA SER B 23 55.29 -51.88 -8.29
C SER B 23 54.69 -51.37 -6.97
N ASN B 24 55.51 -51.01 -5.99
CA ASN B 24 55.03 -50.46 -4.72
C ASN B 24 55.36 -48.98 -4.65
N LYS B 25 54.40 -48.20 -4.15
CA LYS B 25 54.55 -46.75 -4.04
C LYS B 25 54.35 -46.34 -2.59
N SER B 26 54.56 -45.06 -2.32
CA SER B 26 54.54 -44.56 -0.95
C SER B 26 53.10 -44.31 -0.50
N THR B 27 52.97 -43.82 0.74
CA THR B 27 51.68 -43.50 1.33
C THR B 27 51.51 -41.99 1.34
N PRO B 28 50.48 -41.45 0.68
CA PRO B 28 50.35 -39.99 0.60
C PRO B 28 50.20 -39.36 1.98
N ASN B 29 50.86 -38.21 2.15
CA ASN B 29 50.74 -37.41 3.36
C ASN B 29 49.70 -36.33 3.09
N LEU B 30 48.52 -36.47 3.69
CA LEU B 30 47.40 -35.58 3.39
C LEU B 30 47.62 -34.26 4.11
N ASP B 31 48.47 -33.43 3.52
CA ASP B 31 48.81 -32.13 4.11
C ASP B 31 47.81 -31.06 3.69
N GLN B 32 47.59 -30.11 4.59
CA GLN B 32 46.57 -29.08 4.43
C GLN B 32 47.21 -27.71 4.39
N PHE B 33 46.85 -26.91 3.38
CA PHE B 33 47.27 -25.52 3.25
C PHE B 33 46.04 -24.62 3.31
N LEU B 34 46.28 -23.31 3.29
CA LEU B 34 45.19 -22.34 3.28
C LEU B 34 44.94 -21.83 1.86
N SER B 35 43.66 -21.56 1.58
CA SER B 35 43.20 -21.27 0.23
C SER B 35 43.31 -19.80 -0.17
N SER B 36 43.73 -18.93 0.75
CA SER B 36 43.89 -17.50 0.48
C SER B 36 42.54 -16.94 0.06
N ARG B 37 42.45 -16.21 -1.05
CA ARG B 37 41.23 -15.54 -1.46
C ARG B 37 40.97 -15.80 -2.94
N ARG B 38 41.08 -17.06 -3.33
CA ARG B 38 40.92 -17.51 -4.71
C ARG B 38 39.60 -18.27 -4.87
N GLY B 39 39.22 -18.48 -6.12
CA GLY B 39 38.15 -19.41 -6.46
C GLY B 39 36.90 -18.81 -7.07
N PHE B 40 36.70 -17.50 -7.02
CA PHE B 40 35.47 -16.92 -7.56
C PHE B 40 35.43 -17.06 -9.08
N TYR B 41 34.22 -17.05 -9.63
CA TYR B 41 34.02 -17.25 -11.05
C TYR B 41 32.77 -16.53 -11.53
N TYR B 42 32.64 -16.42 -12.85
CA TYR B 42 31.44 -15.84 -13.43
C TYR B 42 30.27 -16.82 -13.30
N PHE B 43 29.14 -16.32 -12.82
CA PHE B 43 28.02 -17.19 -12.46
C PHE B 43 26.79 -17.02 -13.33
N ASP B 44 26.68 -15.94 -14.09
CA ASP B 44 25.51 -15.71 -14.92
C ASP B 44 25.93 -14.99 -16.20
N ASP B 45 25.08 -15.11 -17.22
CA ASP B 45 25.36 -14.53 -18.53
C ASP B 45 24.85 -13.11 -18.67
N THR B 46 24.20 -12.57 -17.64
CA THR B 46 23.68 -11.20 -17.72
C THR B 46 24.82 -10.20 -17.80
N PHE B 47 24.66 -9.21 -18.67
CA PHE B 47 25.67 -8.17 -18.85
C PHE B 47 25.34 -6.98 -17.96
N ARG B 48 26.35 -6.50 -17.23
CA ARG B 48 26.18 -5.40 -16.30
C ARG B 48 27.26 -4.34 -16.58
N SER B 49 27.15 -3.21 -15.89
CA SER B 49 28.14 -2.14 -16.02
C SER B 49 28.02 -1.22 -14.82
N SER B 50 29.06 -1.15 -14.00
CA SER B 50 29.08 -0.31 -12.79
C SER B 50 27.94 -0.66 -11.86
N VAL B 51 27.84 -1.94 -11.50
CA VAL B 51 26.76 -2.46 -10.67
C VAL B 51 27.37 -3.40 -9.64
N ARG B 52 26.84 -3.35 -8.41
CA ARG B 52 27.21 -4.26 -7.34
C ARG B 52 26.03 -5.16 -7.02
N VAL B 53 26.26 -6.47 -7.03
CA VAL B 53 25.17 -7.44 -6.88
C VAL B 53 25.49 -8.42 -5.76
N LEU B 54 24.43 -8.92 -5.12
CA LEU B 54 24.51 -9.87 -4.03
C LEU B 54 23.89 -11.18 -4.49
N THR B 55 24.66 -12.26 -4.43
CA THR B 55 24.21 -13.55 -4.95
C THR B 55 24.42 -14.64 -3.90
N SER B 56 23.72 -15.75 -4.10
CA SER B 56 23.81 -16.91 -3.23
C SER B 56 24.04 -18.15 -4.09
N GLY B 57 24.88 -19.06 -3.62
CA GLY B 57 25.15 -20.26 -4.37
C GLY B 57 26.16 -21.19 -3.73
N TYR B 58 26.86 -21.96 -4.55
CA TYR B 58 27.91 -22.87 -4.11
C TYR B 58 29.25 -22.26 -4.49
N PHE B 59 30.03 -21.89 -3.50
CA PHE B 59 31.30 -21.22 -3.73
C PHE B 59 32.34 -21.74 -2.74
N LEU B 60 33.60 -21.42 -3.02
CA LEU B 60 34.71 -21.85 -2.18
C LEU B 60 34.98 -20.80 -1.11
N PRO B 61 34.84 -21.13 0.17
CA PRO B 61 34.99 -20.10 1.21
C PRO B 61 36.41 -19.58 1.31
N PHE B 62 36.53 -18.32 1.73
CA PHE B 62 37.83 -17.69 1.88
C PHE B 62 38.53 -18.21 3.13
N GLN B 63 39.85 -18.42 3.01
CA GLN B 63 40.68 -18.93 4.09
C GLN B 63 40.17 -20.29 4.61
N SER B 64 40.24 -21.29 3.73
CA SER B 64 39.78 -22.63 4.04
C SER B 64 40.89 -23.64 3.79
N ASN B 65 40.82 -24.74 4.49
CA ASN B 65 41.84 -25.78 4.35
C ASN B 65 41.62 -26.43 3.00
N LEU B 66 42.70 -26.61 2.28
CA LEU B 66 42.65 -27.39 1.04
C LEU B 66 43.79 -28.38 1.05
N THR B 67 43.55 -29.54 0.43
CA THR B 67 44.48 -30.66 0.54
C THR B 67 45.44 -30.66 -0.63
N ARG B 68 46.73 -30.83 -0.34
CA ARG B 68 47.77 -30.84 -1.35
C ARG B 68 48.23 -32.26 -1.63
N TYR B 69 48.37 -32.59 -2.91
CA TYR B 69 48.99 -33.83 -3.34
C TYR B 69 50.17 -33.50 -4.23
N LEU B 70 51.24 -34.28 -4.09
CA LEU B 70 52.52 -33.97 -4.72
C LEU B 70 53.00 -35.15 -5.55
N THR B 71 53.82 -34.84 -6.56
CA THR B 71 54.48 -35.84 -7.40
C THR B 71 55.97 -35.54 -7.43
N LEU B 72 56.78 -36.56 -7.16
CA LEU B 72 58.23 -36.43 -7.04
C LEU B 72 58.89 -37.63 -7.70
N GLU B 73 60.17 -37.83 -7.42
CA GLU B 73 60.98 -38.88 -8.02
C GLU B 73 61.48 -39.85 -6.96
N SER B 74 62.04 -40.97 -7.43
CA SER B 74 62.56 -42.01 -6.56
C SER B 74 64.07 -41.86 -6.42
N ILE B 75 64.56 -41.87 -5.18
CA ILE B 75 65.98 -41.76 -4.92
C ILE B 75 66.46 -42.92 -4.04
N THR B 76 65.86 -43.07 -2.86
CA THR B 76 66.27 -44.12 -1.95
C THR B 76 65.58 -45.45 -2.26
N GLY B 77 64.25 -45.48 -2.12
CA GLY B 77 63.50 -46.69 -2.37
C GLY B 77 62.16 -46.45 -3.04
N ARG B 78 61.09 -46.99 -2.45
CA ARG B 78 59.75 -46.80 -2.98
C ARG B 78 59.28 -45.40 -2.61
N ARG B 79 59.77 -44.41 -3.35
CA ARG B 79 59.47 -43.00 -3.08
C ARG B 79 59.03 -42.29 -4.35
N ILE B 80 58.32 -42.99 -5.24
CA ILE B 80 57.89 -42.37 -6.48
C ILE B 80 56.87 -41.27 -6.23
N TYR B 81 56.11 -41.36 -5.14
CA TYR B 81 55.11 -40.36 -4.75
C TYR B 81 54.16 -40.05 -5.91
N PHE B 82 53.52 -41.10 -6.41
CA PHE B 82 52.57 -41.02 -7.52
C PHE B 82 51.17 -41.10 -6.92
N ASP B 83 50.62 -39.94 -6.53
CA ASP B 83 49.37 -39.87 -5.79
C ASP B 83 48.21 -39.58 -6.74
N ASN B 84 47.16 -40.42 -6.66
CA ASN B 84 45.95 -40.21 -7.42
C ASN B 84 44.78 -41.03 -6.87
N PRO B 85 44.32 -40.74 -5.65
CA PRO B 85 43.22 -41.50 -5.07
C PRO B 85 41.87 -40.99 -5.57
N ASN B 86 40.80 -41.56 -5.03
CA ASN B 86 39.44 -41.14 -5.36
C ASN B 86 38.97 -40.11 -4.35
N ILE B 87 38.50 -38.97 -4.85
CA ILE B 87 38.03 -37.87 -4.05
C ILE B 87 36.56 -37.63 -4.39
N PRO B 88 35.67 -37.50 -3.40
CA PRO B 88 34.25 -37.31 -3.71
C PRO B 88 34.00 -36.00 -4.44
N PHE B 89 32.99 -36.00 -5.31
CA PHE B 89 32.62 -34.80 -6.03
C PHE B 89 31.85 -33.82 -5.15
N LYS B 90 30.98 -34.32 -4.28
CA LYS B 90 30.18 -33.51 -3.36
C LYS B 90 29.31 -32.58 -4.20
N ASP B 91 29.37 -31.26 -4.04
CA ASP B 91 28.54 -30.32 -4.76
C ASP B 91 29.38 -29.31 -5.54
N GLY B 92 30.48 -29.77 -6.12
CA GLY B 92 31.39 -28.91 -6.84
C GLY B 92 32.83 -29.14 -6.42
N LEU B 93 33.74 -28.48 -7.13
CA LEU B 93 35.15 -28.75 -6.88
C LEU B 93 36.03 -27.62 -7.37
N TYR B 94 37.08 -27.33 -6.61
CA TYR B 94 38.19 -26.45 -6.99
C TYR B 94 39.46 -27.27 -7.14
N PHE B 95 40.12 -27.14 -8.31
CA PHE B 95 41.33 -27.88 -8.60
C PHE B 95 42.38 -26.92 -9.13
N ALA B 96 43.50 -26.83 -8.42
CA ALA B 96 44.60 -25.95 -8.82
C ALA B 96 45.84 -26.77 -9.12
N ALA B 97 46.58 -26.39 -10.15
CA ALA B 97 47.79 -27.10 -10.53
C ALA B 97 48.96 -26.13 -10.61
N THR B 98 50.03 -26.43 -9.88
CA THR B 98 51.30 -25.74 -10.02
C THR B 98 52.35 -26.75 -10.46
N GLU B 99 52.92 -26.51 -11.64
CA GLU B 99 53.76 -27.52 -12.26
C GLU B 99 54.50 -26.90 -13.43
N LYS B 100 55.51 -27.63 -13.90
CA LYS B 100 56.27 -27.31 -15.09
C LYS B 100 56.39 -28.56 -15.95
N SER B 101 56.44 -28.37 -17.27
CA SER B 101 56.53 -29.44 -18.26
C SER B 101 55.25 -30.27 -18.35
N ASN B 102 54.13 -29.77 -17.84
CA ASN B 102 52.79 -30.32 -18.08
C ASN B 102 52.69 -31.77 -17.60
N VAL B 103 52.87 -31.93 -16.30
CA VAL B 103 52.72 -33.25 -15.69
C VAL B 103 51.25 -33.68 -15.67
N ILE B 104 50.36 -32.77 -15.30
CA ILE B 104 48.94 -33.07 -15.16
C ILE B 104 48.24 -32.78 -16.47
N ARG B 105 47.47 -33.76 -16.96
CA ARG B 105 46.89 -33.69 -18.29
C ARG B 105 45.37 -33.69 -18.30
N GLY B 106 44.72 -34.51 -17.47
CA GLY B 106 43.29 -34.63 -17.57
C GLY B 106 42.62 -35.19 -16.33
N TRP B 107 41.31 -35.40 -16.44
CA TRP B 107 40.48 -35.79 -15.31
C TRP B 107 39.54 -36.93 -15.72
N ILE B 108 39.13 -37.70 -14.71
CA ILE B 108 38.19 -38.80 -14.85
C ILE B 108 37.01 -38.54 -13.93
N PHE B 109 35.80 -38.53 -14.49
CA PHE B 109 34.56 -38.34 -13.74
C PHE B 109 33.70 -39.59 -13.84
N GLY B 110 33.03 -39.94 -12.76
CA GLY B 110 32.16 -41.09 -12.80
C GLY B 110 31.45 -41.29 -11.47
N SER B 111 30.87 -42.49 -11.32
CA SER B 111 30.18 -42.86 -10.09
C SER B 111 30.89 -44.01 -9.39
N THR B 112 31.05 -45.15 -10.06
CA THR B 112 31.82 -46.27 -9.52
C THR B 112 33.12 -46.50 -10.28
N LEU B 113 33.32 -45.82 -11.40
CA LEU B 113 34.53 -45.95 -12.20
C LEU B 113 34.81 -47.40 -12.57
N ASP B 114 33.77 -48.07 -13.07
CA ASP B 114 33.86 -49.47 -13.42
C ASP B 114 33.07 -49.71 -14.70
N ASN B 115 33.12 -50.90 -15.26
CA ASN B 115 32.45 -51.17 -16.54
C ASN B 115 30.96 -51.39 -16.34
N THR B 116 30.48 -51.42 -15.10
CA THR B 116 29.05 -51.54 -14.89
C THR B 116 28.32 -50.25 -15.26
N THR B 117 28.93 -49.10 -14.96
CA THR B 117 28.32 -47.80 -15.21
C THR B 117 29.06 -47.10 -16.36
N GLN B 118 28.68 -45.84 -16.61
CA GLN B 118 29.21 -45.06 -17.70
C GLN B 118 29.95 -43.84 -17.14
N SER B 119 31.15 -43.59 -17.65
CA SER B 119 32.08 -42.62 -17.11
C SER B 119 32.48 -41.61 -18.19
N ALA B 120 33.19 -40.57 -17.76
CA ALA B 120 33.67 -39.51 -18.63
C ALA B 120 35.16 -39.28 -18.40
N VAL B 121 35.89 -39.01 -19.47
CA VAL B 121 37.34 -38.78 -19.43
C VAL B 121 37.64 -37.52 -20.25
N LEU B 122 38.15 -36.49 -19.58
CA LEU B 122 38.75 -35.34 -20.24
C LEU B 122 40.25 -35.53 -20.24
N PHE B 123 40.90 -35.27 -21.37
CA PHE B 123 42.29 -35.67 -21.53
C PHE B 123 42.96 -34.67 -22.48
N ASN B 124 44.09 -35.04 -23.08
CA ASN B 124 44.92 -34.09 -23.82
C ASN B 124 45.77 -34.83 -24.86
N ASN B 125 47.00 -35.18 -24.51
CA ASN B 125 47.93 -35.94 -25.39
C ASN B 125 48.82 -34.93 -26.09
N GLY B 126 48.78 -33.69 -25.60
CA GLY B 126 49.72 -32.69 -26.06
C GLY B 126 49.25 -31.94 -27.27
N THR B 127 48.62 -32.64 -28.20
CA THR B 127 48.18 -32.07 -29.46
C THR B 127 46.66 -31.92 -29.57
N HIS B 128 45.92 -32.20 -28.50
CA HIS B 128 44.46 -32.19 -28.58
C HIS B 128 43.89 -31.95 -27.19
N ILE B 129 42.56 -31.85 -27.11
CA ILE B 129 41.79 -31.89 -25.88
C ILE B 129 40.61 -32.84 -26.09
N VAL B 130 40.78 -34.10 -25.73
CA VAL B 130 39.78 -35.12 -26.06
C VAL B 130 38.79 -35.29 -24.91
N VAL B 131 37.52 -35.45 -25.26
CA VAL B 131 36.44 -35.63 -24.30
C VAL B 131 35.68 -36.89 -24.73
N ASN B 132 35.78 -37.94 -23.92
CA ASN B 132 35.14 -39.22 -24.24
C ASN B 132 34.24 -39.65 -23.10
N VAL B 133 32.96 -39.86 -23.38
CA VAL B 133 32.02 -40.42 -22.42
C VAL B 133 31.67 -41.82 -22.91
N CYS B 134 32.06 -42.82 -22.13
CA CYS B 134 32.00 -44.21 -22.60
C CYS B 134 31.80 -45.13 -21.39
N ASN B 135 31.86 -46.44 -21.65
CA ASN B 135 31.86 -47.48 -20.63
C ASN B 135 33.29 -48.01 -20.53
N PHE B 136 34.09 -47.39 -19.68
CA PHE B 136 35.51 -47.69 -19.61
C PHE B 136 35.82 -48.79 -18.60
N ASN B 137 36.82 -49.59 -18.92
CA ASN B 137 37.44 -50.50 -17.95
C ASN B 137 38.81 -49.93 -17.62
N PHE B 138 38.87 -49.11 -16.57
CA PHE B 138 40.03 -48.19 -16.38
C PHE B 138 41.27 -49.00 -15.98
N CYS B 139 42.43 -48.63 -16.54
CA CYS B 139 43.74 -49.16 -16.08
C CYS B 139 44.04 -48.63 -14.68
N GLN B 140 44.66 -49.46 -13.84
CA GLN B 140 44.83 -49.13 -12.39
C GLN B 140 45.42 -47.73 -12.25
N ASP B 141 46.60 -47.50 -12.83
CA ASP B 141 47.24 -46.15 -12.79
C ASP B 141 47.26 -45.56 -14.19
N PRO B 142 46.22 -44.79 -14.60
CA PRO B 142 46.16 -44.27 -15.96
C PRO B 142 47.41 -43.40 -16.22
N MET B 143 48.15 -43.72 -17.28
CA MET B 143 49.47 -43.07 -17.50
C MET B 143 49.60 -42.61 -18.95
N LEU B 144 50.16 -41.41 -19.13
CA LEU B 144 50.52 -40.88 -20.45
C LEU B 144 52.04 -40.77 -20.51
N ALA B 145 52.67 -41.91 -20.78
CA ALA B 145 54.12 -41.99 -20.73
C ALA B 145 54.73 -41.33 -21.97
N ILE B 146 55.73 -40.47 -21.75
CA ILE B 146 56.39 -39.75 -22.83
C ILE B 146 57.90 -39.92 -22.70
N SER B 147 58.59 -39.62 -23.79
CA SER B 147 60.03 -39.76 -23.89
C SER B 147 60.54 -38.55 -24.68
N ALA B 148 61.75 -38.66 -25.24
CA ALA B 148 62.27 -37.62 -26.13
C ALA B 148 61.25 -37.28 -27.21
N GLY B 149 60.57 -38.29 -27.75
CA GLY B 149 59.41 -38.05 -28.59
C GLY B 149 58.16 -37.94 -27.73
N SER B 150 57.28 -36.99 -28.08
CA SER B 150 56.14 -36.69 -27.22
C SER B 150 55.07 -37.76 -27.28
N PRO B 151 54.42 -38.03 -28.44
CA PRO B 151 53.31 -38.99 -28.44
C PRO B 151 53.80 -40.43 -28.42
N TYR B 152 54.56 -40.78 -27.37
CA TYR B 152 55.15 -42.12 -27.29
C TYR B 152 54.07 -43.18 -27.23
N LYS B 153 53.30 -43.20 -26.15
CA LYS B 153 52.18 -44.13 -25.98
C LYS B 153 51.18 -43.50 -25.01
N SER B 154 49.94 -44.00 -25.07
CA SER B 154 48.85 -43.51 -24.24
C SER B 154 48.15 -44.68 -23.57
N TRP B 155 47.95 -44.59 -22.25
CA TRP B 155 47.21 -45.60 -21.51
C TRP B 155 46.31 -44.89 -20.50
N VAL B 156 45.01 -44.92 -20.75
CA VAL B 156 44.05 -44.34 -19.82
C VAL B 156 43.04 -45.42 -19.44
N TYR B 157 42.82 -46.37 -20.35
CA TYR B 157 41.83 -47.40 -20.15
C TYR B 157 42.24 -48.66 -20.89
N THR B 158 41.55 -49.75 -20.59
CA THR B 158 41.79 -51.03 -21.25
C THR B 158 40.78 -51.31 -22.36
N THR B 159 39.50 -51.30 -22.03
CA THR B 159 38.42 -51.54 -23.02
C THR B 159 37.42 -50.38 -22.98
N ALA B 160 36.80 -50.07 -24.12
CA ALA B 160 35.74 -49.05 -24.24
C ALA B 160 34.61 -49.57 -25.12
N THR B 161 33.45 -49.82 -24.50
CA THR B 161 32.33 -50.54 -25.16
C THR B 161 31.36 -49.52 -25.73
N ASN B 162 30.31 -49.19 -24.99
CA ASN B 162 29.13 -48.50 -25.60
C ASN B 162 29.37 -46.99 -25.58
N CYS B 163 30.15 -46.53 -26.56
CA CYS B 163 30.92 -45.25 -26.46
C CYS B 163 30.06 -44.18 -27.07
N THR B 164 29.03 -43.80 -26.34
CA THR B 164 28.16 -42.81 -26.95
C THR B 164 28.64 -41.36 -26.86
N TYR B 165 29.92 -41.10 -26.58
CA TYR B 165 30.38 -39.73 -26.79
C TYR B 165 31.87 -39.70 -27.08
N ASN B 166 32.23 -39.13 -28.23
CA ASN B 166 33.62 -38.98 -28.66
C ASN B 166 33.77 -37.61 -29.30
N ARG B 167 34.54 -36.72 -28.68
CA ARG B 167 34.76 -35.38 -29.20
C ARG B 167 36.23 -35.02 -29.09
N LEU B 168 36.74 -34.32 -30.10
CA LEU B 168 38.15 -33.98 -30.17
C LEU B 168 38.31 -32.53 -30.60
N HIS B 169 39.07 -31.78 -29.81
CA HIS B 169 39.36 -30.38 -30.07
C HIS B 169 40.83 -30.27 -30.50
N ALA B 170 41.23 -29.07 -30.91
CA ALA B 170 42.57 -28.85 -31.47
C ALA B 170 43.28 -27.78 -30.66
N PHE B 171 44.37 -28.17 -30.00
CA PHE B 171 45.16 -27.25 -29.19
C PHE B 171 46.58 -27.81 -29.16
N ASN B 172 47.53 -26.98 -28.75
CA ASN B 172 48.93 -27.35 -28.83
C ASN B 172 49.64 -27.03 -27.52
N ILE B 173 50.37 -28.01 -26.99
CA ILE B 173 51.13 -27.86 -25.76
C ILE B 173 52.51 -28.48 -25.97
N SER B 174 53.52 -27.83 -25.42
CA SER B 174 54.89 -28.35 -25.50
C SER B 174 55.17 -29.31 -24.36
N THR B 175 56.05 -30.28 -24.63
CA THR B 175 56.38 -31.36 -23.70
C THR B 175 57.89 -31.49 -23.61
N SER B 176 58.49 -30.84 -22.60
CA SER B 176 59.92 -30.93 -22.39
C SER B 176 60.22 -30.62 -20.93
N ILE B 177 61.05 -31.45 -20.30
CA ILE B 177 61.37 -31.27 -18.89
C ILE B 177 62.23 -30.01 -18.75
N ASN B 178 61.79 -29.10 -17.89
CA ASN B 178 62.54 -27.89 -17.61
C ASN B 178 63.04 -27.89 -16.16
N PRO B 179 64.18 -27.26 -15.90
CA PRO B 179 64.68 -27.19 -14.52
C PRO B 179 64.19 -25.93 -13.83
N GLY B 180 64.45 -25.87 -12.53
CA GLY B 180 64.07 -24.73 -11.71
C GLY B 180 62.78 -24.96 -10.94
N SER B 181 62.21 -23.85 -10.47
CA SER B 181 60.97 -23.87 -9.72
C SER B 181 59.78 -23.82 -10.67
N PHE B 182 58.58 -23.81 -10.10
CA PHE B 182 57.35 -23.78 -10.88
C PHE B 182 57.05 -22.37 -11.34
N VAL B 183 56.65 -22.24 -12.61
CA VAL B 183 56.39 -20.92 -13.18
C VAL B 183 55.03 -20.88 -13.86
N HIS B 184 54.14 -21.80 -13.50
CA HIS B 184 52.81 -21.84 -14.06
C HIS B 184 51.78 -22.09 -12.96
N LEU B 185 50.56 -21.63 -13.20
CA LEU B 185 49.44 -21.87 -12.29
C LEU B 185 48.17 -21.96 -13.11
N ARG B 186 47.56 -23.14 -13.11
CA ARG B 186 46.33 -23.38 -13.87
C ARG B 186 45.20 -23.68 -12.90
N GLU B 187 44.10 -22.95 -13.05
CA GLU B 187 42.98 -23.01 -12.11
C GLU B 187 41.74 -23.53 -12.81
N HIS B 188 41.04 -24.46 -12.18
CA HIS B 188 39.80 -24.98 -12.74
C HIS B 188 38.75 -25.13 -11.64
N VAL B 189 37.49 -24.90 -12.02
CA VAL B 189 36.35 -25.15 -11.16
C VAL B 189 35.38 -26.06 -11.91
N PHE B 190 34.92 -27.12 -11.24
CA PHE B 190 34.04 -28.11 -11.82
C PHE B 190 32.70 -28.10 -11.10
N ARG B 191 31.61 -28.09 -11.88
CA ARG B 191 30.26 -28.05 -11.33
C ARG B 191 29.33 -28.91 -12.18
N ASN B 192 28.21 -29.33 -11.60
CA ASN B 192 27.24 -30.17 -12.31
C ASN B 192 25.83 -29.77 -11.93
N VAL B 193 25.06 -29.30 -12.91
CA VAL B 193 23.67 -28.86 -12.69
C VAL B 193 22.85 -29.20 -13.92
N ASP B 194 21.69 -29.83 -13.70
CA ASP B 194 20.69 -30.09 -14.74
C ASP B 194 21.28 -30.86 -15.93
N GLY B 195 22.02 -31.92 -15.62
CA GLY B 195 22.62 -32.71 -16.67
C GLY B 195 23.75 -32.03 -17.41
N PHE B 196 24.19 -30.86 -16.94
CA PHE B 196 25.22 -30.08 -17.58
C PHE B 196 26.46 -30.06 -16.69
N LEU B 197 27.61 -30.38 -17.27
CA LEU B 197 28.90 -30.26 -16.59
C LEU B 197 29.53 -28.92 -16.99
N TYR B 198 29.83 -28.10 -15.99
CA TYR B 198 30.41 -26.78 -16.18
C TYR B 198 31.87 -26.80 -15.76
N VAL B 199 32.75 -26.29 -16.63
CA VAL B 199 34.18 -26.21 -16.38
C VAL B 199 34.61 -24.77 -16.60
N TYR B 200 35.23 -24.18 -15.57
CA TYR B 200 35.79 -22.82 -15.64
C TYR B 200 37.30 -22.89 -15.49
N HIS B 201 38.02 -22.06 -16.24
CA HIS B 201 39.47 -22.14 -16.39
C HIS B 201 40.13 -20.77 -16.24
N ASN B 202 41.34 -20.75 -15.68
CA ASN B 202 42.12 -19.53 -15.57
C ASN B 202 43.61 -19.86 -15.54
N TYR B 203 44.43 -18.87 -15.92
CA TYR B 203 45.87 -19.03 -16.03
C TYR B 203 46.60 -17.88 -15.32
N GLU B 204 47.76 -18.21 -14.74
CA GLU B 204 48.59 -17.18 -14.11
C GLU B 204 50.03 -17.71 -14.05
N SER B 205 50.98 -16.77 -13.89
CA SER B 205 52.40 -17.09 -13.85
C SER B 205 52.96 -16.76 -12.47
N ILE B 206 53.64 -17.73 -11.86
CA ILE B 206 54.10 -17.60 -10.48
C ILE B 206 55.54 -18.06 -10.34
N ASN B 207 56.07 -18.07 -9.12
CA ASN B 207 57.40 -18.63 -8.85
C ASN B 207 57.48 -19.08 -7.39
N VAL B 208 57.32 -20.37 -7.12
CA VAL B 208 57.24 -20.90 -5.78
C VAL B 208 57.77 -22.33 -5.79
N THR B 209 58.15 -22.84 -4.62
CA THR B 209 58.71 -24.17 -4.48
C THR B 209 57.83 -25.11 -3.67
N ASN B 210 57.41 -24.69 -2.48
CA ASN B 210 56.60 -25.54 -1.59
C ASN B 210 55.25 -24.93 -1.24
N THR B 211 55.20 -23.66 -0.89
CA THR B 211 53.99 -23.06 -0.35
C THR B 211 52.96 -22.80 -1.46
N PHE B 212 51.70 -22.76 -1.06
CA PHE B 212 50.61 -22.37 -1.95
C PHE B 212 50.58 -20.87 -2.12
N PRO B 213 50.48 -20.36 -3.36
CA PRO B 213 50.46 -18.91 -3.57
C PRO B 213 49.23 -18.26 -2.96
N GLY B 214 49.28 -16.92 -2.91
CA GLY B 214 48.17 -16.16 -2.36
C GLY B 214 47.81 -14.96 -3.22
N GLY B 215 46.51 -14.72 -3.41
CA GLY B 215 46.08 -13.63 -4.26
C GLY B 215 44.60 -13.79 -4.61
N PHE B 216 44.20 -13.07 -5.65
CA PHE B 216 42.82 -13.03 -6.12
C PHE B 216 42.77 -13.42 -7.59
N SER B 217 41.76 -14.20 -7.96
CA SER B 217 41.63 -14.68 -9.33
C SER B 217 40.17 -14.96 -9.65
N VAL B 218 39.77 -14.68 -10.89
CA VAL B 218 38.41 -14.90 -11.37
C VAL B 218 38.49 -15.79 -12.60
N LEU B 219 37.65 -16.83 -12.63
CA LEU B 219 37.67 -17.82 -13.71
C LEU B 219 36.57 -17.51 -14.73
N LYS B 220 36.92 -17.61 -16.00
CA LYS B 220 36.07 -17.35 -17.16
C LYS B 220 35.48 -18.66 -17.68
N PRO B 221 34.19 -18.70 -18.02
CA PRO B 221 33.56 -19.95 -18.47
C PRO B 221 34.17 -20.44 -19.78
N ILE B 222 34.64 -21.69 -19.76
CA ILE B 222 35.30 -22.29 -20.92
C ILE B 222 34.53 -23.47 -21.48
N LEU B 223 33.89 -24.28 -20.62
CA LEU B 223 33.29 -25.50 -21.14
C LEU B 223 31.94 -25.78 -20.49
N LYS B 224 30.97 -26.20 -21.29
CA LYS B 224 29.64 -26.59 -20.83
C LYS B 224 29.17 -27.78 -21.64
N LEU B 225 28.99 -28.93 -20.99
CA LEU B 225 28.79 -30.18 -21.69
C LEU B 225 27.47 -30.84 -21.28
N PRO B 226 26.65 -31.28 -22.24
CA PRO B 226 25.35 -31.95 -21.95
C PRO B 226 25.47 -33.45 -21.80
N PHE B 227 26.00 -33.90 -20.66
CA PHE B 227 26.37 -35.29 -20.47
C PHE B 227 25.27 -36.10 -19.78
N GLY B 228 24.71 -35.57 -18.70
CA GLY B 228 23.61 -36.22 -18.02
C GLY B 228 23.92 -37.55 -17.36
N LEU B 229 25.02 -37.61 -16.63
CA LEU B 229 25.40 -38.83 -15.92
C LEU B 229 25.60 -38.52 -14.44
N ASN B 230 25.57 -39.57 -13.62
CA ASN B 230 25.65 -39.45 -12.14
C ASN B 230 27.12 -39.36 -11.72
N ILE B 231 27.58 -38.16 -11.35
CA ILE B 231 28.98 -37.85 -11.07
C ILE B 231 29.16 -37.79 -9.55
N THR B 232 29.96 -38.71 -9.01
CA THR B 232 30.25 -38.72 -7.59
C THR B 232 31.72 -38.95 -7.26
N HIS B 233 32.57 -39.27 -8.22
CA HIS B 233 33.98 -39.51 -7.96
C HIS B 233 34.81 -39.02 -9.14
N PHE B 234 36.02 -38.53 -8.84
CA PHE B 234 36.92 -38.06 -9.88
C PHE B 234 38.34 -38.47 -9.54
N LYS B 235 39.17 -38.52 -10.57
CA LYS B 235 40.58 -38.91 -10.43
C LYS B 235 41.40 -38.10 -11.42
N VAL B 236 42.70 -37.99 -11.15
CA VAL B 236 43.60 -37.16 -11.96
C VAL B 236 44.43 -38.07 -12.85
N ILE B 237 44.79 -37.57 -14.03
CA ILE B 237 45.61 -38.29 -15.00
C ILE B 237 47.00 -37.67 -15.00
N MET B 238 48.02 -38.50 -14.87
CA MET B 238 49.40 -38.05 -14.75
C MET B 238 50.20 -38.46 -15.97
N THR B 239 51.52 -38.20 -15.91
CA THR B 239 52.45 -38.61 -16.95
C THR B 239 53.77 -39.00 -16.29
N LEU B 240 54.52 -39.87 -16.96
CA LEU B 240 55.81 -40.32 -16.50
C LEU B 240 56.89 -39.94 -17.50
N PHE B 241 58.07 -39.63 -16.98
CA PHE B 241 59.20 -39.18 -17.80
C PHE B 241 60.32 -40.20 -17.78
N SER B 242 60.89 -40.46 -18.96
CA SER B 242 62.07 -41.30 -19.09
C SER B 242 62.80 -40.92 -20.37
N ASN B 243 64.07 -41.33 -20.44
CA ASN B 243 64.88 -41.13 -21.62
C ASN B 243 65.11 -42.40 -22.41
N THR B 244 64.45 -43.49 -22.04
CA THR B 244 64.59 -44.79 -22.69
C THR B 244 63.21 -45.46 -22.67
N THR B 245 63.18 -46.74 -22.95
CA THR B 245 61.92 -47.50 -23.01
C THR B 245 61.79 -48.37 -21.75
N GLN B 246 62.25 -47.82 -20.63
CA GLN B 246 62.20 -48.50 -19.35
C GLN B 246 62.48 -47.45 -18.27
N SER B 247 62.30 -47.85 -17.01
CA SER B 247 62.63 -47.04 -15.84
C SER B 247 62.07 -45.62 -15.97
N PHE B 248 60.76 -45.53 -16.12
CA PHE B 248 60.08 -44.25 -16.14
C PHE B 248 60.03 -43.67 -14.73
N GLU B 249 60.27 -42.37 -14.63
CA GLU B 249 60.24 -41.67 -13.35
C GLU B 249 59.32 -40.46 -13.43
N ALA B 250 59.27 -39.66 -12.38
CA ALA B 250 58.37 -38.52 -12.32
C ALA B 250 59.05 -37.36 -11.64
N ASP B 251 58.72 -36.15 -12.09
CA ASP B 251 59.33 -34.94 -11.58
C ASP B 251 58.33 -34.18 -10.70
N ALA B 252 58.74 -33.01 -10.23
CA ALA B 252 57.97 -32.29 -9.22
C ALA B 252 56.70 -31.73 -9.83
N SER B 253 55.58 -31.95 -9.15
CA SER B 253 54.31 -31.33 -9.52
C SER B 253 53.43 -31.28 -8.29
N ALA B 254 52.49 -30.33 -8.27
CA ALA B 254 51.59 -30.24 -7.13
C ALA B 254 50.19 -29.89 -7.58
N TYR B 255 49.20 -30.59 -7.01
CA TYR B 255 47.80 -30.25 -7.27
C TYR B 255 47.03 -30.13 -5.97
N PHE B 256 46.16 -29.13 -5.94
CA PHE B 256 45.45 -28.70 -4.75
C PHE B 256 43.96 -28.91 -4.95
N VAL B 257 43.29 -29.48 -3.94
CA VAL B 257 41.89 -29.84 -4.02
C VAL B 257 41.12 -29.11 -2.92
N GLY B 258 39.98 -28.51 -3.29
CA GLY B 258 39.08 -27.91 -2.32
C GLY B 258 37.63 -28.12 -2.72
N HIS B 259 36.74 -28.00 -1.73
CA HIS B 259 35.33 -28.32 -1.88
C HIS B 259 34.47 -27.07 -1.77
N LEU B 260 33.36 -27.07 -2.53
CA LEU B 260 32.43 -25.95 -2.57
C LEU B 260 31.35 -26.10 -1.51
N LYS B 261 30.85 -24.97 -1.04
CA LYS B 261 29.88 -24.94 0.06
C LYS B 261 28.84 -23.86 -0.21
N PRO B 262 27.64 -24.00 0.40
CA PRO B 262 26.56 -23.02 0.19
C PRO B 262 26.81 -21.73 0.95
N LEU B 263 27.08 -20.66 0.22
CA LEU B 263 27.37 -19.35 0.80
C LEU B 263 26.64 -18.27 0.03
N THR B 264 26.84 -17.03 0.47
CA THR B 264 26.39 -15.84 -0.24
C THR B 264 27.54 -14.85 -0.34
N MET B 265 27.63 -14.16 -1.46
CA MET B 265 28.76 -13.28 -1.76
C MET B 265 28.31 -12.04 -2.51
N LEU B 266 29.23 -11.08 -2.59
CA LEU B 266 29.08 -9.83 -3.32
C LEU B 266 29.96 -9.85 -4.56
N ALA B 267 29.79 -8.83 -5.41
CA ALA B 267 30.54 -8.75 -6.65
C ALA B 267 30.71 -7.28 -7.03
N ASP B 268 31.65 -7.02 -7.93
CA ASP B 268 31.92 -5.68 -8.44
C ASP B 268 32.19 -5.75 -9.93
N PHE B 269 31.56 -4.86 -10.68
CA PHE B 269 31.71 -4.80 -12.14
C PHE B 269 32.14 -3.39 -12.53
N ASP B 270 33.18 -3.29 -13.36
CA ASP B 270 33.71 -2.01 -13.78
C ASP B 270 33.07 -1.58 -15.09
N GLU B 271 33.68 -0.59 -15.76
CA GLU B 271 33.07 0.04 -16.93
C GLU B 271 32.65 -0.97 -17.98
N ASN B 272 33.56 -1.88 -18.30
CA ASN B 272 33.36 -2.99 -19.27
C ASN B 272 33.31 -4.32 -18.51
N GLY B 273 32.32 -5.17 -18.76
CA GLY B 273 32.06 -6.31 -17.91
C GLY B 273 33.31 -7.07 -17.49
N THR B 274 33.72 -6.87 -16.24
CA THR B 274 34.90 -7.53 -15.70
C THR B 274 34.84 -7.50 -14.17
N ILE B 275 34.76 -8.68 -13.54
CA ILE B 275 34.74 -8.74 -12.09
C ILE B 275 36.12 -8.41 -11.55
N VAL B 276 36.19 -7.47 -10.62
CA VAL B 276 37.46 -7.03 -10.06
C VAL B 276 37.60 -7.29 -8.57
N ASP B 277 36.53 -7.56 -7.84
CA ASP B 277 36.62 -7.83 -6.42
C ASP B 277 35.37 -8.57 -5.96
N ALA B 278 35.49 -9.25 -4.82
CA ALA B 278 34.37 -9.94 -4.21
C ALA B 278 34.68 -10.14 -2.74
N VAL B 279 33.62 -10.43 -1.96
CA VAL B 279 33.75 -10.60 -0.52
C VAL B 279 32.88 -11.77 -0.07
N ASP B 280 33.34 -12.45 0.98
CA ASP B 280 32.62 -13.55 1.60
C ASP B 280 31.78 -13.00 2.75
N CYS B 281 30.46 -13.13 2.65
CA CYS B 281 29.55 -12.55 3.62
C CYS B 281 29.50 -13.31 4.94
N SER B 282 30.37 -14.31 5.14
CA SER B 282 30.32 -15.11 6.35
C SER B 282 31.69 -15.35 6.97
N GLN B 283 32.72 -14.60 6.58
CA GLN B 283 34.06 -14.84 7.09
C GLN B 283 34.32 -14.12 8.40
N ASN B 284 33.96 -12.83 8.48
CA ASN B 284 34.28 -12.01 9.64
C ASN B 284 33.30 -10.84 9.69
N PRO B 285 33.18 -10.18 10.85
CA PRO B 285 32.15 -9.13 10.98
C PRO B 285 32.26 -8.00 9.98
N LEU B 286 33.47 -7.59 9.60
CA LEU B 286 33.61 -6.48 8.65
C LEU B 286 33.03 -6.85 7.29
N SER B 287 33.27 -8.08 6.84
CA SER B 287 32.69 -8.54 5.59
C SER B 287 31.17 -8.58 5.67
N GLU B 288 30.63 -9.01 6.82
CA GLU B 288 29.19 -9.03 6.99
C GLU B 288 28.61 -7.62 6.93
N LEU B 289 29.32 -6.64 7.51
CA LEU B 289 28.88 -5.25 7.42
C LEU B 289 28.92 -4.76 5.97
N LYS B 290 29.99 -5.07 5.25
CA LYS B 290 30.07 -4.70 3.84
C LYS B 290 29.01 -5.42 3.00
N CYS B 291 28.50 -6.54 3.50
CA CYS B 291 27.51 -7.32 2.78
C CYS B 291 26.09 -6.85 3.06
N THR B 292 25.82 -6.35 4.27
CA THR B 292 24.50 -5.79 4.57
C THR B 292 24.28 -4.48 3.82
N THR B 293 25.24 -3.58 3.87
CA THR B 293 25.22 -2.35 3.08
C THR B 293 26.03 -2.59 1.82
N LYS B 294 25.36 -2.64 0.68
CA LYS B 294 25.96 -3.17 -0.55
C LYS B 294 26.98 -2.18 -1.08
N SER B 295 28.19 -2.26 -0.53
CA SER B 295 29.28 -1.40 -0.93
C SER B 295 30.60 -2.03 -0.50
N PHE B 296 31.67 -1.63 -1.18
CA PHE B 296 33.02 -2.03 -0.83
C PHE B 296 33.73 -0.99 0.03
N SER B 297 33.08 0.12 0.33
CA SER B 297 33.62 1.15 1.21
C SER B 297 32.56 1.53 2.22
N VAL B 298 32.93 1.58 3.49
CA VAL B 298 32.00 1.85 4.58
C VAL B 298 32.49 3.05 5.37
N GLU B 299 31.59 3.99 5.64
CA GLU B 299 31.92 5.16 6.44
C GLU B 299 31.88 4.83 7.92
N LYS B 300 32.44 5.74 8.72
CA LYS B 300 32.57 5.53 10.15
C LYS B 300 31.21 5.55 10.83
N GLY B 301 30.98 4.60 11.73
CA GLY B 301 29.77 4.59 12.51
C GLY B 301 29.45 3.20 13.04
N ILE B 302 28.22 3.08 13.54
CA ILE B 302 27.69 1.84 14.10
C ILE B 302 26.47 1.43 13.27
N TYR B 303 26.41 0.15 12.90
CA TYR B 303 25.38 -0.35 12.00
C TYR B 303 24.78 -1.64 12.54
N GLN B 304 23.54 -1.90 12.13
CA GLN B 304 22.85 -3.14 12.46
C GLN B 304 22.97 -4.12 11.30
N THR B 305 23.24 -5.38 11.63
CA THR B 305 23.56 -6.39 10.63
C THR B 305 22.58 -7.57 10.68
N SER B 306 22.61 -8.36 9.62
CA SER B 306 21.79 -9.56 9.52
C SER B 306 22.56 -10.74 10.11
N ASN B 307 22.09 -11.97 9.85
CA ASN B 307 22.70 -13.14 10.49
C ASN B 307 23.97 -13.56 9.76
N PHE B 308 23.84 -14.05 8.53
CA PHE B 308 24.95 -14.30 7.63
C PHE B 308 26.07 -15.16 8.22
N ARG B 309 25.85 -15.82 9.35
CA ARG B 309 26.98 -16.43 10.07
C ARG B 309 26.79 -17.90 10.40
N VAL B 310 25.59 -18.34 10.74
CA VAL B 310 25.34 -19.71 11.17
C VAL B 310 24.24 -20.33 10.31
N SER B 311 24.47 -21.58 9.91
CA SER B 311 23.52 -22.35 9.10
C SER B 311 23.44 -23.76 9.65
N PRO B 312 22.29 -24.42 9.53
CA PRO B 312 22.17 -25.79 10.05
C PRO B 312 22.94 -26.79 9.21
N SER B 313 23.31 -27.90 9.86
CA SER B 313 23.99 -29.00 9.19
C SER B 313 23.24 -30.32 9.29
N THR B 314 22.77 -30.70 10.49
CA THR B 314 22.22 -32.02 10.73
C THR B 314 20.70 -32.04 10.51
N GLU B 315 20.04 -33.10 10.96
CA GLU B 315 18.64 -33.32 10.66
C GLU B 315 18.02 -34.25 11.71
N VAL B 316 16.78 -33.95 12.11
CA VAL B 316 16.02 -34.78 13.05
C VAL B 316 14.68 -35.12 12.41
N VAL B 317 14.40 -36.42 12.29
CA VAL B 317 13.28 -36.90 11.46
C VAL B 317 12.39 -37.85 12.26
N ARG B 318 12.24 -37.61 13.56
CA ARG B 318 11.55 -38.57 14.41
C ARG B 318 10.06 -38.67 14.05
N PHE B 319 9.63 -39.88 13.70
CA PHE B 319 8.22 -40.21 13.36
C PHE B 319 7.75 -41.36 14.26
N PRO B 320 6.44 -41.68 14.33
CA PRO B 320 5.94 -42.66 15.31
C PRO B 320 6.48 -44.07 15.06
N ASN B 321 6.31 -45.00 16.00
CA ASN B 321 6.75 -46.38 15.70
C ASN B 321 5.55 -47.24 15.26
N ILE B 322 5.08 -47.05 14.03
CA ILE B 322 4.17 -48.03 13.38
C ILE B 322 4.99 -48.71 12.26
N THR B 323 4.43 -49.73 11.63
CA THR B 323 5.20 -50.49 10.61
C THR B 323 4.27 -51.39 9.80
N ASN B 324 3.08 -51.69 10.34
CA ASN B 324 2.11 -52.49 9.61
C ASN B 324 1.70 -51.79 8.32
N LEU B 325 1.67 -52.54 7.23
CA LEU B 325 1.32 -51.99 5.93
C LEU B 325 -0.18 -51.79 5.82
N CYS B 326 -0.57 -50.68 5.20
CA CYS B 326 -1.98 -50.38 5.01
C CYS B 326 -2.62 -51.36 4.02
N PRO B 327 -3.91 -51.68 4.20
CA PRO B 327 -4.54 -52.74 3.40
C PRO B 327 -4.97 -52.26 2.01
N PHE B 328 -4.00 -52.25 1.09
CA PHE B 328 -4.29 -51.85 -0.28
C PHE B 328 -5.11 -52.89 -1.03
N GLY B 329 -5.21 -54.11 -0.49
CA GLY B 329 -6.18 -55.07 -1.00
C GLY B 329 -7.58 -54.76 -0.49
N GLN B 330 -8.55 -55.42 -1.13
CA GLN B 330 -9.97 -55.23 -0.81
C GLN B 330 -10.42 -53.80 -1.09
N VAL B 331 -9.49 -52.95 -1.55
CA VAL B 331 -9.79 -51.60 -1.99
C VAL B 331 -9.35 -51.40 -3.43
N PHE B 332 -8.13 -51.84 -3.76
CA PHE B 332 -7.63 -51.87 -5.12
C PHE B 332 -7.71 -53.26 -5.73
N ASN B 333 -7.39 -54.25 -4.91
CA ASN B 333 -7.41 -55.65 -5.39
C ASN B 333 -8.61 -56.39 -4.80
N ALA B 334 -9.79 -55.97 -5.20
CA ALA B 334 -11.04 -56.49 -4.64
C ALA B 334 -11.81 -57.23 -5.72
N SER B 335 -12.82 -57.99 -5.29
CA SER B 335 -13.57 -58.83 -6.20
C SER B 335 -14.79 -58.11 -6.79
N THR B 336 -15.50 -57.34 -5.98
CA THR B 336 -16.73 -56.69 -6.42
C THR B 336 -16.78 -55.27 -5.86
N PHE B 337 -17.18 -54.32 -6.71
CA PHE B 337 -17.45 -52.95 -6.32
C PHE B 337 -18.93 -52.64 -6.41
N PRO B 338 -19.44 -51.76 -5.55
CA PRO B 338 -20.88 -51.48 -5.51
C PRO B 338 -21.32 -50.61 -6.68
N SER B 339 -22.61 -50.36 -6.75
CA SER B 339 -23.18 -49.44 -7.72
C SER B 339 -23.01 -48.00 -7.25
N VAL B 340 -23.04 -47.07 -8.21
CA VAL B 340 -22.76 -45.68 -7.90
C VAL B 340 -23.84 -45.07 -7.02
N TYR B 341 -25.09 -45.50 -7.19
CA TYR B 341 -26.16 -44.95 -6.36
C TYR B 341 -26.07 -45.40 -4.91
N ALA B 342 -25.41 -46.53 -4.63
CA ALA B 342 -25.17 -47.01 -3.27
C ALA B 342 -23.69 -47.31 -3.15
N TRP B 343 -22.90 -46.29 -2.85
CA TRP B 343 -21.44 -46.42 -2.83
C TRP B 343 -20.96 -46.76 -1.43
N GLY B 344 -19.74 -47.30 -1.37
CA GLY B 344 -19.14 -47.71 -0.12
C GLY B 344 -18.21 -46.66 0.46
N ARG B 345 -17.77 -46.93 1.68
CA ARG B 345 -16.86 -46.06 2.40
C ARG B 345 -16.16 -46.89 3.46
N MET B 346 -14.86 -46.62 3.67
CA MET B 346 -14.15 -47.27 4.77
C MET B 346 -13.09 -46.33 5.32
N ARG B 347 -12.67 -46.64 6.55
CA ARG B 347 -11.71 -45.85 7.30
C ARG B 347 -10.42 -46.62 7.45
N ILE B 348 -9.30 -45.94 7.23
CA ILE B 348 -7.97 -46.54 7.25
C ILE B 348 -7.20 -45.92 8.42
N SER B 349 -6.67 -46.76 9.31
CA SER B 349 -6.01 -46.25 10.49
C SER B 349 -4.95 -47.22 10.99
N ASP B 350 -3.94 -46.68 11.67
CA ASP B 350 -2.88 -47.45 12.33
C ASP B 350 -2.14 -48.36 11.33
N CYS B 351 -1.49 -47.72 10.37
CA CYS B 351 -0.73 -48.45 9.36
C CYS B 351 0.19 -47.48 8.63
N VAL B 352 1.11 -48.04 7.84
CA VAL B 352 2.04 -47.28 7.03
C VAL B 352 1.68 -47.47 5.57
N ALA B 353 1.69 -46.38 4.81
CA ALA B 353 1.19 -46.38 3.45
C ALA B 353 2.28 -45.88 2.50
N ASP B 354 2.78 -46.78 1.66
CA ASP B 354 3.72 -46.45 0.61
C ASP B 354 3.10 -46.81 -0.74
N TYR B 355 3.15 -45.85 -1.66
CA TYR B 355 2.57 -46.04 -2.98
C TYR B 355 3.47 -46.83 -3.91
N SER B 356 4.75 -47.00 -3.57
CA SER B 356 5.64 -47.81 -4.38
C SER B 356 5.17 -49.25 -4.44
N VAL B 357 4.47 -49.72 -3.40
CA VAL B 357 3.89 -51.06 -3.43
C VAL B 357 2.92 -51.20 -4.58
N LEU B 358 2.18 -50.13 -4.91
CA LEU B 358 1.28 -50.15 -6.05
C LEU B 358 2.00 -50.20 -7.38
N TYR B 359 3.33 -49.99 -7.41
CA TYR B 359 4.05 -50.07 -8.66
C TYR B 359 4.21 -51.49 -9.16
N ASN B 360 4.35 -52.43 -8.23
CA ASN B 360 4.69 -53.82 -8.63
C ASN B 360 3.40 -54.57 -8.97
N SER B 361 2.29 -54.22 -8.32
CA SER B 361 1.00 -54.84 -8.70
C SER B 361 0.66 -54.41 -10.13
N THR B 362 -0.30 -55.06 -10.76
CA THR B 362 -0.72 -54.62 -12.11
C THR B 362 -1.65 -53.43 -11.98
N SER B 363 -2.44 -53.16 -13.02
CA SER B 363 -3.44 -52.05 -12.97
C SER B 363 -2.76 -50.68 -13.00
N SER B 364 -2.70 -50.05 -14.17
CA SER B 364 -2.17 -48.67 -14.27
C SER B 364 -3.32 -47.70 -14.04
N PHE B 365 -3.04 -46.46 -13.66
CA PHE B 365 -4.15 -45.54 -13.32
C PHE B 365 -4.33 -44.51 -14.44
N SER B 366 -5.43 -44.62 -15.19
CA SER B 366 -5.71 -43.69 -16.29
C SER B 366 -5.89 -42.26 -15.80
N THR B 367 -6.49 -42.06 -14.63
CA THR B 367 -6.71 -40.74 -14.08
C THR B 367 -6.22 -40.69 -12.64
N PHE B 368 -5.41 -39.69 -12.32
CA PHE B 368 -4.82 -39.55 -10.99
C PHE B 368 -4.64 -38.05 -10.72
N LYS B 369 -5.62 -37.46 -10.03
CA LYS B 369 -5.66 -36.02 -9.81
C LYS B 369 -5.80 -35.70 -8.33
N CYS B 370 -4.95 -34.82 -7.82
CA CYS B 370 -4.99 -34.42 -6.43
C CYS B 370 -5.14 -32.90 -6.33
N TYR B 371 -5.93 -32.45 -5.36
CA TYR B 371 -6.41 -31.08 -5.32
C TYR B 371 -5.79 -30.24 -4.20
N GLY B 372 -5.91 -30.68 -2.95
CA GLY B 372 -5.36 -29.91 -1.86
C GLY B 372 -3.90 -30.16 -1.55
N VAL B 373 -3.31 -31.18 -2.16
CA VAL B 373 -1.93 -31.56 -1.91
C VAL B 373 -1.26 -31.85 -3.25
N SER B 374 0.07 -31.86 -3.23
CA SER B 374 0.83 -32.26 -4.41
C SER B 374 1.14 -33.75 -4.36
N PRO B 375 1.10 -34.43 -5.51
CA PRO B 375 1.39 -35.88 -5.52
C PRO B 375 2.81 -36.22 -5.07
N THR B 376 3.77 -35.31 -5.20
CA THR B 376 5.13 -35.60 -4.77
C THR B 376 5.29 -35.53 -3.26
N LYS B 377 4.53 -34.68 -2.58
CA LYS B 377 4.66 -34.48 -1.15
C LYS B 377 3.91 -35.52 -0.32
N LEU B 378 3.48 -36.63 -0.90
CA LEU B 378 2.67 -37.60 -0.18
C LEU B 378 3.49 -38.55 0.69
N ASN B 379 4.80 -38.61 0.51
CA ASN B 379 5.65 -39.52 1.26
C ASN B 379 6.34 -38.85 2.44
N ASP B 380 5.97 -37.61 2.76
CA ASP B 380 6.59 -36.89 3.86
C ASP B 380 5.56 -36.30 4.82
N LEU B 381 4.31 -36.75 4.75
CA LEU B 381 3.23 -36.19 5.56
C LEU B 381 2.63 -37.28 6.44
N CYS B 382 2.07 -36.85 7.57
CA CYS B 382 1.29 -37.72 8.45
C CYS B 382 -0.12 -37.15 8.55
N PHE B 383 -1.11 -38.01 8.31
CA PHE B 383 -2.51 -37.58 8.21
C PHE B 383 -3.26 -37.89 9.50
N SER B 384 -4.08 -36.93 9.94
CA SER B 384 -4.89 -37.16 11.13
C SER B 384 -6.03 -38.14 10.84
N SER B 385 -6.72 -37.97 9.71
CA SER B 385 -7.74 -38.94 9.35
C SER B 385 -7.81 -39.10 7.84
N VAL B 386 -8.16 -40.31 7.41
CA VAL B 386 -8.21 -40.68 6.00
C VAL B 386 -9.43 -41.55 5.77
N TYR B 387 -10.19 -41.25 4.72
CA TYR B 387 -11.35 -42.04 4.33
C TYR B 387 -11.24 -42.43 2.86
N ALA B 388 -11.83 -43.57 2.50
CA ALA B 388 -11.76 -44.07 1.14
C ALA B 388 -13.15 -44.46 0.64
N ASP B 389 -13.55 -43.90 -0.49
CA ASP B 389 -14.80 -44.24 -1.16
C ASP B 389 -14.50 -44.85 -2.52
N TYR B 390 -15.40 -45.72 -2.98
CA TYR B 390 -15.13 -46.47 -4.20
C TYR B 390 -16.42 -46.88 -4.89
N PHE B 391 -16.41 -46.81 -6.22
CA PHE B 391 -17.57 -47.24 -7.00
C PHE B 391 -17.15 -47.45 -8.45
N VAL B 392 -18.13 -47.76 -9.30
CA VAL B 392 -17.91 -48.02 -10.72
C VAL B 392 -18.86 -47.15 -11.53
N VAL B 393 -18.32 -46.40 -12.49
CA VAL B 393 -19.09 -45.52 -13.35
C VAL B 393 -18.74 -45.80 -14.80
N LYS B 394 -19.30 -44.99 -15.69
CA LYS B 394 -19.00 -45.05 -17.12
C LYS B 394 -17.78 -44.19 -17.43
N GLY B 395 -17.17 -44.45 -18.59
CA GLY B 395 -15.96 -43.71 -18.95
C GLY B 395 -16.20 -42.21 -19.08
N ASP B 396 -17.17 -41.83 -19.90
CA ASP B 396 -17.44 -40.41 -20.12
C ASP B 396 -17.90 -39.70 -18.85
N ASP B 397 -18.28 -40.45 -17.82
CA ASP B 397 -18.72 -39.88 -16.56
C ASP B 397 -17.56 -39.67 -15.58
N VAL B 398 -16.37 -40.19 -15.86
CA VAL B 398 -15.27 -40.03 -14.91
C VAL B 398 -14.91 -38.56 -14.75
N ARG B 399 -15.10 -37.76 -15.79
CA ARG B 399 -14.83 -36.33 -15.70
C ARG B 399 -15.74 -35.61 -14.70
N GLN B 400 -16.82 -36.24 -14.27
CA GLN B 400 -17.78 -35.60 -13.39
C GLN B 400 -17.43 -35.74 -11.91
N ILE B 401 -16.45 -36.57 -11.56
CA ILE B 401 -16.06 -36.77 -10.15
C ILE B 401 -14.99 -35.73 -9.84
N ALA B 402 -15.44 -34.53 -9.51
CA ALA B 402 -14.58 -33.38 -9.25
C ALA B 402 -15.44 -32.24 -8.72
N PRO B 403 -14.85 -31.28 -8.03
CA PRO B 403 -15.63 -30.14 -7.55
C PRO B 403 -16.21 -29.31 -8.68
N ALA B 404 -17.39 -28.75 -8.43
CA ALA B 404 -18.07 -27.83 -9.36
C ALA B 404 -18.31 -28.48 -10.72
N GLN B 405 -19.15 -29.50 -10.72
CA GLN B 405 -19.52 -30.20 -11.95
C GLN B 405 -21.03 -30.40 -11.99
N THR B 406 -21.55 -30.60 -13.20
CA THR B 406 -22.98 -30.76 -13.41
C THR B 406 -23.22 -31.97 -14.31
N GLY B 407 -24.15 -32.82 -13.91
CA GLY B 407 -24.47 -34.01 -14.68
C GLY B 407 -25.28 -34.97 -13.84
N VAL B 408 -25.53 -36.16 -14.43
CA VAL B 408 -26.33 -37.17 -13.75
C VAL B 408 -25.57 -37.76 -12.57
N ILE B 409 -24.26 -37.95 -12.69
CA ILE B 409 -23.48 -38.62 -11.65
C ILE B 409 -22.95 -37.58 -10.68
N ALA B 410 -23.40 -36.34 -10.84
CA ALA B 410 -23.01 -35.24 -9.97
C ALA B 410 -24.18 -34.45 -9.41
N ASP B 411 -25.40 -34.69 -9.90
CA ASP B 411 -26.59 -34.03 -9.38
C ASP B 411 -27.50 -34.97 -8.59
N TYR B 412 -27.59 -36.23 -9.00
CA TYR B 412 -28.51 -37.19 -8.39
C TYR B 412 -27.80 -38.38 -7.77
N ASN B 413 -26.49 -38.51 -7.96
CA ASN B 413 -25.81 -39.75 -7.57
C ASN B 413 -24.70 -39.54 -6.55
N TYR B 414 -23.80 -38.58 -6.80
CA TYR B 414 -22.60 -38.46 -6.00
C TYR B 414 -22.08 -37.03 -6.10
N LYS B 415 -21.82 -36.40 -4.96
CA LYS B 415 -21.49 -34.97 -4.91
C LYS B 415 -20.27 -34.74 -4.03
N LEU B 416 -19.33 -33.92 -4.53
CA LEU B 416 -18.17 -33.48 -3.77
C LEU B 416 -18.30 -32.01 -3.41
N PRO B 417 -17.74 -31.58 -2.28
CA PRO B 417 -17.81 -30.17 -1.90
C PRO B 417 -16.82 -29.35 -2.72
N ASP B 418 -16.82 -28.05 -2.48
CA ASP B 418 -15.91 -27.13 -3.16
C ASP B 418 -14.59 -26.96 -2.41
N ASP B 419 -14.39 -27.69 -1.32
CA ASP B 419 -13.17 -27.61 -0.53
C ASP B 419 -12.57 -29.00 -0.35
N PHE B 420 -12.48 -29.75 -1.43
CA PHE B 420 -12.03 -31.14 -1.41
C PHE B 420 -10.53 -31.20 -1.25
N THR B 421 -10.07 -31.55 -0.04
CA THR B 421 -8.69 -31.93 0.19
C THR B 421 -8.57 -33.44 0.01
N GLY B 422 -7.78 -33.86 -0.98
CA GLY B 422 -7.70 -35.27 -1.27
C GLY B 422 -7.41 -35.61 -2.72
N CYS B 423 -7.46 -36.90 -3.05
CA CYS B 423 -7.06 -37.39 -4.36
C CYS B 423 -8.18 -38.20 -4.98
N VAL B 424 -8.14 -38.29 -6.31
CA VAL B 424 -9.12 -39.04 -7.10
C VAL B 424 -8.35 -39.92 -8.08
N LEU B 425 -8.69 -41.21 -8.09
CA LEU B 425 -8.06 -42.19 -8.96
C LEU B 425 -9.14 -42.91 -9.77
N ALA B 426 -8.83 -43.20 -11.02
CA ALA B 426 -9.79 -43.88 -11.89
C ALA B 426 -9.03 -44.73 -12.90
N TRP B 427 -9.51 -45.95 -13.11
CA TRP B 427 -8.86 -46.84 -14.08
C TRP B 427 -9.87 -47.77 -14.72
N ASN B 428 -9.53 -48.23 -15.92
CA ASN B 428 -10.43 -49.03 -16.74
C ASN B 428 -10.45 -50.49 -16.26
N THR B 429 -11.65 -51.04 -16.14
CA THR B 429 -11.86 -52.41 -15.70
C THR B 429 -12.89 -53.10 -16.57
N LYS B 430 -12.73 -53.00 -17.90
CA LYS B 430 -13.71 -53.55 -18.81
C LYS B 430 -13.79 -55.07 -18.71
N SER B 431 -12.64 -55.75 -18.59
CA SER B 431 -12.62 -57.20 -18.64
C SER B 431 -13.34 -57.82 -17.44
N ILE B 432 -13.16 -57.24 -16.25
CA ILE B 432 -13.67 -57.85 -15.03
C ILE B 432 -15.06 -57.38 -14.62
N ASP B 433 -15.54 -56.26 -15.17
CA ASP B 433 -16.89 -55.77 -14.90
C ASP B 433 -17.73 -55.91 -16.16
N LYS B 434 -18.79 -56.70 -16.08
CA LYS B 434 -19.60 -57.03 -17.25
C LYS B 434 -21.05 -57.20 -16.83
N GLY B 435 -21.93 -57.15 -17.82
CA GLY B 435 -23.35 -57.39 -17.61
C GLY B 435 -24.15 -56.11 -17.52
N GLN B 436 -25.35 -56.24 -16.95
CA GLN B 436 -26.28 -55.14 -16.78
C GLN B 436 -26.75 -55.04 -15.33
N GLY B 437 -25.84 -55.25 -14.39
CA GLY B 437 -26.20 -55.22 -12.98
C GLY B 437 -25.59 -54.06 -12.21
N PHE B 438 -25.37 -52.95 -12.91
CA PHE B 438 -24.85 -51.73 -12.30
C PHE B 438 -25.85 -50.61 -12.55
N TYR B 439 -26.20 -49.87 -11.51
CA TYR B 439 -27.34 -48.97 -11.57
C TYR B 439 -26.92 -47.53 -11.27
N TYR B 440 -27.71 -46.59 -11.78
CA TYR B 440 -27.52 -45.18 -11.53
C TYR B 440 -28.86 -44.46 -11.68
N ARG B 441 -29.14 -43.55 -10.77
CA ARG B 441 -30.40 -42.82 -10.81
C ARG B 441 -30.43 -41.83 -11.96
N LEU B 442 -31.58 -41.72 -12.62
CA LEU B 442 -31.74 -40.79 -13.73
C LEU B 442 -32.74 -39.69 -13.43
N PHE B 443 -33.84 -39.99 -12.75
CA PHE B 443 -34.88 -39.02 -12.45
C PHE B 443 -34.91 -38.75 -10.95
N ARG B 444 -34.94 -37.47 -10.59
CA ARG B 444 -35.08 -37.06 -9.20
C ARG B 444 -35.57 -35.63 -9.19
N HIS B 445 -36.17 -35.23 -8.06
CA HIS B 445 -36.75 -33.90 -7.97
C HIS B 445 -35.73 -32.86 -7.53
N GLY B 446 -35.04 -33.10 -6.41
CA GLY B 446 -33.97 -32.25 -5.97
C GLY B 446 -32.61 -32.80 -6.33
N LYS B 447 -31.58 -32.06 -5.95
CA LYS B 447 -30.19 -32.48 -6.11
C LYS B 447 -29.59 -32.74 -4.74
N ILE B 448 -28.77 -33.79 -4.66
CA ILE B 448 -28.26 -34.23 -3.37
C ILE B 448 -27.19 -33.28 -2.87
N LYS B 449 -27.02 -33.25 -1.55
CA LYS B 449 -26.01 -32.50 -0.83
C LYS B 449 -24.71 -33.31 -0.74
N PRO B 450 -23.59 -32.65 -0.48
CA PRO B 450 -22.30 -33.35 -0.50
C PRO B 450 -22.23 -34.50 0.50
N TYR B 451 -21.59 -35.59 0.06
CA TYR B 451 -21.31 -36.76 0.90
C TYR B 451 -22.59 -37.36 1.49
N GLU B 452 -23.65 -37.40 0.68
CA GLU B 452 -24.92 -37.99 1.07
C GLU B 452 -25.37 -38.94 -0.03
N ARG B 453 -26.07 -40.00 0.38
CA ARG B 453 -26.53 -41.02 -0.56
C ARG B 453 -28.01 -41.30 -0.36
N ASP B 454 -28.65 -41.76 -1.43
CA ASP B 454 -30.05 -42.15 -1.40
C ASP B 454 -30.16 -43.56 -1.95
N THR B 455 -30.86 -44.44 -1.23
CA THR B 455 -31.03 -45.84 -1.61
C THR B 455 -32.48 -46.14 -1.98
N SER B 456 -33.35 -45.13 -1.99
CA SER B 456 -34.76 -45.34 -2.24
C SER B 456 -35.02 -45.86 -3.64
N ASN B 457 -35.97 -46.78 -3.76
CA ASN B 457 -36.45 -47.28 -5.05
C ASN B 457 -37.97 -47.18 -5.03
N VAL B 458 -38.49 -46.02 -5.39
CA VAL B 458 -39.93 -45.75 -5.39
C VAL B 458 -40.29 -45.17 -6.75
N PRO B 459 -41.46 -45.47 -7.31
CA PRO B 459 -41.84 -44.90 -8.61
C PRO B 459 -41.83 -43.38 -8.59
N TYR B 460 -41.41 -42.81 -9.71
CA TYR B 460 -41.21 -41.38 -9.86
C TYR B 460 -42.33 -40.79 -10.72
N ASN B 461 -43.09 -39.86 -10.15
CA ASN B 461 -44.07 -39.12 -10.92
C ASN B 461 -43.39 -37.98 -11.67
N ALA B 462 -44.10 -37.43 -12.65
CA ALA B 462 -43.58 -36.34 -13.46
C ALA B 462 -44.25 -35.00 -13.16
N GLN B 463 -45.57 -34.99 -13.02
CA GLN B 463 -46.26 -33.75 -12.66
C GLN B 463 -46.04 -33.42 -11.19
N GLY B 464 -45.78 -34.43 -10.36
CA GLY B 464 -45.63 -34.22 -8.94
C GLY B 464 -46.47 -35.20 -8.14
N GLY B 465 -46.10 -35.44 -6.89
CA GLY B 465 -46.84 -36.36 -6.04
C GLY B 465 -46.25 -37.75 -5.98
N THR B 466 -47.11 -38.77 -6.00
CA THR B 466 -46.69 -40.15 -5.85
C THR B 466 -47.35 -41.01 -6.93
N CYS B 467 -46.70 -42.13 -7.23
CA CYS B 467 -47.21 -43.13 -8.16
C CYS B 467 -47.29 -44.49 -7.47
N THR B 468 -48.14 -45.34 -8.02
CA THR B 468 -48.21 -46.76 -7.68
C THR B 468 -48.14 -47.64 -8.91
N ASP B 469 -48.75 -47.22 -10.03
CA ASP B 469 -48.74 -47.97 -11.27
C ASP B 469 -47.47 -47.66 -12.07
N THR B 470 -47.12 -48.57 -12.97
CA THR B 470 -45.95 -48.41 -13.80
C THR B 470 -46.26 -47.71 -15.12
N SER B 471 -47.51 -47.77 -15.60
CA SER B 471 -47.92 -47.10 -16.83
C SER B 471 -49.19 -46.28 -16.58
N GLN B 472 -49.00 -45.07 -16.05
CA GLN B 472 -50.04 -44.04 -15.95
C GLN B 472 -49.31 -42.72 -15.75
N LEU B 473 -49.37 -41.84 -16.76
CA LEU B 473 -48.41 -40.76 -16.96
C LEU B 473 -46.99 -41.30 -17.15
N ASN B 474 -46.87 -42.62 -17.28
CA ASN B 474 -45.65 -43.41 -17.44
C ASN B 474 -44.84 -43.55 -16.16
N CYS B 475 -45.16 -42.77 -15.11
CA CYS B 475 -44.63 -42.95 -13.76
C CYS B 475 -43.22 -43.53 -13.75
N TYR B 476 -42.29 -42.84 -14.40
CA TYR B 476 -41.01 -43.43 -14.77
C TYR B 476 -40.30 -44.05 -13.57
N GLN B 477 -39.74 -45.24 -13.80
CA GLN B 477 -39.03 -45.97 -12.75
C GLN B 477 -37.56 -45.60 -12.79
N PRO B 478 -37.01 -45.03 -11.72
CA PRO B 478 -35.58 -44.66 -11.75
C PRO B 478 -34.66 -45.86 -11.67
N LEU B 479 -33.34 -45.62 -11.66
CA LEU B 479 -32.33 -46.68 -11.59
C LEU B 479 -32.46 -47.64 -12.77
N LYS B 480 -32.18 -47.12 -13.97
CA LYS B 480 -32.45 -47.94 -15.15
C LYS B 480 -31.39 -49.02 -15.36
N SER B 481 -30.17 -48.65 -15.75
CA SER B 481 -29.10 -49.62 -15.98
C SER B 481 -27.86 -48.92 -16.52
N TYR B 482 -26.78 -49.70 -16.61
CA TYR B 482 -25.65 -49.49 -17.50
C TYR B 482 -25.53 -50.70 -18.41
N ASP B 483 -25.50 -50.48 -19.72
CA ASP B 483 -25.45 -51.56 -20.70
C ASP B 483 -24.01 -51.78 -21.14
N PHE B 484 -23.27 -52.54 -20.34
CA PHE B 484 -21.86 -52.84 -20.64
C PHE B 484 -21.80 -54.11 -21.47
N THR B 485 -21.31 -54.00 -22.70
CA THR B 485 -21.13 -55.14 -23.58
C THR B 485 -19.67 -55.28 -23.97
N ASP B 486 -19.36 -56.39 -24.64
CA ASP B 486 -18.00 -56.59 -25.14
C ASP B 486 -17.71 -55.67 -26.32
N THR B 487 -18.65 -55.53 -27.24
CA THR B 487 -18.44 -54.73 -28.45
C THR B 487 -19.13 -53.37 -28.33
N VAL B 488 -18.63 -52.54 -27.41
CA VAL B 488 -19.14 -51.18 -27.24
C VAL B 488 -17.96 -50.24 -27.08
N GLY B 489 -18.07 -49.06 -27.68
CA GLY B 489 -16.92 -48.18 -27.82
C GLY B 489 -16.49 -47.54 -26.52
N VAL B 490 -15.31 -46.92 -26.58
CA VAL B 490 -14.73 -46.28 -25.41
C VAL B 490 -15.59 -45.09 -24.99
N GLY B 491 -15.56 -44.77 -23.70
CA GLY B 491 -16.51 -43.85 -23.12
C GLY B 491 -17.80 -44.51 -22.71
N TYR B 492 -18.05 -45.73 -23.17
CA TYR B 492 -19.17 -46.56 -22.77
C TYR B 492 -18.66 -47.84 -22.11
N GLN B 493 -17.49 -47.76 -21.47
CA GLN B 493 -16.84 -48.88 -20.84
C GLN B 493 -16.64 -48.62 -19.36
N PRO B 494 -16.73 -49.64 -18.50
CA PRO B 494 -16.73 -49.40 -17.06
C PRO B 494 -15.39 -48.86 -16.56
N TYR B 495 -15.46 -48.06 -15.50
CA TYR B 495 -14.29 -47.47 -14.88
C TYR B 495 -14.44 -47.54 -13.37
N ARG B 496 -13.43 -48.06 -12.68
CA ARG B 496 -13.41 -48.06 -11.22
C ARG B 496 -12.83 -46.74 -10.73
N VAL B 497 -13.53 -46.12 -9.78
CA VAL B 497 -13.16 -44.82 -9.24
C VAL B 497 -12.98 -44.97 -7.73
N VAL B 498 -11.88 -44.45 -7.22
CA VAL B 498 -11.56 -44.44 -5.80
C VAL B 498 -11.21 -43.02 -5.38
N VAL B 499 -11.85 -42.53 -4.32
CA VAL B 499 -11.67 -41.18 -3.82
C VAL B 499 -11.08 -41.26 -2.43
N LEU B 500 -9.93 -40.60 -2.23
CA LEU B 500 -9.27 -40.56 -0.93
C LEU B 500 -9.46 -39.16 -0.33
N SER B 501 -10.01 -39.12 0.88
CA SER B 501 -10.31 -37.87 1.57
C SER B 501 -9.39 -37.76 2.77
N PHE B 502 -8.62 -36.67 2.84
CA PHE B 502 -7.64 -36.45 3.88
C PHE B 502 -8.12 -35.37 4.84
N GLU B 503 -7.56 -35.42 6.05
CA GLU B 503 -7.84 -34.39 7.05
C GLU B 503 -6.62 -34.27 7.96
N LEU B 504 -6.04 -33.08 7.99
CA LEU B 504 -4.78 -32.78 8.67
C LEU B 504 -5.06 -31.77 9.78
N LEU B 505 -4.74 -32.13 11.02
CA LEU B 505 -4.96 -31.23 12.14
C LEU B 505 -4.17 -31.74 13.35
N ASN B 506 -4.34 -31.04 14.47
CA ASN B 506 -3.53 -31.23 15.67
C ASN B 506 -4.08 -32.39 16.48
N ALA B 507 -3.78 -33.60 16.02
CA ALA B 507 -4.28 -34.82 16.63
C ALA B 507 -3.29 -35.94 16.31
N PRO B 508 -3.35 -37.06 17.03
CA PRO B 508 -2.46 -38.18 16.74
C PRO B 508 -2.62 -38.66 15.30
N ALA B 509 -1.49 -39.01 14.69
CA ALA B 509 -1.49 -39.54 13.33
C ALA B 509 -1.77 -41.03 13.35
N THR B 510 -2.27 -41.53 12.22
CA THR B 510 -2.62 -42.95 12.12
C THR B 510 -2.03 -43.61 10.89
N VAL B 511 -1.84 -42.85 9.82
CA VAL B 511 -1.53 -43.42 8.51
C VAL B 511 -0.21 -42.87 7.95
N CYS B 512 0.76 -42.62 8.84
CA CYS B 512 2.02 -42.01 8.44
C CYS B 512 2.70 -42.76 7.31
N GLY B 513 3.63 -42.08 6.65
CA GLY B 513 4.31 -42.62 5.48
C GLY B 513 5.69 -43.18 5.77
N PRO B 514 6.31 -43.79 4.76
CA PRO B 514 7.60 -44.48 4.97
C PRO B 514 8.76 -43.52 5.13
N LYS B 515 9.31 -43.40 6.33
CA LYS B 515 10.41 -42.47 6.55
C LYS B 515 11.26 -43.01 7.70
N GLN B 516 12.52 -42.60 7.74
CA GLN B 516 13.50 -43.16 8.67
C GLN B 516 13.86 -42.13 9.73
N SER B 517 13.72 -42.50 11.00
CA SER B 517 13.98 -41.61 12.12
C SER B 517 15.48 -41.53 12.41
N THR B 518 15.83 -40.65 13.33
CA THR B 518 17.23 -40.43 13.72
C THR B 518 17.25 -39.98 15.18
N GLU B 519 18.38 -39.42 15.62
CA GLU B 519 18.62 -39.07 17.00
C GLU B 519 18.26 -37.61 17.29
N LEU B 520 18.15 -37.31 18.60
CA LEU B 520 17.77 -35.99 19.08
C LEU B 520 19.01 -35.17 19.40
N VAL B 521 19.51 -34.46 18.39
CA VAL B 521 20.46 -33.38 18.66
C VAL B 521 19.70 -32.24 19.34
N LYS B 522 20.16 -31.82 20.51
CA LYS B 522 19.35 -30.98 21.38
C LYS B 522 20.16 -29.79 21.88
N ASN B 523 21.19 -29.40 21.14
CA ASN B 523 21.96 -28.20 21.50
C ASN B 523 22.27 -27.28 20.33
N LYS B 524 22.26 -27.78 19.09
CA LYS B 524 22.56 -26.99 17.91
C LYS B 524 21.27 -26.64 17.18
N CYS B 525 21.33 -25.64 16.32
CA CYS B 525 20.18 -25.28 15.50
C CYS B 525 20.17 -26.17 14.27
N VAL B 526 19.06 -26.91 14.09
CA VAL B 526 19.00 -28.05 13.20
C VAL B 526 17.71 -28.00 12.40
N ASN B 527 17.76 -28.55 11.18
CA ASN B 527 16.55 -28.78 10.41
C ASN B 527 15.81 -29.98 11.00
N PHE B 528 14.66 -29.74 11.63
CA PHE B 528 13.86 -30.80 12.22
C PHE B 528 12.67 -31.13 11.34
N ASN B 529 12.24 -32.40 11.41
CA ASN B 529 11.17 -32.93 10.57
C ASN B 529 10.22 -33.79 11.40
N PHE B 530 9.68 -33.24 12.49
CA PHE B 530 8.68 -33.95 13.27
C PHE B 530 7.43 -34.20 12.43
N ASN B 531 6.42 -34.88 13.00
CA ASN B 531 5.22 -35.22 12.25
C ASN B 531 4.66 -34.01 11.53
N GLY B 532 4.70 -34.01 10.20
CA GLY B 532 4.22 -32.88 9.44
C GLY B 532 5.11 -31.66 9.49
N LEU B 533 5.38 -31.18 10.71
CA LEU B 533 6.07 -29.91 10.90
C LEU B 533 7.49 -29.95 10.36
N THR B 534 7.93 -28.81 9.83
CA THR B 534 9.28 -28.62 9.31
C THR B 534 9.79 -27.26 9.74
N GLY B 535 11.08 -27.17 10.03
CA GLY B 535 11.66 -25.90 10.42
C GLY B 535 13.11 -26.05 10.83
N THR B 536 13.67 -24.94 11.31
CA THR B 536 15.06 -24.89 11.75
C THR B 536 15.14 -24.13 13.07
N GLY B 537 15.90 -24.67 14.01
CA GLY B 537 16.06 -24.02 15.30
C GLY B 537 16.70 -24.95 16.31
N VAL B 538 16.74 -24.49 17.54
CA VAL B 538 17.38 -25.20 18.65
C VAL B 538 16.29 -25.82 19.52
N LEU B 539 16.50 -27.08 19.89
CA LEU B 539 15.56 -27.85 20.70
C LEU B 539 16.06 -27.93 22.13
N THR B 540 15.15 -27.74 23.08
CA THR B 540 15.51 -27.69 24.49
C THR B 540 14.46 -28.47 25.30
N GLU B 541 14.89 -28.95 26.47
CA GLU B 541 13.95 -29.56 27.40
C GLU B 541 12.91 -28.54 27.84
N SER B 542 11.69 -29.02 28.11
CA SER B 542 10.57 -28.15 28.43
C SER B 542 9.92 -28.58 29.74
N THR B 543 9.02 -27.73 30.23
CA THR B 543 8.23 -28.02 31.42
C THR B 543 6.74 -27.77 31.19
N LYS B 544 6.33 -27.65 29.93
CA LYS B 544 4.95 -27.29 29.62
C LYS B 544 4.00 -28.46 29.86
N ARG B 545 2.70 -28.15 29.84
CA ARG B 545 1.66 -29.16 29.97
C ARG B 545 0.68 -29.04 28.80
N PHE B 546 0.51 -30.13 28.07
CA PHE B 546 -0.47 -30.27 27.00
C PHE B 546 -1.72 -30.95 27.54
N GLN B 547 -2.61 -31.38 26.65
CA GLN B 547 -3.92 -31.92 27.02
C GLN B 547 -4.12 -33.29 26.39
N SER B 548 -3.07 -34.11 26.42
CA SER B 548 -3.11 -35.56 26.22
C SER B 548 -3.37 -35.97 24.77
N PHE B 549 -3.75 -35.04 23.90
CA PHE B 549 -3.81 -35.28 22.47
C PHE B 549 -3.40 -34.05 21.67
N GLN B 550 -2.78 -33.07 22.32
CA GLN B 550 -2.20 -31.92 21.65
C GLN B 550 -0.79 -32.28 21.20
N GLN B 551 -0.51 -32.06 19.91
CA GLN B 551 0.77 -32.45 19.35
C GLN B 551 1.74 -31.29 19.16
N PHE B 552 1.25 -30.05 19.18
CA PHE B 552 2.13 -28.89 19.13
C PHE B 552 1.40 -27.69 19.69
N GLY B 553 2.17 -26.71 20.13
CA GLY B 553 1.61 -25.48 20.68
C GLY B 553 2.19 -24.28 19.99
N ARG B 554 1.37 -23.22 19.91
CA ARG B 554 1.72 -22.02 19.17
C ARG B 554 1.30 -20.80 19.98
N ASP B 555 1.61 -19.62 19.43
CA ASP B 555 1.28 -18.36 20.08
C ASP B 555 0.48 -17.47 19.13
N ILE B 556 0.29 -16.21 19.51
CA ILE B 556 -0.55 -15.30 18.74
C ILE B 556 0.01 -15.06 17.35
N SER B 557 1.31 -15.25 17.14
CA SER B 557 1.94 -15.03 15.86
C SER B 557 2.01 -16.29 15.01
N ASP B 558 1.40 -17.39 15.46
CA ASP B 558 1.41 -18.68 14.77
C ASP B 558 2.85 -19.20 14.60
N PHE B 559 3.64 -19.07 15.66
CA PHE B 559 5.00 -19.55 15.70
C PHE B 559 5.07 -20.76 16.62
N THR B 560 5.58 -21.88 16.11
CA THR B 560 5.65 -23.10 16.88
C THR B 560 6.76 -23.02 17.92
N ASP B 561 6.43 -23.30 19.17
CA ASP B 561 7.39 -23.22 20.27
C ASP B 561 7.43 -24.47 21.14
N SER B 562 6.74 -25.54 20.75
CA SER B 562 6.70 -26.74 21.56
C SER B 562 6.22 -27.91 20.71
N VAL B 563 6.84 -29.07 20.91
CA VAL B 563 6.46 -30.30 20.22
C VAL B 563 6.48 -31.46 21.20
N ARG B 564 5.82 -32.55 20.81
CA ARG B 564 5.70 -33.73 21.65
C ARG B 564 6.69 -34.84 21.29
N ASP B 565 7.58 -34.61 20.31
CA ASP B 565 8.71 -35.45 19.92
C ASP B 565 8.43 -36.94 20.06
N PRO B 566 7.60 -37.51 19.16
CA PRO B 566 7.17 -38.91 19.33
C PRO B 566 8.31 -39.90 19.56
N LYS B 567 7.96 -41.08 20.07
CA LYS B 567 8.81 -42.14 20.60
C LYS B 567 9.27 -41.84 22.03
N THR B 568 9.01 -40.65 22.57
CA THR B 568 9.41 -40.34 23.93
C THR B 568 8.26 -39.69 24.70
N LEU B 569 7.40 -38.96 23.98
CA LEU B 569 6.23 -38.31 24.56
C LEU B 569 6.61 -37.27 25.61
N GLU B 570 7.73 -36.57 25.38
CA GLU B 570 8.25 -35.60 26.32
C GLU B 570 8.30 -34.24 25.65
N ILE B 571 7.55 -33.27 26.20
CA ILE B 571 7.43 -31.97 25.55
C ILE B 571 8.77 -31.26 25.48
N LEU B 572 9.06 -30.68 24.32
CA LEU B 572 10.27 -29.91 24.08
C LEU B 572 9.91 -28.44 23.81
N ASP B 573 10.94 -27.63 23.59
CA ASP B 573 10.78 -26.22 23.24
C ASP B 573 11.67 -25.90 22.06
N ILE B 574 11.17 -25.04 21.17
CA ILE B 574 11.85 -24.65 19.93
C ILE B 574 12.20 -23.18 20.01
N SER B 575 13.46 -22.85 19.72
CA SER B 575 13.90 -21.47 19.66
C SER B 575 14.59 -21.21 18.33
N PRO B 576 14.57 -19.97 17.85
CA PRO B 576 15.25 -19.67 16.59
C PRO B 576 16.76 -19.83 16.69
N CYS B 577 17.39 -20.12 15.55
CA CYS B 577 18.83 -20.32 15.52
C CYS B 577 19.58 -19.05 15.88
N SER B 578 19.07 -17.89 15.46
CA SER B 578 19.67 -16.61 15.79
C SER B 578 18.58 -15.60 16.09
N TYR B 579 18.66 -14.97 17.25
CA TYR B 579 17.70 -13.94 17.64
C TYR B 579 18.35 -13.00 18.63
N GLY B 580 17.77 -11.81 18.74
CA GLY B 580 18.31 -10.79 19.64
C GLY B 580 18.71 -9.53 18.93
N GLY B 581 20.01 -9.24 18.91
CA GLY B 581 20.52 -8.07 18.22
C GLY B 581 22.03 -8.00 18.20
N VAL B 582 22.60 -7.70 17.03
CA VAL B 582 24.04 -7.59 16.86
C VAL B 582 24.34 -6.30 16.11
N SER B 583 25.29 -5.52 16.60
CA SER B 583 25.70 -4.28 15.94
C SER B 583 27.21 -4.28 15.74
N VAL B 584 27.65 -3.57 14.72
CA VAL B 584 29.06 -3.50 14.33
C VAL B 584 29.51 -2.05 14.32
N ILE B 585 30.62 -1.78 15.00
CA ILE B 585 31.20 -0.44 15.11
C ILE B 585 32.49 -0.41 14.33
N THR B 586 32.62 0.56 13.43
CA THR B 586 33.77 0.72 12.55
C THR B 586 34.19 2.17 12.48
N PRO B 587 35.49 2.44 12.35
CA PRO B 587 35.95 3.81 12.10
C PRO B 587 36.05 4.19 10.63
N GLY B 588 35.73 3.27 9.73
CA GLY B 588 35.82 3.50 8.30
C GLY B 588 36.80 2.54 7.65
N THR B 589 36.66 2.44 6.33
CA THR B 589 37.54 1.58 5.55
C THR B 589 38.85 2.27 5.19
N ASN B 590 38.82 3.58 4.96
CA ASN B 590 40.04 4.33 4.68
C ASN B 590 40.91 4.51 5.92
N ALA B 591 40.40 4.19 7.11
CA ALA B 591 41.18 4.34 8.34
C ALA B 591 41.87 3.03 8.73
N SER B 592 41.08 1.98 8.95
CA SER B 592 41.63 0.70 9.39
C SER B 592 40.62 -0.40 9.07
N ASN B 593 40.98 -1.64 9.41
CA ASN B 593 40.11 -2.79 9.22
C ASN B 593 39.69 -3.40 10.54
N VAL B 594 39.83 -2.67 11.64
CA VAL B 594 39.49 -3.16 12.96
C VAL B 594 38.04 -2.82 13.26
N VAL B 595 37.27 -3.80 13.76
CA VAL B 595 35.86 -3.63 14.04
C VAL B 595 35.57 -4.10 15.46
N ALA B 596 34.47 -3.59 16.02
CA ALA B 596 33.98 -4.01 17.33
C ALA B 596 32.54 -4.51 17.20
N VAL B 597 32.16 -5.44 18.07
CA VAL B 597 30.85 -6.08 17.97
C VAL B 597 30.11 -5.91 19.28
N LEU B 598 28.86 -5.46 19.21
CA LEU B 598 28.01 -5.29 20.38
C LEU B 598 26.85 -6.27 20.31
N TYR B 599 26.70 -7.07 21.36
CA TYR B 599 25.58 -7.98 21.53
C TYR B 599 24.61 -7.35 22.53
N GLN B 600 23.39 -7.07 22.08
CA GLN B 600 22.44 -6.30 22.86
C GLN B 600 21.61 -7.20 23.77
N ASP B 601 21.44 -6.75 25.02
CA ASP B 601 20.60 -7.43 26.00
C ASP B 601 21.06 -8.86 26.26
N VAL B 602 22.36 -9.11 26.16
CA VAL B 602 22.95 -10.42 26.41
C VAL B 602 24.10 -10.24 27.40
N ASN B 603 23.97 -10.92 28.54
CA ASN B 603 25.02 -11.10 29.57
C ASN B 603 26.11 -11.97 29.01
N CYS B 604 27.27 -11.40 28.74
CA CYS B 604 28.26 -12.26 28.11
C CYS B 604 29.08 -13.02 29.15
N THR B 605 28.36 -13.72 30.02
CA THR B 605 28.92 -14.81 30.80
C THR B 605 28.74 -16.15 30.12
N ASP B 606 27.63 -16.33 29.41
CA ASP B 606 27.35 -17.52 28.61
C ASP B 606 27.19 -17.18 27.13
N VAL B 607 27.98 -16.23 26.64
CA VAL B 607 27.93 -15.81 25.23
C VAL B 607 28.29 -16.95 24.27
N PRO B 608 29.05 -17.98 24.66
CA PRO B 608 29.14 -19.16 23.77
C PRO B 608 27.82 -19.85 23.54
N THR B 609 26.79 -19.58 24.33
CA THR B 609 25.48 -20.18 24.10
C THR B 609 24.63 -19.35 23.16
N MET B 610 24.64 -18.02 23.32
CA MET B 610 23.89 -17.16 22.40
C MET B 610 24.50 -17.20 21.01
N LEU B 611 25.83 -17.12 20.92
CA LEU B 611 26.56 -17.28 19.67
C LEU B 611 27.14 -18.68 19.62
N HIS B 612 26.73 -19.45 18.60
CA HIS B 612 27.16 -20.83 18.50
C HIS B 612 28.63 -20.91 18.11
N THR B 613 29.52 -21.01 19.11
CA THR B 613 30.94 -20.92 18.85
C THR B 613 31.49 -22.14 18.11
N GLU B 614 30.78 -23.26 18.14
CA GLU B 614 31.22 -24.47 17.46
C GLU B 614 30.75 -24.53 16.01
N GLN B 615 29.98 -23.55 15.54
CA GLN B 615 29.45 -23.58 14.18
C GLN B 615 29.78 -22.32 13.40
N VAL B 616 30.68 -21.47 13.90
CA VAL B 616 31.08 -20.26 13.20
C VAL B 616 32.48 -20.47 12.62
N ALA B 617 32.91 -19.51 11.82
CA ALA B 617 34.24 -19.55 11.24
C ALA B 617 35.29 -19.23 12.32
N HIS B 618 36.56 -19.44 11.96
CA HIS B 618 37.64 -19.20 12.91
C HIS B 618 37.78 -17.72 13.25
N ASP B 619 37.45 -16.84 12.32
CA ASP B 619 37.57 -15.41 12.57
C ASP B 619 36.49 -14.90 13.53
N TRP B 620 35.40 -15.65 13.69
CA TRP B 620 34.34 -15.25 14.59
C TRP B 620 34.59 -15.68 16.03
N ARG B 621 35.38 -16.74 16.24
CA ARG B 621 35.68 -17.21 17.58
C ARG B 621 36.52 -16.22 18.37
N VAL B 622 37.32 -15.40 17.69
CA VAL B 622 38.10 -14.37 18.38
C VAL B 622 37.20 -13.31 19.00
N TYR B 623 35.95 -13.23 18.54
CA TYR B 623 34.99 -12.25 19.01
C TYR B 623 33.99 -12.86 19.99
N ALA B 624 34.50 -13.69 20.90
CA ALA B 624 33.66 -14.49 21.79
C ALA B 624 34.25 -14.51 23.19
N VAL B 625 33.83 -15.47 24.01
CA VAL B 625 34.24 -15.60 25.40
C VAL B 625 35.76 -15.50 25.55
N ASN B 626 36.49 -15.74 24.46
CA ASN B 626 37.92 -15.47 24.41
C ASN B 626 38.19 -14.07 24.94
N THR B 627 38.96 -13.97 26.03
CA THR B 627 39.08 -12.75 26.81
C THR B 627 40.56 -12.40 26.98
N ASP B 628 41.08 -11.61 26.06
CA ASP B 628 42.40 -11.01 26.19
C ASP B 628 42.35 -9.59 26.76
N GLY B 629 41.31 -9.27 27.52
CA GLY B 629 41.06 -7.92 28.00
C GLY B 629 40.19 -7.09 27.08
N ASN B 630 39.73 -7.66 25.96
CA ASN B 630 38.92 -6.94 24.97
C ASN B 630 37.45 -7.30 25.05
N MET B 631 36.94 -7.57 26.25
CA MET B 631 35.56 -7.99 26.42
C MET B 631 34.99 -7.30 27.65
N PHE B 632 33.92 -6.53 27.46
CA PHE B 632 33.41 -5.67 28.51
C PHE B 632 31.89 -5.74 28.56
N GLN B 633 31.32 -5.65 29.75
CA GLN B 633 29.88 -5.65 29.95
C GLN B 633 29.40 -4.23 30.21
N THR B 634 28.53 -3.72 29.34
CA THR B 634 27.90 -2.43 29.49
C THR B 634 26.44 -2.64 29.91
N GLN B 635 25.75 -1.53 30.18
CA GLN B 635 24.34 -1.63 30.57
C GLN B 635 23.46 -2.02 29.40
N ALA B 636 23.81 -1.58 28.19
CA ALA B 636 23.01 -1.82 27.00
C ALA B 636 23.46 -3.05 26.22
N GLY B 637 24.43 -3.79 26.71
CA GLY B 637 24.89 -4.99 26.04
C GLY B 637 26.35 -5.26 26.37
N CYS B 638 26.89 -6.27 25.70
CA CYS B 638 28.28 -6.66 25.89
C CYS B 638 29.07 -6.34 24.63
N LEU B 639 30.24 -5.72 24.81
CA LEU B 639 31.08 -5.26 23.72
C LEU B 639 32.34 -6.10 23.65
N VAL B 640 32.67 -6.57 22.45
CA VAL B 640 33.87 -7.36 22.21
C VAL B 640 34.68 -6.67 21.11
N GLY B 641 35.96 -6.45 21.40
CA GLY B 641 36.87 -5.79 20.47
C GLY B 641 37.37 -4.43 20.88
N ALA B 642 37.11 -3.99 22.12
CA ALA B 642 37.52 -2.67 22.56
C ALA B 642 38.02 -2.75 24.00
N THR B 643 38.83 -1.77 24.37
CA THR B 643 39.41 -1.67 25.71
C THR B 643 38.85 -0.44 26.42
N TYR B 644 38.43 -0.62 27.66
CA TYR B 644 37.83 0.47 28.42
C TYR B 644 38.86 1.52 28.79
N GLU B 645 38.38 2.71 29.14
CA GLU B 645 39.22 3.83 29.53
C GLU B 645 38.49 4.65 30.57
N ASN B 646 39.25 5.25 31.48
CA ASN B 646 38.66 5.99 32.59
C ASN B 646 38.36 7.44 32.27
N THR B 647 39.23 8.09 31.48
CA THR B 647 39.03 9.49 31.15
C THR B 647 37.82 9.67 30.24
N SER B 648 37.13 10.79 30.39
CA SER B 648 35.90 11.08 29.66
C SER B 648 36.15 12.13 28.60
N TYR B 649 35.63 11.89 27.40
CA TYR B 649 35.76 12.80 26.27
C TYR B 649 34.37 13.12 25.73
N GLU B 650 34.33 13.78 24.57
CA GLU B 650 33.10 13.93 23.83
C GLU B 650 32.79 12.65 23.06
N CYS B 651 31.57 12.56 22.55
CA CYS B 651 31.08 11.33 21.93
C CYS B 651 31.28 11.38 20.42
N ASP B 652 32.00 10.40 19.90
CA ASP B 652 32.21 10.26 18.46
C ASP B 652 31.18 9.33 17.84
N ILE B 653 31.18 8.07 18.28
CA ILE B 653 30.20 7.09 17.83
C ILE B 653 29.38 6.65 19.03
N PRO B 654 28.09 7.01 19.08
CA PRO B 654 27.26 6.58 20.20
C PRO B 654 27.04 5.08 20.19
N ILE B 655 27.17 4.46 21.37
CA ILE B 655 26.85 3.05 21.56
C ILE B 655 25.56 2.89 22.35
N GLY B 656 25.47 3.52 23.50
CA GLY B 656 24.25 3.51 24.28
C GLY B 656 24.52 3.47 25.77
N ALA B 657 23.49 3.80 26.55
CA ALA B 657 23.56 3.81 28.01
C ALA B 657 24.70 4.67 28.52
N GLY B 658 24.92 5.81 27.88
CA GLY B 658 26.00 6.68 28.26
C GLY B 658 27.37 6.18 27.89
N VAL B 659 27.47 5.27 26.94
CA VAL B 659 28.74 4.70 26.49
C VAL B 659 28.93 5.06 25.02
N CYS B 660 30.10 5.62 24.71
CA CYS B 660 30.49 5.98 23.34
C CYS B 660 31.85 5.37 23.03
N ALA B 661 32.28 5.54 21.78
CA ALA B 661 33.53 4.94 21.32
C ALA B 661 34.30 5.93 20.45
N LYS B 662 35.61 5.73 20.37
CA LYS B 662 36.48 6.51 19.51
C LYS B 662 37.58 5.61 18.96
N PHE B 663 38.32 6.13 17.99
CA PHE B 663 39.43 5.41 17.38
C PHE B 663 40.71 6.16 17.66
N GLY B 664 41.65 5.51 18.34
CA GLY B 664 42.87 6.19 18.71
C GLY B 664 44.03 5.29 19.06
N SER B 665 44.82 5.70 20.05
CA SER B 665 45.97 4.95 20.52
C SER B 665 45.66 4.38 21.91
N THR B 666 46.59 3.58 22.42
CA THR B 666 46.43 2.93 23.72
C THR B 666 47.81 2.75 24.34
N LYS B 667 47.87 1.96 25.42
CA LYS B 667 49.12 1.77 26.14
C LYS B 667 50.15 1.01 25.33
N THR B 668 49.74 0.25 24.32
CA THR B 668 50.65 -0.51 23.48
C THR B 668 51.12 0.26 22.26
N ARG B 669 50.77 1.54 22.16
CA ARG B 669 51.22 2.42 21.07
C ARG B 669 50.78 1.89 19.70
N GLN B 670 49.52 1.46 19.63
CA GLN B 670 48.95 0.98 18.37
C GLN B 670 47.53 1.52 18.23
N GLN B 671 47.09 1.61 16.99
CA GLN B 671 45.72 2.04 16.73
C GLN B 671 44.72 1.00 17.22
N SER B 672 43.65 1.47 17.84
CA SER B 672 42.63 0.58 18.40
C SER B 672 41.36 1.39 18.64
N ILE B 673 40.35 0.71 19.19
CA ILE B 673 39.05 1.29 19.50
C ILE B 673 38.96 1.44 21.01
N LEU B 674 38.62 2.64 21.47
CA LEU B 674 38.52 2.95 22.90
C LEU B 674 37.08 3.26 23.23
N ALA B 675 36.52 2.52 24.19
CA ALA B 675 35.17 2.75 24.67
C ALA B 675 35.21 3.49 26.01
N TYR B 676 34.34 4.48 26.16
CA TYR B 676 34.36 5.32 27.34
C TYR B 676 32.95 5.80 27.66
N THR B 677 32.85 6.56 28.75
CA THR B 677 31.61 7.15 29.20
C THR B 677 31.55 8.61 28.77
N MET B 678 30.39 9.01 28.24
CA MET B 678 30.23 10.37 27.73
C MET B 678 30.42 11.39 28.82
N SER B 679 31.06 12.51 28.47
CA SER B 679 31.26 13.63 29.38
C SER B 679 30.25 14.71 29.06
N ILE B 680 29.36 15.00 30.03
CA ILE B 680 28.33 16.00 29.81
C ILE B 680 28.83 17.42 29.99
N GLY B 681 30.04 17.61 30.49
CA GLY B 681 30.63 18.93 30.62
C GLY B 681 31.50 19.05 31.86
N GLU B 682 32.36 20.06 31.84
CA GLU B 682 33.24 20.31 32.97
C GLU B 682 32.46 20.91 34.14
N ASP B 683 32.94 20.64 35.35
CA ASP B 683 32.33 21.18 36.55
C ASP B 683 32.96 22.53 36.90
N GLN B 684 32.12 23.47 37.33
CA GLN B 684 32.54 24.81 37.72
C GLN B 684 31.89 25.17 39.06
N SER B 685 32.07 24.28 40.03
CA SER B 685 31.41 24.36 41.33
C SER B 685 31.56 25.71 42.00
N VAL B 686 30.44 26.40 42.19
CA VAL B 686 30.37 27.61 43.00
C VAL B 686 29.20 27.46 43.97
N ALA B 687 29.43 27.79 45.24
CA ALA B 687 28.45 27.43 46.26
C ALA B 687 27.30 28.44 46.32
N TYR B 688 27.60 29.67 46.73
CA TYR B 688 26.59 30.69 46.98
C TYR B 688 27.29 31.95 47.46
N SER B 689 26.54 33.04 47.50
CA SER B 689 27.00 34.27 48.14
C SER B 689 25.79 35.16 48.36
N ASN B 690 25.62 35.58 49.61
CA ASN B 690 24.41 36.34 50.02
C ASN B 690 24.66 37.84 49.90
N ASN B 691 25.93 38.28 49.90
CA ASN B 691 26.28 39.69 49.93
C ASN B 691 27.39 39.99 48.94
N SER B 692 27.27 39.46 47.72
CA SER B 692 28.23 39.79 46.67
C SER B 692 27.51 39.82 45.33
N ILE B 693 27.92 40.74 44.47
CA ILE B 693 27.36 40.90 43.14
C ILE B 693 28.50 40.93 42.12
N ALA B 694 28.32 40.23 41.02
CA ALA B 694 29.29 40.23 39.93
C ALA B 694 28.74 41.06 38.77
N ILE B 695 29.50 42.06 38.36
CA ILE B 695 29.15 42.93 37.24
C ILE B 695 30.25 42.83 36.19
N PRO B 696 29.93 42.61 34.92
CA PRO B 696 30.97 42.62 33.88
C PRO B 696 31.45 44.03 33.58
N THR B 697 32.72 44.13 33.16
CA THR B 697 33.33 45.40 32.82
C THR B 697 33.90 45.46 31.42
N ASN B 698 33.63 44.45 30.61
CA ASN B 698 33.95 44.62 29.17
C ASN B 698 33.07 43.67 28.37
N PHE B 699 33.08 43.84 27.05
CA PHE B 699 32.15 43.15 26.18
C PHE B 699 32.81 42.87 24.84
N SER B 700 32.15 42.01 24.06
CA SER B 700 32.60 41.66 22.73
C SER B 700 31.42 41.66 21.78
N ILE B 701 31.69 41.97 20.52
CA ILE B 701 30.70 41.93 19.45
C ILE B 701 30.92 40.65 18.66
N SER B 702 29.95 39.76 18.69
CA SER B 702 30.09 38.44 18.08
C SER B 702 29.11 38.28 16.94
N VAL B 703 29.56 37.63 15.88
CA VAL B 703 28.71 37.29 14.74
C VAL B 703 28.55 35.79 14.69
N THR B 704 27.30 35.34 14.68
CA THR B 704 26.97 33.92 14.62
C THR B 704 26.26 33.62 13.32
N THR B 705 26.39 32.39 12.84
CA THR B 705 25.80 31.95 11.59
C THR B 705 24.70 30.95 11.85
N GLU B 706 23.53 31.16 11.23
CA GLU B 706 22.43 30.20 11.29
C GLU B 706 21.99 29.87 9.88
N VAL B 707 21.62 28.62 9.64
CA VAL B 707 21.28 28.12 8.32
C VAL B 707 19.86 27.57 8.36
N LEU B 708 19.03 27.97 7.38
CA LEU B 708 17.66 27.47 7.35
C LEU B 708 17.22 27.13 5.93
N PRO B 709 16.81 25.89 5.68
CA PRO B 709 16.23 25.54 4.38
C PRO B 709 14.88 26.20 4.15
N VAL B 710 14.55 26.43 2.88
CA VAL B 710 13.34 27.14 2.49
C VAL B 710 12.49 26.33 1.52
N SER B 711 13.10 25.82 0.45
CA SER B 711 12.35 25.13 -0.59
C SER B 711 13.04 23.82 -0.95
N MET B 712 12.40 23.07 -1.83
CA MET B 712 12.92 21.81 -2.33
C MET B 712 12.62 21.70 -3.82
N THR B 713 13.21 20.70 -4.46
CA THR B 713 13.11 20.56 -5.91
C THR B 713 11.68 20.25 -6.34
N LYS B 714 11.28 20.85 -7.46
CA LYS B 714 9.96 20.63 -8.04
C LYS B 714 10.03 19.52 -9.08
N THR B 715 9.28 18.45 -8.85
CA THR B 715 9.35 17.24 -9.68
C THR B 715 7.97 16.92 -10.24
N SER B 716 7.95 16.48 -11.50
CA SER B 716 6.73 16.05 -12.16
C SER B 716 6.92 14.65 -12.72
N VAL B 717 5.82 13.89 -12.73
CA VAL B 717 5.83 12.48 -13.13
C VAL B 717 4.76 12.27 -14.18
N ASP B 718 5.12 11.57 -15.26
CA ASP B 718 4.18 11.14 -16.28
C ASP B 718 3.88 9.66 -16.05
N CYS B 719 2.65 9.35 -15.64
CA CYS B 719 2.29 7.99 -15.28
C CYS B 719 2.44 7.01 -16.43
N ASN B 720 1.82 7.33 -17.57
CA ASN B 720 1.80 6.38 -18.68
C ASN B 720 3.21 5.98 -19.08
N MET B 721 4.10 6.95 -19.21
CA MET B 721 5.46 6.67 -19.63
C MET B 721 6.21 5.84 -18.59
N TYR B 722 6.00 6.13 -17.31
CA TYR B 722 6.75 5.42 -16.27
C TYR B 722 6.26 3.99 -16.11
N ILE B 723 4.94 3.80 -16.05
CA ILE B 723 4.40 2.47 -15.73
C ILE B 723 4.36 1.60 -16.98
N CYS B 724 3.91 2.14 -18.10
CA CYS B 724 3.76 1.33 -19.31
C CYS B 724 4.87 1.56 -20.32
N GLY B 725 5.36 2.79 -20.46
CA GLY B 725 6.35 3.08 -21.47
C GLY B 725 5.71 3.38 -22.81
N ASP B 726 5.90 2.49 -23.78
CA ASP B 726 5.43 2.71 -25.14
C ASP B 726 4.54 1.57 -25.63
N SER B 727 3.88 0.85 -24.73
CA SER B 727 3.00 -0.25 -25.09
C SER B 727 1.55 0.19 -24.96
N THR B 728 0.76 -0.08 -26.00
CA THR B 728 -0.64 0.32 -25.99
C THR B 728 -1.49 -0.60 -25.12
N GLU B 729 -1.15 -1.89 -25.08
CA GLU B 729 -1.91 -2.83 -24.26
C GLU B 729 -1.84 -2.45 -22.79
N CYS B 730 -0.65 -2.07 -22.32
CA CYS B 730 -0.51 -1.65 -20.93
C CYS B 730 -1.34 -0.41 -20.64
N SER B 731 -1.39 0.52 -21.60
CA SER B 731 -2.20 1.72 -21.41
C SER B 731 -3.68 1.39 -21.30
N ASN B 732 -4.16 0.49 -22.16
CA ASN B 732 -5.57 0.09 -22.08
C ASN B 732 -5.87 -0.59 -20.76
N LEU B 733 -4.97 -1.45 -20.28
CA LEU B 733 -5.18 -2.08 -18.97
C LEU B 733 -5.14 -1.06 -17.84
N LEU B 734 -4.23 -0.09 -17.92
CA LEU B 734 -4.13 0.92 -16.87
C LEU B 734 -5.32 1.85 -16.86
N LEU B 735 -6.03 1.98 -17.98
CA LEU B 735 -7.26 2.77 -17.98
C LEU B 735 -8.30 2.22 -17.02
N GLN B 736 -8.21 0.95 -16.63
CA GLN B 736 -9.19 0.30 -15.78
C GLN B 736 -8.92 0.48 -14.30
N TYR B 737 -7.87 1.23 -13.92
CA TYR B 737 -7.49 1.35 -12.52
C TYR B 737 -8.00 2.64 -11.88
N GLY B 738 -8.84 3.39 -12.58
CA GLY B 738 -9.48 4.55 -11.98
C GLY B 738 -8.73 5.85 -12.16
N SER B 739 -8.72 6.67 -11.10
CA SER B 739 -8.14 8.00 -11.15
C SER B 739 -7.00 8.13 -10.15
N PHE B 740 -6.18 7.09 -10.02
CA PHE B 740 -5.03 7.17 -9.11
C PHE B 740 -4.00 8.20 -9.60
N CYS B 741 -3.77 8.23 -10.91
CA CYS B 741 -2.73 9.11 -11.44
C CYS B 741 -3.15 10.57 -11.41
N THR B 742 -4.43 10.86 -11.58
CA THR B 742 -4.89 12.23 -11.39
C THR B 742 -4.59 12.69 -9.96
N GLN B 743 -4.82 11.82 -8.98
CA GLN B 743 -4.51 12.17 -7.59
C GLN B 743 -3.01 12.39 -7.40
N LEU B 744 -2.19 11.50 -7.95
CA LEU B 744 -0.74 11.65 -7.80
C LEU B 744 -0.25 12.96 -8.42
N ASN B 745 -0.71 13.26 -9.63
CA ASN B 745 -0.28 14.48 -10.30
C ASN B 745 -0.78 15.72 -9.56
N ARG B 746 -2.01 15.66 -9.02
CA ARG B 746 -2.52 16.80 -8.26
C ARG B 746 -1.67 17.04 -7.01
N ALA B 747 -1.30 15.97 -6.31
CA ALA B 747 -0.47 16.13 -5.12
C ALA B 747 0.89 16.74 -5.49
N LEU B 748 1.51 16.23 -6.56
CA LEU B 748 2.81 16.76 -6.96
C LEU B 748 2.72 18.23 -7.38
N SER B 749 1.67 18.59 -8.12
CA SER B 749 1.51 19.98 -8.55
C SER B 749 1.27 20.90 -7.36
N GLY B 750 0.48 20.45 -6.38
CA GLY B 750 0.29 21.25 -5.19
C GLY B 750 1.59 21.50 -4.46
N ILE B 751 2.44 20.47 -4.35
CA ILE B 751 3.73 20.64 -3.70
C ILE B 751 4.58 21.64 -4.47
N ALA B 752 4.57 21.53 -5.81
CA ALA B 752 5.36 22.42 -6.64
C ALA B 752 4.94 23.88 -6.47
N VAL B 753 3.64 24.14 -6.42
CA VAL B 753 3.17 25.50 -6.19
C VAL B 753 3.55 25.98 -4.80
N GLU B 754 3.45 25.10 -3.80
CA GLU B 754 3.77 25.46 -2.43
C GLU B 754 5.23 25.87 -2.29
N GLN B 755 6.13 25.27 -3.07
CA GLN B 755 7.54 25.64 -2.96
C GLN B 755 7.78 27.10 -3.36
N ASP B 756 7.20 27.50 -4.50
CA ASP B 756 7.32 28.90 -4.92
C ASP B 756 6.65 29.82 -3.91
N ARG B 757 5.52 29.40 -3.34
CA ARG B 757 4.87 30.20 -2.32
C ARG B 757 5.77 30.40 -1.11
N ASN B 758 6.48 29.33 -0.71
CA ASN B 758 7.43 29.43 0.40
C ASN B 758 8.51 30.46 0.10
N THR B 759 9.10 30.38 -1.09
CA THR B 759 10.17 31.31 -1.42
C THR B 759 9.67 32.75 -1.44
N ARG B 760 8.50 32.99 -2.01
CA ARG B 760 7.95 34.34 -2.07
C ARG B 760 7.64 34.87 -0.68
N ASP B 761 7.09 34.03 0.20
CA ASP B 761 6.79 34.49 1.55
C ASP B 761 8.06 34.75 2.35
N VAL B 762 9.12 34.00 2.10
CA VAL B 762 10.36 34.22 2.86
C VAL B 762 11.05 35.49 2.41
N PHE B 763 11.21 35.67 1.10
CA PHE B 763 12.10 36.73 0.61
C PHE B 763 11.39 38.05 0.29
N ALA B 764 10.21 38.00 -0.33
CA ALA B 764 9.54 39.21 -0.79
C ALA B 764 8.76 39.84 0.37
N GLN B 765 9.50 40.50 1.26
CA GLN B 765 8.91 41.22 2.38
C GLN B 765 8.97 42.73 2.22
N THR B 766 9.28 43.22 1.03
CA THR B 766 9.31 44.66 0.76
C THR B 766 8.60 44.94 -0.55
N LYS B 767 8.01 46.12 -0.65
CA LYS B 767 7.29 46.54 -1.85
C LYS B 767 8.15 47.30 -2.83
N THR B 768 9.22 47.94 -2.36
CA THR B 768 10.10 48.72 -3.21
C THR B 768 11.55 48.27 -3.04
N ILE B 769 12.35 48.50 -4.07
CA ILE B 769 13.76 48.11 -4.10
C ILE B 769 14.60 49.35 -3.93
N TYR B 770 15.43 49.36 -2.88
CA TYR B 770 16.33 50.47 -2.63
C TYR B 770 17.68 50.21 -3.29
N LYS B 771 18.22 51.24 -3.94
CA LYS B 771 19.45 51.08 -4.69
C LYS B 771 20.64 50.93 -3.75
N THR B 772 21.57 50.08 -4.13
CA THR B 772 22.77 49.84 -3.33
C THR B 772 23.64 51.11 -3.33
N PRO B 773 23.96 51.67 -2.17
CA PRO B 773 24.81 52.86 -2.15
C PRO B 773 26.23 52.52 -2.57
N ASN B 774 26.78 53.34 -3.47
CA ASN B 774 28.14 53.09 -3.96
C ASN B 774 29.16 53.15 -2.84
N ILE B 775 29.03 54.13 -1.95
CA ILE B 775 29.92 54.25 -0.80
C ILE B 775 29.47 53.23 0.25
N LYS B 776 30.29 52.22 0.49
CA LYS B 776 29.94 51.11 1.36
C LYS B 776 30.54 51.22 2.75
N ASP B 777 31.12 52.36 3.08
CA ASP B 777 31.63 52.64 4.42
C ASP B 777 30.70 53.64 5.09
N PHE B 778 30.10 53.22 6.21
CA PHE B 778 29.12 54.03 6.95
C PHE B 778 29.68 54.31 8.33
N GLY B 779 30.39 55.43 8.46
CA GLY B 779 30.93 55.82 9.76
C GLY B 779 31.92 54.85 10.35
N GLY B 780 32.66 54.18 9.46
CA GLY B 780 33.63 53.15 9.87
C GLY B 780 33.14 51.77 9.49
N PHE B 781 31.96 51.40 9.99
CA PHE B 781 31.42 50.03 9.74
C PHE B 781 31.52 49.76 8.25
N ASN B 782 32.14 48.65 7.87
CA ASN B 782 32.38 48.40 6.44
C ASN B 782 31.52 47.23 5.96
N PHE B 783 30.58 47.51 5.06
CA PHE B 783 29.63 46.50 4.54
C PHE B 783 30.21 45.87 3.27
N SER B 784 31.53 45.98 3.10
CA SER B 784 32.24 45.63 1.84
C SER B 784 31.88 44.21 1.40
N GLN B 785 31.51 43.35 2.35
CA GLN B 785 31.44 41.90 2.26
C GLN B 785 30.01 41.38 2.11
N ILE B 786 29.00 42.21 2.37
CA ILE B 786 27.61 41.78 2.31
C ILE B 786 26.79 42.53 1.28
N LEU B 787 27.34 43.57 0.65
CA LEU B 787 26.69 44.26 -0.45
C LEU B 787 27.44 43.99 -1.75
N PRO B 788 26.75 43.94 -2.89
CA PRO B 788 27.42 43.54 -4.14
C PRO B 788 28.41 44.61 -4.60
N ASP B 789 29.57 44.14 -5.05
CA ASP B 789 30.62 45.03 -5.53
C ASP B 789 30.38 45.38 -6.99
N PRO B 790 30.30 46.67 -7.33
CA PRO B 790 30.08 47.04 -8.74
C PRO B 790 31.16 46.54 -9.69
N GLY B 791 32.40 46.41 -9.22
CA GLY B 791 33.48 46.00 -10.10
C GLY B 791 33.45 44.55 -10.49
N LYS B 792 32.76 43.71 -9.73
CA LYS B 792 32.61 42.31 -10.07
C LYS B 792 31.36 42.12 -10.92
N PRO B 793 31.47 41.51 -12.11
CA PRO B 793 30.27 41.31 -12.95
C PRO B 793 29.25 40.35 -12.35
N SER B 794 29.62 39.57 -11.33
CA SER B 794 28.70 38.58 -10.77
C SER B 794 27.49 39.22 -10.10
N GLN B 795 27.59 40.48 -9.69
CA GLN B 795 26.47 41.21 -9.06
C GLN B 795 25.96 40.52 -7.81
N ARG B 796 26.87 39.95 -7.03
CA ARG B 796 26.53 39.27 -5.78
C ARG B 796 27.55 39.68 -4.72
N SER B 797 27.26 39.30 -3.48
CA SER B 797 28.16 39.55 -2.38
C SER B 797 29.28 38.51 -2.33
N PRO B 798 30.46 38.88 -1.83
CA PRO B 798 31.54 37.90 -1.69
C PRO B 798 31.16 36.70 -0.84
N ILE B 799 30.45 36.90 0.27
CA ILE B 799 30.02 35.78 1.08
C ILE B 799 28.99 34.94 0.34
N GLU B 800 28.11 35.60 -0.42
CA GLU B 800 27.16 34.87 -1.25
C GLU B 800 27.87 34.01 -2.29
N ASP B 801 28.93 34.56 -2.91
CA ASP B 801 29.72 33.79 -3.85
C ASP B 801 30.37 32.59 -3.18
N LEU B 802 30.92 32.79 -1.98
CA LEU B 802 31.52 31.69 -1.23
C LEU B 802 30.49 30.59 -0.98
N LEU B 803 29.31 30.98 -0.50
CA LEU B 803 28.27 30.00 -0.19
C LEU B 803 27.82 29.25 -1.44
N TYR B 804 27.62 29.96 -2.55
CA TYR B 804 27.22 29.30 -3.78
C TYR B 804 28.32 28.39 -4.32
N ASN B 805 29.58 28.70 -4.01
CA ASN B 805 30.68 27.83 -4.45
C ASN B 805 30.78 26.56 -3.61
N LYS B 806 30.53 26.66 -2.30
CA LYS B 806 30.69 25.51 -1.40
C LYS B 806 29.39 24.75 -1.16
N VAL B 807 28.48 24.72 -2.13
CA VAL B 807 27.35 23.80 -2.13
C VAL B 807 27.34 23.14 -3.51
N THR B 808 27.57 21.82 -3.54
CA THR B 808 27.74 21.09 -4.77
C THR B 808 26.72 19.95 -4.85
N LEU B 809 26.26 19.67 -6.06
CA LEU B 809 25.27 18.63 -6.28
C LEU B 809 25.93 17.25 -6.29
N ARG B 828 24.23 5.28 -19.40
CA ARG B 828 25.31 6.25 -19.50
C ARG B 828 25.22 7.27 -18.38
N ASP B 829 24.43 8.32 -18.60
CA ASP B 829 24.19 9.34 -17.60
C ASP B 829 23.04 8.94 -16.69
N LEU B 830 22.79 9.78 -15.68
CA LEU B 830 21.70 9.56 -14.73
C LEU B 830 20.46 10.36 -15.05
N ILE B 831 20.63 11.62 -15.51
CA ILE B 831 19.48 12.42 -15.89
C ILE B 831 18.88 11.96 -17.21
N CYS B 832 19.63 11.19 -18.00
CA CYS B 832 19.10 10.67 -19.25
C CYS B 832 18.22 9.45 -19.04
N ALA B 833 18.31 8.80 -17.89
CA ALA B 833 17.42 7.69 -17.55
C ALA B 833 16.15 8.15 -16.87
N GLN B 834 16.20 9.28 -16.16
CA GLN B 834 15.01 9.84 -15.56
C GLN B 834 14.08 10.42 -16.62
N LYS B 835 14.64 11.07 -17.64
CA LYS B 835 13.81 11.67 -18.69
C LYS B 835 13.18 10.62 -19.58
N PHE B 836 13.87 9.52 -19.83
CA PHE B 836 13.32 8.46 -20.67
C PHE B 836 12.18 7.72 -19.98
N ASN B 837 11.98 7.93 -18.68
CA ASN B 837 10.96 7.22 -17.92
C ASN B 837 9.90 8.15 -17.33
N GLY B 838 9.90 9.43 -17.71
CA GLY B 838 8.83 10.33 -17.35
C GLY B 838 9.03 11.16 -16.11
N LEU B 839 10.24 11.24 -15.59
CA LEU B 839 10.53 12.03 -14.40
C LEU B 839 11.23 13.32 -14.81
N THR B 840 10.65 14.47 -14.46
CA THR B 840 11.19 15.76 -14.88
C THR B 840 11.32 16.69 -13.69
N VAL B 841 12.28 17.62 -13.80
CA VAL B 841 12.51 18.64 -12.79
C VAL B 841 12.17 20.00 -13.39
N LEU B 842 11.33 20.75 -12.71
CA LEU B 842 10.86 22.04 -13.20
C LEU B 842 11.67 23.18 -12.59
N PRO B 843 11.92 24.25 -13.33
CA PRO B 843 12.74 25.34 -12.80
C PRO B 843 11.93 26.22 -11.87
N PRO B 844 12.56 26.78 -10.84
CA PRO B 844 11.84 27.69 -9.95
C PRO B 844 11.48 29.00 -10.65
N LEU B 845 10.40 29.61 -10.17
CA LEU B 845 9.92 30.84 -10.79
C LEU B 845 10.88 32.00 -10.56
N LEU B 846 11.32 32.20 -9.32
CA LEU B 846 12.25 33.27 -9.01
C LEU B 846 13.68 32.84 -9.34
N THR B 847 14.40 33.68 -10.05
CA THR B 847 15.79 33.40 -10.40
C THR B 847 16.72 33.86 -9.29
N ASP B 848 17.98 33.46 -9.41
CA ASP B 848 18.98 33.82 -8.40
C ASP B 848 19.23 35.32 -8.36
N ASP B 849 19.18 35.97 -9.52
CA ASP B 849 19.42 37.40 -9.58
C ASP B 849 18.38 38.18 -8.79
N MET B 850 17.11 37.77 -8.88
CA MET B 850 16.06 38.48 -8.14
C MET B 850 16.20 38.27 -6.64
N ILE B 851 16.60 37.07 -6.21
CA ILE B 851 16.83 36.85 -4.79
C ILE B 851 17.99 37.70 -4.29
N ALA B 852 19.06 37.78 -5.09
CA ALA B 852 20.17 38.67 -4.73
C ALA B 852 19.71 40.12 -4.66
N ALA B 853 18.83 40.54 -5.58
CA ALA B 853 18.32 41.90 -5.56
C ALA B 853 17.49 42.15 -4.30
N TYR B 854 16.66 41.18 -3.91
CA TYR B 854 15.88 41.32 -2.69
C TYR B 854 16.78 41.47 -1.48
N THR B 855 17.82 40.64 -1.40
CA THR B 855 18.76 40.72 -0.28
C THR B 855 19.47 42.07 -0.26
N ALA B 856 19.92 42.54 -1.42
CA ALA B 856 20.63 43.81 -1.47
C ALA B 856 19.72 44.97 -1.09
N ALA B 857 18.46 44.93 -1.53
CA ALA B 857 17.52 45.98 -1.17
C ALA B 857 17.26 46.00 0.33
N LEU B 858 17.08 44.81 0.93
CA LEU B 858 16.87 44.76 2.38
C LEU B 858 18.07 45.32 3.13
N ILE B 859 19.27 44.95 2.72
CA ILE B 859 20.48 45.40 3.41
C ILE B 859 20.65 46.90 3.26
N SER B 860 20.43 47.43 2.05
CA SER B 860 20.55 48.87 1.84
C SER B 860 19.52 49.65 2.64
N GLY B 861 18.28 49.14 2.68
CA GLY B 861 17.25 49.82 3.45
C GLY B 861 17.55 49.84 4.93
N THR B 862 17.99 48.70 5.48
CA THR B 862 18.30 48.68 6.91
C THR B 862 19.59 49.44 7.23
N ALA B 863 20.46 49.64 6.24
CA ALA B 863 21.64 50.46 6.47
C ALA B 863 21.30 51.94 6.47
N THR B 864 20.43 52.37 5.57
CA THR B 864 20.16 53.79 5.39
C THR B 864 18.98 54.28 6.22
N ALA B 865 17.95 53.47 6.42
CA ALA B 865 16.72 53.91 7.05
C ALA B 865 16.35 53.11 8.30
N GLY B 866 17.26 52.28 8.81
CA GLY B 866 16.93 51.49 9.99
C GLY B 866 15.87 50.45 9.71
N TYR B 867 15.11 50.10 10.75
CA TYR B 867 14.03 49.13 10.62
C TYR B 867 12.69 49.79 10.35
N THR B 868 12.66 51.10 10.14
CA THR B 868 11.40 51.83 10.00
C THR B 868 10.67 51.51 8.70
N PHE B 869 11.30 50.81 7.76
CA PHE B 869 10.67 50.52 6.48
C PHE B 869 9.87 49.23 6.50
N GLY B 870 9.69 48.61 7.67
CA GLY B 870 8.84 47.46 7.80
C GLY B 870 7.48 47.80 8.37
N ALA B 871 7.28 49.06 8.76
CA ALA B 871 6.02 49.52 9.32
C ALA B 871 5.45 50.73 8.58
N GLY B 872 5.99 51.06 7.41
CA GLY B 872 5.53 52.19 6.63
C GLY B 872 6.59 52.66 5.66
N PRO B 873 6.54 53.93 5.29
CA PRO B 873 7.60 54.49 4.44
C PRO B 873 8.91 54.60 5.21
N ALA B 874 10.01 54.46 4.48
CA ALA B 874 11.33 54.49 5.10
C ALA B 874 11.69 55.90 5.53
N LEU B 875 12.21 56.02 6.75
CA LEU B 875 12.67 57.30 7.29
C LEU B 875 14.18 57.25 7.47
N GLN B 876 14.86 58.28 6.99
CA GLN B 876 16.32 58.27 6.92
C GLN B 876 16.95 58.60 8.27
N ILE B 877 18.05 57.91 8.58
CA ILE B 877 18.78 58.09 9.82
C ILE B 877 20.20 57.55 9.63
N PRO B 878 21.23 58.25 10.12
CA PRO B 878 22.59 57.74 9.98
C PRO B 878 22.80 56.45 10.78
N PHE B 879 23.76 55.65 10.31
CA PHE B 879 23.98 54.34 10.94
C PHE B 879 24.44 54.40 12.39
N PRO B 880 25.38 55.26 12.80
CA PRO B 880 25.73 55.32 14.23
C PRO B 880 24.55 55.60 15.13
N MET B 881 23.60 56.43 14.67
CA MET B 881 22.40 56.68 15.45
C MET B 881 21.57 55.40 15.60
N GLN B 882 21.47 54.61 14.53
CA GLN B 882 20.76 53.35 14.60
C GLN B 882 21.43 52.39 15.58
N MET B 883 22.76 52.33 15.56
CA MET B 883 23.48 51.47 16.48
C MET B 883 23.29 51.92 17.92
N ALA B 884 23.26 53.24 18.15
CA ALA B 884 23.01 53.76 19.49
C ALA B 884 21.61 53.39 19.97
N TYR B 885 20.62 53.46 19.07
CA TYR B 885 19.27 53.02 19.42
C TYR B 885 19.25 51.55 19.81
N ARG B 886 19.92 50.71 19.02
CA ARG B 886 19.95 49.28 19.30
C ARG B 886 20.64 48.98 20.63
N PHE B 887 21.73 49.69 20.93
CA PHE B 887 22.36 49.56 22.24
C PHE B 887 21.38 49.95 23.34
N ASN B 888 20.67 51.06 23.15
CA ASN B 888 19.69 51.50 24.14
C ASN B 888 18.58 50.48 24.32
N GLY B 889 18.36 49.61 23.32
CA GLY B 889 17.32 48.61 23.44
C GLY B 889 17.58 47.58 24.52
N ILE B 890 18.84 47.20 24.71
CA ILE B 890 19.19 46.10 25.59
C ILE B 890 19.66 46.59 26.97
N GLY B 891 19.27 47.79 27.36
CA GLY B 891 19.59 48.27 28.69
C GLY B 891 20.98 48.82 28.86
N VAL B 892 21.65 49.20 27.77
CA VAL B 892 22.97 49.81 27.82
C VAL B 892 22.84 51.23 27.32
N THR B 893 23.33 52.19 28.11
CA THR B 893 23.24 53.59 27.74
C THR B 893 23.99 53.85 26.44
N GLN B 894 23.46 54.76 25.63
CA GLN B 894 24.01 55.00 24.30
C GLN B 894 25.35 55.72 24.34
N ASN B 895 25.80 56.18 25.50
CA ASN B 895 27.11 56.81 25.59
C ASN B 895 28.23 55.80 25.35
N VAL B 896 27.98 54.52 25.64
CA VAL B 896 29.02 53.50 25.49
C VAL B 896 29.45 53.40 24.04
N LEU B 897 28.49 53.43 23.11
CA LEU B 897 28.84 53.34 21.69
C LEU B 897 29.68 54.53 21.26
N TYR B 898 29.25 55.75 21.60
CA TYR B 898 29.97 56.95 21.16
C TYR B 898 31.36 57.02 21.76
N GLU B 899 31.49 56.69 23.05
CA GLU B 899 32.79 56.82 23.71
C GLU B 899 33.78 55.77 23.22
N ASN B 900 33.28 54.64 22.71
CA ASN B 900 34.12 53.57 22.20
C ASN B 900 33.76 53.24 20.76
N GLN B 901 33.55 54.28 19.94
CA GLN B 901 33.08 54.06 18.57
C GLN B 901 34.12 53.34 17.72
N LYS B 902 35.37 53.78 17.79
CA LYS B 902 36.42 53.18 16.96
C LYS B 902 36.64 51.72 17.32
N GLN B 903 36.70 51.42 18.62
CA GLN B 903 36.91 50.03 19.06
C GLN B 903 35.79 49.12 18.57
N ILE B 904 34.54 49.57 18.70
CA ILE B 904 33.40 48.77 18.27
C ILE B 904 33.42 48.57 16.77
N ALA B 905 33.77 49.61 16.01
CA ALA B 905 33.83 49.47 14.56
C ALA B 905 34.88 48.46 14.15
N ASN B 906 36.07 48.53 14.75
CA ASN B 906 37.12 47.57 14.40
C ASN B 906 36.73 46.16 14.81
N GLN B 907 36.10 46.00 15.98
CA GLN B 907 35.65 44.68 16.39
C GLN B 907 34.64 44.11 15.41
N PHE B 908 33.71 44.93 14.93
CA PHE B 908 32.72 44.47 13.98
C PHE B 908 33.36 44.01 12.68
N ASN B 909 34.30 44.81 12.15
CA ASN B 909 34.96 44.44 10.90
C ASN B 909 35.76 43.15 11.07
N LYS B 910 36.50 43.03 12.19
CA LYS B 910 37.27 41.82 12.42
C LYS B 910 36.37 40.60 12.58
N ALA B 911 35.23 40.76 13.24
CA ALA B 911 34.30 39.65 13.40
C ALA B 911 33.77 39.18 12.05
N ILE B 912 33.39 40.12 11.18
CA ILE B 912 32.88 39.73 9.87
C ILE B 912 33.97 39.02 9.06
N SER B 913 35.19 39.53 9.11
CA SER B 913 36.28 38.87 8.40
C SER B 913 36.52 37.45 8.92
N GLN B 914 36.50 37.28 10.25
CA GLN B 914 36.69 35.95 10.81
C GLN B 914 35.55 35.01 10.44
N ILE B 915 34.32 35.52 10.33
CA ILE B 915 33.21 34.68 9.86
C ILE B 915 33.46 34.21 8.44
N GLN B 916 33.94 35.11 7.57
CA GLN B 916 34.28 34.70 6.21
C GLN B 916 35.35 33.62 6.23
N ASP B 917 36.39 33.81 7.06
CA ASP B 917 37.47 32.82 7.13
C ASP B 917 36.97 31.48 7.63
N SER B 918 36.12 31.48 8.67
CA SER B 918 35.60 30.23 9.21
C SER B 918 34.69 29.53 8.22
N LEU B 919 33.94 30.29 7.42
CA LEU B 919 33.18 29.68 6.33
C LEU B 919 34.11 29.02 5.33
N THR B 920 35.23 29.68 5.01
CA THR B 920 36.17 29.08 4.07
C THR B 920 36.78 27.80 4.63
N THR B 921 37.08 27.77 5.92
CA THR B 921 37.82 26.63 6.48
C THR B 921 36.92 25.42 6.70
N THR B 922 35.91 25.55 7.55
CA THR B 922 35.08 24.41 7.93
C THR B 922 34.16 24.02 6.78
N PRO B 923 34.19 22.78 6.30
CA PRO B 923 33.33 22.39 5.17
C PRO B 923 31.95 21.90 5.58
N THR B 924 31.79 21.48 6.83
CA THR B 924 30.55 20.85 7.29
C THR B 924 29.58 21.82 7.93
N ALA B 925 29.78 23.13 7.76
CA ALA B 925 28.88 24.09 8.37
C ALA B 925 27.53 24.16 7.66
N LEU B 926 27.52 23.96 6.35
CA LEU B 926 26.32 24.14 5.53
C LEU B 926 25.58 22.85 5.27
N GLY B 927 25.93 21.78 5.97
CA GLY B 927 25.39 20.46 5.66
C GLY B 927 23.89 20.40 5.70
N LYS B 928 23.25 21.21 6.55
CA LYS B 928 21.80 21.20 6.65
C LYS B 928 21.15 21.48 5.30
N LEU B 929 21.76 22.36 4.49
CA LEU B 929 21.24 22.56 3.15
C LEU B 929 21.60 21.40 2.24
N GLN B 930 22.84 20.90 2.34
CA GLN B 930 23.32 19.91 1.40
C GLN B 930 22.47 18.64 1.45
N ASP B 931 22.16 18.17 2.66
CA ASP B 931 21.31 17.00 2.81
C ASP B 931 19.99 17.18 2.08
N VAL B 932 19.42 18.39 2.12
CA VAL B 932 18.15 18.63 1.45
C VAL B 932 18.25 18.32 -0.03
N ILE B 933 19.37 18.67 -0.66
CA ILE B 933 19.58 18.28 -2.04
C ILE B 933 19.71 16.77 -2.14
N ASN B 934 20.58 16.18 -1.31
CA ASN B 934 20.89 14.77 -1.43
C ASN B 934 19.65 13.91 -1.24
N GLN B 935 18.91 14.16 -0.16
CA GLN B 935 17.71 13.38 0.13
C GLN B 935 16.72 13.43 -1.02
N ASN B 936 16.77 14.48 -1.83
CA ASN B 936 15.90 14.53 -3.00
C ASN B 936 16.45 13.62 -4.09
N ALA B 937 17.71 13.82 -4.47
CA ALA B 937 18.28 13.07 -5.59
C ALA B 937 18.26 11.57 -5.30
N ALA B 938 18.72 11.19 -4.10
CA ALA B 938 18.74 9.77 -3.73
C ALA B 938 17.37 9.15 -3.81
N ALA B 939 16.31 9.95 -3.68
CA ALA B 939 14.96 9.42 -3.87
C ALA B 939 14.72 9.09 -5.34
N LEU B 940 14.92 10.07 -6.23
CA LEU B 940 14.58 9.88 -7.64
C LEU B 940 15.32 8.69 -8.22
N ASN B 941 16.63 8.63 -8.01
CA ASN B 941 17.41 7.51 -8.51
C ASN B 941 16.85 6.19 -8.03
N THR B 942 16.48 6.12 -6.75
CA THR B 942 15.92 4.88 -6.21
C THR B 942 14.72 4.44 -7.04
N LEU B 943 13.84 5.39 -7.36
CA LEU B 943 12.66 5.07 -8.15
C LEU B 943 13.05 4.38 -9.45
N VAL B 944 14.07 4.92 -10.13
CA VAL B 944 14.49 4.34 -11.40
C VAL B 944 14.94 2.91 -11.20
N LYS B 945 15.71 2.65 -10.14
CA LYS B 945 16.18 1.29 -9.90
C LYS B 945 15.02 0.33 -9.66
N GLN B 946 13.90 0.84 -9.13
CA GLN B 946 12.76 -0.03 -8.90
C GLN B 946 12.16 -0.58 -10.17
N LEU B 947 12.52 -0.02 -11.33
CA LEU B 947 12.04 -0.60 -12.59
C LEU B 947 12.78 -1.87 -12.96
N SER B 948 13.84 -2.22 -12.24
CA SER B 948 14.58 -3.45 -12.51
C SER B 948 14.01 -4.65 -11.77
N SER B 949 13.06 -4.45 -10.85
CA SER B 949 12.45 -5.54 -10.12
C SER B 949 11.35 -6.19 -10.95
N ASN B 950 11.02 -7.43 -10.60
CA ASN B 950 9.98 -8.17 -11.29
C ASN B 950 8.77 -8.50 -10.43
N PHE B 951 8.87 -8.38 -9.11
CA PHE B 951 7.74 -8.58 -8.19
C PHE B 951 7.10 -9.95 -8.38
N GLY B 952 7.92 -10.97 -8.61
CA GLY B 952 7.44 -12.33 -8.74
C GLY B 952 6.98 -12.74 -10.12
N ALA B 953 7.04 -11.85 -11.11
CA ALA B 953 6.67 -12.20 -12.47
C ALA B 953 7.83 -12.91 -13.16
N ILE B 954 7.66 -13.20 -14.45
CA ILE B 954 8.69 -13.95 -15.16
C ILE B 954 9.82 -13.05 -15.63
N SER B 955 9.59 -11.75 -15.75
CA SER B 955 10.63 -10.81 -16.16
C SER B 955 10.18 -9.40 -15.79
N SER B 956 11.12 -8.47 -15.83
CA SER B 956 10.85 -7.07 -15.57
C SER B 956 10.61 -6.28 -16.86
N VAL B 957 10.61 -6.93 -18.01
CA VAL B 957 10.43 -6.28 -19.30
C VAL B 957 9.04 -6.62 -19.82
N LEU B 958 8.24 -5.59 -20.10
CA LEU B 958 6.88 -5.81 -20.60
C LEU B 958 6.89 -6.46 -21.97
N ASN B 959 7.82 -6.07 -22.83
CA ASN B 959 7.84 -6.61 -24.19
C ASN B 959 8.17 -8.10 -24.19
N ASP B 960 9.01 -8.55 -23.26
CA ASP B 960 9.28 -9.99 -23.16
C ASP B 960 8.03 -10.75 -22.72
N ILE B 961 7.24 -10.18 -21.82
CA ILE B 961 5.99 -10.81 -21.42
C ILE B 961 5.01 -10.85 -22.58
N LEU B 962 4.93 -9.76 -23.34
CA LEU B 962 3.98 -9.65 -24.43
C LEU B 962 4.46 -10.33 -25.71
N SER B 963 5.68 -10.84 -25.74
CA SER B 963 6.21 -11.51 -26.92
C SER B 963 6.23 -13.03 -26.81
N ARG B 964 5.81 -13.60 -25.68
CA ARG B 964 5.86 -15.04 -25.49
C ARG B 964 4.60 -15.65 -24.89
N LEU B 965 3.72 -14.87 -24.25
CA LEU B 965 2.62 -15.44 -23.49
C LEU B 965 1.27 -15.07 -24.11
N ASP B 966 0.33 -16.00 -24.01
CA ASP B 966 -1.06 -15.78 -24.38
C ASP B 966 -1.78 -15.02 -23.27
N PRO B 967 -2.87 -14.33 -23.61
CA PRO B 967 -3.51 -13.40 -22.65
C PRO B 967 -3.88 -14.05 -21.32
N PRO B 968 -4.38 -15.31 -21.30
CA PRO B 968 -4.76 -15.89 -20.00
C PRO B 968 -3.66 -15.85 -18.94
N GLU B 969 -2.41 -16.09 -19.32
CA GLU B 969 -1.29 -15.93 -18.40
C GLU B 969 -0.61 -14.57 -18.53
N ALA B 970 -0.76 -13.91 -19.68
CA ALA B 970 -0.16 -12.59 -19.86
C ALA B 970 -0.72 -11.60 -18.86
N GLU B 971 -2.04 -11.60 -18.64
CA GLU B 971 -2.62 -10.67 -17.68
C GLU B 971 -2.17 -11.01 -16.25
N VAL B 972 -2.09 -12.30 -15.94
CA VAL B 972 -1.67 -12.73 -14.61
C VAL B 972 -0.25 -12.28 -14.33
N GLN B 973 0.61 -12.27 -15.35
CA GLN B 973 1.97 -11.76 -15.15
C GLN B 973 2.00 -10.23 -15.12
N ILE B 974 1.16 -9.57 -15.91
CA ILE B 974 1.22 -8.12 -16.05
C ILE B 974 0.74 -7.44 -14.77
N ASP B 975 -0.31 -7.97 -14.14
CA ASP B 975 -0.90 -7.28 -13.00
C ASP B 975 0.08 -7.15 -11.85
N ARG B 976 0.97 -8.14 -11.65
CA ARG B 976 1.97 -8.03 -10.60
C ARG B 976 2.88 -6.83 -10.83
N LEU B 977 3.38 -6.67 -12.06
CA LEU B 977 4.24 -5.53 -12.37
C LEU B 977 3.50 -4.22 -12.18
N ILE B 978 2.26 -4.14 -12.66
CA ILE B 978 1.52 -2.88 -12.56
C ILE B 978 1.30 -2.52 -11.09
N THR B 979 0.90 -3.50 -10.28
CA THR B 979 0.66 -3.24 -8.87
C THR B 979 1.93 -2.81 -8.16
N GLY B 980 3.05 -3.48 -8.46
CA GLY B 980 4.31 -3.10 -7.83
C GLY B 980 4.74 -1.69 -8.17
N ARG B 981 4.60 -1.32 -9.44
CA ARG B 981 5.00 0.03 -9.85
C ARG B 981 4.08 1.09 -9.25
N LEU B 982 2.78 0.80 -9.18
CA LEU B 982 1.87 1.73 -8.50
C LEU B 982 2.25 1.89 -7.03
N GLN B 983 2.59 0.79 -6.36
CA GLN B 983 3.00 0.86 -4.96
C GLN B 983 4.24 1.72 -4.79
N SER B 984 5.23 1.54 -5.66
CA SER B 984 6.46 2.33 -5.57
C SER B 984 6.16 3.82 -5.75
N LEU B 985 5.35 4.15 -6.76
CA LEU B 985 5.03 5.54 -7.02
C LEU B 985 4.27 6.17 -5.85
N GLN B 986 3.32 5.42 -5.27
CA GLN B 986 2.55 5.92 -4.15
C GLN B 986 3.45 6.16 -2.94
N THR B 987 4.37 5.24 -2.67
CA THR B 987 5.30 5.44 -1.56
C THR B 987 6.14 6.69 -1.75
N TYR B 988 6.62 6.89 -2.99
CA TYR B 988 7.42 8.09 -3.28
C TYR B 988 6.60 9.36 -3.01
N VAL B 989 5.34 9.38 -3.46
CA VAL B 989 4.52 10.57 -3.28
C VAL B 989 4.27 10.85 -1.79
N THR B 990 3.99 9.80 -1.02
CA THR B 990 3.74 9.99 0.41
C THR B 990 4.97 10.53 1.13
N GLN B 991 6.14 9.97 0.83
CA GLN B 991 7.38 10.49 1.42
C GLN B 991 7.60 11.94 1.05
N GLN B 992 7.33 12.30 -0.21
CA GLN B 992 7.48 13.69 -0.64
C GLN B 992 6.54 14.61 0.12
N LEU B 993 5.30 14.16 0.35
CA LEU B 993 4.35 15.00 1.09
C LEU B 993 4.84 15.25 2.52
N ILE B 994 5.34 14.22 3.19
CA ILE B 994 5.83 14.41 4.56
C ILE B 994 7.04 15.36 4.57
N ARG B 995 7.97 15.17 3.65
CA ARG B 995 9.14 16.04 3.59
C ARG B 995 8.74 17.48 3.30
N ALA B 996 7.74 17.68 2.44
CA ALA B 996 7.28 19.01 2.13
C ALA B 996 6.63 19.67 3.33
N ALA B 997 5.91 18.90 4.16
CA ALA B 997 5.38 19.47 5.39
C ALA B 997 6.49 19.94 6.31
N GLU B 998 7.55 19.14 6.45
CA GLU B 998 8.67 19.55 7.28
C GLU B 998 9.33 20.83 6.75
N ILE B 999 9.54 20.91 5.43
CA ILE B 999 10.15 22.10 4.86
C ILE B 999 9.22 23.30 4.96
N ARG B 1000 7.90 23.08 4.94
CA ARG B 1000 6.96 24.16 5.19
C ARG B 1000 7.12 24.73 6.59
N ALA B 1001 7.28 23.85 7.58
CA ALA B 1001 7.53 24.33 8.94
C ALA B 1001 8.82 25.13 9.02
N SER B 1002 9.88 24.63 8.37
CA SER B 1002 11.15 25.36 8.35
C SER B 1002 11.00 26.73 7.69
N ALA B 1003 10.24 26.79 6.60
CA ALA B 1003 10.05 28.06 5.89
C ALA B 1003 9.27 29.05 6.73
N ASN B 1004 8.26 28.58 7.47
CA ASN B 1004 7.53 29.46 8.37
C ASN B 1004 8.45 30.02 9.45
N LEU B 1005 9.32 29.17 10.01
CA LEU B 1005 10.28 29.64 11.00
C LEU B 1005 11.21 30.70 10.40
N ALA B 1006 11.69 30.46 9.18
CA ALA B 1006 12.60 31.41 8.53
C ALA B 1006 11.91 32.74 8.26
N ALA B 1007 10.65 32.70 7.83
CA ALA B 1007 9.92 33.94 7.59
C ALA B 1007 9.71 34.71 8.88
N THR B 1008 9.38 34.02 9.97
CA THR B 1008 9.23 34.70 11.26
C THR B 1008 10.55 35.31 11.71
N LYS B 1009 11.66 34.59 11.51
CA LYS B 1009 12.96 35.13 11.90
C LYS B 1009 13.34 36.34 11.08
N MET B 1010 13.03 36.33 9.77
CA MET B 1010 13.28 37.51 8.95
C MET B 1010 12.41 38.68 9.36
N SER B 1011 11.17 38.42 9.78
CA SER B 1011 10.28 39.50 10.18
C SER B 1011 10.63 40.08 11.54
N GLU B 1012 11.23 39.27 12.43
CA GLU B 1012 11.45 39.71 13.81
C GLU B 1012 12.88 40.06 14.15
N CYS B 1013 13.87 39.59 13.38
CA CYS B 1013 15.27 39.93 13.65
C CYS B 1013 15.88 40.86 12.63
N VAL B 1014 15.45 40.81 11.36
CA VAL B 1014 15.99 41.69 10.34
C VAL B 1014 15.23 43.01 10.27
N LEU B 1015 13.93 42.99 10.56
CA LEU B 1015 13.11 44.19 10.53
C LEU B 1015 12.82 44.74 11.93
N GLY B 1016 13.54 44.27 12.93
CA GLY B 1016 13.37 44.79 14.28
C GLY B 1016 14.36 44.14 15.22
N GLN B 1017 14.31 44.58 16.48
CA GLN B 1017 15.14 44.04 17.54
C GLN B 1017 14.25 43.24 18.49
N SER B 1018 14.61 41.97 18.70
CA SER B 1018 13.81 41.04 19.48
C SER B 1018 14.38 40.85 20.87
N LYS B 1019 13.48 40.80 21.85
CA LYS B 1019 13.87 40.55 23.24
C LYS B 1019 13.77 39.08 23.63
N ARG B 1020 13.35 38.21 22.71
CA ARG B 1020 13.26 36.79 23.04
C ARG B 1020 14.65 36.20 23.22
N VAL B 1021 14.78 35.35 24.23
CA VAL B 1021 16.08 34.79 24.60
C VAL B 1021 16.45 33.67 23.63
N ASP B 1022 17.67 33.74 23.08
CA ASP B 1022 18.22 32.72 22.19
C ASP B 1022 17.33 32.50 20.97
N PHE B 1023 16.77 33.57 20.43
CA PHE B 1023 15.98 33.50 19.21
C PHE B 1023 16.72 34.06 18.01
N CYS B 1024 17.28 35.26 18.12
CA CYS B 1024 18.06 35.87 17.04
C CYS B 1024 19.56 35.85 17.34
N GLY B 1025 20.02 34.84 18.06
CA GLY B 1025 21.43 34.67 18.34
C GLY B 1025 21.70 34.49 19.83
N LYS B 1026 22.92 34.02 20.11
CA LYS B 1026 23.38 33.81 21.48
C LYS B 1026 23.94 35.13 22.02
N GLY B 1027 23.23 35.70 22.98
CA GLY B 1027 23.57 36.98 23.55
C GLY B 1027 22.49 38.01 23.34
N TYR B 1028 22.69 39.18 23.95
CA TYR B 1028 21.75 40.28 23.76
C TYR B 1028 21.77 40.72 22.30
N HIS B 1029 20.59 40.82 21.70
CA HIS B 1029 20.48 40.97 20.25
C HIS B 1029 20.78 42.41 19.84
N LEU B 1030 21.60 42.56 18.81
CA LEU B 1030 21.83 43.85 18.17
C LEU B 1030 21.22 43.91 16.77
N MET B 1031 21.57 43.00 15.88
CA MET B 1031 20.90 42.96 14.58
C MET B 1031 21.20 41.64 13.87
N SER B 1032 20.76 41.53 12.61
CA SER B 1032 20.99 40.36 11.79
C SER B 1032 20.91 40.75 10.32
N PHE B 1033 21.61 39.98 9.48
CA PHE B 1033 21.66 40.20 8.04
C PHE B 1033 21.35 38.91 7.30
N PRO B 1034 20.58 38.97 6.22
CA PRO B 1034 20.28 37.77 5.43
C PRO B 1034 21.22 37.60 4.25
N GLN B 1035 21.44 36.34 3.89
CA GLN B 1035 22.18 36.00 2.68
C GLN B 1035 21.53 34.80 2.01
N ALA B 1036 21.48 34.83 0.69
CA ALA B 1036 20.87 33.75 -0.07
C ALA B 1036 21.83 32.58 -0.22
N ALA B 1037 21.27 31.38 -0.36
CA ALA B 1037 22.05 30.19 -0.62
C ALA B 1037 21.15 29.19 -1.32
N PRO B 1038 21.73 28.23 -2.05
CA PRO B 1038 20.89 27.25 -2.76
C PRO B 1038 19.88 26.58 -1.84
N HIS B 1039 18.60 26.84 -2.11
CA HIS B 1039 17.48 26.26 -1.38
C HIS B 1039 17.45 26.70 0.08
N GLY B 1040 17.93 27.89 0.40
CA GLY B 1040 17.90 28.28 1.80
C GLY B 1040 18.46 29.67 2.04
N VAL B 1041 18.43 30.06 3.31
CA VAL B 1041 18.91 31.35 3.74
C VAL B 1041 19.92 31.15 4.86
N VAL B 1042 20.86 32.09 4.97
CA VAL B 1042 21.86 32.11 6.01
C VAL B 1042 21.78 33.45 6.73
N PHE B 1043 21.60 33.41 8.04
CA PHE B 1043 21.48 34.61 8.85
C PHE B 1043 22.79 34.85 9.59
N LEU B 1044 23.27 36.09 9.53
CA LEU B 1044 24.44 36.54 10.27
C LEU B 1044 23.94 37.42 11.42
N HIS B 1045 24.04 36.91 12.64
CA HIS B 1045 23.50 37.58 13.82
C HIS B 1045 24.63 38.32 14.54
N VAL B 1046 24.47 39.62 14.71
CA VAL B 1046 25.42 40.45 15.43
C VAL B 1046 24.86 40.69 16.83
N THR B 1047 25.61 40.22 17.84
CA THR B 1047 25.14 40.17 19.22
C THR B 1047 26.26 40.63 20.16
N TYR B 1048 25.86 40.84 21.42
CA TYR B 1048 26.68 41.44 22.46
C TYR B 1048 26.93 40.41 23.55
N VAL B 1049 28.20 40.21 23.91
CA VAL B 1049 28.58 39.21 24.90
C VAL B 1049 29.40 39.85 26.00
N PRO B 1050 28.97 39.81 27.26
CA PRO B 1050 29.78 40.38 28.35
C PRO B 1050 31.01 39.53 28.63
N SER B 1051 31.99 40.15 29.28
CA SER B 1051 33.25 39.48 29.62
C SER B 1051 34.01 40.31 30.64
N GLU B 1052 34.96 39.65 31.30
CA GLU B 1052 35.91 40.27 32.22
C GLU B 1052 35.17 40.95 33.38
N GLN B 1053 34.56 40.09 34.20
CA GLN B 1053 33.68 40.50 35.29
C GLN B 1053 34.48 40.85 36.55
N LYS B 1054 33.77 41.44 37.52
CA LYS B 1054 34.37 41.85 38.79
C LYS B 1054 33.29 41.82 39.87
N ASN B 1055 33.72 41.64 41.13
CA ASN B 1055 32.80 41.26 42.23
C ASN B 1055 32.86 42.27 43.36
N PHE B 1056 31.70 42.66 43.90
CA PHE B 1056 31.52 43.77 44.83
C PHE B 1056 30.56 43.35 45.93
N THR B 1057 30.51 44.18 46.98
CA THR B 1057 29.57 44.02 48.08
C THR B 1057 28.28 44.78 47.77
N THR B 1058 27.15 44.24 48.23
CA THR B 1058 25.83 44.76 47.89
C THR B 1058 25.05 45.11 49.15
N ALA B 1059 23.90 45.76 48.92
CA ALA B 1059 22.92 46.10 49.95
C ALA B 1059 21.63 46.51 49.26
N PRO B 1060 20.48 45.95 49.67
CA PRO B 1060 19.24 46.19 48.92
C PRO B 1060 18.60 47.56 49.10
N ALA B 1061 19.07 48.36 50.06
CA ALA B 1061 18.43 49.65 50.32
C ALA B 1061 19.41 50.52 51.10
N ILE B 1062 19.08 51.80 51.20
CA ILE B 1062 19.84 52.72 52.05
C ILE B 1062 18.87 53.51 52.92
N CYS B 1063 19.18 53.59 54.22
CA CYS B 1063 18.37 54.35 55.15
C CYS B 1063 18.82 55.82 55.17
N HIS B 1064 17.85 56.72 55.19
CA HIS B 1064 18.10 58.14 55.40
C HIS B 1064 16.91 58.73 56.13
N ASN B 1065 17.19 59.31 57.31
CA ASN B 1065 16.16 59.89 58.16
C ASN B 1065 15.04 58.89 58.47
N GLY B 1066 15.41 57.61 58.58
CA GLY B 1066 14.46 56.56 58.86
C GLY B 1066 13.71 56.04 57.66
N LYS B 1067 13.91 56.60 56.47
CA LYS B 1067 13.20 56.19 55.27
C LYS B 1067 14.14 55.41 54.37
N ALA B 1068 13.64 54.32 53.81
CA ALA B 1068 14.45 53.41 53.02
C ALA B 1068 14.32 53.75 51.54
N TYR B 1069 15.45 54.03 50.91
CA TYR B 1069 15.50 54.28 49.47
C TYR B 1069 15.95 53.01 48.76
N PHE B 1070 15.24 52.67 47.69
CA PHE B 1070 15.38 51.51 46.84
C PHE B 1070 15.76 51.96 45.43
N PRO B 1071 16.53 51.15 44.70
CA PRO B 1071 16.94 51.54 43.36
C PRO B 1071 15.78 51.52 42.38
N LYS B 1072 15.69 52.57 41.56
CA LYS B 1072 14.68 52.61 40.51
C LYS B 1072 15.04 51.66 39.37
N GLU B 1073 16.30 51.68 38.93
CA GLU B 1073 16.74 50.85 37.82
C GLU B 1073 18.06 50.14 38.05
N GLY B 1074 18.91 50.61 38.96
CA GLY B 1074 20.24 50.07 39.12
C GLY B 1074 20.36 49.11 40.29
N VAL B 1075 21.59 48.82 40.66
CA VAL B 1075 21.92 47.99 41.81
C VAL B 1075 23.03 48.68 42.58
N PHE B 1076 23.02 48.53 43.90
CA PHE B 1076 23.95 49.23 44.77
C PHE B 1076 25.17 48.36 45.07
N VAL B 1077 26.35 48.93 44.84
CA VAL B 1077 27.62 48.23 45.02
C VAL B 1077 28.56 49.08 45.85
N MET B 1078 29.54 48.42 46.45
CA MET B 1078 30.55 49.09 47.27
C MET B 1078 31.94 48.73 46.75
N ASN B 1079 32.70 49.80 46.49
CA ASN B 1079 34.10 49.80 45.96
C ASN B 1079 35.05 50.07 47.12
N GLY B 1080 34.65 49.67 48.32
CA GLY B 1080 35.55 49.66 49.45
C GLY B 1080 35.41 50.90 50.31
N THR B 1081 35.05 52.02 49.68
CA THR B 1081 34.92 53.28 50.40
C THR B 1081 33.57 53.95 50.20
N HIS B 1082 33.00 53.89 49.00
CA HIS B 1082 31.78 54.62 48.67
C HIS B 1082 30.73 53.70 48.08
N TRP B 1083 29.47 54.08 48.25
CA TRP B 1083 28.34 53.29 47.77
C TRP B 1083 27.82 53.90 46.47
N PHE B 1084 27.84 53.12 45.39
CA PHE B 1084 27.49 53.58 44.06
C PHE B 1084 26.33 52.77 43.51
N ILE B 1085 25.68 53.31 42.49
CA ILE B 1085 24.59 52.66 41.78
C ILE B 1085 25.05 52.36 40.36
N THR B 1086 24.79 51.15 39.88
CA THR B 1086 25.34 50.70 38.62
C THR B 1086 24.31 49.86 37.88
N GLN B 1087 24.34 49.95 36.55
CA GLN B 1087 23.49 49.14 35.70
C GLN B 1087 23.99 47.70 35.65
N ARG B 1088 23.08 46.79 35.30
CA ARG B 1088 23.39 45.37 35.41
C ARG B 1088 24.34 44.90 34.30
N ASN B 1089 24.11 45.34 33.07
CA ASN B 1089 24.81 44.77 31.92
C ASN B 1089 26.17 45.39 31.66
N PHE B 1090 26.55 46.44 32.39
CA PHE B 1090 27.83 47.11 32.17
C PHE B 1090 28.20 47.83 33.45
N TYR B 1091 29.48 48.12 33.61
CA TYR B 1091 29.99 48.78 34.81
C TYR B 1091 30.12 50.27 34.51
N SER B 1092 29.18 51.06 35.02
CA SER B 1092 29.22 52.52 34.89
C SER B 1092 28.52 53.11 36.10
N PRO B 1093 29.24 53.27 37.21
CA PRO B 1093 28.61 53.76 38.44
C PRO B 1093 28.19 55.21 38.35
N GLN B 1094 27.20 55.57 39.17
CA GLN B 1094 26.71 56.93 39.29
C GLN B 1094 26.61 57.30 40.77
N VAL B 1095 26.92 58.56 41.08
CA VAL B 1095 26.83 59.03 42.46
C VAL B 1095 25.38 59.06 42.91
N ILE B 1096 25.16 58.87 44.21
CA ILE B 1096 23.81 58.79 44.75
C ILE B 1096 23.15 60.16 44.71
N THR B 1097 21.86 60.17 44.37
CA THR B 1097 21.05 61.38 44.33
C THR B 1097 19.60 60.96 44.45
N THR B 1098 18.74 61.93 44.74
CA THR B 1098 17.31 61.63 44.89
C THR B 1098 16.63 61.29 43.57
N ASP B 1099 17.30 61.50 42.44
CA ASP B 1099 16.66 61.33 41.14
C ASP B 1099 16.44 59.85 40.82
N ASN B 1100 17.45 59.02 41.04
CA ASN B 1100 17.45 57.65 40.55
C ASN B 1100 17.00 56.62 41.58
N THR B 1101 16.59 57.06 42.77
CA THR B 1101 16.11 56.14 43.81
C THR B 1101 14.74 56.60 44.30
N PHE B 1102 13.96 55.63 44.80
CA PHE B 1102 12.62 55.95 45.27
C PHE B 1102 12.45 55.48 46.70
N GLU B 1103 11.63 56.21 47.45
CA GLU B 1103 11.39 55.96 48.86
C GLU B 1103 10.06 55.25 49.05
N SER B 1104 10.05 54.26 49.95
CA SER B 1104 8.82 53.52 50.25
C SER B 1104 8.97 52.91 51.64
N GLY B 1105 8.31 53.51 52.63
CA GLY B 1105 8.26 52.94 53.96
C GLY B 1105 9.47 53.26 54.80
N THR B 1106 9.42 52.79 56.04
CA THR B 1106 10.45 53.02 57.04
C THR B 1106 11.41 51.84 57.11
N CYS B 1107 12.51 52.05 57.85
CA CYS B 1107 13.56 51.04 57.97
C CYS B 1107 13.43 50.27 59.28
N ASP B 1108 12.35 49.48 59.36
CA ASP B 1108 12.16 48.55 60.47
C ASP B 1108 12.07 47.11 59.99
N VAL B 1109 11.22 46.82 59.00
CA VAL B 1109 11.11 45.48 58.46
C VAL B 1109 12.07 45.25 57.30
N VAL B 1110 12.90 46.22 56.97
CA VAL B 1110 13.83 46.10 55.86
C VAL B 1110 15.00 45.23 56.28
N ILE B 1111 15.33 44.24 55.44
CA ILE B 1111 16.41 43.31 55.70
C ILE B 1111 17.55 43.61 54.74
N GLY B 1112 18.77 43.69 55.26
CA GLY B 1112 19.94 43.97 54.46
C GLY B 1112 20.28 45.43 54.28
N ILE B 1113 19.48 46.34 54.84
CA ILE B 1113 19.73 47.76 54.68
C ILE B 1113 21.03 48.13 55.40
N VAL B 1114 21.71 49.15 54.87
CA VAL B 1114 22.96 49.63 55.44
C VAL B 1114 22.84 51.13 55.70
N ASN B 1115 23.62 51.59 56.69
CA ASN B 1115 23.57 52.98 57.11
C ASN B 1115 24.51 53.81 56.24
N ASN B 1116 23.96 54.83 55.59
CA ASN B 1116 24.72 55.67 54.69
C ASN B 1116 23.99 56.99 54.55
N THR B 1117 24.67 57.99 53.99
CA THR B 1117 24.12 59.32 53.80
C THR B 1117 24.05 59.65 52.32
N VAL B 1118 23.30 60.70 52.00
CA VAL B 1118 23.18 61.17 50.64
C VAL B 1118 24.01 62.43 50.42
N GLU C 17 -39.34 -59.13 21.17
CA GLU C 17 -39.71 -58.14 20.18
C GLU C 17 -41.20 -58.21 19.84
N GLY C 18 -42.01 -57.49 20.61
CA GLY C 18 -43.45 -57.49 20.41
C GLY C 18 -44.07 -56.11 20.55
N CYS C 19 -45.04 -55.81 19.71
CA CYS C 19 -45.63 -54.47 19.65
C CYS C 19 -46.45 -54.21 20.90
N GLY C 20 -45.91 -53.43 21.84
CA GLY C 20 -46.66 -52.97 22.98
C GLY C 20 -47.67 -51.91 22.60
N VAL C 21 -48.95 -52.25 22.68
CA VAL C 21 -50.01 -51.39 22.15
C VAL C 21 -50.61 -50.55 23.27
N LEU C 22 -50.76 -49.25 23.00
CA LEU C 22 -51.49 -48.32 23.85
C LEU C 22 -52.71 -47.85 23.07
N SER C 23 -53.91 -48.18 23.58
CA SER C 23 -55.12 -47.94 22.81
C SER C 23 -55.45 -46.45 22.73
N ASN C 24 -55.68 -45.87 23.91
CA ASN C 24 -56.17 -44.49 24.08
C ASN C 24 -55.05 -43.66 24.67
N LYS C 25 -54.83 -42.46 24.13
CA LYS C 25 -53.78 -41.61 24.65
C LYS C 25 -54.27 -40.17 24.68
N SER C 26 -53.89 -39.44 25.72
CA SER C 26 -54.27 -38.03 25.83
C SER C 26 -53.63 -37.21 24.73
N THR C 27 -54.39 -36.25 24.20
CA THR C 27 -53.85 -35.38 23.17
C THR C 27 -52.71 -34.53 23.73
N PRO C 28 -51.60 -34.41 23.02
CA PRO C 28 -50.44 -33.70 23.58
C PRO C 28 -50.71 -32.20 23.73
N ASN C 29 -50.12 -31.63 24.78
CA ASN C 29 -50.07 -30.19 24.96
C ASN C 29 -48.65 -29.70 24.75
N LEU C 30 -48.53 -28.46 24.30
CA LEU C 30 -47.24 -27.86 23.91
C LEU C 30 -47.02 -26.61 24.74
N ASP C 31 -46.36 -26.76 25.87
CA ASP C 31 -45.98 -25.62 26.71
C ASP C 31 -44.55 -25.19 26.39
N GLN C 32 -44.37 -23.88 26.28
CA GLN C 32 -43.13 -23.29 25.79
C GLN C 32 -42.46 -22.52 26.92
N PHE C 33 -41.19 -22.81 27.15
CA PHE C 33 -40.40 -22.18 28.20
C PHE C 33 -39.22 -21.44 27.55
N LEU C 34 -38.45 -20.74 28.38
CA LEU C 34 -37.33 -19.94 27.91
C LEU C 34 -36.04 -20.73 28.01
N SER C 35 -35.09 -20.41 27.13
CA SER C 35 -33.86 -21.19 27.00
C SER C 35 -32.70 -20.66 27.83
N SER C 36 -32.85 -19.51 28.47
CA SER C 36 -31.80 -18.90 29.31
C SER C 36 -30.57 -18.66 28.42
N ARG C 37 -29.40 -19.14 28.79
CA ARG C 37 -28.18 -18.97 28.00
C ARG C 37 -27.51 -20.33 27.76
N ARG C 38 -28.29 -21.31 27.31
CA ARG C 38 -27.81 -22.66 27.12
C ARG C 38 -27.62 -22.97 25.64
N GLY C 39 -26.97 -24.10 25.38
CA GLY C 39 -26.85 -24.64 24.05
C GLY C 39 -25.53 -24.42 23.34
N PHE C 40 -24.54 -23.83 23.99
CA PHE C 40 -23.26 -23.55 23.35
C PHE C 40 -22.41 -24.81 23.29
N TYR C 41 -21.66 -24.97 22.19
CA TYR C 41 -20.83 -26.14 22.01
C TYR C 41 -19.54 -25.77 21.29
N TYR C 42 -18.52 -26.60 21.48
CA TYR C 42 -17.24 -26.42 20.80
C TYR C 42 -17.44 -26.52 19.29
N PHE C 43 -16.83 -25.60 18.55
CA PHE C 43 -17.07 -25.47 17.13
C PHE C 43 -15.85 -25.79 16.26
N ASP C 44 -14.68 -26.01 16.85
CA ASP C 44 -13.48 -26.28 16.07
C ASP C 44 -12.53 -27.18 16.85
N ASP C 45 -11.59 -27.77 16.12
CA ASP C 45 -10.63 -28.71 16.68
C ASP C 45 -9.29 -28.07 17.00
N THR C 46 -9.20 -26.74 16.94
CA THR C 46 -7.95 -26.05 17.21
C THR C 46 -7.68 -25.97 18.71
N PHE C 47 -6.43 -25.69 19.05
CA PHE C 47 -6.00 -25.52 20.43
C PHE C 47 -5.57 -24.09 20.65
N ARG C 48 -6.17 -23.42 21.63
CA ARG C 48 -6.02 -21.99 21.80
C ARG C 48 -6.04 -21.67 23.30
N SER C 49 -5.50 -20.50 23.64
CA SER C 49 -5.36 -20.13 25.05
C SER C 49 -5.33 -18.61 25.18
N SER C 50 -6.13 -18.09 26.11
CA SER C 50 -6.11 -16.67 26.48
C SER C 50 -6.31 -15.76 25.28
N VAL C 51 -7.44 -15.96 24.60
CA VAL C 51 -7.80 -15.21 23.41
C VAL C 51 -9.28 -14.88 23.46
N ARG C 52 -9.75 -14.17 22.42
CA ARG C 52 -11.18 -13.91 22.21
C ARG C 52 -11.44 -14.08 20.73
N VAL C 53 -12.38 -14.96 20.38
CA VAL C 53 -12.59 -15.36 18.99
C VAL C 53 -14.04 -15.15 18.61
N LEU C 54 -14.26 -14.63 17.40
CA LEU C 54 -15.60 -14.43 16.84
C LEU C 54 -15.83 -15.48 15.75
N THR C 55 -16.99 -16.13 15.77
CA THR C 55 -17.31 -17.17 14.82
C THR C 55 -18.75 -17.00 14.35
N SER C 56 -19.04 -17.59 13.18
CA SER C 56 -20.38 -17.53 12.59
C SER C 56 -20.78 -18.94 12.21
N GLY C 57 -21.99 -19.34 12.60
CA GLY C 57 -22.46 -20.69 12.33
C GLY C 57 -23.91 -20.93 12.69
N TYR C 58 -24.21 -22.15 13.14
CA TYR C 58 -25.56 -22.51 13.56
C TYR C 58 -25.57 -22.73 15.06
N PHE C 59 -26.37 -21.94 15.77
CA PHE C 59 -26.41 -22.00 17.22
C PHE C 59 -27.84 -21.85 17.70
N LEU C 60 -28.04 -22.04 19.00
CA LEU C 60 -29.34 -21.86 19.62
C LEU C 60 -29.46 -20.44 20.15
N PRO C 61 -30.40 -19.63 19.66
CA PRO C 61 -30.50 -18.25 20.13
C PRO C 61 -30.77 -18.18 21.63
N PHE C 62 -30.17 -17.19 22.27
CA PHE C 62 -30.34 -17.02 23.71
C PHE C 62 -31.77 -16.59 24.04
N GLN C 63 -32.31 -17.15 25.12
CA GLN C 63 -33.65 -16.82 25.60
C GLN C 63 -34.70 -17.04 24.51
N SER C 64 -34.64 -18.19 23.86
CA SER C 64 -35.60 -18.58 22.85
C SER C 64 -36.63 -19.55 23.43
N ASN C 65 -37.73 -19.71 22.71
CA ASN C 65 -38.82 -20.61 23.17
C ASN C 65 -38.46 -22.06 22.85
N LEU C 66 -38.49 -22.92 23.86
CA LEU C 66 -38.28 -24.35 23.74
C LEU C 66 -39.52 -25.10 24.21
N THR C 67 -39.85 -26.18 23.52
CA THR C 67 -41.12 -26.87 23.73
C THR C 67 -40.94 -28.09 24.61
N ARG C 68 -41.86 -28.29 25.56
CA ARG C 68 -41.78 -29.41 26.49
C ARG C 68 -42.76 -30.52 26.14
N TYR C 69 -42.29 -31.75 26.16
CA TYR C 69 -43.12 -32.95 26.10
C TYR C 69 -42.84 -33.80 27.33
N LEU C 70 -43.90 -34.39 27.90
CA LEU C 70 -43.81 -35.02 29.21
C LEU C 70 -44.44 -36.40 29.19
N THR C 71 -43.99 -37.23 30.13
CA THR C 71 -44.53 -38.57 30.35
C THR C 71 -44.97 -38.67 31.80
N LEU C 72 -46.21 -39.13 32.01
CA LEU C 72 -46.84 -39.16 33.32
C LEU C 72 -47.76 -40.36 33.41
N GLU C 73 -48.15 -40.70 34.65
CA GLU C 73 -49.00 -41.86 34.92
C GLU C 73 -50.47 -41.48 34.98
N SER C 74 -51.31 -42.36 34.43
CA SER C 74 -52.75 -42.25 34.50
C SER C 74 -53.28 -43.17 35.58
N ILE C 75 -54.13 -42.63 36.46
CA ILE C 75 -54.71 -43.43 37.54
C ILE C 75 -56.24 -43.43 37.40
N THR C 76 -56.85 -42.25 37.35
CA THR C 76 -58.29 -42.10 37.21
C THR C 76 -58.57 -40.86 36.38
N GLY C 77 -59.77 -40.80 35.80
CA GLY C 77 -60.16 -39.65 35.02
C GLY C 77 -59.28 -39.44 33.80
N ARG C 78 -58.41 -38.43 33.87
CA ARG C 78 -57.49 -38.14 32.78
C ARG C 78 -56.67 -39.37 32.40
N ARG C 79 -56.29 -39.43 31.13
CA ARG C 79 -55.63 -40.59 30.57
C ARG C 79 -54.11 -40.42 30.64
N ILE C 80 -53.39 -41.41 30.12
CA ILE C 80 -51.93 -41.40 30.19
C ILE C 80 -51.36 -40.40 29.20
N TYR C 81 -50.20 -39.82 29.54
CA TYR C 81 -49.48 -38.90 28.67
C TYR C 81 -48.21 -39.61 28.20
N PHE C 82 -48.16 -39.96 26.92
CA PHE C 82 -46.98 -40.56 26.30
C PHE C 82 -46.72 -39.77 25.01
N ASP C 83 -45.97 -38.69 25.13
CA ASP C 83 -45.77 -37.74 24.04
C ASP C 83 -44.61 -38.21 23.18
N ASN C 84 -44.90 -38.60 21.95
CA ASN C 84 -43.85 -39.03 21.03
C ASN C 84 -44.24 -38.82 19.58
N PRO C 85 -44.41 -37.58 19.13
CA PRO C 85 -44.61 -37.32 17.69
C PRO C 85 -43.26 -37.25 16.99
N ASN C 86 -43.31 -37.07 15.68
CA ASN C 86 -42.11 -36.84 14.89
C ASN C 86 -41.90 -35.35 14.68
N ILE C 87 -40.67 -34.90 14.92
CA ILE C 87 -40.34 -33.48 14.99
C ILE C 87 -39.32 -33.16 13.90
N PRO C 88 -39.52 -32.11 13.11
CA PRO C 88 -38.57 -31.80 12.04
C PRO C 88 -37.19 -31.46 12.57
N PHE C 89 -36.18 -31.81 11.78
CA PHE C 89 -34.77 -31.63 12.13
C PHE C 89 -34.25 -30.25 11.74
N LYS C 90 -34.61 -29.77 10.54
CA LYS C 90 -34.20 -28.45 10.03
C LYS C 90 -32.68 -28.44 9.92
N ASP C 91 -31.97 -27.54 10.61
CA ASP C 91 -30.52 -27.43 10.51
C ASP C 91 -29.80 -27.89 11.77
N GLY C 92 -30.50 -28.50 12.71
CA GLY C 92 -29.86 -28.95 13.94
C GLY C 92 -30.88 -29.16 15.03
N LEU C 93 -30.39 -29.55 16.20
CA LEU C 93 -31.30 -29.89 17.28
C LEU C 93 -30.62 -29.73 18.63
N TYR C 94 -31.36 -29.18 19.60
CA TYR C 94 -30.94 -29.13 21.00
C TYR C 94 -31.97 -29.87 21.84
N PHE C 95 -31.50 -30.83 22.64
CA PHE C 95 -32.35 -31.75 23.38
C PHE C 95 -31.96 -31.72 24.85
N ALA C 96 -32.94 -31.55 25.73
CA ALA C 96 -32.71 -31.51 27.16
C ALA C 96 -33.67 -32.46 27.85
N ALA C 97 -33.20 -33.13 28.89
CA ALA C 97 -34.00 -34.12 29.61
C ALA C 97 -33.91 -33.86 31.10
N THR C 98 -35.07 -33.68 31.74
CA THR C 98 -35.19 -33.63 33.19
C THR C 98 -35.91 -34.89 33.66
N GLU C 99 -35.32 -35.53 34.66
CA GLU C 99 -35.60 -36.96 34.85
C GLU C 99 -35.01 -37.40 36.19
N LYS C 100 -35.69 -38.35 36.83
CA LYS C 100 -35.22 -38.92 38.09
C LYS C 100 -35.11 -40.43 38.06
N SER C 101 -35.52 -41.07 36.97
CA SER C 101 -35.40 -42.51 36.80
C SER C 101 -35.29 -42.78 35.30
N ASN C 102 -34.30 -43.58 34.92
CA ASN C 102 -33.96 -43.74 33.51
C ASN C 102 -35.16 -44.20 32.69
N VAL C 103 -35.72 -43.29 31.89
CA VAL C 103 -36.85 -43.59 31.03
C VAL C 103 -36.52 -43.20 29.59
N ILE C 104 -35.93 -42.03 29.41
CA ILE C 104 -35.53 -41.56 28.08
C ILE C 104 -34.21 -42.22 27.73
N ARG C 105 -34.18 -43.00 26.65
CA ARG C 105 -33.02 -43.86 26.44
C ARG C 105 -32.38 -43.75 25.06
N GLY C 106 -33.16 -43.47 24.01
CA GLY C 106 -32.60 -43.53 22.68
C GLY C 106 -33.32 -42.64 21.68
N TRP C 107 -32.73 -42.55 20.49
CA TRP C 107 -33.21 -41.68 19.43
C TRP C 107 -33.31 -42.42 18.11
N ILE C 108 -34.23 -41.94 17.26
CA ILE C 108 -34.42 -42.43 15.90
C ILE C 108 -34.27 -41.25 14.96
N PHE C 109 -33.38 -41.38 13.98
CA PHE C 109 -33.15 -40.38 12.95
C PHE C 109 -33.55 -40.94 11.59
N GLY C 110 -34.28 -40.14 10.81
CA GLY C 110 -34.65 -40.61 9.49
C GLY C 110 -35.32 -39.54 8.67
N SER C 111 -35.86 -39.95 7.53
CA SER C 111 -36.56 -39.05 6.62
C SER C 111 -38.05 -39.35 6.56
N THR C 112 -38.43 -40.57 6.20
CA THR C 112 -39.84 -40.96 6.17
C THR C 112 -40.22 -41.88 7.31
N LEU C 113 -39.25 -42.40 8.06
CA LEU C 113 -39.49 -43.26 9.22
C LEU C 113 -40.32 -44.48 8.83
N ASP C 114 -40.04 -45.03 7.64
CA ASP C 114 -40.71 -46.23 7.16
C ASP C 114 -39.69 -47.24 6.64
N ASN C 115 -40.12 -48.28 5.97
CA ASN C 115 -39.15 -49.27 5.45
C ASN C 115 -38.77 -48.95 4.01
N THR C 116 -39.33 -47.89 3.43
CA THR C 116 -38.89 -47.48 2.10
C THR C 116 -37.52 -46.82 2.15
N THR C 117 -37.25 -46.05 3.21
CA THR C 117 -36.00 -45.32 3.38
C THR C 117 -35.19 -45.93 4.51
N GLN C 118 -33.93 -45.52 4.59
CA GLN C 118 -32.99 -46.09 5.55
C GLN C 118 -32.80 -45.13 6.72
N SER C 119 -32.88 -45.67 7.93
CA SER C 119 -32.88 -44.88 9.15
C SER C 119 -31.75 -45.31 10.07
N ALA C 120 -31.54 -44.50 11.12
CA ALA C 120 -30.52 -44.76 12.13
C ALA C 120 -31.16 -44.77 13.52
N VAL C 121 -30.69 -45.68 14.37
CA VAL C 121 -31.21 -45.83 15.73
C VAL C 121 -30.04 -45.84 16.69
N LEU C 122 -30.10 -44.96 17.70
CA LEU C 122 -29.09 -44.89 18.75
C LEU C 122 -29.72 -45.22 20.09
N PHE C 123 -29.00 -46.00 20.89
CA PHE C 123 -29.43 -46.36 22.24
C PHE C 123 -28.20 -46.38 23.12
N ASN C 124 -28.05 -45.35 23.96
CA ASN C 124 -26.78 -44.98 24.58
C ASN C 124 -26.72 -45.38 26.06
N ASN C 125 -27.64 -46.23 26.51
CA ASN C 125 -27.67 -46.61 27.92
C ASN C 125 -28.13 -48.05 28.12
N GLY C 126 -28.47 -48.39 29.37
CA GLY C 126 -28.97 -49.71 29.70
C GLY C 126 -28.08 -50.85 29.25
N THR C 127 -28.54 -51.62 28.28
CA THR C 127 -27.80 -52.75 27.71
C THR C 127 -26.95 -52.21 26.57
N HIS C 128 -25.77 -51.68 26.95
CA HIS C 128 -24.72 -51.16 26.08
C HIS C 128 -25.21 -50.03 25.16
N ILE C 129 -24.31 -49.40 24.42
CA ILE C 129 -24.72 -48.57 23.30
C ILE C 129 -24.92 -49.45 22.09
N VAL C 130 -26.08 -49.35 21.46
CA VAL C 130 -26.29 -49.94 20.14
C VAL C 130 -26.51 -48.80 19.16
N VAL C 131 -25.67 -48.74 18.14
CA VAL C 131 -25.83 -47.81 17.03
C VAL C 131 -26.08 -48.65 15.79
N ASN C 132 -27.22 -48.43 15.14
CA ASN C 132 -27.57 -49.18 13.96
C ASN C 132 -27.97 -48.22 12.85
N VAL C 133 -27.61 -48.57 11.62
CA VAL C 133 -28.10 -47.88 10.43
C VAL C 133 -28.67 -48.95 9.52
N CYS C 134 -29.99 -49.05 9.49
CA CYS C 134 -30.65 -50.15 8.80
C CYS C 134 -31.94 -49.65 8.17
N ASN C 135 -32.66 -50.56 7.52
CA ASN C 135 -33.95 -50.26 6.93
C ASN C 135 -35.03 -50.78 7.88
N PHE C 136 -35.32 -50.00 8.90
CA PHE C 136 -36.17 -50.42 10.00
C PHE C 136 -37.65 -50.30 9.65
N ASN C 137 -38.44 -51.23 10.18
CA ASN C 137 -39.90 -51.13 10.14
C ASN C 137 -40.37 -50.88 11.56
N PHE C 138 -40.82 -49.65 11.83
CA PHE C 138 -41.05 -49.19 13.20
C PHE C 138 -42.47 -49.46 13.66
N CYS C 139 -42.63 -49.53 14.98
CA CYS C 139 -43.93 -49.70 15.59
C CYS C 139 -44.63 -48.34 15.73
N GLN C 140 -45.94 -48.40 16.02
CA GLN C 140 -46.70 -47.18 16.25
C GLN C 140 -46.27 -46.47 17.53
N ASP C 141 -45.55 -47.13 18.42
CA ASP C 141 -45.09 -46.50 19.64
C ASP C 141 -43.79 -47.15 20.11
N PRO C 142 -42.67 -46.43 20.07
CA PRO C 142 -41.42 -46.99 20.60
C PRO C 142 -41.57 -47.36 22.06
N MET C 143 -40.89 -48.44 22.45
CA MET C 143 -41.18 -49.12 23.69
C MET C 143 -39.91 -49.71 24.28
N LEU C 144 -39.88 -49.79 25.61
CA LEU C 144 -38.82 -50.50 26.32
C LEU C 144 -39.41 -51.05 27.62
N ALA C 145 -39.83 -52.31 27.58
CA ALA C 145 -40.41 -52.92 28.76
C ALA C 145 -39.32 -53.41 29.71
N ILE C 146 -39.51 -53.13 31.00
CA ILE C 146 -38.57 -53.53 32.03
C ILE C 146 -39.30 -54.30 33.13
N SER C 147 -38.57 -54.64 34.20
CA SER C 147 -39.11 -55.39 35.31
C SER C 147 -38.48 -54.92 36.62
N ALA C 148 -38.58 -55.73 37.67
CA ALA C 148 -38.20 -55.31 39.02
C ALA C 148 -36.70 -55.04 39.08
N GLY C 149 -36.32 -53.87 38.56
CA GLY C 149 -34.94 -53.46 38.50
C GLY C 149 -34.08 -54.29 37.57
N SER C 150 -34.68 -55.02 36.64
CA SER C 150 -33.95 -55.82 35.66
C SER C 150 -34.63 -55.66 34.32
N PRO C 151 -33.91 -55.26 33.26
CA PRO C 151 -34.52 -55.19 31.93
C PRO C 151 -35.17 -56.51 31.55
N TYR C 152 -36.34 -56.47 30.92
CA TYR C 152 -37.13 -57.68 30.77
C TYR C 152 -37.32 -58.07 29.31
N LYS C 153 -37.86 -57.17 28.48
CA LYS C 153 -38.05 -57.42 27.06
C LYS C 153 -37.99 -56.08 26.31
N SER C 154 -37.11 -56.00 25.31
CA SER C 154 -36.95 -54.80 24.51
C SER C 154 -37.83 -54.87 23.27
N TRP C 155 -38.66 -53.85 23.06
CA TRP C 155 -39.57 -53.78 21.91
C TRP C 155 -39.39 -52.44 21.22
N VAL C 156 -38.51 -52.39 20.23
CA VAL C 156 -38.15 -51.15 19.55
C VAL C 156 -38.55 -51.18 18.08
N TYR C 157 -38.21 -52.26 17.37
CA TYR C 157 -38.51 -52.38 15.95
C TYR C 157 -38.97 -53.80 15.66
N THR C 158 -39.69 -53.95 14.55
CA THR C 158 -40.16 -55.27 14.13
C THR C 158 -39.17 -55.99 13.24
N THR C 159 -38.76 -55.35 12.13
CA THR C 159 -37.87 -55.98 11.17
C THR C 159 -36.83 -54.97 10.70
N ALA C 160 -35.68 -55.51 10.26
CA ALA C 160 -34.58 -54.72 9.72
C ALA C 160 -33.90 -55.57 8.65
N THR C 161 -34.14 -55.23 7.37
CA THR C 161 -33.65 -56.06 6.27
C THR C 161 -32.20 -55.77 5.93
N ASN C 162 -31.83 -54.51 5.62
CA ASN C 162 -30.53 -54.22 4.92
C ASN C 162 -29.54 -53.36 5.75
N CYS C 163 -28.80 -53.97 6.66
CA CYS C 163 -28.02 -53.34 7.73
C CYS C 163 -26.60 -53.11 7.26
N THR C 164 -26.14 -51.87 7.35
CA THR C 164 -24.83 -51.48 6.84
C THR C 164 -23.90 -50.95 7.92
N TYR C 165 -24.36 -50.81 9.16
CA TYR C 165 -23.52 -50.25 10.20
C TYR C 165 -24.10 -50.66 11.55
N ASN C 166 -23.37 -51.51 12.28
CA ASN C 166 -23.71 -51.91 13.63
C ASN C 166 -22.52 -51.68 14.53
N ARG C 167 -22.72 -50.92 15.61
CA ARG C 167 -21.63 -50.53 16.50
C ARG C 167 -22.07 -50.66 17.95
N LEU C 168 -21.17 -51.14 18.80
CA LEU C 168 -21.44 -51.35 20.22
C LEU C 168 -20.33 -50.73 21.04
N HIS C 169 -20.71 -50.07 22.13
CA HIS C 169 -19.77 -49.48 23.08
C HIS C 169 -20.13 -49.93 24.49
N ALA C 170 -19.09 -50.10 25.31
CA ALA C 170 -19.27 -50.68 26.65
C ALA C 170 -19.79 -49.62 27.61
N PHE C 171 -21.00 -49.84 28.14
CA PHE C 171 -21.59 -48.98 29.14
C PHE C 171 -22.78 -49.72 29.75
N ASN C 172 -23.11 -49.37 30.98
CA ASN C 172 -24.26 -49.93 31.67
C ASN C 172 -24.78 -48.92 32.69
N ILE C 173 -26.03 -49.12 33.10
CA ILE C 173 -26.67 -48.24 34.07
C ILE C 173 -27.82 -49.01 34.72
N SER C 174 -28.22 -48.57 35.90
CA SER C 174 -29.30 -49.20 36.65
C SER C 174 -30.64 -48.69 36.15
N THR C 175 -31.68 -49.51 36.32
CA THR C 175 -33.01 -49.25 35.80
C THR C 175 -34.05 -49.50 36.89
N SER C 176 -33.83 -48.88 38.05
CA SER C 176 -34.73 -49.01 39.19
C SER C 176 -35.46 -47.70 39.41
N ILE C 177 -36.74 -47.80 39.78
CA ILE C 177 -37.58 -46.62 39.98
C ILE C 177 -37.25 -45.97 41.31
N ASN C 178 -36.94 -44.68 41.27
CA ASN C 178 -36.68 -43.96 42.50
C ASN C 178 -37.72 -42.86 42.71
N PRO C 179 -38.17 -42.65 43.95
CA PRO C 179 -39.14 -41.58 44.20
C PRO C 179 -38.48 -40.25 44.51
N GLY C 180 -39.29 -39.22 44.75
CA GLY C 180 -38.77 -37.92 45.11
C GLY C 180 -39.03 -36.85 44.06
N SER C 181 -37.95 -36.29 43.50
CA SER C 181 -38.05 -35.20 42.54
C SER C 181 -36.98 -35.41 41.48
N PHE C 182 -36.89 -34.46 40.54
CA PHE C 182 -35.95 -34.53 39.43
C PHE C 182 -34.58 -34.04 39.89
N VAL C 183 -33.59 -34.91 39.85
CA VAL C 183 -32.25 -34.58 40.31
C VAL C 183 -31.21 -34.77 39.22
N HIS C 184 -31.61 -34.71 37.95
CA HIS C 184 -30.68 -34.92 36.85
C HIS C 184 -31.08 -34.08 35.65
N LEU C 185 -30.09 -33.49 34.99
CA LEU C 185 -30.28 -32.78 33.74
C LEU C 185 -29.30 -33.32 32.71
N ARG C 186 -29.83 -33.74 31.55
CA ARG C 186 -29.02 -34.33 30.50
C ARG C 186 -29.18 -33.51 29.23
N GLU C 187 -28.07 -33.15 28.60
CA GLU C 187 -28.05 -32.18 27.51
C GLU C 187 -27.37 -32.80 26.29
N HIS C 188 -27.98 -32.64 25.11
CA HIS C 188 -27.40 -33.15 23.88
C HIS C 188 -27.64 -32.16 22.75
N VAL C 189 -26.69 -32.12 21.81
CA VAL C 189 -26.79 -31.30 20.62
C VAL C 189 -26.48 -32.18 19.42
N PHE C 190 -27.37 -32.14 18.42
CA PHE C 190 -27.27 -32.99 17.24
C PHE C 190 -27.14 -32.12 15.99
N ARG C 191 -26.17 -32.47 15.15
CA ARG C 191 -25.93 -31.73 13.91
C ARG C 191 -25.61 -32.72 12.79
N ASN C 192 -25.87 -32.30 11.55
CA ASN C 192 -25.64 -33.15 10.38
C ASN C 192 -25.01 -32.30 9.27
N VAL C 193 -23.70 -32.46 9.09
CA VAL C 193 -22.94 -31.65 8.13
C VAL C 193 -21.97 -32.54 7.37
N ASP C 194 -21.96 -32.40 6.04
CA ASP C 194 -20.97 -33.02 5.17
C ASP C 194 -20.93 -34.54 5.35
N GLY C 195 -22.12 -35.14 5.45
CA GLY C 195 -22.23 -36.57 5.61
C GLY C 195 -21.90 -37.09 6.99
N PHE C 196 -21.69 -36.20 7.95
CA PHE C 196 -21.29 -36.57 9.30
C PHE C 196 -22.37 -36.15 10.29
N LEU C 197 -22.71 -37.07 11.20
CA LEU C 197 -23.60 -36.80 12.30
C LEU C 197 -22.76 -36.50 13.54
N TYR C 198 -22.95 -35.32 14.11
CA TYR C 198 -22.19 -34.84 15.25
C TYR C 198 -23.09 -34.86 16.48
N VAL C 199 -22.60 -35.47 17.56
CA VAL C 199 -23.33 -35.59 18.81
C VAL C 199 -22.47 -35.01 19.92
N TYR C 200 -23.00 -34.01 20.62
CA TYR C 200 -22.35 -33.38 21.76
C TYR C 200 -23.18 -33.63 23.02
N HIS C 201 -22.49 -33.92 24.13
CA HIS C 201 -23.12 -34.45 25.34
C HIS C 201 -22.69 -33.64 26.57
N ASN C 202 -23.61 -33.54 27.54
CA ASN C 202 -23.31 -32.87 28.80
C ASN C 202 -24.27 -33.37 29.88
N TYR C 203 -23.81 -33.34 31.12
CA TYR C 203 -24.56 -33.85 32.26
C TYR C 203 -24.42 -32.90 33.44
N GLU C 204 -25.52 -32.68 34.16
CA GLU C 204 -25.49 -31.74 35.28
C GLU C 204 -26.49 -32.19 36.34
N SER C 205 -26.24 -31.77 37.58
CA SER C 205 -27.07 -32.13 38.73
C SER C 205 -27.92 -30.91 39.12
N ILE C 206 -29.24 -31.09 39.11
CA ILE C 206 -30.19 -30.03 39.40
C ILE C 206 -31.21 -30.54 40.42
N ASN C 207 -32.14 -29.68 40.81
CA ASN C 207 -33.24 -30.05 41.75
C ASN C 207 -34.42 -29.13 41.53
N VAL C 208 -35.35 -29.56 40.70
CA VAL C 208 -36.53 -28.77 40.34
C VAL C 208 -37.66 -29.74 40.02
N THR C 209 -38.89 -29.26 40.11
CA THR C 209 -40.06 -30.11 39.93
C THR C 209 -40.87 -29.80 38.69
N ASN C 210 -41.09 -28.53 38.36
CA ASN C 210 -41.99 -28.16 37.28
C ASN C 210 -41.31 -27.38 36.17
N THR C 211 -40.53 -26.35 36.49
CA THR C 211 -40.04 -25.43 35.49
C THR C 211 -38.63 -25.80 35.02
N PHE C 212 -38.28 -25.27 33.85
CA PHE C 212 -36.96 -25.51 33.28
C PHE C 212 -35.91 -24.70 34.04
N PRO C 213 -34.70 -25.25 34.20
CA PRO C 213 -33.64 -24.51 34.91
C PRO C 213 -33.10 -23.33 34.14
N GLY C 214 -32.10 -22.66 34.69
CA GLY C 214 -31.45 -21.55 34.02
C GLY C 214 -29.97 -21.43 34.36
N GLY C 215 -29.17 -21.02 33.39
CA GLY C 215 -27.74 -20.89 33.59
C GLY C 215 -27.01 -20.98 32.26
N PHE C 216 -25.71 -21.25 32.36
CA PHE C 216 -24.83 -21.33 31.21
C PHE C 216 -24.11 -22.67 31.20
N SER C 217 -24.02 -23.30 30.03
CA SER C 217 -23.37 -24.58 29.90
C SER C 217 -22.79 -24.73 28.49
N VAL C 218 -21.66 -25.42 28.41
CA VAL C 218 -20.96 -25.67 27.15
C VAL C 218 -20.83 -27.18 26.97
N LEU C 219 -21.17 -27.66 25.78
CA LEU C 219 -21.14 -29.08 25.48
C LEU C 219 -19.82 -29.45 24.79
N LYS C 220 -19.50 -30.74 24.84
CA LYS C 220 -18.25 -31.26 24.32
C LYS C 220 -18.50 -32.37 23.32
N PRO C 221 -17.61 -32.55 22.35
CA PRO C 221 -17.85 -33.54 21.29
C PRO C 221 -17.65 -34.96 21.79
N ILE C 222 -18.69 -35.78 21.67
CA ILE C 222 -18.61 -37.17 22.06
C ILE C 222 -18.70 -38.13 20.88
N LEU C 223 -19.47 -37.80 19.83
CA LEU C 223 -19.60 -38.74 18.72
C LEU C 223 -19.53 -38.02 17.39
N LYS C 224 -18.84 -38.63 16.43
CA LYS C 224 -18.72 -38.14 15.06
C LYS C 224 -18.86 -39.34 14.14
N LEU C 225 -20.02 -39.49 13.51
CA LEU C 225 -20.35 -40.72 12.79
C LEU C 225 -20.49 -40.46 11.30
N PRO C 226 -19.80 -41.22 10.45
CA PRO C 226 -19.90 -41.06 8.98
C PRO C 226 -20.97 -41.93 8.35
N PHE C 227 -22.23 -41.53 8.52
CA PHE C 227 -23.36 -42.24 7.94
C PHE C 227 -23.73 -41.70 6.57
N GLY C 228 -23.91 -40.38 6.46
CA GLY C 228 -24.24 -39.76 5.19
C GLY C 228 -25.63 -40.09 4.69
N LEU C 229 -26.65 -39.63 5.41
CA LEU C 229 -28.03 -39.91 5.05
C LEU C 229 -28.89 -38.66 5.24
N ASN C 230 -30.00 -38.57 4.51
CA ASN C 230 -30.94 -37.42 4.56
C ASN C 230 -31.78 -37.49 5.82
N ILE C 231 -31.56 -36.57 6.74
CA ILE C 231 -32.20 -36.55 8.05
C ILE C 231 -33.15 -35.36 8.10
N THR C 232 -34.45 -35.65 8.23
CA THR C 232 -35.46 -34.61 8.36
C THR C 232 -36.37 -34.76 9.57
N HIS C 233 -36.42 -35.93 10.20
CA HIS C 233 -37.26 -36.13 11.37
C HIS C 233 -36.54 -37.00 12.40
N PHE C 234 -36.89 -36.80 13.67
CA PHE C 234 -36.31 -37.53 14.78
C PHE C 234 -37.41 -37.88 15.77
N LYS C 235 -37.20 -38.97 16.51
CA LYS C 235 -38.16 -39.45 17.50
C LYS C 235 -37.41 -40.01 18.70
N VAL C 236 -38.09 -40.06 19.84
CA VAL C 236 -37.49 -40.43 21.11
C VAL C 236 -38.06 -41.76 21.57
N ILE C 237 -37.24 -42.54 22.27
CA ILE C 237 -37.62 -43.85 22.80
C ILE C 237 -37.67 -43.75 24.32
N MET C 238 -38.76 -44.24 24.91
CA MET C 238 -38.97 -44.16 26.35
C MET C 238 -39.13 -45.57 26.94
N THR C 239 -39.46 -45.62 28.23
CA THR C 239 -39.55 -46.86 28.99
C THR C 239 -40.80 -46.84 29.85
N LEU C 240 -41.47 -48.00 29.94
CA LEU C 240 -42.68 -48.15 30.75
C LEU C 240 -42.41 -49.14 31.87
N PHE C 241 -42.74 -48.75 33.10
CA PHE C 241 -42.59 -49.60 34.27
C PHE C 241 -43.78 -50.53 34.39
N SER C 242 -43.63 -51.56 35.21
CA SER C 242 -44.70 -52.54 35.42
C SER C 242 -44.36 -53.39 36.63
N ASN C 243 -45.21 -54.37 36.90
CA ASN C 243 -44.96 -55.38 37.97
C ASN C 243 -45.13 -56.77 37.37
N THR C 244 -44.57 -56.97 36.17
CA THR C 244 -44.60 -58.14 35.28
C THR C 244 -45.65 -57.93 34.20
N THR C 245 -46.09 -59.01 33.56
CA THR C 245 -46.94 -58.89 32.39
C THR C 245 -48.35 -58.46 32.77
N GLN C 246 -49.15 -58.17 31.73
CA GLN C 246 -50.50 -57.61 31.88
C GLN C 246 -50.50 -56.37 32.78
N SER C 247 -49.54 -55.48 32.52
CA SER C 247 -49.47 -54.20 33.22
C SER C 247 -48.47 -53.27 32.55
N PHE C 248 -48.80 -51.98 32.49
CA PHE C 248 -47.89 -50.98 31.90
C PHE C 248 -48.22 -49.65 32.56
N GLU C 249 -47.38 -49.24 33.51
CA GLU C 249 -47.54 -47.96 34.18
C GLU C 249 -46.26 -47.14 34.07
N ALA C 250 -46.42 -45.84 33.94
CA ALA C 250 -45.31 -44.93 33.67
C ALA C 250 -44.92 -44.16 34.93
N ASP C 251 -43.86 -43.36 34.79
CA ASP C 251 -43.41 -42.42 35.81
C ASP C 251 -43.45 -41.01 35.24
N ALA C 252 -42.91 -40.05 35.99
CA ALA C 252 -42.88 -38.65 35.59
C ALA C 252 -41.51 -38.31 35.01
N SER C 253 -41.52 -37.75 33.80
CA SER C 253 -40.28 -37.27 33.19
C SER C 253 -40.62 -36.24 32.13
N ALA C 254 -39.64 -35.41 31.77
CA ALA C 254 -39.92 -34.41 30.76
C ALA C 254 -38.68 -34.18 29.89
N TYR C 255 -38.93 -33.76 28.65
CA TYR C 255 -37.85 -33.42 27.75
C TYR C 255 -38.24 -32.21 26.89
N PHE C 256 -37.27 -31.35 26.66
CA PHE C 256 -37.45 -30.07 25.98
C PHE C 256 -36.63 -30.05 24.70
N VAL C 257 -37.21 -29.43 23.67
CA VAL C 257 -36.64 -29.42 22.32
C VAL C 257 -36.53 -27.99 21.83
N GLY C 258 -35.39 -27.68 21.19
CA GLY C 258 -35.20 -26.39 20.54
C GLY C 258 -34.43 -26.55 19.24
N HIS C 259 -34.59 -25.55 18.37
CA HIS C 259 -34.03 -25.55 17.03
C HIS C 259 -32.86 -24.58 16.93
N LEU C 260 -32.05 -24.76 15.88
CA LEU C 260 -30.84 -24.00 15.66
C LEU C 260 -31.01 -23.06 14.48
N LYS C 261 -30.39 -21.89 14.58
CA LYS C 261 -30.52 -20.80 13.63
C LYS C 261 -29.15 -20.24 13.27
N PRO C 262 -29.02 -19.58 12.12
CA PRO C 262 -27.75 -18.92 11.78
C PRO C 262 -27.49 -17.75 12.70
N LEU C 263 -26.25 -17.66 13.19
CA LEU C 263 -25.90 -16.63 14.16
C LEU C 263 -24.40 -16.35 14.08
N THR C 264 -24.00 -15.29 14.79
CA THR C 264 -22.61 -14.94 15.02
C THR C 264 -22.41 -14.79 16.52
N MET C 265 -21.40 -15.44 17.06
CA MET C 265 -21.16 -15.40 18.50
C MET C 265 -19.67 -15.31 18.81
N LEU C 266 -19.37 -14.78 19.99
CA LEU C 266 -18.02 -14.63 20.49
C LEU C 266 -17.72 -15.74 21.51
N ALA C 267 -16.44 -15.94 21.78
CA ALA C 267 -16.00 -17.00 22.68
C ALA C 267 -14.78 -16.54 23.46
N ASP C 268 -14.54 -17.20 24.59
CA ASP C 268 -13.43 -16.89 25.47
C ASP C 268 -12.74 -18.16 25.91
N PHE C 269 -11.42 -18.08 26.08
CA PHE C 269 -10.60 -19.20 26.53
C PHE C 269 -9.68 -18.74 27.65
N ASP C 270 -9.54 -19.56 28.69
CA ASP C 270 -8.64 -19.27 29.78
C ASP C 270 -7.26 -19.87 29.51
N GLU C 271 -6.43 -19.97 30.55
CA GLU C 271 -5.04 -20.41 30.39
C GLU C 271 -4.94 -21.74 29.66
N ASN C 272 -5.86 -22.65 29.96
CA ASN C 272 -5.93 -23.95 29.25
C ASN C 272 -7.09 -23.89 28.26
N GLY C 273 -7.18 -24.85 27.35
CA GLY C 273 -8.31 -24.91 26.43
C GLY C 273 -9.63 -25.15 27.13
N THR C 274 -10.39 -24.09 27.35
CA THR C 274 -11.66 -24.18 28.08
C THR C 274 -12.49 -22.92 27.88
N ILE C 275 -13.76 -23.08 27.51
CA ILE C 275 -14.66 -21.95 27.28
C ILE C 275 -15.34 -21.59 28.59
N VAL C 276 -15.31 -20.31 28.94
CA VAL C 276 -15.88 -19.85 30.20
C VAL C 276 -17.07 -18.90 30.00
N ASP C 277 -17.22 -18.27 28.84
CA ASP C 277 -18.34 -17.36 28.61
C ASP C 277 -18.53 -17.17 27.11
N ALA C 278 -19.71 -16.68 26.74
CA ALA C 278 -20.04 -16.39 25.35
C ALA C 278 -21.19 -15.40 25.30
N VAL C 279 -21.29 -14.68 24.18
CA VAL C 279 -22.33 -13.68 23.97
C VAL C 279 -22.99 -13.87 22.62
N ASP C 280 -24.25 -13.44 22.52
CA ASP C 280 -25.03 -13.52 21.29
C ASP C 280 -25.09 -12.11 20.68
N CYS C 281 -24.50 -11.95 19.50
CA CYS C 281 -24.30 -10.63 18.91
C CYS C 281 -25.55 -10.08 18.22
N SER C 282 -26.72 -10.66 18.44
CA SER C 282 -27.94 -10.20 17.80
C SER C 282 -29.11 -10.18 18.77
N GLN C 283 -28.83 -9.95 20.05
CA GLN C 283 -29.85 -10.02 21.09
C GLN C 283 -30.37 -8.63 21.48
N ASN C 284 -29.47 -7.75 21.87
CA ASN C 284 -29.82 -6.42 22.38
C ASN C 284 -28.63 -5.50 22.18
N PRO C 285 -28.85 -4.18 22.14
CA PRO C 285 -27.78 -3.26 21.73
C PRO C 285 -26.46 -3.42 22.47
N LEU C 286 -26.50 -3.75 23.77
CA LEU C 286 -25.28 -4.01 24.50
C LEU C 286 -24.49 -5.17 23.87
N SER C 287 -25.20 -6.16 23.33
CA SER C 287 -24.51 -7.29 22.72
C SER C 287 -23.78 -6.91 21.45
N GLU C 288 -24.41 -6.11 20.57
CA GLU C 288 -23.67 -5.64 19.40
C GLU C 288 -22.53 -4.72 19.80
N LEU C 289 -22.68 -3.95 20.88
CA LEU C 289 -21.58 -3.13 21.35
C LEU C 289 -20.40 -3.99 21.77
N LYS C 290 -20.67 -5.06 22.53
CA LYS C 290 -19.60 -5.94 22.98
C LYS C 290 -19.10 -6.88 21.88
N CYS C 291 -19.81 -6.98 20.77
CA CYS C 291 -19.37 -7.82 19.67
C CYS C 291 -18.58 -7.04 18.62
N THR C 292 -18.85 -5.73 18.48
CA THR C 292 -18.07 -4.91 17.56
C THR C 292 -16.63 -4.79 18.06
N THR C 293 -16.45 -4.43 19.32
CA THR C 293 -15.15 -4.49 19.97
C THR C 293 -14.95 -5.91 20.52
N LYS C 294 -14.00 -6.64 19.95
CA LYS C 294 -13.90 -8.07 20.22
C LYS C 294 -13.37 -8.29 21.63
N SER C 295 -14.19 -7.97 22.63
CA SER C 295 -13.84 -8.16 24.04
C SER C 295 -15.12 -8.19 24.85
N PHE C 296 -15.03 -8.78 26.04
CA PHE C 296 -16.21 -9.00 26.88
C PHE C 296 -16.49 -7.86 27.85
N SER C 297 -15.64 -6.84 27.91
CA SER C 297 -15.87 -5.67 28.74
C SER C 297 -15.58 -4.43 27.94
N VAL C 298 -16.40 -3.39 28.13
CA VAL C 298 -16.28 -2.15 27.38
C VAL C 298 -16.22 -0.99 28.37
N GLU C 299 -15.62 0.10 27.91
CA GLU C 299 -15.43 1.29 28.73
C GLU C 299 -16.55 2.31 28.47
N LYS C 300 -16.58 3.34 29.31
CA LYS C 300 -17.64 4.34 29.25
C LYS C 300 -17.46 5.26 28.05
N GLY C 301 -18.53 5.43 27.28
CA GLY C 301 -18.51 6.36 26.17
C GLY C 301 -19.52 5.96 25.10
N ILE C 302 -19.30 6.51 23.92
CA ILE C 302 -20.18 6.32 22.76
C ILE C 302 -19.39 5.62 21.66
N TYR C 303 -19.97 4.58 21.08
CA TYR C 303 -19.32 3.78 20.05
C TYR C 303 -20.26 3.62 18.86
N GLN C 304 -19.66 3.37 17.69
CA GLN C 304 -20.41 3.13 16.46
C GLN C 304 -20.29 1.66 16.10
N THR C 305 -21.42 1.04 15.78
CA THR C 305 -21.50 -0.41 15.65
C THR C 305 -21.91 -0.79 14.23
N SER C 306 -21.62 -2.05 13.88
CA SER C 306 -22.07 -2.63 12.62
C SER C 306 -23.54 -3.02 12.77
N ASN C 307 -24.07 -3.79 11.82
CA ASN C 307 -25.49 -4.10 11.87
C ASN C 307 -25.78 -5.19 12.90
N PHE C 308 -25.29 -6.41 12.65
CA PHE C 308 -25.41 -7.54 13.57
C PHE C 308 -26.85 -7.75 14.07
N ARG C 309 -27.83 -7.17 13.39
CA ARG C 309 -29.19 -7.09 13.91
C ARG C 309 -30.24 -7.69 13.00
N VAL C 310 -30.26 -7.33 11.72
CA VAL C 310 -31.33 -7.67 10.81
C VAL C 310 -30.78 -8.55 9.70
N SER C 311 -31.45 -9.66 9.43
CA SER C 311 -31.09 -10.59 8.38
C SER C 311 -32.29 -10.88 7.50
N PRO C 312 -32.08 -11.20 6.22
CA PRO C 312 -33.21 -11.53 5.35
C PRO C 312 -33.86 -12.85 5.72
N SER C 313 -35.14 -12.98 5.36
CA SER C 313 -35.89 -14.20 5.62
C SER C 313 -36.46 -14.83 4.36
N THR C 314 -37.11 -14.06 3.50
CA THR C 314 -37.86 -14.58 2.36
C THR C 314 -37.06 -14.43 1.07
N GLU C 315 -37.71 -14.71 -0.06
CA GLU C 315 -37.08 -14.68 -1.36
C GLU C 315 -38.04 -14.12 -2.41
N VAL C 316 -37.48 -13.60 -3.50
CA VAL C 316 -38.25 -13.15 -4.66
C VAL C 316 -37.52 -13.61 -5.90
N VAL C 317 -38.17 -14.45 -6.71
CA VAL C 317 -37.51 -15.17 -7.81
C VAL C 317 -38.22 -14.86 -9.12
N ARG C 318 -38.71 -13.63 -9.23
CA ARG C 318 -39.58 -13.22 -10.37
C ARG C 318 -38.75 -13.11 -11.65
N PHE C 319 -39.41 -13.33 -12.80
CA PHE C 319 -38.78 -13.77 -14.06
C PHE C 319 -39.73 -13.45 -15.22
N PRO C 320 -39.36 -13.70 -16.51
CA PRO C 320 -40.29 -13.48 -17.62
C PRO C 320 -41.42 -14.54 -17.66
N ASN C 321 -42.35 -14.40 -18.60
CA ASN C 321 -43.56 -15.26 -18.64
C ASN C 321 -43.31 -16.49 -19.51
N ILE C 322 -42.29 -16.45 -20.37
CA ILE C 322 -42.13 -17.45 -21.47
C ILE C 322 -42.19 -18.88 -20.91
N THR C 323 -42.48 -19.85 -21.78
CA THR C 323 -42.73 -21.24 -21.31
C THR C 323 -42.32 -22.26 -22.39
N ASN C 324 -42.43 -21.89 -23.67
CA ASN C 324 -42.14 -22.87 -24.75
C ASN C 324 -40.72 -23.44 -24.56
N LEU C 325 -40.51 -24.68 -24.98
CA LEU C 325 -39.19 -25.33 -24.77
C LEU C 325 -38.30 -25.09 -26.00
N CYS C 326 -37.01 -24.84 -25.75
CA CYS C 326 -36.03 -24.50 -26.77
C CYS C 326 -35.84 -25.67 -27.73
N PRO C 327 -35.54 -25.41 -28.99
CA PRO C 327 -35.48 -26.51 -29.95
C PRO C 327 -34.13 -27.23 -29.91
N PHE C 328 -33.92 -28.00 -28.85
CA PHE C 328 -32.71 -28.79 -28.71
C PHE C 328 -32.65 -29.91 -29.74
N GLY C 329 -33.76 -30.22 -30.40
CA GLY C 329 -33.73 -31.07 -31.56
C GLY C 329 -33.18 -30.33 -32.76
N GLN C 330 -32.90 -31.09 -33.82
CA GLN C 330 -32.31 -30.63 -35.08
C GLN C 330 -31.01 -29.87 -34.86
N VAL C 331 -30.50 -29.83 -33.63
CA VAL C 331 -29.20 -29.29 -33.29
C VAL C 331 -28.32 -30.35 -32.62
N PHE C 332 -28.85 -30.98 -31.57
CA PHE C 332 -28.24 -32.17 -31.01
C PHE C 332 -28.75 -33.43 -31.69
N ASN C 333 -30.05 -33.43 -31.94
CA ASN C 333 -30.69 -34.61 -32.56
C ASN C 333 -31.02 -34.30 -34.02
N ALA C 334 -30.00 -34.03 -34.81
CA ALA C 334 -30.13 -33.57 -36.19
C ALA C 334 -29.82 -34.72 -37.14
N SER C 335 -29.83 -34.41 -38.43
CA SER C 335 -29.56 -35.41 -39.46
C SER C 335 -28.20 -35.26 -40.13
N THR C 336 -27.75 -34.04 -40.40
CA THR C 336 -26.47 -33.81 -41.07
C THR C 336 -25.89 -32.47 -40.64
N PHE C 337 -24.58 -32.43 -40.42
CA PHE C 337 -23.86 -31.19 -40.24
C PHE C 337 -22.86 -30.97 -41.38
N PRO C 338 -22.54 -29.72 -41.69
CA PRO C 338 -21.65 -29.41 -42.81
C PRO C 338 -20.19 -29.60 -42.42
N SER C 339 -19.32 -29.31 -43.37
CA SER C 339 -17.88 -29.35 -43.13
C SER C 339 -17.45 -28.13 -42.32
N VAL C 340 -16.23 -28.20 -41.80
CA VAL C 340 -15.74 -27.14 -40.92
C VAL C 340 -15.35 -25.90 -41.71
N TYR C 341 -15.01 -26.04 -42.99
CA TYR C 341 -14.65 -24.88 -43.78
C TYR C 341 -15.84 -24.00 -44.13
N ALA C 342 -17.05 -24.56 -44.14
CA ALA C 342 -18.30 -23.78 -44.31
C ALA C 342 -19.22 -24.19 -43.18
N TRP C 343 -19.07 -23.55 -42.03
CA TRP C 343 -19.78 -23.96 -40.84
C TRP C 343 -21.05 -23.13 -40.63
N GLY C 344 -22.06 -23.77 -40.04
CA GLY C 344 -23.34 -23.13 -39.86
C GLY C 344 -23.44 -22.35 -38.56
N ARG C 345 -24.44 -21.49 -38.50
CA ARG C 345 -24.72 -20.67 -37.33
C ARG C 345 -26.22 -20.47 -37.22
N MET C 346 -26.72 -20.40 -35.99
CA MET C 346 -28.14 -20.14 -35.80
C MET C 346 -28.35 -19.37 -34.50
N ARG C 347 -29.52 -18.75 -34.41
CA ARG C 347 -29.90 -17.94 -33.25
C ARG C 347 -31.06 -18.62 -32.53
N ILE C 348 -30.97 -18.65 -31.20
CA ILE C 348 -31.97 -19.29 -30.35
C ILE C 348 -32.62 -18.21 -29.52
N SER C 349 -33.92 -18.00 -29.73
CA SER C 349 -34.63 -16.91 -29.07
C SER C 349 -36.07 -17.33 -28.80
N ASP C 350 -36.68 -16.68 -27.80
CA ASP C 350 -38.07 -16.89 -27.42
C ASP C 350 -38.32 -18.35 -27.03
N CYS C 351 -37.63 -18.78 -25.98
CA CYS C 351 -37.70 -20.16 -25.52
C CYS C 351 -37.05 -20.28 -24.16
N VAL C 352 -37.57 -21.23 -23.36
CA VAL C 352 -36.97 -21.62 -22.09
C VAL C 352 -36.78 -23.12 -22.08
N ALA C 353 -35.59 -23.58 -21.72
CA ALA C 353 -35.31 -24.99 -21.62
C ALA C 353 -34.06 -25.22 -20.78
N ASP C 354 -34.12 -26.21 -19.91
CA ASP C 354 -32.97 -26.62 -19.12
C ASP C 354 -32.21 -27.74 -19.82
N TYR C 355 -30.98 -27.95 -19.36
CA TYR C 355 -30.16 -29.03 -19.89
C TYR C 355 -30.61 -30.39 -19.39
N SER C 356 -31.51 -30.43 -18.41
CA SER C 356 -31.99 -31.70 -17.87
C SER C 356 -32.72 -32.52 -18.92
N VAL C 357 -33.29 -31.87 -19.93
CA VAL C 357 -33.95 -32.59 -21.02
C VAL C 357 -32.96 -33.48 -21.75
N LEU C 358 -31.69 -33.07 -21.77
CA LEU C 358 -30.66 -33.87 -22.49
C LEU C 358 -30.44 -35.17 -21.71
N TYR C 359 -30.43 -35.07 -20.37
CA TYR C 359 -30.23 -36.26 -19.51
C TYR C 359 -31.13 -37.41 -20.00
N ASN C 360 -32.44 -37.19 -20.01
CA ASN C 360 -33.37 -38.31 -20.36
C ASN C 360 -33.03 -38.86 -21.74
N SER C 361 -32.70 -37.98 -22.68
CA SER C 361 -32.35 -38.42 -24.05
C SER C 361 -31.00 -39.14 -24.03
N THR C 362 -30.53 -39.59 -25.19
CA THR C 362 -29.19 -40.22 -25.27
C THR C 362 -28.13 -39.14 -25.42
N SER C 363 -27.03 -39.45 -26.11
CA SER C 363 -25.96 -38.46 -26.37
C SER C 363 -25.18 -38.13 -25.11
N SER C 364 -24.11 -38.89 -24.84
CA SER C 364 -23.24 -38.57 -23.68
C SER C 364 -22.21 -37.54 -24.17
N PHE C 365 -21.82 -36.59 -23.32
CA PHE C 365 -20.91 -35.52 -23.81
C PHE C 365 -19.49 -35.75 -23.31
N SER C 366 -18.62 -36.30 -24.18
CA SER C 366 -17.24 -36.57 -23.80
C SER C 366 -16.53 -35.29 -23.37
N THR C 367 -16.76 -34.19 -24.09
CA THR C 367 -16.14 -32.91 -23.76
C THR C 367 -17.22 -31.89 -23.44
N PHE C 368 -17.08 -31.23 -22.29
CA PHE C 368 -18.02 -30.19 -21.86
C PHE C 368 -17.22 -29.16 -21.07
N LYS C 369 -16.80 -28.10 -21.74
CA LYS C 369 -15.93 -27.09 -21.15
C LYS C 369 -16.52 -25.70 -21.31
N CYS C 370 -16.63 -24.97 -20.21
CA CYS C 370 -17.18 -23.62 -20.22
C CYS C 370 -16.17 -22.63 -19.66
N TYR C 371 -16.11 -21.45 -20.26
CA TYR C 371 -15.00 -20.52 -20.03
C TYR C 371 -15.41 -19.27 -19.25
N GLY C 372 -16.39 -18.52 -19.74
CA GLY C 372 -16.79 -17.33 -19.02
C GLY C 372 -17.75 -17.56 -17.88
N VAL C 373 -18.36 -18.74 -17.84
CA VAL C 373 -19.36 -19.09 -16.82
C VAL C 373 -19.07 -20.49 -16.31
N SER C 374 -19.63 -20.80 -15.13
CA SER C 374 -19.53 -22.13 -14.56
C SER C 374 -20.75 -22.97 -14.94
N PRO C 375 -20.60 -24.29 -15.05
CA PRO C 375 -21.74 -25.12 -15.46
C PRO C 375 -22.82 -25.28 -14.41
N THR C 376 -22.54 -24.91 -13.16
CA THR C 376 -23.52 -25.03 -12.08
C THR C 376 -24.41 -23.80 -11.95
N LYS C 377 -24.25 -22.81 -12.84
CA LYS C 377 -25.07 -21.60 -12.80
C LYS C 377 -25.85 -21.38 -14.09
N LEU C 378 -25.85 -22.35 -15.01
CA LEU C 378 -26.59 -22.23 -16.25
C LEU C 378 -28.09 -22.45 -16.08
N ASN C 379 -28.52 -22.92 -14.92
CA ASN C 379 -29.93 -23.12 -14.62
C ASN C 379 -30.56 -21.93 -13.90
N ASP C 380 -29.81 -20.85 -13.72
CA ASP C 380 -30.31 -19.67 -13.03
C ASP C 380 -30.27 -18.40 -13.87
N LEU C 381 -29.37 -18.32 -14.85
CA LEU C 381 -29.15 -17.08 -15.59
C LEU C 381 -30.10 -16.96 -16.78
N CYS C 382 -30.24 -15.72 -17.23
CA CYS C 382 -30.92 -15.38 -18.48
C CYS C 382 -29.94 -14.66 -19.39
N PHE C 383 -29.95 -15.01 -20.66
CA PHE C 383 -28.98 -14.48 -21.62
C PHE C 383 -29.69 -13.59 -22.64
N SER C 384 -29.14 -12.39 -22.84
CA SER C 384 -29.71 -11.46 -23.83
C SER C 384 -29.57 -12.02 -25.24
N SER C 385 -28.41 -12.59 -25.57
CA SER C 385 -28.20 -13.15 -26.89
C SER C 385 -27.52 -14.51 -26.77
N VAL C 386 -27.96 -15.45 -27.60
CA VAL C 386 -27.35 -16.77 -27.66
C VAL C 386 -27.22 -17.18 -29.13
N TYR C 387 -26.02 -17.61 -29.50
CA TYR C 387 -25.77 -18.12 -30.85
C TYR C 387 -25.17 -19.51 -30.76
N ALA C 388 -25.48 -20.34 -31.75
CA ALA C 388 -25.04 -21.73 -31.78
C ALA C 388 -24.29 -22.02 -33.07
N ASP C 389 -23.10 -22.62 -32.92
CA ASP C 389 -22.26 -23.06 -34.03
C ASP C 389 -22.10 -24.57 -33.93
N TYR C 390 -22.06 -25.25 -35.07
CA TYR C 390 -21.99 -26.70 -35.05
C TYR C 390 -21.19 -27.20 -36.24
N PHE C 391 -20.33 -28.20 -36.00
CA PHE C 391 -19.58 -28.81 -37.09
C PHE C 391 -19.05 -30.17 -36.65
N VAL C 392 -18.33 -30.82 -37.56
CA VAL C 392 -17.81 -32.17 -37.37
C VAL C 392 -16.30 -32.15 -37.64
N VAL C 393 -15.53 -32.65 -36.69
CA VAL C 393 -14.07 -32.70 -36.81
C VAL C 393 -13.59 -34.11 -36.51
N LYS C 394 -12.28 -34.31 -36.48
CA LYS C 394 -11.70 -35.55 -35.99
C LYS C 394 -11.22 -35.35 -34.55
N GLY C 395 -11.05 -36.47 -33.84
CA GLY C 395 -10.88 -36.40 -32.39
C GLY C 395 -9.68 -35.59 -31.96
N ASP C 396 -8.53 -35.82 -32.62
CA ASP C 396 -7.32 -35.10 -32.26
C ASP C 396 -7.48 -33.60 -32.44
N ASP C 397 -8.41 -33.16 -33.27
CA ASP C 397 -8.65 -31.75 -33.51
C ASP C 397 -9.62 -31.13 -32.51
N VAL C 398 -10.29 -31.94 -31.68
CA VAL C 398 -11.27 -31.40 -30.75
C VAL C 398 -10.62 -30.45 -29.76
N ARG C 399 -9.38 -30.74 -29.37
CA ARG C 399 -8.68 -29.86 -28.43
C ARG C 399 -8.40 -28.50 -29.02
N GLN C 400 -8.53 -28.34 -30.35
CA GLN C 400 -8.24 -27.08 -31.00
C GLN C 400 -9.38 -26.07 -30.94
N ILE C 401 -10.57 -26.48 -30.55
CA ILE C 401 -11.70 -25.54 -30.42
C ILE C 401 -11.61 -24.98 -29.01
N ALA C 402 -10.75 -23.98 -28.85
CA ALA C 402 -10.51 -23.30 -27.59
C ALA C 402 -9.69 -22.06 -27.89
N PRO C 403 -9.76 -21.05 -27.04
CA PRO C 403 -8.99 -19.83 -27.27
C PRO C 403 -7.49 -20.11 -27.27
N ALA C 404 -6.78 -19.36 -28.11
CA ALA C 404 -5.31 -19.36 -28.15
C ALA C 404 -4.75 -20.75 -28.47
N GLN C 405 -5.07 -21.23 -29.67
CA GLN C 405 -4.57 -22.52 -30.15
C GLN C 405 -4.01 -22.35 -31.55
N THR C 406 -3.23 -23.33 -31.97
CA THR C 406 -2.62 -23.35 -33.29
C THR C 406 -2.94 -24.66 -34.00
N GLY C 407 -2.89 -24.62 -35.33
CA GLY C 407 -3.20 -25.78 -36.13
C GLY C 407 -4.05 -25.46 -37.34
N VAL C 408 -4.35 -26.49 -38.14
CA VAL C 408 -5.16 -26.28 -39.34
C VAL C 408 -6.59 -25.91 -38.98
N ILE C 409 -7.09 -26.38 -37.85
CA ILE C 409 -8.46 -26.11 -37.43
C ILE C 409 -8.53 -24.89 -36.51
N ALA C 410 -7.45 -24.13 -36.42
CA ALA C 410 -7.44 -22.89 -35.64
C ALA C 410 -6.84 -21.71 -36.38
N ASP C 411 -6.17 -21.91 -37.51
CA ASP C 411 -5.57 -20.84 -38.28
C ASP C 411 -6.25 -20.60 -39.61
N TYR C 412 -6.66 -21.66 -40.31
CA TYR C 412 -7.23 -21.54 -41.65
C TYR C 412 -8.68 -21.99 -41.73
N ASN C 413 -9.28 -22.46 -40.62
CA ASN C 413 -10.60 -23.07 -40.73
C ASN C 413 -11.64 -22.52 -39.76
N TYR C 414 -11.28 -22.17 -38.53
CA TYR C 414 -12.23 -21.65 -37.55
C TYR C 414 -11.44 -21.12 -36.37
N LYS C 415 -11.81 -19.95 -35.85
CA LYS C 415 -11.05 -19.36 -34.75
C LYS C 415 -12.01 -18.73 -33.77
N LEU C 416 -11.57 -18.64 -32.51
CA LEU C 416 -12.35 -18.15 -31.40
C LEU C 416 -11.65 -16.97 -30.75
N PRO C 417 -12.38 -15.90 -30.41
CA PRO C 417 -11.74 -14.72 -29.81
C PRO C 417 -11.11 -15.03 -28.48
N ASP C 418 -10.18 -14.17 -28.07
CA ASP C 418 -9.52 -14.35 -26.78
C ASP C 418 -10.45 -14.09 -25.61
N ASP C 419 -11.43 -13.22 -25.76
CA ASP C 419 -12.48 -13.01 -24.76
C ASP C 419 -13.75 -13.71 -25.22
N PHE C 420 -13.80 -15.02 -25.01
CA PHE C 420 -14.88 -15.86 -25.49
C PHE C 420 -15.70 -16.34 -24.31
N THR C 421 -16.95 -15.88 -24.22
CA THR C 421 -17.89 -16.33 -23.21
C THR C 421 -18.83 -17.35 -23.83
N GLY C 422 -19.04 -18.47 -23.14
CA GLY C 422 -19.86 -19.54 -23.66
C GLY C 422 -19.27 -20.90 -23.35
N CYS C 423 -19.83 -21.91 -24.01
CA CYS C 423 -19.54 -23.29 -23.67
C CYS C 423 -19.22 -24.08 -24.94
N VAL C 424 -18.49 -25.19 -24.76
CA VAL C 424 -18.12 -26.08 -25.83
C VAL C 424 -18.52 -27.49 -25.46
N LEU C 425 -19.21 -28.17 -26.38
CA LEU C 425 -19.70 -29.51 -26.19
C LEU C 425 -19.23 -30.38 -27.34
N ALA C 426 -18.84 -31.62 -27.03
CA ALA C 426 -18.32 -32.51 -28.06
C ALA C 426 -18.62 -33.95 -27.70
N TRP C 427 -19.08 -34.71 -28.70
CA TRP C 427 -19.40 -36.12 -28.48
C TRP C 427 -19.10 -36.92 -29.74
N ASN C 428 -18.81 -38.21 -29.53
CA ASN C 428 -18.43 -39.09 -30.62
C ASN C 428 -19.65 -39.47 -31.46
N THR C 429 -19.46 -39.50 -32.77
CA THR C 429 -20.54 -39.81 -33.72
C THR C 429 -20.05 -40.76 -34.80
N LYS C 430 -19.38 -41.84 -34.38
CA LYS C 430 -18.78 -42.75 -35.35
C LYS C 430 -19.83 -43.46 -36.19
N SER C 431 -20.91 -43.92 -35.56
CA SER C 431 -21.88 -44.77 -36.25
C SER C 431 -22.64 -44.02 -37.34
N ILE C 432 -22.93 -42.74 -37.12
CA ILE C 432 -23.77 -42.00 -38.07
C ILE C 432 -22.98 -41.29 -39.16
N ASP C 433 -21.71 -40.95 -38.91
CA ASP C 433 -20.89 -40.23 -39.89
C ASP C 433 -19.92 -41.22 -40.53
N LYS C 434 -19.96 -41.31 -41.86
CA LYS C 434 -19.09 -42.20 -42.61
C LYS C 434 -18.76 -41.57 -43.96
N GLY C 435 -18.09 -42.34 -44.82
CA GLY C 435 -17.77 -41.91 -46.15
C GLY C 435 -16.56 -40.99 -46.19
N GLN C 436 -16.43 -40.28 -47.31
CA GLN C 436 -15.37 -39.32 -47.55
C GLN C 436 -15.96 -37.99 -48.00
N GLY C 437 -16.98 -37.52 -47.28
CA GLY C 437 -17.65 -36.29 -47.64
C GLY C 437 -17.52 -35.20 -46.60
N PHE C 438 -16.35 -35.09 -45.99
CA PHE C 438 -16.05 -34.01 -45.07
C PHE C 438 -14.72 -33.39 -45.45
N TYR C 439 -14.68 -32.07 -45.55
CA TYR C 439 -13.53 -31.34 -46.08
C TYR C 439 -13.03 -30.32 -45.07
N TYR C 440 -11.72 -30.09 -45.11
CA TYR C 440 -11.10 -29.04 -44.31
C TYR C 440 -9.92 -28.48 -45.08
N ARG C 441 -9.74 -27.16 -44.98
CA ARG C 441 -8.74 -26.45 -45.78
C ARG C 441 -7.35 -26.72 -45.22
N LEU C 442 -6.41 -27.05 -46.11
CA LEU C 442 -5.05 -27.38 -45.70
C LEU C 442 -4.03 -26.30 -46.01
N PHE C 443 -4.18 -25.59 -47.13
CA PHE C 443 -3.24 -24.57 -47.56
C PHE C 443 -3.94 -23.22 -47.66
N ARG C 444 -3.37 -22.20 -47.03
CA ARG C 444 -3.88 -20.84 -47.12
C ARG C 444 -2.73 -19.88 -46.89
N HIS C 445 -2.81 -18.70 -47.49
CA HIS C 445 -1.73 -17.72 -47.37
C HIS C 445 -1.71 -17.12 -45.98
N GLY C 446 -2.77 -16.41 -45.60
CA GLY C 446 -2.88 -15.82 -44.28
C GLY C 446 -3.78 -16.62 -43.36
N LYS C 447 -3.89 -16.13 -42.13
CA LYS C 447 -4.72 -16.74 -41.11
C LYS C 447 -6.03 -15.96 -40.96
N ILE C 448 -7.12 -16.68 -40.72
CA ILE C 448 -8.44 -16.07 -40.62
C ILE C 448 -8.57 -15.31 -39.31
N LYS C 449 -9.57 -14.46 -39.22
CA LYS C 449 -9.91 -13.66 -38.06
C LYS C 449 -11.08 -14.28 -37.31
N PRO C 450 -11.29 -13.92 -36.05
CA PRO C 450 -12.35 -14.57 -35.26
C PRO C 450 -13.72 -14.42 -35.90
N TYR C 451 -14.50 -15.50 -35.83
CA TYR C 451 -15.89 -15.53 -36.28
C TYR C 451 -16.02 -15.13 -37.75
N GLU C 452 -15.05 -15.54 -38.56
CA GLU C 452 -15.05 -15.24 -39.99
C GLU C 452 -14.83 -16.54 -40.75
N ARG C 453 -15.60 -16.73 -41.82
CA ARG C 453 -15.52 -17.95 -42.61
C ARG C 453 -15.12 -17.64 -44.04
N ASP C 454 -14.50 -18.63 -44.69
CA ASP C 454 -14.12 -18.54 -46.10
C ASP C 454 -14.68 -19.75 -46.82
N THR C 455 -15.43 -19.50 -47.89
CA THR C 455 -16.07 -20.56 -48.68
C THR C 455 -15.55 -20.53 -50.11
N SER C 456 -14.26 -20.34 -50.28
CA SER C 456 -13.64 -20.21 -51.57
C SER C 456 -13.10 -21.56 -52.06
N ASN C 457 -12.86 -21.65 -53.36
CA ASN C 457 -12.20 -22.82 -53.94
C ASN C 457 -11.41 -22.34 -55.16
N VAL C 458 -10.14 -22.01 -54.92
CA VAL C 458 -9.25 -21.52 -55.98
C VAL C 458 -7.88 -22.16 -55.81
N PRO C 459 -7.24 -22.50 -56.92
CA PRO C 459 -5.91 -23.11 -56.85
C PRO C 459 -4.93 -22.23 -56.06
N TYR C 460 -4.07 -22.89 -55.30
CA TYR C 460 -3.11 -22.25 -54.40
C TYR C 460 -1.71 -22.49 -54.94
N ASN C 461 -1.09 -21.46 -55.48
CA ASN C 461 0.28 -21.56 -55.99
C ASN C 461 1.27 -21.43 -54.84
N ALA C 462 2.16 -22.41 -54.71
CA ALA C 462 3.10 -22.41 -53.60
C ALA C 462 4.07 -21.24 -53.70
N GLN C 463 4.59 -20.97 -54.90
CA GLN C 463 5.60 -19.93 -55.05
C GLN C 463 5.02 -18.54 -54.84
N GLY C 464 3.88 -18.23 -55.48
CA GLY C 464 3.41 -16.87 -55.48
C GLY C 464 1.92 -16.68 -55.30
N GLY C 465 1.39 -15.61 -55.92
CA GLY C 465 0.02 -15.19 -55.69
C GLY C 465 -1.06 -16.01 -56.35
N THR C 466 -1.07 -16.06 -57.68
CA THR C 466 -2.19 -16.60 -58.43
C THR C 466 -1.79 -17.84 -59.22
N CYS C 467 -2.80 -18.65 -59.54
CA CYS C 467 -2.64 -19.83 -60.38
C CYS C 467 -4.02 -20.27 -60.83
N THR C 468 -4.13 -20.66 -62.09
CA THR C 468 -5.42 -21.02 -62.67
C THR C 468 -5.33 -22.31 -63.47
N ASP C 469 -4.39 -23.19 -63.12
CA ASP C 469 -4.22 -24.44 -63.84
C ASP C 469 -3.75 -25.51 -62.88
N THR C 470 -4.51 -26.58 -62.77
CA THR C 470 -4.16 -27.72 -61.93
C THR C 470 -3.39 -28.72 -62.77
N SER C 471 -3.11 -29.91 -62.22
CA SER C 471 -2.36 -30.95 -62.91
C SER C 471 -0.98 -30.47 -63.33
N GLN C 472 -0.32 -29.74 -62.43
CA GLN C 472 1.02 -29.21 -62.64
C GLN C 472 1.94 -29.77 -61.56
N LEU C 473 3.22 -29.42 -61.64
CA LEU C 473 4.20 -29.89 -60.67
C LEU C 473 4.28 -29.00 -59.44
N ASN C 474 3.53 -27.90 -59.39
CA ASN C 474 3.56 -27.01 -58.24
C ASN C 474 2.17 -26.55 -57.81
N CYS C 475 1.11 -27.11 -58.38
CA CYS C 475 -0.25 -26.71 -58.03
C CYS C 475 -0.80 -27.61 -56.93
N TYR C 476 -1.58 -27.01 -56.03
CA TYR C 476 -2.09 -27.72 -54.86
C TYR C 476 -3.52 -27.26 -54.57
N GLN C 477 -4.46 -28.20 -54.70
CA GLN C 477 -5.85 -27.93 -54.32
C GLN C 477 -5.90 -27.56 -52.83
N PRO C 478 -6.74 -26.59 -52.44
CA PRO C 478 -6.71 -26.08 -51.08
C PRO C 478 -7.54 -26.86 -50.08
N LEU C 479 -8.25 -27.92 -50.49
CA LEU C 479 -9.09 -28.68 -49.59
C LEU C 479 -8.73 -30.16 -49.66
N LYS C 480 -8.69 -30.81 -48.50
CA LYS C 480 -8.39 -32.23 -48.37
C LYS C 480 -9.50 -32.92 -47.59
N SER C 481 -9.77 -34.17 -47.95
CA SER C 481 -10.93 -34.89 -47.45
C SER C 481 -10.54 -35.82 -46.32
N TYR C 482 -11.30 -35.77 -45.22
CA TYR C 482 -11.13 -36.71 -44.12
C TYR C 482 -11.33 -38.14 -44.60
N ASP C 483 -10.97 -39.10 -43.75
CA ASP C 483 -11.13 -40.52 -44.04
C ASP C 483 -11.68 -41.22 -42.80
N PHE C 484 -13.00 -41.32 -42.70
CA PHE C 484 -13.66 -41.98 -41.57
C PHE C 484 -14.13 -43.36 -42.03
N THR C 485 -13.21 -44.32 -42.01
CA THR C 485 -13.53 -45.69 -42.37
C THR C 485 -13.76 -46.52 -41.12
N ASP C 486 -14.15 -47.78 -41.33
CA ASP C 486 -14.65 -48.61 -40.23
C ASP C 486 -13.53 -48.95 -39.25
N THR C 487 -12.39 -49.41 -39.74
CA THR C 487 -11.30 -49.90 -38.89
C THR C 487 -10.25 -48.80 -38.74
N VAL C 488 -10.56 -47.82 -37.90
CA VAL C 488 -9.69 -46.68 -37.66
C VAL C 488 -9.65 -46.38 -36.16
N GLY C 489 -8.46 -46.09 -35.65
CA GLY C 489 -8.28 -45.86 -34.24
C GLY C 489 -8.88 -44.54 -33.78
N VAL C 490 -9.04 -44.44 -32.46
CA VAL C 490 -9.60 -43.24 -31.85
C VAL C 490 -8.63 -42.08 -32.04
N GLY C 491 -9.17 -40.88 -32.28
CA GLY C 491 -8.40 -39.73 -32.66
C GLY C 491 -8.42 -39.45 -34.14
N TYR C 492 -8.75 -40.45 -34.95
CA TYR C 492 -8.99 -40.29 -36.38
C TYR C 492 -10.44 -40.65 -36.70
N GLN C 493 -11.33 -40.45 -35.74
CA GLN C 493 -12.75 -40.77 -35.85
C GLN C 493 -13.60 -39.51 -35.71
N PRO C 494 -14.78 -39.48 -36.32
CA PRO C 494 -15.58 -38.25 -36.31
C PRO C 494 -16.06 -37.89 -34.92
N TYR C 495 -16.15 -36.59 -34.67
CA TYR C 495 -16.65 -36.04 -33.43
C TYR C 495 -17.48 -34.81 -33.76
N ARG C 496 -18.68 -34.71 -33.18
CA ARG C 496 -19.54 -33.56 -33.38
C ARG C 496 -19.28 -32.54 -32.27
N VAL C 497 -19.14 -31.28 -32.67
CA VAL C 497 -18.79 -30.18 -31.77
C VAL C 497 -19.82 -29.08 -31.93
N VAL C 498 -20.34 -28.60 -30.80
CA VAL C 498 -21.26 -27.48 -30.76
C VAL C 498 -20.71 -26.43 -29.80
N VAL C 499 -20.60 -25.20 -30.29
CA VAL C 499 -20.11 -24.07 -29.51
C VAL C 499 -21.26 -23.11 -29.29
N LEU C 500 -21.54 -22.79 -28.03
CA LEU C 500 -22.61 -21.86 -27.68
C LEU C 500 -21.98 -20.56 -27.19
N SER C 501 -22.39 -19.45 -27.79
CA SER C 501 -21.87 -18.12 -27.47
C SER C 501 -22.97 -17.32 -26.79
N PHE C 502 -22.69 -16.85 -25.58
CA PHE C 502 -23.65 -16.13 -24.76
C PHE C 502 -23.28 -14.65 -24.71
N GLU C 503 -24.29 -13.82 -24.47
CA GLU C 503 -24.09 -12.38 -24.42
C GLU C 503 -25.07 -11.80 -23.42
N LEU C 504 -24.55 -11.34 -22.28
CA LEU C 504 -25.33 -10.72 -21.22
C LEU C 504 -25.22 -9.21 -21.33
N LEU C 505 -26.35 -8.54 -21.52
CA LEU C 505 -26.39 -7.09 -21.67
C LEU C 505 -27.61 -6.53 -20.96
N ASN C 506 -27.63 -5.21 -20.80
CA ASN C 506 -28.80 -4.50 -20.30
C ASN C 506 -29.81 -4.40 -21.45
N ALA C 507 -30.47 -5.53 -21.71
CA ALA C 507 -31.34 -5.68 -22.86
C ALA C 507 -32.33 -6.79 -22.56
N PRO C 508 -33.43 -6.90 -23.31
CA PRO C 508 -34.41 -7.96 -23.04
C PRO C 508 -33.79 -9.34 -23.19
N ALA C 509 -34.22 -10.25 -22.33
CA ALA C 509 -33.77 -11.64 -22.37
C ALA C 509 -34.72 -12.49 -23.18
N THR C 510 -34.20 -13.58 -23.74
CA THR C 510 -35.01 -14.47 -24.55
C THR C 510 -34.81 -15.96 -24.27
N VAL C 511 -33.81 -16.36 -23.49
CA VAL C 511 -33.47 -17.77 -23.37
C VAL C 511 -33.36 -18.21 -21.90
N CYS C 512 -34.19 -17.62 -21.04
CA CYS C 512 -34.12 -17.84 -19.60
C CYS C 512 -34.15 -19.31 -19.19
N GLY C 513 -33.71 -19.61 -17.97
CA GLY C 513 -33.73 -20.96 -17.45
C GLY C 513 -34.91 -21.21 -16.54
N PRO C 514 -35.09 -22.47 -16.11
CA PRO C 514 -36.29 -22.83 -15.36
C PRO C 514 -36.22 -22.50 -13.87
N LYS C 515 -36.99 -21.49 -13.43
CA LYS C 515 -37.13 -21.20 -12.01
C LYS C 515 -38.56 -20.75 -11.75
N GLN C 516 -39.02 -21.03 -10.53
CA GLN C 516 -40.41 -20.77 -10.14
C GLN C 516 -40.50 -19.40 -9.47
N SER C 517 -41.38 -18.55 -9.99
CA SER C 517 -41.54 -17.20 -9.50
C SER C 517 -42.19 -17.18 -8.11
N THR C 518 -42.18 -16.01 -7.50
CA THR C 518 -42.82 -15.78 -6.20
C THR C 518 -43.50 -14.42 -6.27
N GLU C 519 -43.93 -13.91 -5.13
CA GLU C 519 -44.66 -12.66 -5.04
C GLU C 519 -43.77 -11.54 -4.51
N LEU C 520 -44.23 -10.31 -4.74
CA LEU C 520 -43.39 -9.09 -4.69
C LEU C 520 -43.62 -8.40 -3.34
N VAL C 521 -42.92 -8.85 -2.30
CA VAL C 521 -43.15 -8.38 -0.90
C VAL C 521 -42.48 -7.02 -0.73
N LYS C 522 -43.08 -5.96 -1.28
CA LYS C 522 -42.52 -4.60 -1.08
C LYS C 522 -42.36 -4.35 0.42
N ASN C 523 -41.23 -3.75 0.81
CA ASN C 523 -41.06 -3.16 2.16
C ASN C 523 -40.65 -4.26 3.16
N LYS C 524 -39.54 -4.92 2.90
CA LYS C 524 -38.89 -5.83 3.90
C LYS C 524 -37.48 -6.17 3.42
N CYS C 525 -36.58 -6.52 4.35
CA CYS C 525 -35.21 -6.91 3.97
C CYS C 525 -35.24 -8.35 3.45
N VAL C 526 -35.57 -8.50 2.17
CA VAL C 526 -35.74 -9.81 1.47
C VAL C 526 -34.42 -10.17 0.78
N ASN C 527 -34.40 -11.28 0.07
CA ASN C 527 -33.36 -11.58 -0.95
C ASN C 527 -34.03 -11.69 -2.32
N PHE C 528 -33.62 -10.89 -3.29
CA PHE C 528 -34.36 -10.79 -4.57
C PHE C 528 -33.52 -11.38 -5.70
N ASN C 529 -34.19 -11.93 -6.72
CA ASN C 529 -33.51 -12.71 -7.75
C ASN C 529 -34.18 -12.47 -9.10
N PHE C 530 -34.31 -11.19 -9.49
CA PHE C 530 -34.78 -10.85 -10.83
C PHE C 530 -33.83 -11.43 -11.88
N ASN C 531 -34.12 -11.19 -13.16
CA ASN C 531 -33.31 -11.81 -14.22
C ASN C 531 -31.83 -11.51 -14.00
N GLY C 532 -31.06 -12.54 -13.67
CA GLY C 532 -29.64 -12.38 -13.40
C GLY C 532 -29.34 -11.71 -12.08
N LEU C 533 -29.85 -10.50 -11.89
CA LEU C 533 -29.46 -9.67 -10.75
C LEU C 533 -29.88 -10.30 -9.42
N THR C 534 -28.98 -10.21 -8.44
CA THR C 534 -29.22 -10.73 -7.10
C THR C 534 -28.74 -9.71 -6.08
N GLY C 535 -29.41 -9.65 -4.96
CA GLY C 535 -29.02 -8.71 -3.92
C GLY C 535 -29.78 -8.92 -2.64
N THR C 536 -29.89 -7.83 -1.87
CA THR C 536 -30.59 -7.86 -0.58
C THR C 536 -31.00 -6.44 -0.25
N GLY C 537 -32.30 -6.22 -0.04
CA GLY C 537 -32.76 -4.90 0.34
C GLY C 537 -34.27 -4.79 0.22
N VAL C 538 -34.74 -3.59 0.56
CA VAL C 538 -36.16 -3.26 0.50
C VAL C 538 -36.50 -2.73 -0.88
N LEU C 539 -37.66 -3.15 -1.38
CA LEU C 539 -38.17 -2.77 -2.69
C LEU C 539 -39.36 -1.84 -2.53
N THR C 540 -39.40 -0.77 -3.32
CA THR C 540 -40.43 0.25 -3.17
C THR C 540 -40.85 0.73 -4.55
N GLU C 541 -42.02 1.40 -4.60
CA GLU C 541 -42.50 1.96 -5.84
C GLU C 541 -41.51 3.01 -6.37
N SER C 542 -41.57 3.24 -7.68
CA SER C 542 -40.61 4.11 -8.35
C SER C 542 -41.33 5.09 -9.26
N THR C 543 -40.70 6.25 -9.47
CA THR C 543 -41.23 7.28 -10.33
C THR C 543 -40.24 7.71 -11.41
N LYS C 544 -39.19 6.93 -11.62
CA LYS C 544 -38.19 7.27 -12.62
C LYS C 544 -38.71 6.96 -14.02
N ARG C 545 -37.97 7.45 -15.02
CA ARG C 545 -38.29 7.20 -16.41
C ARG C 545 -37.18 6.36 -17.04
N PHE C 546 -37.59 5.35 -17.81
CA PHE C 546 -36.66 4.45 -18.49
C PHE C 546 -36.69 4.70 -19.98
N GLN C 547 -35.51 4.65 -20.60
CA GLN C 547 -35.37 4.97 -22.02
C GLN C 547 -35.82 3.77 -22.83
N SER C 548 -37.09 3.78 -23.23
CA SER C 548 -37.72 2.69 -23.97
C SER C 548 -37.46 1.34 -23.31
N PHE C 549 -36.77 0.46 -24.01
CA PHE C 549 -36.39 -0.84 -23.45
C PHE C 549 -35.13 -0.68 -22.60
N GLN C 550 -35.23 -1.10 -21.33
CA GLN C 550 -34.15 -0.98 -20.36
C GLN C 550 -34.50 -1.84 -19.16
N GLN C 551 -33.53 -2.57 -18.63
CA GLN C 551 -33.80 -3.56 -17.60
C GLN C 551 -33.45 -3.08 -16.20
N PHE C 552 -32.33 -2.38 -16.01
CA PHE C 552 -31.97 -1.89 -14.70
C PHE C 552 -31.14 -0.61 -14.85
N GLY C 553 -31.06 0.14 -13.75
CA GLY C 553 -30.30 1.37 -13.74
C GLY C 553 -29.34 1.41 -12.58
N ARG C 554 -28.19 2.04 -12.81
CA ARG C 554 -27.16 2.15 -11.78
C ARG C 554 -26.75 3.60 -11.57
N ASP C 555 -25.68 3.83 -10.81
CA ASP C 555 -25.24 5.16 -10.45
C ASP C 555 -23.74 5.26 -10.68
N ILE C 556 -23.15 6.35 -10.20
CA ILE C 556 -21.73 6.60 -10.41
C ILE C 556 -20.88 5.55 -9.70
N SER C 557 -21.38 4.98 -8.62
CA SER C 557 -20.67 3.93 -7.88
C SER C 557 -21.04 2.53 -8.34
N ASP C 558 -21.85 2.43 -9.40
CA ASP C 558 -22.35 1.15 -9.90
C ASP C 558 -23.17 0.42 -8.84
N PHE C 559 -24.08 1.16 -8.21
CA PHE C 559 -25.02 0.61 -7.24
C PHE C 559 -26.38 0.50 -7.90
N THR C 560 -26.89 -0.72 -8.03
CA THR C 560 -28.18 -0.93 -8.67
C THR C 560 -29.29 -0.38 -7.79
N ASP C 561 -30.18 0.42 -8.39
CA ASP C 561 -31.27 1.00 -7.62
C ASP C 561 -32.60 1.02 -8.39
N SER C 562 -32.77 0.18 -9.41
CA SER C 562 -34.00 0.17 -10.18
C SER C 562 -34.07 -1.09 -11.02
N VAL C 563 -35.26 -1.71 -11.08
CA VAL C 563 -35.51 -2.88 -11.90
C VAL C 563 -36.90 -2.74 -12.53
N ARG C 564 -37.04 -3.29 -13.75
CA ARG C 564 -38.31 -3.24 -14.47
C ARG C 564 -39.29 -4.34 -14.04
N ASP C 565 -38.88 -5.26 -13.16
CA ASP C 565 -39.69 -6.31 -12.52
C ASP C 565 -40.73 -6.93 -13.44
N PRO C 566 -40.32 -7.79 -14.37
CA PRO C 566 -41.24 -8.28 -15.42
C PRO C 566 -42.49 -8.91 -14.85
N LYS C 567 -43.46 -9.13 -15.75
CA LYS C 567 -44.80 -9.61 -15.46
C LYS C 567 -45.66 -8.53 -14.83
N THR C 568 -45.07 -7.37 -14.52
CA THR C 568 -45.84 -6.23 -14.04
C THR C 568 -45.42 -4.96 -14.80
N LEU C 569 -44.15 -4.89 -15.19
CA LEU C 569 -43.61 -3.76 -15.94
C LEU C 569 -43.72 -2.45 -15.17
N GLU C 570 -43.69 -2.51 -13.84
CA GLU C 570 -43.80 -1.34 -12.98
C GLU C 570 -42.47 -1.13 -12.27
N ILE C 571 -41.70 -0.13 -12.70
CA ILE C 571 -40.35 0.12 -12.22
C ILE C 571 -40.33 0.18 -10.69
N LEU C 572 -39.29 -0.41 -10.11
CA LEU C 572 -39.18 -0.43 -8.62
C LEU C 572 -37.94 0.34 -8.19
N ASP C 573 -37.72 0.44 -6.89
CA ASP C 573 -36.50 1.08 -6.35
C ASP C 573 -35.88 0.17 -5.29
N ILE C 574 -34.55 0.04 -5.30
CA ILE C 574 -33.82 -0.81 -4.32
C ILE C 574 -33.09 0.11 -3.34
N SER C 575 -32.99 -0.31 -2.08
CA SER C 575 -32.33 0.50 -1.02
C SER C 575 -31.60 -0.44 -0.07
N PRO C 576 -30.41 -0.04 0.46
CA PRO C 576 -29.74 -0.83 1.47
C PRO C 576 -30.73 -1.25 2.55
N CYS C 577 -30.63 -2.48 3.03
CA CYS C 577 -31.43 -2.93 4.20
C CYS C 577 -31.32 -1.87 5.30
N SER C 578 -30.13 -1.70 5.87
CA SER C 578 -29.87 -0.64 6.88
C SER C 578 -28.89 0.38 6.31
N TYR C 579 -29.23 1.66 6.40
CA TYR C 579 -28.29 2.75 6.01
C TYR C 579 -28.56 3.97 6.89
N GLY C 580 -27.50 4.68 7.25
CA GLY C 580 -27.61 5.78 8.18
C GLY C 580 -26.52 5.76 9.23
N GLY C 581 -26.90 5.49 10.48
CA GLY C 581 -25.91 5.36 11.54
C GLY C 581 -26.55 5.10 12.89
N VAL C 582 -26.02 4.12 13.61
CA VAL C 582 -26.51 3.76 14.94
C VAL C 582 -25.35 3.81 15.91
N SER C 583 -25.51 4.56 17.00
CA SER C 583 -24.47 4.68 18.02
C SER C 583 -25.01 4.20 19.36
N VAL C 584 -24.13 3.63 20.17
CA VAL C 584 -24.48 3.06 21.46
C VAL C 584 -23.73 3.83 22.54
N ILE C 585 -24.46 4.30 23.54
CA ILE C 585 -23.90 5.05 24.68
C ILE C 585 -23.96 4.17 25.91
N THR C 586 -22.81 3.99 26.57
CA THR C 586 -22.72 3.11 27.71
C THR C 586 -21.94 3.75 28.84
N PRO C 587 -22.32 3.49 30.09
CA PRO C 587 -21.56 3.96 31.24
C PRO C 587 -20.51 2.99 31.76
N GLY C 588 -20.22 1.93 31.01
CA GLY C 588 -19.32 0.88 31.45
C GLY C 588 -20.05 -0.42 31.66
N THR C 589 -19.26 -1.49 31.78
CA THR C 589 -19.79 -2.82 32.04
C THR C 589 -19.83 -3.14 33.53
N ASN C 590 -18.81 -2.75 34.29
CA ASN C 590 -18.85 -2.95 35.73
C ASN C 590 -19.88 -2.05 36.40
N ALA C 591 -20.13 -0.87 35.85
CA ALA C 591 -21.06 0.06 36.47
C ALA C 591 -22.49 -0.44 36.38
N SER C 592 -22.91 -0.88 35.21
CA SER C 592 -24.28 -1.34 34.99
C SER C 592 -24.34 -2.04 33.65
N ASN C 593 -25.56 -2.41 33.24
CA ASN C 593 -25.79 -3.01 31.92
C ASN C 593 -26.84 -2.25 31.13
N VAL C 594 -27.11 -1.01 31.51
CA VAL C 594 -28.09 -0.15 30.83
C VAL C 594 -27.36 0.65 29.76
N VAL C 595 -27.97 0.73 28.57
CA VAL C 595 -27.36 1.42 27.43
C VAL C 595 -28.40 2.36 26.83
N ALA C 596 -27.93 3.20 25.91
CA ALA C 596 -28.80 4.07 25.13
C ALA C 596 -28.41 3.98 23.66
N VAL C 597 -29.36 4.31 22.78
CA VAL C 597 -29.18 4.18 21.34
C VAL C 597 -29.47 5.53 20.68
N LEU C 598 -28.68 5.87 19.66
CA LEU C 598 -28.91 7.06 18.87
C LEU C 598 -28.97 6.68 17.40
N TYR C 599 -30.08 7.04 16.74
CA TYR C 599 -30.24 6.89 15.30
C TYR C 599 -30.06 8.28 14.68
N GLN C 600 -28.96 8.47 13.97
CA GLN C 600 -28.60 9.79 13.46
C GLN C 600 -29.20 10.01 12.07
N ASP C 601 -29.60 11.26 11.81
CA ASP C 601 -30.24 11.66 10.56
C ASP C 601 -31.55 10.91 10.33
N VAL C 602 -32.31 10.69 11.40
CA VAL C 602 -33.62 10.04 11.33
C VAL C 602 -34.56 10.73 12.31
N ASN C 603 -35.70 11.19 11.82
CA ASN C 603 -36.72 11.83 12.70
C ASN C 603 -37.33 10.76 13.58
N CYS C 604 -37.99 11.17 14.64
CA CYS C 604 -38.65 10.24 15.56
C CYS C 604 -40.10 10.00 15.16
N THR C 605 -40.32 9.73 13.87
CA THR C 605 -41.62 9.30 13.36
C THR C 605 -41.44 8.12 12.43
N ASP C 606 -40.26 8.04 11.80
CA ASP C 606 -39.94 6.97 10.87
C ASP C 606 -38.88 6.03 11.42
N VAL C 607 -38.67 6.02 12.73
CA VAL C 607 -37.79 5.05 13.37
C VAL C 607 -38.38 3.63 13.34
N PRO C 608 -39.71 3.42 13.38
CA PRO C 608 -40.19 2.05 13.19
C PRO C 608 -40.05 1.54 11.78
N THR C 609 -39.78 2.41 10.81
CA THR C 609 -39.56 2.00 9.43
C THR C 609 -38.08 1.77 9.14
N MET C 610 -37.22 2.67 9.61
CA MET C 610 -35.79 2.46 9.46
C MET C 610 -35.34 1.21 10.19
N LEU C 611 -35.83 1.00 11.42
CA LEU C 611 -35.61 -0.22 12.17
C LEU C 611 -36.82 -1.12 11.95
N HIS C 612 -36.66 -2.16 11.13
CA HIS C 612 -37.76 -3.03 10.77
C HIS C 612 -38.20 -3.88 11.95
N THR C 613 -39.25 -3.45 12.63
CA THR C 613 -39.67 -4.06 13.90
C THR C 613 -40.23 -5.45 13.74
N GLU C 614 -40.57 -5.89 12.54
CA GLU C 614 -41.10 -7.23 12.32
C GLU C 614 -40.00 -8.29 12.20
N GLN C 615 -38.74 -7.88 12.10
CA GLN C 615 -37.65 -8.82 11.88
C GLN C 615 -36.59 -8.77 12.97
N VAL C 616 -36.81 -8.01 14.04
CA VAL C 616 -35.82 -7.86 15.10
C VAL C 616 -36.28 -8.64 16.33
N ALA C 617 -35.33 -8.85 17.24
CA ALA C 617 -35.61 -9.61 18.46
C ALA C 617 -36.47 -8.80 19.42
N HIS C 618 -36.92 -9.47 20.49
CA HIS C 618 -37.82 -8.83 21.43
C HIS C 618 -37.13 -7.73 22.23
N ASP C 619 -35.82 -7.88 22.48
CA ASP C 619 -35.10 -6.86 23.24
C ASP C 619 -34.86 -5.59 22.44
N TRP C 620 -34.95 -5.66 21.12
CA TRP C 620 -34.78 -4.46 20.30
C TRP C 620 -36.05 -3.64 20.17
N ARG C 621 -37.23 -4.28 20.22
CA ARG C 621 -38.48 -3.55 20.10
C ARG C 621 -38.72 -2.62 21.28
N VAL C 622 -38.06 -2.85 22.40
CA VAL C 622 -38.12 -1.90 23.51
C VAL C 622 -37.48 -0.57 23.10
N TYR C 623 -36.39 -0.64 22.32
CA TYR C 623 -35.65 0.54 21.90
C TYR C 623 -35.99 0.95 20.48
N ALA C 624 -37.07 0.39 19.92
CA ALA C 624 -37.40 0.62 18.51
C ALA C 624 -38.36 1.79 18.35
N VAL C 625 -39.55 1.69 18.94
CA VAL C 625 -40.57 2.72 18.79
C VAL C 625 -41.29 3.02 20.10
N ASN C 626 -41.08 2.22 21.14
CA ASN C 626 -41.78 2.44 22.41
C ASN C 626 -41.47 3.81 22.99
N THR C 627 -42.49 4.66 23.09
CA THR C 627 -42.34 5.99 23.65
C THR C 627 -42.85 5.95 25.10
N ASP C 628 -41.93 5.64 26.00
CA ASP C 628 -42.20 5.61 27.44
C ASP C 628 -41.72 6.88 28.12
N GLY C 629 -41.82 8.01 27.43
CA GLY C 629 -41.20 9.23 27.91
C GLY C 629 -39.70 9.22 27.76
N ASN C 630 -39.17 8.41 26.84
CA ASN C 630 -37.74 8.27 26.64
C ASN C 630 -37.29 8.57 25.22
N MET C 631 -38.21 8.98 24.34
CA MET C 631 -37.83 9.43 23.01
C MET C 631 -37.37 10.88 23.07
N PHE C 632 -36.29 11.19 22.35
CA PHE C 632 -35.84 12.57 22.26
C PHE C 632 -35.39 12.84 20.83
N GLN C 633 -35.71 14.03 20.33
CA GLN C 633 -35.31 14.45 18.99
C GLN C 633 -34.37 15.63 19.10
N THR C 634 -33.12 15.43 18.70
CA THR C 634 -32.12 16.48 18.63
C THR C 634 -31.84 16.83 17.17
N GLN C 635 -30.87 17.71 16.96
CA GLN C 635 -30.42 18.01 15.61
C GLN C 635 -29.44 16.98 15.05
N ALA C 636 -29.00 16.03 15.88
CA ALA C 636 -28.17 14.93 15.43
C ALA C 636 -28.97 13.69 15.10
N GLY C 637 -30.10 13.46 15.76
CA GLY C 637 -30.93 12.31 15.47
C GLY C 637 -31.91 12.05 16.61
N CYS C 638 -32.39 10.82 16.65
CA CYS C 638 -33.34 10.36 17.66
C CYS C 638 -32.61 9.56 18.73
N LEU C 639 -32.83 9.92 19.98
CA LEU C 639 -32.22 9.28 21.14
C LEU C 639 -33.25 8.44 21.87
N VAL C 640 -32.91 7.18 22.14
CA VAL C 640 -33.78 6.21 22.77
C VAL C 640 -33.06 5.66 24.01
N GLY C 641 -33.74 5.68 25.14
CA GLY C 641 -33.19 5.18 26.37
C GLY C 641 -32.73 6.22 27.37
N ALA C 642 -33.00 7.50 27.13
CA ALA C 642 -32.58 8.56 28.03
C ALA C 642 -33.73 9.55 28.22
N THR C 643 -33.68 10.26 29.34
CA THR C 643 -34.65 11.29 29.67
C THR C 643 -33.97 12.66 29.66
N TYR C 644 -34.63 13.63 29.05
CA TYR C 644 -34.08 14.97 28.97
C TYR C 644 -34.06 15.63 30.34
N GLU C 645 -33.08 16.52 30.54
CA GLU C 645 -32.90 17.21 31.80
C GLU C 645 -32.67 18.69 31.53
N ASN C 646 -33.17 19.54 32.43
CA ASN C 646 -33.05 20.97 32.24
C ASN C 646 -31.78 21.57 32.86
N THR C 647 -31.39 21.09 34.04
CA THR C 647 -30.19 21.61 34.69
C THR C 647 -28.95 21.27 33.86
N SER C 648 -28.08 22.25 33.68
CA SER C 648 -26.88 22.06 32.88
C SER C 648 -25.70 21.65 33.74
N TYR C 649 -24.76 20.96 33.11
CA TYR C 649 -23.55 20.49 33.78
C TYR C 649 -22.42 20.49 32.74
N GLU C 650 -21.33 19.81 33.06
CA GLU C 650 -20.23 19.66 32.11
C GLU C 650 -20.57 18.56 31.12
N CYS C 651 -19.61 18.18 30.27
CA CYS C 651 -19.82 17.16 29.25
C CYS C 651 -18.94 15.96 29.56
N ASP C 652 -19.58 14.83 29.86
CA ASP C 652 -18.88 13.57 30.11
C ASP C 652 -18.81 12.70 28.86
N ILE C 653 -19.96 12.39 28.28
CA ILE C 653 -20.05 11.65 27.03
C ILE C 653 -20.65 12.55 25.97
N PRO C 654 -19.84 13.12 25.09
CA PRO C 654 -20.36 14.03 24.05
C PRO C 654 -21.22 13.27 23.05
N ILE C 655 -22.49 13.63 22.98
CA ILE C 655 -23.39 13.06 21.96
C ILE C 655 -23.31 13.85 20.66
N GLY C 656 -23.43 15.17 20.73
CA GLY C 656 -23.28 16.01 19.57
C GLY C 656 -24.37 17.05 19.47
N ALA C 657 -24.15 17.99 18.55
CA ALA C 657 -25.08 19.09 18.29
C ALA C 657 -25.39 19.86 19.57
N GLY C 658 -24.38 19.98 20.43
CA GLY C 658 -24.58 20.69 21.69
C GLY C 658 -25.33 19.91 22.75
N VAL C 659 -25.38 18.59 22.65
CA VAL C 659 -26.05 17.75 23.63
C VAL C 659 -25.05 16.73 24.17
N CYS C 660 -24.98 16.63 25.50
CA CYS C 660 -24.16 15.65 26.20
C CYS C 660 -25.04 14.81 27.11
N ALA C 661 -24.42 13.87 27.82
CA ALA C 661 -25.17 12.95 28.66
C ALA C 661 -24.28 12.42 29.77
N LYS C 662 -24.92 11.78 30.75
CA LYS C 662 -24.24 11.24 31.92
C LYS C 662 -25.07 10.09 32.46
N PHE C 663 -24.43 9.30 33.33
CA PHE C 663 -25.09 8.20 34.02
C PHE C 663 -25.20 8.54 35.50
N GLY C 664 -26.43 8.51 36.02
CA GLY C 664 -26.60 8.85 37.43
C GLY C 664 -27.92 8.46 38.02
N SER C 665 -28.42 9.29 38.94
CA SER C 665 -29.70 9.06 39.60
C SER C 665 -30.66 10.20 39.28
N THR C 666 -31.86 10.11 39.82
CA THR C 666 -32.90 11.11 39.60
C THR C 666 -33.76 11.19 40.86
N LYS C 667 -34.93 11.82 40.72
CA LYS C 667 -35.83 11.96 41.86
C LYS C 667 -36.38 10.63 42.34
N THR C 668 -36.34 9.59 41.51
CA THR C 668 -36.79 8.26 41.90
C THR C 668 -35.67 7.40 42.46
N ARG C 669 -34.47 7.95 42.61
CA ARG C 669 -33.34 7.27 43.25
C ARG C 669 -33.01 5.95 42.55
N GLN C 670 -32.95 5.99 41.22
CA GLN C 670 -32.59 4.82 40.42
C GLN C 670 -31.56 5.21 39.38
N GLN C 671 -30.72 4.25 39.02
CA GLN C 671 -29.71 4.49 37.99
C GLN C 671 -30.36 4.65 36.62
N SER C 672 -29.89 5.63 35.86
CA SER C 672 -30.44 5.91 34.55
C SER C 672 -29.45 6.79 33.78
N ILE C 673 -29.83 7.12 32.55
CA ILE C 673 -29.03 7.94 31.64
C ILE C 673 -29.76 9.27 31.44
N LEU C 674 -29.06 10.37 31.72
CA LEU C 674 -29.63 11.70 31.62
C LEU C 674 -28.92 12.50 30.53
N ALA C 675 -29.69 13.05 29.61
CA ALA C 675 -29.18 13.83 28.49
C ALA C 675 -29.59 15.28 28.62
N TYR C 676 -28.65 16.18 28.34
CA TYR C 676 -28.89 17.61 28.51
C TYR C 676 -28.05 18.39 27.50
N THR C 677 -28.11 19.72 27.61
CA THR C 677 -27.29 20.61 26.79
C THR C 677 -26.08 21.05 27.61
N MET C 678 -24.91 21.05 26.97
CA MET C 678 -23.69 21.40 27.67
C MET C 678 -23.71 22.86 28.12
N SER C 679 -23.12 23.12 29.28
CA SER C 679 -23.01 24.46 29.83
C SER C 679 -21.63 25.02 29.52
N ILE C 680 -21.60 26.16 28.82
CA ILE C 680 -20.32 26.78 28.49
C ILE C 680 -19.77 27.63 29.62
N GLY C 681 -20.58 27.93 30.63
CA GLY C 681 -20.10 28.66 31.79
C GLY C 681 -21.10 29.67 32.35
N GLU C 682 -20.78 30.23 33.51
CA GLU C 682 -21.67 31.17 34.17
C GLU C 682 -21.57 32.55 33.51
N ASP C 683 -22.63 33.35 33.68
CA ASP C 683 -22.71 34.70 33.14
C ASP C 683 -22.48 35.70 34.27
N GLN C 684 -21.65 36.70 34.00
CA GLN C 684 -21.28 37.73 34.97
C GLN C 684 -21.38 39.11 34.32
N SER C 685 -22.52 39.37 33.69
CA SER C 685 -22.71 40.58 32.89
C SER C 685 -22.43 41.84 33.70
N VAL C 686 -21.68 42.76 33.08
CA VAL C 686 -21.39 44.09 33.63
C VAL C 686 -21.55 45.09 32.50
N ALA C 687 -22.16 46.23 32.79
CA ALA C 687 -22.57 47.12 31.71
C ALA C 687 -21.44 48.03 31.22
N TYR C 688 -21.03 48.99 32.04
CA TYR C 688 -20.09 50.04 31.62
C TYR C 688 -19.85 51.00 32.77
N SER C 689 -18.84 51.86 32.59
CA SER C 689 -18.57 52.96 33.52
C SER C 689 -17.69 53.98 32.84
N ASN C 690 -17.82 55.25 33.19
CA ASN C 690 -16.97 56.23 32.51
C ASN C 690 -16.35 57.14 33.57
N ASN C 691 -16.26 56.64 34.79
CA ASN C 691 -15.47 57.33 35.80
C ASN C 691 -15.09 56.42 36.97
N SER C 692 -15.01 55.11 36.73
CA SER C 692 -14.66 54.15 37.76
C SER C 692 -13.53 53.27 37.28
N ILE C 693 -12.64 52.89 38.20
CA ILE C 693 -11.48 52.05 37.88
C ILE C 693 -11.22 51.12 39.05
N ALA C 694 -10.98 49.84 38.72
CA ALA C 694 -10.73 48.82 39.74
C ALA C 694 -9.23 48.59 39.88
N ILE C 695 -8.73 48.65 41.11
CA ILE C 695 -7.32 48.44 41.42
C ILE C 695 -7.21 47.19 42.30
N PRO C 696 -6.36 46.23 41.97
CA PRO C 696 -6.17 45.06 42.85
C PRO C 696 -5.22 45.38 44.00
N THR C 697 -5.56 44.92 45.20
CA THR C 697 -4.86 45.31 46.41
C THR C 697 -3.96 44.23 46.98
N ASN C 698 -4.18 42.97 46.59
CA ASN C 698 -3.15 41.95 46.90
C ASN C 698 -3.24 40.77 45.92
N PHE C 699 -2.18 39.96 45.95
CA PHE C 699 -1.86 39.03 44.89
C PHE C 699 -1.57 37.65 45.47
N SER C 700 -1.47 36.67 44.58
CA SER C 700 -1.15 35.30 44.93
C SER C 700 -0.10 34.75 43.97
N ILE C 701 0.84 33.99 44.51
CA ILE C 701 1.87 33.31 43.73
C ILE C 701 1.36 31.91 43.42
N SER C 702 1.20 31.60 42.14
CA SER C 702 0.62 30.33 41.70
C SER C 702 1.67 29.50 40.99
N VAL C 703 1.72 28.21 41.32
CA VAL C 703 2.61 27.26 40.67
C VAL C 703 1.75 26.31 39.85
N THR C 704 1.95 26.31 38.54
CA THR C 704 1.21 25.47 37.62
C THR C 704 2.14 24.46 36.97
N THR C 705 1.54 23.39 36.45
CA THR C 705 2.28 22.31 35.83
C THR C 705 1.95 22.26 34.34
N GLU C 706 2.99 22.28 33.51
CA GLU C 706 2.85 22.12 32.07
C GLU C 706 3.55 20.84 31.67
N VAL C 707 2.85 19.99 30.93
CA VAL C 707 3.30 18.63 30.67
C VAL C 707 3.56 18.50 29.17
N LEU C 708 4.81 18.14 28.80
CA LEU C 708 5.15 18.11 27.38
C LEU C 708 5.97 16.88 27.01
N PRO C 709 5.50 16.07 26.07
CA PRO C 709 6.33 14.97 25.57
C PRO C 709 7.51 15.47 24.76
N VAL C 710 8.60 14.68 24.75
CA VAL C 710 9.85 15.04 24.10
C VAL C 710 10.28 14.00 23.08
N SER C 711 10.36 12.73 23.50
CA SER C 711 10.88 11.67 22.65
C SER C 711 9.97 10.45 22.71
N MET C 712 10.15 9.56 21.74
CA MET C 712 9.42 8.30 21.67
C MET C 712 10.41 7.15 21.52
N THR C 713 9.90 5.94 21.64
CA THR C 713 10.74 4.75 21.67
C THR C 713 11.41 4.51 20.32
N LYS C 714 12.66 4.06 20.37
CA LYS C 714 13.42 3.72 19.17
C LYS C 714 13.24 2.24 18.84
N THR C 715 12.69 1.96 17.67
CA THR C 715 12.36 0.62 17.25
C THR C 715 13.06 0.29 15.93
N SER C 716 13.58 -0.93 15.83
CA SER C 716 14.22 -1.42 14.62
C SER C 716 13.60 -2.76 14.23
N VAL C 717 13.61 -3.05 12.93
CA VAL C 717 12.99 -4.24 12.38
C VAL C 717 13.99 -4.95 11.48
N ASP C 718 14.03 -6.28 11.60
CA ASP C 718 14.75 -7.13 10.65
C ASP C 718 13.74 -7.58 9.59
N CYS C 719 13.84 -7.00 8.40
CA CYS C 719 12.84 -7.24 7.37
C CYS C 719 12.76 -8.72 7.00
N ASN C 720 13.92 -9.36 6.83
CA ASN C 720 13.93 -10.75 6.39
C ASN C 720 13.36 -11.67 7.46
N MET C 721 13.73 -11.47 8.72
CA MET C 721 13.24 -12.34 9.80
C MET C 721 11.74 -12.19 10.00
N TYR C 722 11.23 -10.97 9.88
CA TYR C 722 9.79 -10.77 10.05
C TYR C 722 9.02 -11.34 8.87
N ILE C 723 9.47 -11.07 7.65
CA ILE C 723 8.70 -11.51 6.48
C ILE C 723 8.77 -13.02 6.32
N CYS C 724 9.95 -13.62 6.49
CA CYS C 724 10.17 -15.00 6.11
C CYS C 724 10.55 -15.93 7.25
N GLY C 725 11.09 -15.42 8.35
CA GLY C 725 11.44 -16.30 9.46
C GLY C 725 12.72 -17.08 9.25
N ASP C 726 12.60 -18.39 9.09
CA ASP C 726 13.76 -19.27 8.98
C ASP C 726 13.72 -20.10 7.70
N SER C 727 13.07 -19.59 6.66
CA SER C 727 12.95 -20.30 5.40
C SER C 727 13.87 -19.66 4.35
N THR C 728 14.66 -20.50 3.68
CA THR C 728 15.55 -19.99 2.64
C THR C 728 14.79 -19.69 1.35
N GLU C 729 13.77 -20.48 1.03
CA GLU C 729 13.00 -20.25 -0.19
C GLU C 729 12.30 -18.90 -0.14
N CYS C 730 11.72 -18.55 1.01
CA CYS C 730 11.06 -17.25 1.13
C CYS C 730 12.05 -16.11 0.98
N SER C 731 13.24 -16.24 1.54
CA SER C 731 14.24 -15.19 1.41
C SER C 731 14.70 -15.04 -0.04
N ASN C 732 14.89 -16.15 -0.74
CA ASN C 732 15.28 -16.09 -2.15
C ASN C 732 14.19 -15.43 -2.98
N LEU C 733 12.92 -15.72 -2.67
CA LEU C 733 11.83 -15.07 -3.40
C LEU C 733 11.71 -13.60 -3.02
N LEU C 734 12.04 -13.25 -1.78
CA LEU C 734 11.94 -11.86 -1.32
C LEU C 734 13.05 -10.99 -1.86
N LEU C 735 14.19 -11.59 -2.23
CA LEU C 735 15.27 -10.81 -2.84
C LEU C 735 14.84 -10.15 -4.14
N GLN C 736 13.75 -10.60 -4.75
CA GLN C 736 13.27 -10.09 -6.01
C GLN C 736 12.35 -8.88 -5.87
N TYR C 737 12.17 -8.36 -4.65
CA TYR C 737 11.24 -7.27 -4.41
C TYR C 737 11.94 -5.92 -4.30
N GLY C 738 13.20 -5.82 -4.70
CA GLY C 738 13.85 -4.53 -4.83
C GLY C 738 14.53 -4.11 -3.54
N SER C 739 14.29 -2.87 -3.13
CA SER C 739 14.95 -2.27 -1.98
C SER C 739 13.93 -1.68 -1.02
N PHE C 740 12.88 -2.45 -0.73
CA PHE C 740 11.88 -2.00 0.23
C PHE C 740 12.42 -2.06 1.66
N CYS C 741 13.09 -3.14 2.02
CA CYS C 741 13.59 -3.29 3.38
C CYS C 741 14.64 -2.24 3.70
N THR C 742 15.48 -1.89 2.71
CA THR C 742 16.46 -0.84 2.91
C THR C 742 15.80 0.50 3.21
N GLN C 743 14.74 0.84 2.47
CA GLN C 743 14.03 2.08 2.72
C GLN C 743 13.40 2.09 4.10
N LEU C 744 12.77 0.99 4.50
CA LEU C 744 12.17 0.92 5.81
C LEU C 744 13.21 1.08 6.91
N ASN C 745 14.37 0.43 6.75
CA ASN C 745 15.43 0.54 7.74
C ASN C 745 15.97 1.96 7.82
N ARG C 746 16.13 2.63 6.67
CA ARG C 746 16.63 4.00 6.71
C ARG C 746 15.64 4.92 7.41
N ALA C 747 14.35 4.75 7.14
CA ALA C 747 13.35 5.58 7.81
C ALA C 747 13.38 5.38 9.32
N LEU C 748 13.45 4.12 9.75
CA LEU C 748 13.48 3.84 11.19
C LEU C 748 14.74 4.39 11.84
N SER C 749 15.88 4.27 11.15
CA SER C 749 17.12 4.82 11.69
C SER C 749 17.07 6.34 11.81
N GLY C 750 16.47 6.99 10.82
CA GLY C 750 16.29 8.43 10.92
C GLY C 750 15.44 8.84 12.10
N ILE C 751 14.34 8.12 12.34
CA ILE C 751 13.51 8.39 13.50
C ILE C 751 14.31 8.20 14.79
N ALA C 752 15.10 7.12 14.84
CA ALA C 752 15.88 6.83 16.04
C ALA C 752 16.88 7.94 16.34
N VAL C 753 17.59 8.42 15.33
CA VAL C 753 18.56 9.49 15.55
C VAL C 753 17.84 10.79 15.93
N GLU C 754 16.68 11.04 15.32
CA GLU C 754 15.93 12.26 15.63
C GLU C 754 15.48 12.30 17.08
N GLN C 755 15.14 11.15 17.66
CA GLN C 755 14.73 11.13 19.07
C GLN C 755 15.86 11.62 19.98
N ASP C 756 17.07 11.11 19.74
CA ASP C 756 18.23 11.55 20.53
C ASP C 756 18.52 13.02 20.29
N ARG C 757 18.36 13.49 19.05
CA ARG C 757 18.52 14.92 18.79
C ARG C 757 17.50 15.74 19.57
N ASN C 758 16.26 15.25 19.66
CA ASN C 758 15.24 15.97 20.42
C ASN C 758 15.63 16.08 21.89
N THR C 759 16.04 14.97 22.49
CA THR C 759 16.42 15.01 23.90
C THR C 759 17.63 15.92 24.13
N ARG C 760 18.62 15.86 23.24
CA ARG C 760 19.80 16.70 23.37
C ARG C 760 19.45 18.18 23.24
N ASP C 761 18.57 18.52 22.31
CA ASP C 761 18.18 19.90 22.13
C ASP C 761 17.39 20.42 23.32
N VAL C 762 16.50 19.59 23.88
CA VAL C 762 15.67 20.06 24.99
C VAL C 762 16.51 20.22 26.26
N PHE C 763 17.37 19.25 26.57
CA PHE C 763 18.04 19.25 27.87
C PHE C 763 19.46 19.79 27.83
N ALA C 764 20.26 19.40 26.83
CA ALA C 764 21.68 19.76 26.80
C ALA C 764 21.84 21.18 26.23
N GLN C 765 21.71 22.17 27.12
CA GLN C 765 21.87 23.56 26.75
C GLN C 765 23.04 24.26 27.43
N THR C 766 23.64 23.67 28.46
CA THR C 766 24.77 24.26 29.14
C THR C 766 25.93 23.27 29.16
N LYS C 767 27.14 23.78 28.99
CA LYS C 767 28.35 22.98 29.03
C LYS C 767 29.02 22.96 30.40
N THR C 768 28.42 23.61 31.39
CA THR C 768 28.93 23.62 32.76
C THR C 768 27.85 23.07 33.69
N ILE C 769 28.28 22.27 34.66
CA ILE C 769 27.37 21.64 35.61
C ILE C 769 27.70 22.20 36.98
N TYR C 770 26.88 23.13 37.46
CA TYR C 770 27.12 23.74 38.75
C TYR C 770 26.85 22.74 39.87
N LYS C 771 27.62 22.86 40.94
CA LYS C 771 27.48 21.96 42.08
C LYS C 771 26.22 22.30 42.86
N THR C 772 25.55 21.27 43.35
CA THR C 772 24.40 21.47 44.21
C THR C 772 24.86 22.09 45.52
N PRO C 773 24.35 23.27 45.90
CA PRO C 773 24.78 23.87 47.17
C PRO C 773 24.33 23.05 48.36
N ASN C 774 25.14 23.11 49.43
CA ASN C 774 24.87 22.30 50.62
C ASN C 774 23.52 22.64 51.21
N ILE C 775 23.28 23.91 51.48
CA ILE C 775 21.99 24.35 51.98
C ILE C 775 21.00 24.46 50.82
N LYS C 776 19.74 24.16 51.10
CA LYS C 776 18.66 24.30 50.13
C LYS C 776 17.62 25.29 50.62
N ASP C 777 18.08 26.31 51.35
CA ASP C 777 17.21 27.36 51.90
C ASP C 777 17.88 28.69 51.60
N PHE C 778 17.42 29.35 50.54
CA PHE C 778 17.98 30.64 50.11
C PHE C 778 17.06 31.73 50.64
N GLY C 779 17.37 32.22 51.83
CA GLY C 779 16.55 33.27 52.44
C GLY C 779 15.12 32.86 52.67
N GLY C 780 14.90 31.62 53.11
CA GLY C 780 13.56 31.11 53.32
C GLY C 780 12.91 30.46 52.13
N PHE C 781 13.55 30.48 50.96
CA PHE C 781 13.00 29.86 49.76
C PHE C 781 13.50 28.43 49.68
N ASN C 782 12.58 27.50 49.83
CA ASN C 782 12.95 26.07 49.87
C ASN C 782 13.00 25.54 48.44
N PHE C 783 13.97 24.71 48.15
CA PHE C 783 14.02 23.97 46.89
C PHE C 783 14.35 22.50 47.12
N SER C 784 14.11 21.98 48.33
CA SER C 784 14.46 20.60 48.62
C SER C 784 13.64 19.62 47.80
N GLN C 785 12.37 19.94 47.54
CA GLN C 785 11.49 19.04 46.80
C GLN C 785 11.90 18.89 45.34
N ILE C 786 12.61 19.88 44.78
CA ILE C 786 13.01 19.82 43.38
C ILE C 786 14.50 19.62 43.20
N LEU C 787 15.32 19.96 44.20
CA LEU C 787 16.74 19.65 44.09
C LEU C 787 17.04 18.30 44.71
N PRO C 788 17.98 17.53 44.17
CA PRO C 788 18.29 16.22 44.73
C PRO C 788 18.95 16.33 46.10
N ASP C 789 18.39 15.61 47.06
CA ASP C 789 18.91 15.62 48.43
C ASP C 789 20.18 14.80 48.51
N PRO C 790 21.29 15.37 49.00
CA PRO C 790 22.52 14.57 49.15
C PRO C 790 22.36 13.37 50.06
N GLY C 791 21.47 13.44 51.06
CA GLY C 791 21.26 12.31 51.94
C GLY C 791 20.53 11.16 51.29
N LYS C 792 19.77 11.42 50.23
CA LYS C 792 19.04 10.37 49.53
C LYS C 792 19.96 9.70 48.52
N PRO C 793 20.17 8.39 48.59
CA PRO C 793 21.08 7.73 47.63
C PRO C 793 20.60 7.77 46.19
N SER C 794 19.31 8.01 45.96
CA SER C 794 18.77 7.99 44.60
C SER C 794 19.31 9.12 43.73
N GLN C 795 19.78 10.21 44.34
CA GLN C 795 20.39 11.34 43.63
C GLN C 795 19.40 12.04 42.69
N ARG C 796 18.11 11.84 42.88
CA ARG C 796 17.08 12.53 42.13
C ARG C 796 16.14 13.24 43.09
N SER C 797 15.39 14.20 42.57
CA SER C 797 14.46 14.95 43.38
C SER C 797 13.28 14.06 43.79
N PRO C 798 12.66 14.34 44.94
CA PRO C 798 11.44 13.59 45.31
C PRO C 798 10.33 13.69 44.27
N ILE C 799 10.16 14.85 43.64
CA ILE C 799 9.13 14.98 42.61
C ILE C 799 9.44 14.11 41.41
N GLU C 800 10.71 14.04 41.01
CA GLU C 800 11.09 13.18 39.90
C GLU C 800 10.84 11.72 40.23
N ASP C 801 11.17 11.31 41.46
CA ASP C 801 10.92 9.93 41.87
C ASP C 801 9.42 9.62 41.84
N LEU C 802 8.60 10.54 42.34
CA LEU C 802 7.16 10.33 42.33
C LEU C 802 6.62 10.24 40.91
N LEU C 803 7.12 11.10 40.01
CA LEU C 803 6.67 11.08 38.62
C LEU C 803 7.08 9.78 37.94
N TYR C 804 8.27 9.27 38.25
CA TYR C 804 8.68 7.99 37.69
C TYR C 804 7.83 6.86 38.24
N ASN C 805 7.46 6.92 39.52
CA ASN C 805 6.62 5.88 40.10
C ASN C 805 5.22 5.89 39.50
N LYS C 806 4.64 7.07 39.31
CA LYS C 806 3.24 7.17 38.90
C LYS C 806 3.03 6.93 37.41
N VAL C 807 4.09 7.04 36.60
CA VAL C 807 4.01 6.78 35.17
C VAL C 807 4.54 5.38 34.93
N THR C 808 3.72 4.53 34.32
CA THR C 808 4.10 3.14 34.08
C THR C 808 4.45 2.90 32.62
N ASP C 829 4.34 -12.70 29.09
CA ASP C 829 5.09 -12.69 27.84
C ASP C 829 4.87 -11.40 27.07
N LEU C 830 4.47 -11.53 25.80
CA LEU C 830 4.23 -10.46 24.84
C LEU C 830 5.50 -9.71 24.46
N ILE C 831 6.65 -10.07 25.02
CA ILE C 831 7.93 -9.54 24.56
C ILE C 831 8.78 -10.59 23.87
N CYS C 832 8.65 -11.86 24.24
CA CYS C 832 9.36 -12.92 23.53
C CYS C 832 8.84 -13.08 22.12
N ALA C 833 7.55 -12.80 21.89
CA ALA C 833 7.00 -12.83 20.54
C ALA C 833 7.57 -11.69 19.71
N GLN C 834 7.75 -10.51 20.31
CA GLN C 834 8.35 -9.40 19.58
C GLN C 834 9.79 -9.70 19.19
N LYS C 835 10.57 -10.28 20.11
CA LYS C 835 11.96 -10.57 19.81
C LYS C 835 12.11 -11.76 18.87
N PHE C 836 11.15 -12.69 18.85
CA PHE C 836 11.22 -13.84 17.97
C PHE C 836 10.78 -13.52 16.56
N ASN C 837 10.30 -12.30 16.30
CA ASN C 837 9.80 -11.92 14.99
C ASN C 837 10.57 -10.76 14.38
N GLY C 838 11.70 -10.36 14.97
CA GLY C 838 12.58 -9.38 14.36
C GLY C 838 12.40 -7.96 14.81
N LEU C 839 11.63 -7.70 15.87
CA LEU C 839 11.36 -6.35 16.35
C LEU C 839 12.18 -6.09 17.60
N THR C 840 12.96 -5.02 17.60
CA THR C 840 13.89 -4.72 18.68
C THR C 840 13.71 -3.28 19.15
N VAL C 841 13.77 -3.10 20.47
CA VAL C 841 13.70 -1.77 21.08
C VAL C 841 15.10 -1.38 21.53
N LEU C 842 15.58 -0.22 21.06
CA LEU C 842 16.93 0.20 21.39
C LEU C 842 16.92 1.22 22.53
N PRO C 843 17.92 1.19 23.41
CA PRO C 843 17.92 2.09 24.56
C PRO C 843 18.34 3.49 24.17
N PRO C 844 17.87 4.50 24.89
CA PRO C 844 18.32 5.87 24.63
C PRO C 844 19.77 6.10 25.05
N LEU C 845 20.39 7.08 24.42
CA LEU C 845 21.80 7.36 24.67
C LEU C 845 22.03 8.02 26.02
N LEU C 846 21.19 8.99 26.36
CA LEU C 846 21.32 9.72 27.62
C LEU C 846 20.57 8.98 28.73
N THR C 847 21.29 8.57 29.76
CA THR C 847 20.68 7.83 30.85
C THR C 847 19.86 8.76 31.73
N ASP C 848 19.07 8.16 32.63
CA ASP C 848 18.26 8.95 33.54
C ASP C 848 19.12 9.78 34.48
N ASP C 849 20.25 9.23 34.93
CA ASP C 849 21.13 9.97 35.83
C ASP C 849 21.71 11.20 35.14
N MET C 850 22.06 11.08 33.85
CA MET C 850 22.57 12.23 33.12
C MET C 850 21.52 13.32 32.99
N ILE C 851 20.27 12.95 32.71
CA ILE C 851 19.21 13.94 32.61
C ILE C 851 18.95 14.59 33.96
N ALA C 852 19.01 13.81 35.04
CA ALA C 852 18.87 14.38 36.37
C ALA C 852 20.00 15.35 36.67
N ALA C 853 21.22 15.03 36.25
CA ALA C 853 22.34 15.93 36.45
C ALA C 853 22.16 17.23 35.66
N TYR C 854 21.67 17.13 34.42
CA TYR C 854 21.40 18.32 33.64
C TYR C 854 20.37 19.20 34.34
N THR C 855 19.29 18.59 34.84
CA THR C 855 18.25 19.35 35.53
C THR C 855 18.80 20.00 36.80
N ALA C 856 19.61 19.25 37.57
CA ALA C 856 20.17 19.81 38.79
C ALA C 856 21.12 20.96 38.49
N ALA C 857 21.91 20.84 37.41
CA ALA C 857 22.78 21.95 37.02
C ALA C 857 21.97 23.18 36.66
N LEU C 858 20.89 23.00 35.90
CA LEU C 858 20.05 24.14 35.55
C LEU C 858 19.46 24.79 36.79
N ILE C 859 18.95 23.98 37.72
CA ILE C 859 18.34 24.54 38.93
C ILE C 859 19.36 25.27 39.77
N SER C 860 20.55 24.69 39.96
CA SER C 860 21.57 25.34 40.77
C SER C 860 22.04 26.65 40.13
N GLY C 861 22.27 26.63 38.82
CA GLY C 861 22.69 27.85 38.14
C GLY C 861 21.65 28.94 38.22
N THR C 862 20.37 28.59 38.06
CA THR C 862 19.32 29.58 38.15
C THR C 862 19.00 29.95 39.60
N ALA C 863 19.51 29.22 40.57
CA ALA C 863 19.30 29.55 41.97
C ALA C 863 20.42 30.39 42.57
N THR C 864 21.64 30.32 42.03
CA THR C 864 22.75 31.09 42.58
C THR C 864 23.18 32.28 41.74
N ALA C 865 22.77 32.36 40.46
CA ALA C 865 23.28 33.40 39.58
C ALA C 865 22.23 34.08 38.73
N GLY C 866 20.98 33.62 38.74
CA GLY C 866 19.97 34.23 37.89
C GLY C 866 19.91 33.62 36.51
N TYR C 867 19.57 34.41 35.51
CA TYR C 867 19.53 33.98 34.12
C TYR C 867 20.74 34.48 33.33
N THR C 868 21.83 34.81 34.03
CA THR C 868 22.98 35.41 33.36
C THR C 868 23.69 34.41 32.45
N PHE C 869 23.73 33.13 32.83
CA PHE C 869 24.46 32.16 32.04
C PHE C 869 23.79 31.86 30.71
N GLY C 870 22.57 32.34 30.50
CA GLY C 870 21.92 32.19 29.21
C GLY C 870 22.39 33.18 28.15
N ALA C 871 23.11 34.23 28.55
CA ALA C 871 23.63 35.20 27.61
C ALA C 871 25.14 35.27 27.56
N GLY C 872 25.85 34.59 28.47
CA GLY C 872 27.29 34.60 28.46
C GLY C 872 27.87 34.00 29.73
N PRO C 873 28.93 34.62 30.25
CA PRO C 873 29.52 34.12 31.50
C PRO C 873 28.58 34.31 32.68
N ALA C 874 28.51 33.29 33.53
CA ALA C 874 27.59 33.30 34.65
C ALA C 874 28.06 34.28 35.72
N LEU C 875 27.13 35.13 36.17
CA LEU C 875 27.42 36.14 37.19
C LEU C 875 26.56 35.85 38.41
N GLN C 876 27.21 35.70 39.57
CA GLN C 876 26.51 35.30 40.76
C GLN C 876 25.78 36.47 41.41
N ILE C 877 24.64 36.18 42.01
CA ILE C 877 23.76 37.18 42.61
C ILE C 877 22.75 36.46 43.51
N PRO C 878 22.43 36.99 44.68
CA PRO C 878 21.48 36.30 45.56
C PRO C 878 20.09 36.16 44.94
N PHE C 879 19.37 35.12 45.38
CA PHE C 879 18.03 34.84 44.88
C PHE C 879 17.05 35.99 45.11
N PRO C 880 16.97 36.61 46.30
CA PRO C 880 16.06 37.75 46.46
C PRO C 880 16.30 38.87 45.47
N MET C 881 17.56 39.17 45.16
CA MET C 881 17.83 40.21 44.16
C MET C 881 17.27 39.83 42.80
N GLN C 882 17.47 38.57 42.40
CA GLN C 882 16.98 38.11 41.11
C GLN C 882 15.47 38.20 41.04
N MET C 883 14.78 37.78 42.09
CA MET C 883 13.34 37.74 42.04
C MET C 883 12.73 39.13 42.25
N ALA C 884 13.47 40.04 42.88
CA ALA C 884 13.08 41.45 42.86
C ALA C 884 13.20 42.05 41.46
N TYR C 885 14.27 41.70 40.74
CA TYR C 885 14.35 42.09 39.33
C TYR C 885 13.16 41.54 38.55
N ARG C 886 12.74 40.31 38.90
CA ARG C 886 11.60 39.72 38.20
C ARG C 886 10.28 40.42 38.52
N PHE C 887 10.12 40.98 39.73
CA PHE C 887 9.07 41.99 39.90
C PHE C 887 9.26 43.17 38.97
N ASN C 888 10.49 43.69 38.89
CA ASN C 888 10.72 44.85 38.02
C ASN C 888 10.39 44.56 36.57
N GLY C 889 10.37 43.28 36.18
CA GLY C 889 10.03 42.93 34.80
C GLY C 889 8.56 43.05 34.46
N ILE C 890 7.68 43.02 35.45
CA ILE C 890 6.24 43.01 35.21
C ILE C 890 5.58 44.32 35.66
N GLY C 891 6.33 45.41 35.71
CA GLY C 891 5.74 46.70 36.01
C GLY C 891 5.31 46.89 37.44
N VAL C 892 5.88 46.15 38.38
CA VAL C 892 5.59 46.30 39.80
C VAL C 892 6.91 46.62 40.51
N THR C 893 6.90 47.66 41.33
CA THR C 893 8.11 48.10 42.01
C THR C 893 8.59 47.00 42.96
N GLN C 894 9.92 46.90 43.08
CA GLN C 894 10.54 45.83 43.87
C GLN C 894 10.35 46.02 45.36
N ASN C 895 9.79 47.14 45.80
CA ASN C 895 9.55 47.33 47.22
C ASN C 895 8.54 46.33 47.77
N VAL C 896 7.67 45.82 46.91
CA VAL C 896 6.66 44.86 47.35
C VAL C 896 7.32 43.63 47.96
N LEU C 897 8.39 43.14 47.33
CA LEU C 897 9.17 42.05 47.93
C LEU C 897 9.84 42.52 49.22
N TYR C 898 10.33 43.76 49.25
CA TYR C 898 11.04 44.25 50.42
C TYR C 898 10.16 44.21 51.66
N GLU C 899 8.89 44.62 51.54
CA GLU C 899 8.01 44.64 52.69
C GLU C 899 7.25 43.33 52.89
N ASN C 900 7.32 42.39 51.98
CA ASN C 900 6.58 41.13 52.11
C ASN C 900 7.45 39.94 51.70
N GLN C 901 8.68 39.90 52.19
CA GLN C 901 9.59 38.82 51.82
C GLN C 901 9.18 37.50 52.49
N LYS C 902 8.90 37.54 53.79
CA LYS C 902 8.55 36.33 54.53
C LYS C 902 7.26 35.71 54.01
N GLN C 903 6.26 36.54 53.75
CA GLN C 903 5.00 36.03 53.22
C GLN C 903 5.21 35.39 51.86
N ILE C 904 6.04 35.99 51.01
CA ILE C 904 6.31 35.43 49.70
C ILE C 904 7.00 34.08 49.83
N ALA C 905 7.97 33.98 50.74
CA ALA C 905 8.65 32.71 50.94
C ALA C 905 7.68 31.62 51.42
N ASN C 906 6.82 31.96 52.39
CA ASN C 906 5.86 30.98 52.88
C ASN C 906 4.88 30.56 51.81
N GLN C 907 4.38 31.52 51.02
CA GLN C 907 3.47 31.19 49.94
C GLN C 907 4.12 30.26 48.92
N PHE C 908 5.38 30.54 48.58
CA PHE C 908 6.09 29.68 47.64
C PHE C 908 6.25 28.27 48.20
N ASN C 909 6.64 28.15 49.47
CA ASN C 909 6.83 26.83 50.07
C ASN C 909 5.52 26.05 50.11
N LYS C 910 4.43 26.71 50.52
CA LYS C 910 3.14 26.03 50.58
C LYS C 910 2.63 25.68 49.19
N ALA C 911 2.92 26.51 48.19
CA ALA C 911 2.55 26.17 46.82
C ALA C 911 3.28 24.93 46.36
N ILE C 912 4.56 24.81 46.70
CA ILE C 912 5.33 23.62 46.34
C ILE C 912 4.75 22.37 47.00
N SER C 913 4.44 22.48 48.30
CA SER C 913 3.87 21.33 49.01
C SER C 913 2.51 20.95 48.45
N GLN C 914 1.68 21.95 48.12
CA GLN C 914 0.38 21.66 47.54
C GLN C 914 0.51 21.02 46.16
N ILE C 915 1.49 21.45 45.37
CA ILE C 915 1.73 20.82 44.08
C ILE C 915 2.11 19.36 44.28
N GLN C 916 2.96 19.08 45.26
CA GLN C 916 3.33 17.69 45.53
C GLN C 916 2.11 16.86 45.94
N ASP C 917 1.25 17.41 46.81
CA ASP C 917 0.07 16.68 47.24
C ASP C 917 -0.90 16.45 46.08
N SER C 918 -1.07 17.46 45.22
CA SER C 918 -1.93 17.31 44.05
C SER C 918 -1.38 16.24 43.11
N LEU C 919 -0.06 16.18 42.96
CA LEU C 919 0.55 15.11 42.19
C LEU C 919 0.24 13.75 42.81
N THR C 920 0.33 13.65 44.14
CA THR C 920 0.05 12.39 44.79
C THR C 920 -1.40 11.96 44.58
N THR C 921 -2.35 12.90 44.69
CA THR C 921 -3.76 12.54 44.68
C THR C 921 -4.29 12.33 43.26
N THR C 922 -4.06 13.30 42.38
CA THR C 922 -4.66 13.26 41.05
C THR C 922 -3.95 12.24 40.16
N PRO C 923 -4.66 11.24 39.62
CA PRO C 923 -4.01 10.23 38.78
C PRO C 923 -3.99 10.54 37.29
N THR C 924 -4.75 11.53 36.82
CA THR C 924 -4.90 11.80 35.40
C THR C 924 -4.04 12.96 34.91
N ALA C 925 -3.03 13.36 35.69
CA ALA C 925 -2.21 14.50 35.30
C ALA C 925 -1.22 14.15 34.19
N LEU C 926 -0.65 12.95 34.24
CA LEU C 926 0.46 12.58 33.37
C LEU C 926 -0.01 11.83 32.12
N GLY C 927 -1.32 11.78 31.88
CA GLY C 927 -1.84 10.95 30.80
C GLY C 927 -1.22 11.24 29.45
N LYS C 928 -0.83 12.49 29.21
CA LYS C 928 -0.24 12.86 27.92
C LYS C 928 1.02 12.05 27.65
N LEU C 929 1.87 11.87 28.67
CA LEU C 929 3.01 10.97 28.51
C LEU C 929 2.57 9.51 28.48
N GLN C 930 1.54 9.16 29.27
CA GLN C 930 1.13 7.78 29.35
C GLN C 930 0.72 7.25 27.99
N ASP C 931 -0.08 8.02 27.24
CA ASP C 931 -0.42 7.64 25.88
C ASP C 931 0.82 7.36 25.05
N VAL C 932 1.82 8.23 25.16
CA VAL C 932 3.05 8.07 24.37
C VAL C 932 3.66 6.70 24.62
N ILE C 933 3.57 6.21 25.86
CA ILE C 933 3.96 4.83 26.10
C ILE C 933 2.94 3.88 25.48
N ASN C 934 1.69 3.96 25.95
CA ASN C 934 0.73 2.91 25.65
C ASN C 934 0.47 2.82 24.15
N GLN C 935 0.16 3.94 23.52
CA GLN C 935 -0.18 3.93 22.10
C GLN C 935 1.00 3.50 21.24
N ASN C 936 2.23 3.56 21.78
CA ASN C 936 3.35 2.96 21.09
C ASN C 936 3.29 1.43 21.18
N ALA C 937 3.18 0.90 22.40
CA ALA C 937 3.20 -0.54 22.59
C ALA C 937 2.08 -1.20 21.80
N ALA C 938 0.87 -0.62 21.84
CA ALA C 938 -0.26 -1.19 21.12
C ALA C 938 0.05 -1.38 19.65
N ALA C 939 0.89 -0.53 19.07
CA ALA C 939 1.27 -0.72 17.67
C ALA C 939 2.03 -2.02 17.50
N LEU C 940 3.09 -2.22 18.29
CA LEU C 940 3.97 -3.36 18.07
C LEU C 940 3.21 -4.67 18.20
N ASN C 941 2.44 -4.83 19.29
CA ASN C 941 1.67 -6.04 19.47
C ASN C 941 0.73 -6.26 18.29
N THR C 942 0.08 -5.19 17.82
CA THR C 942 -0.79 -5.32 16.65
C THR C 942 -0.04 -5.96 15.49
N LEU C 943 1.17 -5.47 15.22
CA LEU C 943 1.97 -6.03 14.15
C LEU C 943 2.16 -7.52 14.33
N VAL C 944 2.48 -7.95 15.56
CA VAL C 944 2.65 -9.38 15.82
C VAL C 944 1.38 -10.13 15.48
N LYS C 945 0.23 -9.59 15.91
CA LYS C 945 -1.04 -10.26 15.64
C LYS C 945 -1.27 -10.42 14.16
N GLN C 946 -0.77 -9.48 13.35
CA GLN C 946 -1.00 -9.55 11.92
C GLN C 946 -0.31 -10.75 11.27
N LEU C 947 0.60 -11.42 11.97
CA LEU C 947 1.20 -12.61 11.42
C LEU C 947 0.25 -13.80 11.45
N SER C 948 -0.87 -13.71 12.16
CA SER C 948 -1.83 -14.80 12.22
C SER C 948 -2.83 -14.80 11.07
N SER C 949 -2.86 -13.74 10.27
CA SER C 949 -3.76 -13.67 9.14
C SER C 949 -3.21 -14.44 7.95
N ASN C 950 -4.11 -14.82 7.04
CA ASN C 950 -3.71 -15.58 5.86
C ASN C 950 -3.87 -14.83 4.55
N PHE C 951 -4.59 -13.71 4.54
CA PHE C 951 -4.72 -12.85 3.37
C PHE C 951 -5.23 -13.61 2.15
N GLY C 952 -6.16 -14.52 2.37
CA GLY C 952 -6.73 -15.30 1.30
C GLY C 952 -5.96 -16.54 0.91
N ALA C 953 -4.86 -16.85 1.59
CA ALA C 953 -4.10 -18.05 1.30
C ALA C 953 -4.70 -19.24 2.06
N ILE C 954 -4.14 -20.42 1.84
CA ILE C 954 -4.66 -21.62 2.48
C ILE C 954 -4.42 -21.58 3.99
N SER C 955 -3.29 -21.03 4.41
CA SER C 955 -2.95 -20.97 5.82
C SER C 955 -2.01 -19.81 6.06
N SER C 956 -1.81 -19.49 7.34
CA SER C 956 -0.92 -18.42 7.76
C SER C 956 0.48 -18.88 8.09
N VAL C 957 0.80 -20.16 7.88
CA VAL C 957 2.11 -20.71 8.16
C VAL C 957 2.76 -21.09 6.83
N LEU C 958 3.98 -20.58 6.61
CA LEU C 958 4.67 -20.85 5.35
C LEU C 958 5.03 -22.33 5.22
N ASN C 959 5.36 -22.98 6.34
CA ASN C 959 5.78 -24.39 6.28
C ASN C 959 4.65 -25.29 5.82
N ASP C 960 3.41 -24.97 6.17
CA ASP C 960 2.28 -25.77 5.72
C ASP C 960 2.15 -25.71 4.19
N ILE C 961 2.31 -24.52 3.62
CA ILE C 961 2.27 -24.39 2.17
C ILE C 961 3.44 -25.13 1.53
N LEU C 962 4.64 -24.98 2.10
CA LEU C 962 5.82 -25.56 1.48
C LEU C 962 5.88 -27.07 1.62
N SER C 963 5.18 -27.64 2.60
CA SER C 963 5.23 -29.08 2.85
C SER C 963 4.08 -29.83 2.21
N ARG C 964 3.22 -29.17 1.42
CA ARG C 964 2.07 -29.83 0.82
C ARG C 964 1.85 -29.51 -0.64
N LEU C 965 2.40 -28.42 -1.17
CA LEU C 965 2.14 -28.01 -2.54
C LEU C 965 3.43 -28.01 -3.35
N ASP C 966 3.27 -27.84 -4.65
CA ASP C 966 4.33 -27.75 -5.63
C ASP C 966 4.48 -26.32 -6.11
N PRO C 967 5.65 -25.95 -6.64
CA PRO C 967 5.95 -24.53 -6.93
C PRO C 967 4.91 -23.87 -7.82
N PRO C 968 4.34 -24.55 -8.83
CA PRO C 968 3.31 -23.88 -9.66
C PRO C 968 2.17 -23.26 -8.87
N GLU C 969 1.71 -23.91 -7.79
CA GLU C 969 0.72 -23.31 -6.91
C GLU C 969 1.34 -22.72 -5.64
N ALA C 970 2.53 -23.19 -5.26
CA ALA C 970 3.19 -22.63 -4.08
C ALA C 970 3.51 -21.16 -4.28
N GLU C 971 3.92 -20.78 -5.49
CA GLU C 971 4.23 -19.37 -5.75
C GLU C 971 2.99 -18.50 -5.57
N VAL C 972 1.85 -18.94 -6.10
CA VAL C 972 0.63 -18.18 -5.97
C VAL C 972 0.19 -18.10 -4.51
N GLN C 973 0.41 -19.18 -3.75
CA GLN C 973 0.00 -19.14 -2.35
C GLN C 973 0.93 -18.31 -1.48
N ILE C 974 2.21 -18.19 -1.86
CA ILE C 974 3.16 -17.45 -1.04
C ILE C 974 3.19 -15.97 -1.36
N ASP C 975 2.94 -15.59 -2.62
CA ASP C 975 3.00 -14.18 -2.96
C ASP C 975 1.93 -13.37 -2.22
N ARG C 976 0.77 -13.97 -1.97
CA ARG C 976 -0.27 -13.27 -1.21
C ARG C 976 0.22 -12.93 0.19
N LEU C 977 0.82 -13.90 0.88
CA LEU C 977 1.33 -13.66 2.23
C LEU C 977 2.43 -12.61 2.21
N ILE C 978 3.33 -12.69 1.23
CA ILE C 978 4.42 -11.72 1.15
C ILE C 978 3.87 -10.32 0.95
N THR C 979 2.91 -10.16 0.04
CA THR C 979 2.33 -8.85 -0.22
C THR C 979 1.61 -8.31 1.02
N GLY C 980 0.84 -9.16 1.69
CA GLY C 980 0.12 -8.71 2.87
C GLY C 980 1.05 -8.25 3.97
N ARG C 981 2.09 -9.03 4.25
CA ARG C 981 3.02 -8.66 5.31
C ARG C 981 3.81 -7.41 4.94
N LEU C 982 4.20 -7.27 3.68
CA LEU C 982 4.91 -6.06 3.26
C LEU C 982 4.03 -4.83 3.40
N GLN C 983 2.75 -4.95 3.03
CA GLN C 983 1.82 -3.83 3.20
C GLN C 983 1.64 -3.48 4.67
N SER C 984 1.55 -4.49 5.54
CA SER C 984 1.41 -4.22 6.97
C SER C 984 2.61 -3.44 7.50
N LEU C 985 3.81 -3.88 7.13
CA LEU C 985 5.02 -3.20 7.60
C LEU C 985 5.10 -1.78 7.07
N GLN C 986 4.73 -1.58 5.80
CA GLN C 986 4.73 -0.23 5.23
C GLN C 986 3.75 0.69 5.96
N THR C 987 2.56 0.18 6.28
CA THR C 987 1.58 0.97 7.02
C THR C 987 2.12 1.37 8.39
N TYR C 988 2.74 0.42 9.08
CA TYR C 988 3.33 0.72 10.39
C TYR C 988 4.39 1.82 10.27
N VAL C 989 5.25 1.73 9.26
CA VAL C 989 6.30 2.74 9.11
C VAL C 989 5.71 4.11 8.79
N THR C 990 4.65 4.14 7.99
CA THR C 990 4.03 5.43 7.66
C THR C 990 3.45 6.12 8.88
N GLN C 991 2.68 5.39 9.70
CA GLN C 991 2.19 6.01 10.93
C GLN C 991 3.33 6.39 11.87
N GLN C 992 4.41 5.60 11.88
CA GLN C 992 5.56 5.97 12.70
C GLN C 992 6.13 7.32 12.27
N LEU C 993 6.24 7.54 10.95
CA LEU C 993 6.77 8.80 10.45
C LEU C 993 5.86 9.97 10.81
N ILE C 994 4.55 9.79 10.71
CA ILE C 994 3.62 10.87 11.07
C ILE C 994 3.75 11.20 12.56
N ARG C 995 3.78 10.17 13.41
CA ARG C 995 3.97 10.39 14.84
C ARG C 995 5.28 11.08 15.13
N ALA C 996 6.33 10.73 14.40
CA ALA C 996 7.63 11.37 14.59
C ALA C 996 7.56 12.86 14.26
N ALA C 997 6.86 13.22 13.19
CA ALA C 997 6.69 14.63 12.88
C ALA C 997 5.97 15.38 14.00
N GLU C 998 4.90 14.78 14.53
CA GLU C 998 4.16 15.42 15.62
C GLU C 998 5.03 15.60 16.85
N ILE C 999 5.78 14.56 17.24
CA ILE C 999 6.61 14.64 18.43
C ILE C 999 7.77 15.60 18.21
N ARG C 1000 8.24 15.72 16.96
CA ARG C 1000 9.26 16.72 16.64
C ARG C 1000 8.74 18.13 16.87
N ALA C 1001 7.50 18.40 16.45
CA ALA C 1001 6.91 19.72 16.72
C ALA C 1001 6.79 19.97 18.21
N SER C 1002 6.32 18.97 18.97
CA SER C 1002 6.20 19.14 20.40
C SER C 1002 7.55 19.39 21.07
N ALA C 1003 8.58 18.66 20.62
CA ALA C 1003 9.92 18.84 21.19
C ALA C 1003 10.49 20.21 20.86
N ASN C 1004 10.24 20.71 19.65
CA ASN C 1004 10.68 22.05 19.31
C ASN C 1004 10.01 23.09 20.19
N LEU C 1005 8.70 22.93 20.43
CA LEU C 1005 8.01 23.84 21.34
C LEU C 1005 8.59 23.77 22.75
N ALA C 1006 8.91 22.56 23.22
CA ALA C 1006 9.50 22.41 24.55
C ALA C 1006 10.86 23.06 24.64
N ALA C 1007 11.68 22.91 23.59
CA ALA C 1007 13.00 23.54 23.58
C ALA C 1007 12.88 25.06 23.61
N THR C 1008 11.97 25.61 22.82
CA THR C 1008 11.77 27.06 22.83
C THR C 1008 11.30 27.54 24.19
N LYS C 1009 10.39 26.80 24.83
CA LYS C 1009 9.89 27.21 26.13
C LYS C 1009 10.96 27.10 27.21
N MET C 1010 11.84 26.11 27.10
CA MET C 1010 12.96 26.00 28.01
C MET C 1010 13.94 27.15 27.82
N SER C 1011 14.15 27.57 26.57
CA SER C 1011 15.04 28.70 26.31
C SER C 1011 14.45 30.00 26.86
N GLU C 1012 13.13 30.18 26.76
CA GLU C 1012 12.55 31.48 27.07
C GLU C 1012 12.08 31.61 28.52
N CYS C 1013 11.33 30.63 29.03
CA CYS C 1013 10.79 30.76 30.38
C CYS C 1013 11.80 30.40 31.46
N VAL C 1014 12.72 29.49 31.19
CA VAL C 1014 13.68 29.04 32.20
C VAL C 1014 14.94 29.89 32.21
N LEU C 1015 15.46 30.24 31.04
CA LEU C 1015 16.66 31.06 30.91
C LEU C 1015 16.35 32.54 30.84
N GLY C 1016 15.10 32.92 31.02
CA GLY C 1016 14.73 34.32 30.99
C GLY C 1016 13.30 34.50 31.43
N GLN C 1017 12.83 35.75 31.34
CA GLN C 1017 11.46 36.10 31.68
C GLN C 1017 10.73 36.53 30.42
N SER C 1018 9.57 35.93 30.17
CA SER C 1018 8.82 36.15 28.94
C SER C 1018 7.71 37.17 29.16
N LYS C 1019 7.51 38.02 28.17
CA LYS C 1019 6.39 38.97 28.16
C LYS C 1019 5.19 38.47 27.37
N ARG C 1020 5.32 37.32 26.70
CA ARG C 1020 4.21 36.78 25.94
C ARG C 1020 3.08 36.35 26.86
N VAL C 1021 1.85 36.55 26.40
CA VAL C 1021 0.67 36.27 27.23
C VAL C 1021 0.33 34.80 27.16
N ASP C 1022 0.19 34.17 28.33
CA ASP C 1022 -0.18 32.75 28.45
C ASP C 1022 0.82 31.85 27.74
N PHE C 1023 2.11 32.12 27.94
CA PHE C 1023 3.15 31.25 27.41
C PHE C 1023 3.93 30.51 28.49
N CYS C 1024 4.19 31.13 29.63
CA CYS C 1024 4.85 30.48 30.76
C CYS C 1024 3.89 30.38 31.94
N GLY C 1025 2.66 29.99 31.68
CA GLY C 1025 1.64 29.81 32.70
C GLY C 1025 0.51 30.80 32.54
N LYS C 1026 -0.49 30.63 33.41
CA LYS C 1026 -1.64 31.51 33.45
C LYS C 1026 -1.36 32.65 34.42
N GLY C 1027 -1.09 33.84 33.89
CA GLY C 1027 -0.84 35.02 34.69
C GLY C 1027 0.47 35.68 34.32
N TYR C 1028 0.79 36.74 35.08
CA TYR C 1028 2.04 37.47 34.89
C TYR C 1028 3.21 36.58 35.27
N HIS C 1029 4.01 36.21 34.28
CA HIS C 1029 5.03 35.18 34.46
C HIS C 1029 6.17 35.66 35.33
N LEU C 1030 6.57 34.83 36.30
CA LEU C 1030 7.77 35.09 37.09
C LEU C 1030 8.93 34.20 36.68
N MET C 1031 8.77 32.88 36.77
CA MET C 1031 9.90 32.00 36.44
C MET C 1031 9.38 30.59 36.18
N SER C 1032 10.32 29.67 35.95
CA SER C 1032 9.97 28.29 35.65
C SER C 1032 11.12 27.37 36.04
N PHE C 1033 10.79 26.09 36.26
CA PHE C 1033 11.74 25.02 36.56
C PHE C 1033 11.42 23.78 35.74
N PRO C 1034 12.42 23.05 35.26
CA PRO C 1034 12.18 21.78 34.57
C PRO C 1034 12.31 20.58 35.50
N GLN C 1035 11.56 19.53 35.17
CA GLN C 1035 11.71 18.23 35.81
C GLN C 1035 11.57 17.14 34.75
N ALA C 1036 12.44 16.15 34.82
CA ALA C 1036 12.44 15.07 33.85
C ALA C 1036 11.29 14.10 34.12
N ALA C 1037 10.87 13.40 33.08
CA ALA C 1037 9.86 12.37 33.20
C ALA C 1037 10.01 11.42 32.03
N PRO C 1038 9.53 10.17 32.16
CA PRO C 1038 9.70 9.22 31.07
C PRO C 1038 9.17 9.74 29.74
N HIS C 1039 10.08 9.96 28.80
CA HIS C 1039 9.76 10.46 27.46
C HIS C 1039 9.12 11.85 27.50
N GLY C 1040 9.60 12.72 28.38
CA GLY C 1040 9.09 14.07 28.38
C GLY C 1040 9.56 14.89 29.56
N VAL C 1041 8.97 16.09 29.66
CA VAL C 1041 9.35 17.07 30.65
C VAL C 1041 8.10 17.65 31.31
N VAL C 1042 8.26 18.09 32.55
CA VAL C 1042 7.21 18.79 33.28
C VAL C 1042 7.79 20.11 33.75
N PHE C 1043 7.14 21.21 33.37
CA PHE C 1043 7.57 22.55 33.72
C PHE C 1043 6.72 23.04 34.89
N LEU C 1044 7.39 23.43 35.97
CA LEU C 1044 6.76 24.10 37.10
C LEU C 1044 6.88 25.61 36.86
N HIS C 1045 5.76 26.24 36.52
CA HIS C 1045 5.71 27.65 36.22
C HIS C 1045 5.23 28.42 37.44
N VAL C 1046 6.01 29.43 37.85
CA VAL C 1046 5.66 30.28 38.97
C VAL C 1046 5.20 31.62 38.40
N THR C 1047 3.95 31.99 38.69
CA THR C 1047 3.27 33.11 38.08
C THR C 1047 2.56 33.94 39.14
N TYR C 1048 2.06 35.10 38.72
CA TYR C 1048 1.51 36.13 39.58
C TYR C 1048 0.05 36.37 39.21
N VAL C 1049 -0.85 36.33 40.20
CA VAL C 1049 -2.27 36.53 39.92
C VAL C 1049 -2.91 37.44 40.98
N PRO C 1050 -3.53 38.56 40.61
CA PRO C 1050 -4.17 39.40 41.62
C PRO C 1050 -5.44 38.76 42.17
N SER C 1051 -5.79 39.14 43.40
CA SER C 1051 -6.92 38.53 44.09
C SER C 1051 -8.04 39.53 44.38
N GLU C 1052 -7.77 40.62 45.10
CA GLU C 1052 -8.82 41.54 45.48
C GLU C 1052 -9.03 42.60 44.40
N GLN C 1053 -10.11 43.37 44.57
CA GLN C 1053 -10.50 44.36 43.59
C GLN C 1053 -11.23 45.53 44.24
N LYS C 1054 -10.52 46.60 44.59
CA LYS C 1054 -11.16 47.77 45.19
C LYS C 1054 -11.43 48.81 44.11
N ASN C 1055 -12.64 49.36 44.10
CA ASN C 1055 -13.10 50.25 43.03
C ASN C 1055 -13.01 51.70 43.47
N PHE C 1056 -12.56 52.57 42.56
CA PHE C 1056 -12.34 53.99 42.86
C PHE C 1056 -12.89 54.82 41.71
N THR C 1057 -12.89 56.14 41.90
CA THR C 1057 -13.21 57.11 40.86
C THR C 1057 -11.94 57.83 40.43
N THR C 1058 -11.78 58.01 39.12
CA THR C 1058 -10.56 58.56 38.53
C THR C 1058 -10.87 59.84 37.76
N ALA C 1059 -9.80 60.42 37.21
CA ALA C 1059 -9.87 61.54 36.29
C ALA C 1059 -8.94 61.29 35.12
N PRO C 1060 -9.27 61.79 33.92
CA PRO C 1060 -8.43 61.51 32.75
C PRO C 1060 -7.15 62.31 32.70
N ALA C 1061 -7.22 63.59 33.05
CA ALA C 1061 -6.04 64.47 33.04
C ALA C 1061 -6.17 65.46 34.18
N ILE C 1062 -5.19 66.35 34.29
CA ILE C 1062 -5.18 67.35 35.35
C ILE C 1062 -5.00 68.73 34.71
N CYS C 1063 -5.75 69.71 35.19
CA CYS C 1063 -5.61 71.09 34.74
C CYS C 1063 -5.11 71.92 35.90
N HIS C 1064 -3.97 72.60 35.70
CA HIS C 1064 -3.38 73.44 36.74
C HIS C 1064 -2.87 74.71 36.09
N ASN C 1065 -3.41 75.85 36.54
CA ASN C 1065 -3.02 77.17 36.05
C ASN C 1065 -3.19 77.25 34.54
N GLY C 1066 -4.22 76.59 34.03
CA GLY C 1066 -4.52 76.59 32.61
C GLY C 1066 -3.70 75.62 31.78
N LYS C 1067 -2.78 74.89 32.39
CA LYS C 1067 -1.93 73.95 31.68
C LYS C 1067 -2.40 72.53 31.94
N ALA C 1068 -2.36 71.71 30.90
CA ALA C 1068 -2.78 70.32 31.01
C ALA C 1068 -1.57 69.45 31.37
N TYR C 1069 -1.67 68.75 32.49
CA TYR C 1069 -0.67 67.80 32.94
C TYR C 1069 -1.26 66.39 32.93
N PHE C 1070 -0.44 65.45 32.49
CA PHE C 1070 -0.81 64.05 32.33
C PHE C 1070 0.21 63.16 33.01
N PRO C 1071 -0.21 62.00 33.51
CA PRO C 1071 0.73 61.11 34.21
C PRO C 1071 1.72 60.46 33.25
N LYS C 1072 2.84 60.03 33.82
CA LYS C 1072 3.89 59.41 33.01
C LYS C 1072 3.61 57.94 32.74
N GLU C 1073 3.28 57.17 33.79
CA GLU C 1073 3.05 55.74 33.61
C GLU C 1073 1.77 55.26 34.29
N GLY C 1074 1.32 55.97 35.33
CA GLY C 1074 0.18 55.55 36.10
C GLY C 1074 -1.09 56.31 35.75
N VAL C 1075 -2.03 56.32 36.70
CA VAL C 1075 -3.31 57.00 36.54
C VAL C 1075 -3.74 57.51 37.90
N PHE C 1076 -4.49 58.63 37.89
CA PHE C 1076 -4.88 59.32 39.11
C PHE C 1076 -6.23 58.81 39.62
N VAL C 1077 -6.34 58.65 40.93
CA VAL C 1077 -7.53 58.14 41.60
C VAL C 1077 -7.82 58.97 42.84
N MET C 1078 -9.06 58.88 43.30
CA MET C 1078 -9.53 59.57 44.50
C MET C 1078 -9.75 58.57 45.61
N ASN C 1079 -9.35 58.95 46.83
CA ASN C 1079 -9.51 58.06 48.00
C ASN C 1079 -10.77 58.50 48.73
N GLY C 1080 -11.40 59.56 48.23
CA GLY C 1080 -12.60 60.08 48.85
C GLY C 1080 -12.52 61.57 49.12
N THR C 1081 -11.35 62.05 49.54
CA THR C 1081 -11.16 63.46 49.79
C THR C 1081 -9.87 63.96 49.13
N HIS C 1082 -8.92 63.05 48.92
CA HIS C 1082 -7.61 63.39 48.39
C HIS C 1082 -7.43 62.75 47.01
N TRP C 1083 -6.37 63.17 46.32
CA TRP C 1083 -6.05 62.67 44.99
C TRP C 1083 -4.64 62.09 45.00
N PHE C 1084 -4.50 60.86 44.49
CA PHE C 1084 -3.20 60.20 44.40
C PHE C 1084 -3.06 59.59 43.02
N ILE C 1085 -1.87 59.05 42.74
CA ILE C 1085 -1.53 58.46 41.45
C ILE C 1085 -0.97 57.06 41.71
N THR C 1086 -1.40 56.08 40.91
CA THR C 1086 -1.02 54.70 41.13
C THR C 1086 -0.73 54.02 39.80
N GLN C 1087 -0.13 52.82 39.88
CA GLN C 1087 0.04 51.97 38.72
C GLN C 1087 -1.04 50.89 38.71
N ARG C 1088 -1.07 50.13 37.62
CA ARG C 1088 -2.22 49.26 37.36
C ARG C 1088 -2.29 48.09 38.34
N ASN C 1089 -1.17 47.41 38.58
CA ASN C 1089 -1.20 46.05 39.11
C ASN C 1089 -0.94 45.98 40.61
N PHE C 1090 -0.98 47.10 41.32
CA PHE C 1090 -0.84 47.10 42.77
C PHE C 1090 -1.20 48.48 43.32
N TYR C 1091 -1.99 48.51 44.39
CA TYR C 1091 -2.47 49.78 44.95
C TYR C 1091 -1.34 50.42 45.75
N SER C 1092 -0.60 51.33 45.11
CA SER C 1092 0.43 52.13 45.78
C SER C 1092 0.22 53.59 45.39
N PRO C 1093 -0.59 54.32 46.16
CA PRO C 1093 -0.82 55.73 45.85
C PRO C 1093 0.44 56.57 46.01
N GLN C 1094 0.54 57.63 45.21
CA GLN C 1094 1.64 58.58 45.30
C GLN C 1094 1.09 60.00 45.27
N VAL C 1095 1.83 60.91 45.92
CA VAL C 1095 1.42 62.30 46.04
C VAL C 1095 1.69 63.03 44.73
N ILE C 1096 0.86 64.01 44.42
CA ILE C 1096 1.06 64.83 43.22
C ILE C 1096 2.36 65.61 43.37
N THR C 1097 3.16 65.60 42.30
CA THR C 1097 4.43 66.31 42.29
C THR C 1097 4.72 66.76 40.87
N THR C 1098 5.58 67.77 40.73
CA THR C 1098 5.92 68.27 39.41
C THR C 1098 6.78 67.30 38.60
N ASP C 1099 7.36 66.28 39.23
CA ASP C 1099 8.26 65.38 38.53
C ASP C 1099 7.53 64.27 37.80
N ASN C 1100 6.46 63.73 38.39
CA ASN C 1100 5.80 62.54 37.87
C ASN C 1100 4.67 62.87 36.90
N THR C 1101 4.46 64.14 36.57
CA THR C 1101 3.49 64.54 35.57
C THR C 1101 4.18 65.39 34.52
N PHE C 1102 3.65 65.39 33.29
CA PHE C 1102 4.23 66.17 32.22
C PHE C 1102 3.16 67.07 31.60
N GLU C 1103 3.60 68.26 31.18
CA GLU C 1103 2.72 69.29 30.66
C GLU C 1103 2.59 69.20 29.15
N SER C 1104 1.34 69.32 28.66
CA SER C 1104 1.10 69.29 27.22
C SER C 1104 -0.24 70.00 26.95
N GLY C 1105 -0.17 71.23 26.47
CA GLY C 1105 -1.36 71.94 26.03
C GLY C 1105 -2.13 72.58 27.18
N THR C 1106 -3.31 73.09 26.83
CA THR C 1106 -4.19 73.79 27.75
C THR C 1106 -5.34 72.88 28.18
N CYS C 1107 -6.29 73.45 28.90
CA CYS C 1107 -7.42 72.72 29.46
C CYS C 1107 -8.70 72.88 28.65
N ASP C 1108 -8.63 73.49 27.47
CA ASP C 1108 -9.81 73.78 26.68
C ASP C 1108 -10.19 72.64 25.73
N VAL C 1109 -9.42 71.55 25.70
CA VAL C 1109 -9.67 70.45 24.78
C VAL C 1109 -10.01 69.15 25.52
N VAL C 1110 -9.31 68.86 26.60
CA VAL C 1110 -9.48 67.59 27.30
C VAL C 1110 -10.89 67.51 27.89
N ILE C 1111 -11.52 66.34 27.76
CA ILE C 1111 -12.83 66.09 28.34
C ILE C 1111 -12.65 65.46 29.71
N GLY C 1112 -13.33 66.00 30.71
CA GLY C 1112 -13.28 65.44 32.04
C GLY C 1112 -12.10 65.87 32.89
N ILE C 1113 -11.32 66.85 32.44
CA ILE C 1113 -10.15 67.28 33.21
C ILE C 1113 -10.60 67.88 34.55
N VAL C 1114 -9.70 67.82 35.52
CA VAL C 1114 -10.01 68.23 36.90
C VAL C 1114 -8.96 69.22 37.37
N ASN C 1115 -9.38 70.12 38.27
CA ASN C 1115 -8.50 71.10 38.89
C ASN C 1115 -8.22 70.67 40.33
N ASN C 1116 -6.94 70.45 40.63
CA ASN C 1116 -6.51 70.08 41.97
C ASN C 1116 -4.99 70.18 42.03
N THR C 1117 -4.49 70.37 43.24
CA THR C 1117 -3.06 70.48 43.50
C THR C 1117 -2.84 70.42 45.00
N VAL C 1118 -1.58 70.55 45.40
CA VAL C 1118 -1.23 70.54 46.82
C VAL C 1118 -0.78 71.93 47.25
#